data_4AUE
#
_entry.id   4AUE
#
_cell.length_a   185.447
_cell.length_b   216.342
_cell.length_c   68.607
_cell.angle_alpha   90.00
_cell.angle_beta   90.00
_cell.angle_gamma   90.00
#
_symmetry.space_group_name_H-M   'P 21 21 2'
#
loop_
_entity.id
_entity.type
_entity.pdbx_description
1 polymer 'CATALASE-PHENOL OXIDASE'
2 branched 2-acetamido-2-deoxy-beta-D-glucopyranose-(1-4)-2-acetamido-2-deoxy-beta-D-glucopyranose
3 non-polymer 'CIS-HEME D HYDROXYCHLORIN GAMMA-SPIROLACTONE'
4 non-polymer 2-acetamido-2-deoxy-beta-D-glucopyranose
5 non-polymer 'CALCIUM ION'
6 water water
#
_entity_poly.entity_id   1
_entity_poly.type   'polypeptide(L)'
_entity_poly.pdbx_seq_one_letter_code
;MNRVTNLLAWAGAIGLAQATCPFADPAALYSRQDTTSGQSPLAAYEVDDSTGYLTSDVGGPIQDQTSLKAGIRGPTLLED
FMFRQKIQHFDHERVPERAVHARGAGAHGTFTSYADWSNITAASFLNATGKQTPVFVRFSTVAGSRGSADTARDVHGFAT
RFYTDEGNFDIVGNNIPVFFIQDAIQFPDLIHSVKPRPDNEIPQAATAHDSAWDFFSQQPSTMHTLFWAMSGHGIPRSYR
HMDGFGVHTFRFVKDDGSSKLIKWHFKSRQGKASLVWEEAQVLSGKNADFHRQDLWDAIESGNGPEWDVCVQIVDESQAQ
AFGFDLLDPTKIIPEEYAPLTKLGLLKLDRNPTNYFAETEQVMFQPGHIVRGIDFTEDPLLQGRLFSYLDTQLNRNGGPN
FEQLPINMPRVPIHNNNRDGAGQMFIHRNKYPYTPNTLNSGYPRQANQNAGRGFFTAPGRTASGALVREVSPTFNDHWSQ
PRLFFNSLTPVEQQFLVNAMRFEISLVKSEEVKKNVLTQLNRVSHDVAVRVAAAIGLGAPDADDTYYHNNKTAGVSIVGS
GPLPTIKTLRVGILATTSESSALDQAAQLRTRLEKDGLVVTVVAETLREGVDQTYSTADATGFDGVVVVDGAAALFASTA
SSPLFPTGRPLQIFVDAYRWGKPVGVCGGKSSEVLDAADVPEDGDGVYSEESVDMFVEEFEKGLATFRFTDRFALDS
;
_entity_poly.pdbx_strand_id   A,B,C,D
#
loop_
_chem_comp.id
_chem_comp.type
_chem_comp.name
_chem_comp.formula
CA non-polymer 'CALCIUM ION' 'Ca 2'
HDD non-polymer 'CIS-HEME D HYDROXYCHLORIN GAMMA-SPIROLACTONE' 'C34 H32 Fe N4 O5'
NAG D-saccharide, beta linking 2-acetamido-2-deoxy-beta-D-glucopyranose 'C8 H15 N O6'
#
# COMPACT_ATOMS: atom_id res chain seq x y z
N GLU A 46 -11.16 -16.28 -17.33
CA GLU A 46 -10.72 -17.57 -16.74
C GLU A 46 -9.42 -18.03 -17.39
N VAL A 47 -8.45 -18.50 -16.59
CA VAL A 47 -7.14 -18.94 -17.07
C VAL A 47 -6.93 -20.47 -16.95
N ASP A 48 -6.69 -21.12 -18.09
CA ASP A 48 -6.59 -22.58 -18.15
C ASP A 48 -5.16 -23.08 -18.13
N ASP A 49 -4.91 -24.03 -17.24
CA ASP A 49 -3.58 -24.55 -16.99
C ASP A 49 -3.60 -26.07 -16.99
N SER A 50 -4.56 -26.66 -17.72
CA SER A 50 -4.66 -28.13 -17.82
C SER A 50 -3.57 -28.70 -18.72
N THR A 51 -3.07 -27.89 -19.64
CA THR A 51 -1.93 -28.26 -20.48
C THR A 51 -0.92 -27.12 -20.59
N GLY A 52 0.29 -27.45 -21.01
CA GLY A 52 1.32 -26.46 -21.35
C GLY A 52 2.60 -26.52 -20.52
N TYR A 53 3.59 -25.71 -20.90
CA TYR A 53 4.79 -25.62 -20.07
C TYR A 53 4.71 -24.40 -19.21
N LEU A 54 5.32 -24.51 -18.04
CA LEU A 54 5.38 -23.43 -17.04
C LEU A 54 6.01 -22.18 -17.67
N THR A 55 5.37 -21.02 -17.49
CA THR A 55 5.91 -19.73 -17.93
C THR A 55 5.98 -18.78 -16.77
N SER A 56 6.85 -17.78 -16.87
CA SER A 56 6.78 -16.61 -16.03
C SER A 56 5.46 -15.86 -16.29
N ASP A 57 5.20 -14.80 -15.54
CA ASP A 57 4.02 -13.95 -15.71
C ASP A 57 4.07 -13.16 -16.98
N VAL A 58 5.22 -13.16 -17.64
CA VAL A 58 5.33 -12.50 -18.94
C VAL A 58 5.56 -13.54 -20.04
N GLY A 59 5.30 -14.79 -19.73
CA GLY A 59 5.15 -15.80 -20.77
C GLY A 59 6.39 -16.49 -21.26
N GLY A 60 7.50 -16.30 -20.56
CA GLY A 60 8.76 -16.95 -20.91
C GLY A 60 8.80 -18.33 -20.29
N PRO A 61 8.99 -19.38 -21.10
CA PRO A 61 9.03 -20.72 -20.50
C PRO A 61 10.20 -20.88 -19.56
N ILE A 62 9.94 -21.46 -18.40
CA ILE A 62 10.85 -21.54 -17.27
C ILE A 62 10.57 -22.81 -16.43
N GLN A 63 11.43 -23.09 -15.46
CA GLN A 63 11.23 -24.18 -14.50
C GLN A 63 11.09 -23.53 -13.10
N ASP A 64 10.62 -24.28 -12.10
CA ASP A 64 10.44 -23.68 -10.76
C ASP A 64 10.67 -24.69 -9.64
N GLN A 65 11.47 -25.72 -9.91
CA GLN A 65 11.70 -26.76 -8.91
C GLN A 65 13.06 -26.73 -8.21
N THR A 66 14.10 -26.20 -8.86
CA THR A 66 15.44 -26.09 -8.24
C THR A 66 15.99 -24.69 -8.40
N SER A 67 16.59 -24.17 -7.32
CA SER A 67 17.27 -22.88 -7.34
C SER A 67 18.54 -22.94 -8.19
N LEU A 68 18.93 -21.80 -8.75
CA LEU A 68 20.19 -21.69 -9.48
C LEU A 68 21.30 -21.48 -8.49
N LYS A 69 22.25 -22.43 -8.51
CA LYS A 69 23.36 -22.48 -7.52
C LYS A 69 24.77 -22.38 -8.14
N ALA A 70 25.66 -21.73 -7.42
CA ALA A 70 27.08 -21.71 -7.80
C ALA A 70 27.74 -23.03 -7.39
N GLY A 71 27.61 -24.04 -8.23
CA GLY A 71 28.07 -25.38 -7.89
C GLY A 71 27.01 -26.20 -7.17
N ILE A 72 26.98 -27.50 -7.50
CA ILE A 72 25.93 -28.44 -7.10
C ILE A 72 25.69 -28.44 -5.58
N ARG A 73 26.66 -27.98 -4.80
CA ARG A 73 26.53 -27.85 -3.35
C ARG A 73 26.82 -26.42 -2.93
N GLY A 74 26.64 -25.49 -3.86
CA GLY A 74 26.94 -24.07 -3.61
C GLY A 74 25.75 -23.18 -3.23
N PRO A 75 26.01 -21.89 -3.00
CA PRO A 75 24.97 -20.92 -2.61
C PRO A 75 24.07 -20.52 -3.80
N THR A 76 22.89 -19.97 -3.50
CA THR A 76 21.91 -19.60 -4.56
C THR A 76 22.28 -18.23 -5.16
N LEU A 77 22.04 -18.07 -6.45
CA LEU A 77 22.43 -16.82 -7.11
C LEU A 77 21.32 -15.75 -7.19
N LEU A 78 21.67 -14.54 -6.79
CA LEU A 78 20.77 -13.38 -6.94
C LEU A 78 20.13 -13.33 -8.31
N GLU A 79 20.86 -13.76 -9.34
CA GLU A 79 20.40 -13.67 -10.71
C GLU A 79 19.35 -14.72 -11.05
N ASP A 80 18.92 -15.50 -10.05
CA ASP A 80 17.89 -16.49 -10.31
C ASP A 80 16.53 -15.82 -10.29
N PHE A 81 16.14 -15.28 -11.44
CA PHE A 81 14.85 -14.62 -11.58
C PHE A 81 13.65 -15.59 -11.45
N MET A 82 13.84 -16.86 -11.79
CA MET A 82 12.78 -17.84 -11.67
C MET A 82 12.41 -17.97 -10.20
N PHE A 83 13.44 -18.07 -9.35
CA PHE A 83 13.23 -18.14 -7.92
C PHE A 83 12.53 -16.88 -7.39
N ARG A 84 13.12 -15.71 -7.62
CA ARG A 84 12.55 -14.49 -7.05
C ARG A 84 11.12 -14.15 -7.51
N GLN A 85 10.79 -14.37 -8.77
CA GLN A 85 9.43 -13.99 -9.21
C GLN A 85 8.41 -14.88 -8.53
N LYS A 86 8.80 -16.13 -8.30
CA LYS A 86 7.91 -17.09 -7.68
C LYS A 86 7.72 -16.76 -6.21
N ILE A 87 8.81 -16.51 -5.50
CA ILE A 87 8.73 -16.30 -4.05
C ILE A 87 8.14 -14.90 -3.73
N GLN A 88 8.48 -13.91 -4.53
CA GLN A 88 7.82 -12.60 -4.41
C GLN A 88 6.28 -12.72 -4.46
N HIS A 89 5.78 -13.47 -5.42
CA HIS A 89 4.36 -13.70 -5.50
C HIS A 89 3.82 -14.34 -4.28
N PHE A 90 4.43 -15.44 -3.88
CA PHE A 90 4.02 -16.08 -2.65
C PHE A 90 4.05 -15.07 -1.48
N ASP A 91 5.18 -14.36 -1.30
CA ASP A 91 5.34 -13.46 -0.17
C ASP A 91 4.25 -12.41 -0.09
N HIS A 92 3.56 -12.22 -1.19
CA HIS A 92 2.62 -11.10 -1.28
C HIS A 92 1.20 -11.57 -1.53
N GLU A 93 0.96 -12.88 -1.33
CA GLU A 93 -0.34 -13.44 -1.63
C GLU A 93 -1.40 -12.87 -0.75
N ARG A 94 -1.10 -12.58 0.51
CA ARG A 94 -2.18 -12.21 1.42
C ARG A 94 -2.56 -10.73 1.36
N VAL A 95 -3.84 -10.48 1.58
CA VAL A 95 -4.39 -9.11 1.72
C VAL A 95 -5.03 -8.99 3.12
N PRO A 96 -5.24 -7.75 3.61
CA PRO A 96 -5.95 -7.68 4.90
C PRO A 96 -7.30 -8.34 4.83
N GLU A 97 -7.66 -9.14 5.84
CA GLU A 97 -9.02 -9.67 5.97
C GLU A 97 -9.99 -8.50 6.20
N ARG A 98 -11.28 -8.74 5.96
CA ARG A 98 -12.29 -7.75 6.22
C ARG A 98 -12.30 -7.35 7.69
N ALA A 99 -12.42 -6.06 7.96
CA ALA A 99 -12.46 -5.56 9.36
C ALA A 99 -13.49 -6.26 10.25
N VAL A 100 -14.66 -6.60 9.70
CA VAL A 100 -15.68 -7.43 10.34
C VAL A 100 -16.13 -8.42 9.25
N HIS A 101 -16.76 -9.53 9.60
CA HIS A 101 -17.21 -10.53 8.62
C HIS A 101 -16.07 -11.14 7.83
N ALA A 102 -14.92 -11.32 8.50
CA ALA A 102 -13.75 -11.90 7.82
C ALA A 102 -13.94 -13.36 7.39
N ARG A 103 -14.82 -14.07 8.11
CA ARG A 103 -15.02 -15.47 7.86
C ARG A 103 -16.32 -15.67 7.12
N GLY A 104 -16.24 -16.06 5.86
CA GLY A 104 -17.46 -16.25 5.08
C GLY A 104 -17.24 -17.03 3.81
N ALA A 105 -18.31 -17.15 3.02
CA ALA A 105 -18.26 -17.91 1.77
C ALA A 105 -19.33 -17.41 0.80
N GLY A 106 -19.09 -17.63 -0.49
CA GLY A 106 -19.93 -17.02 -1.50
C GLY A 106 -20.37 -17.97 -2.60
N ALA A 107 -21.39 -17.57 -3.33
CA ALA A 107 -21.82 -18.30 -4.52
C ALA A 107 -22.52 -17.42 -5.51
N HIS A 108 -22.53 -17.90 -6.75
CA HIS A 108 -23.16 -17.25 -7.89
C HIS A 108 -24.56 -17.75 -8.01
N GLY A 109 -25.42 -16.85 -8.45
CA GLY A 109 -26.80 -17.22 -8.77
C GLY A 109 -27.56 -16.18 -9.58
N THR A 110 -28.88 -16.29 -9.54
CA THR A 110 -29.80 -15.55 -10.38
CA THR A 110 -29.74 -15.45 -10.35
C THR A 110 -30.87 -14.95 -9.49
N PHE A 111 -31.29 -13.72 -9.74
CA PHE A 111 -32.56 -13.23 -9.19
C PHE A 111 -33.60 -13.09 -10.32
N THR A 112 -34.83 -13.53 -10.09
CA THR A 112 -35.94 -13.41 -11.07
C THR A 112 -37.06 -12.57 -10.47
N SER A 113 -37.49 -11.54 -11.18
CA SER A 113 -38.62 -10.71 -10.69
C SER A 113 -39.93 -11.39 -10.94
N TYR A 114 -40.85 -11.24 -10.00
CA TYR A 114 -42.20 -11.82 -10.17
C TYR A 114 -43.20 -10.94 -10.95
N ALA A 115 -42.81 -9.70 -11.25
CA ALA A 115 -43.74 -8.71 -11.79
C ALA A 115 -43.07 -7.45 -12.28
N ASP A 116 -43.87 -6.54 -12.82
CA ASP A 116 -43.43 -5.20 -13.13
C ASP A 116 -43.82 -4.32 -11.95
N TRP A 117 -42.83 -3.91 -11.17
CA TRP A 117 -43.09 -3.20 -9.91
C TRP A 117 -42.97 -1.72 -10.03
N SER A 118 -43.27 -1.21 -11.24
CA SER A 118 -43.23 0.24 -11.51
C SER A 118 -44.14 1.00 -10.59
N ASN A 119 -45.22 0.35 -10.15
CA ASN A 119 -46.17 0.99 -9.21
C ASN A 119 -45.54 1.36 -7.87
N ILE A 120 -44.47 0.65 -7.48
CA ILE A 120 -43.76 0.97 -6.22
C ILE A 120 -42.33 1.53 -6.32
N THR A 121 -41.64 1.23 -7.43
CA THR A 121 -40.23 1.64 -7.61
C THR A 121 -39.83 1.70 -9.09
N ALA A 122 -38.95 2.67 -9.38
CA ALA A 122 -38.39 2.80 -10.72
C ALA A 122 -37.25 1.81 -11.00
N ALA A 123 -36.99 0.91 -10.05
CA ALA A 123 -35.78 0.09 -10.11
C ALA A 123 -35.83 -0.88 -11.27
N SER A 124 -34.91 -0.71 -12.22
CA SER A 124 -34.99 -1.49 -13.45
C SER A 124 -34.93 -3.04 -13.31
N PHE A 125 -34.26 -3.58 -12.29
CA PHE A 125 -34.12 -5.04 -12.18
C PHE A 125 -35.44 -5.64 -11.74
N LEU A 126 -36.34 -4.73 -11.37
CA LEU A 126 -37.67 -5.05 -10.85
C LEU A 126 -38.84 -4.64 -11.80
N ASN A 127 -38.52 -4.33 -13.06
CA ASN A 127 -39.47 -3.66 -13.94
C ASN A 127 -40.24 -4.57 -14.94
N ALA A 128 -40.17 -5.89 -14.77
CA ALA A 128 -40.76 -6.82 -15.72
C ALA A 128 -40.89 -8.21 -15.12
N THR A 129 -42.00 -8.86 -15.44
CA THR A 129 -42.24 -10.21 -14.97
C THR A 129 -41.16 -11.08 -15.57
N GLY A 130 -40.57 -11.95 -14.75
CA GLY A 130 -39.59 -12.93 -15.22
C GLY A 130 -38.21 -12.38 -15.54
N LYS A 131 -37.97 -11.09 -15.28
CA LYS A 131 -36.68 -10.50 -15.57
C LYS A 131 -35.58 -11.08 -14.67
N GLN A 132 -34.50 -11.56 -15.31
CA GLN A 132 -33.39 -12.23 -14.63
C GLN A 132 -32.16 -11.35 -14.56
N THR A 133 -31.67 -11.15 -13.29
CA THR A 133 -30.45 -10.41 -12.97
C THR A 133 -29.44 -11.39 -12.32
N PRO A 134 -28.20 -11.41 -12.81
CA PRO A 134 -27.23 -12.27 -12.13
C PRO A 134 -26.89 -11.71 -10.73
N VAL A 135 -26.60 -12.61 -9.79
CA VAL A 135 -26.24 -12.20 -8.42
C VAL A 135 -24.97 -12.88 -7.91
N PHE A 136 -24.38 -12.26 -6.90
CA PHE A 136 -23.38 -12.97 -6.11
C PHE A 136 -23.67 -12.66 -4.66
N VAL A 137 -23.67 -13.70 -3.84
CA VAL A 137 -23.96 -13.58 -2.41
C VAL A 137 -22.82 -14.11 -1.58
N ARG A 138 -22.44 -13.40 -0.51
CA ARG A 138 -21.49 -13.91 0.50
C ARG A 138 -22.15 -13.93 1.87
N PHE A 139 -22.10 -15.08 2.53
CA PHE A 139 -22.54 -15.18 3.92
C PHE A 139 -21.31 -15.18 4.84
N SER A 140 -21.48 -14.76 6.08
CA SER A 140 -20.35 -14.66 6.99
C SER A 140 -20.78 -14.66 8.45
N THR A 141 -19.82 -14.76 9.38
CA THR A 141 -20.05 -14.48 10.79
C THR A 141 -19.51 -13.07 10.98
N VAL A 142 -19.38 -12.57 12.20
CA VAL A 142 -19.06 -11.15 12.34
C VAL A 142 -17.70 -10.92 12.95
N ALA A 143 -17.46 -11.56 14.09
CA ALA A 143 -16.37 -11.21 14.98
C ALA A 143 -15.10 -11.94 14.63
N GLY A 144 -15.23 -13.20 14.24
CA GLY A 144 -14.09 -14.09 14.00
C GLY A 144 -13.16 -13.71 12.86
N SER A 145 -11.86 -13.94 13.03
CA SER A 145 -10.95 -13.78 11.90
C SER A 145 -11.17 -14.89 10.88
N ARG A 146 -10.38 -14.79 9.79
N ARG A 146 -10.34 -14.77 9.79
CA ARG A 146 -10.76 -15.54 8.59
CA ARG A 146 -10.25 -15.81 8.81
C ARG A 146 -10.57 -17.04 8.64
C ARG A 146 -9.72 -17.05 9.52
N GLY A 147 -9.96 -17.57 9.69
N GLY A 147 -10.29 -18.19 9.15
CA GLY A 147 -9.80 -19.03 9.84
CA GLY A 147 -9.93 -19.44 9.78
C GLY A 147 -10.64 -19.63 10.95
C GLY A 147 -10.70 -19.76 11.04
N SER A 148 -11.51 -18.86 11.73
CA SER A 148 -12.32 -19.16 12.87
C SER A 148 -13.46 -20.04 12.44
N ALA A 149 -14.10 -20.67 13.41
CA ALA A 149 -15.09 -21.68 13.09
C ALA A 149 -16.39 -21.04 12.57
N ASP A 150 -17.04 -21.72 11.64
CA ASP A 150 -18.31 -21.26 11.11
C ASP A 150 -19.36 -21.27 12.20
N THR A 151 -19.26 -22.20 13.14
CA THR A 151 -20.33 -22.43 14.07
C THR A 151 -20.09 -21.80 15.44
N ALA A 152 -19.36 -20.70 15.49
CA ALA A 152 -19.35 -19.86 16.65
C ALA A 152 -20.75 -19.22 16.76
N ARG A 153 -21.11 -18.75 17.95
CA ARG A 153 -22.31 -17.95 18.12
C ARG A 153 -22.05 -16.53 17.65
N ASP A 154 -22.77 -16.09 16.64
CA ASP A 154 -22.60 -14.74 16.19
C ASP A 154 -23.80 -14.27 15.37
N VAL A 155 -23.88 -12.98 15.14
CA VAL A 155 -24.72 -12.46 14.08
C VAL A 155 -24.10 -12.93 12.75
N HIS A 156 -24.93 -13.08 11.71
CA HIS A 156 -24.43 -13.53 10.40
C HIS A 156 -24.69 -12.55 9.30
N GLY A 157 -23.70 -12.38 8.43
CA GLY A 157 -23.85 -11.55 7.25
C GLY A 157 -24.48 -12.33 6.10
N PHE A 158 -25.26 -11.60 5.30
CA PHE A 158 -25.97 -12.08 4.12
C PHE A 158 -25.89 -10.87 3.18
N ALA A 159 -24.94 -10.89 2.24
CA ALA A 159 -24.67 -9.74 1.42
C ALA A 159 -24.90 -10.16 0.00
N THR A 160 -25.73 -9.38 -0.71
CA THR A 160 -26.18 -9.75 -2.05
C THR A 160 -25.84 -8.65 -3.05
N ARG A 161 -25.19 -9.04 -4.14
CA ARG A 161 -25.00 -8.15 -5.25
C ARG A 161 -25.92 -8.53 -6.40
N PHE A 162 -26.75 -7.58 -6.82
CA PHE A 162 -27.45 -7.68 -8.13
C PHE A 162 -26.71 -6.90 -9.18
N TYR A 163 -26.26 -7.63 -10.20
CA TYR A 163 -25.58 -7.00 -11.33
C TYR A 163 -26.60 -6.50 -12.35
N THR A 164 -27.25 -5.38 -12.06
CA THR A 164 -28.42 -4.98 -12.85
C THR A 164 -27.98 -4.25 -14.10
N ASP A 165 -28.90 -4.20 -15.08
CA ASP A 165 -28.65 -3.49 -16.34
C ASP A 165 -28.68 -1.98 -16.12
N GLU A 166 -28.82 -1.54 -14.88
CA GLU A 166 -28.68 -0.10 -14.52
C GLU A 166 -27.61 0.15 -13.46
N GLY A 167 -26.66 -0.79 -13.33
CA GLY A 167 -25.56 -0.67 -12.39
C GLY A 167 -25.59 -1.78 -11.37
N ASN A 168 -24.49 -1.94 -10.63
CA ASN A 168 -24.46 -2.92 -9.53
C ASN A 168 -25.25 -2.35 -8.38
N PHE A 169 -26.06 -3.20 -7.73
CA PHE A 169 -26.90 -2.83 -6.58
C PHE A 169 -26.67 -3.85 -5.49
N ASP A 170 -26.25 -3.37 -4.31
CA ASP A 170 -25.86 -4.27 -3.21
C ASP A 170 -26.86 -4.13 -2.06
N ILE A 171 -27.33 -5.25 -1.54
CA ILE A 171 -28.04 -5.22 -0.28
C ILE A 171 -27.17 -5.96 0.75
N VAL A 172 -26.63 -5.19 1.67
CA VAL A 172 -25.66 -5.71 2.61
C VAL A 172 -26.38 -5.88 3.94
N GLY A 173 -26.83 -7.11 4.21
CA GLY A 173 -27.61 -7.36 5.41
C GLY A 173 -27.15 -8.52 6.29
N ASN A 174 -27.96 -8.83 7.31
CA ASN A 174 -27.68 -9.85 8.31
C ASN A 174 -28.78 -10.87 8.46
N ASN A 175 -28.54 -11.92 9.24
CA ASN A 175 -29.57 -12.95 9.38
C ASN A 175 -30.48 -12.57 10.51
N ILE A 176 -30.28 -11.37 11.04
CA ILE A 176 -30.99 -10.90 12.23
C ILE A 176 -31.40 -9.48 11.87
N PRO A 177 -32.69 -9.14 12.06
CA PRO A 177 -33.26 -7.91 11.43
C PRO A 177 -32.96 -6.62 12.15
N VAL A 178 -32.22 -6.69 13.25
CA VAL A 178 -31.91 -5.47 14.00
C VAL A 178 -30.46 -5.45 14.45
N PHE A 179 -29.93 -4.26 14.67
CA PHE A 179 -28.52 -4.14 15.02
C PHE A 179 -28.26 -3.59 16.44
N PHE A 180 -27.06 -3.83 16.95
CA PHE A 180 -26.72 -3.49 18.33
C PHE A 180 -26.79 -2.00 18.67
N ILE A 181 -26.56 -1.14 17.69
CA ILE A 181 -26.30 0.27 18.00
C ILE A 181 -27.12 1.22 17.12
N GLN A 182 -27.25 2.47 17.56
CA GLN A 182 -28.12 3.40 16.87
C GLN A 182 -27.40 4.45 16.04
N ASP A 183 -26.08 4.49 16.15
CA ASP A 183 -25.26 5.46 15.43
C ASP A 183 -23.97 4.78 14.90
N ALA A 184 -23.70 4.92 13.61
CA ALA A 184 -22.48 4.34 13.04
C ALA A 184 -21.20 4.71 13.80
N ILE A 185 -21.15 5.89 14.40
CA ILE A 185 -19.93 6.41 15.04
C ILE A 185 -19.50 5.51 16.18
N GLN A 186 -20.41 4.65 16.62
CA GLN A 186 -20.19 3.71 17.75
C GLN A 186 -19.65 2.36 17.30
N PHE A 187 -19.59 2.14 15.99
CA PHE A 187 -19.23 0.83 15.43
C PHE A 187 -17.88 0.34 15.97
N PRO A 188 -16.86 1.20 16.01
CA PRO A 188 -15.62 0.70 16.56
C PRO A 188 -15.69 0.32 18.06
N ASP A 189 -16.55 0.98 18.82
CA ASP A 189 -16.76 0.62 20.21
C ASP A 189 -17.36 -0.80 20.34
N LEU A 190 -18.42 -1.05 19.60
CA LEU A 190 -19.09 -2.34 19.63
C LEU A 190 -18.10 -3.42 19.24
N ILE A 191 -17.41 -3.18 18.13
CA ILE A 191 -16.55 -4.21 17.55
C ILE A 191 -15.31 -4.47 18.37
N HIS A 192 -14.71 -3.41 18.92
CA HIS A 192 -13.60 -3.56 19.87
C HIS A 192 -13.96 -4.40 21.06
N SER A 193 -15.17 -4.23 21.58
CA SER A 193 -15.57 -4.88 22.80
C SER A 193 -15.92 -6.33 22.55
N VAL A 194 -16.32 -6.61 21.32
CA VAL A 194 -16.87 -7.91 20.96
C VAL A 194 -15.75 -8.83 20.50
N LYS A 195 -14.75 -8.26 19.83
CA LYS A 195 -13.58 -9.02 19.36
C LYS A 195 -12.63 -9.37 20.52
N PRO A 196 -11.53 -10.12 20.27
CA PRO A 196 -10.68 -10.56 21.39
C PRO A 196 -10.05 -9.42 22.12
N ARG A 197 -9.69 -9.64 23.38
CA ARG A 197 -9.10 -8.60 24.22
C ARG A 197 -7.79 -8.16 23.60
N PRO A 198 -7.56 -6.83 23.53
CA PRO A 198 -6.40 -6.28 22.83
C PRO A 198 -5.06 -6.52 23.49
N ASP A 199 -5.05 -7.02 24.73
CA ASP A 199 -3.77 -7.35 25.33
C ASP A 199 -3.26 -8.74 24.91
N ASN A 200 -4.11 -9.76 24.95
CA ASN A 200 -3.68 -11.11 24.57
C ASN A 200 -4.40 -11.74 23.37
N GLU A 201 -5.40 -10.98 22.69
CA GLU A 201 -6.22 -11.51 21.60
C GLU A 201 -6.90 -12.83 21.98
N ILE A 202 -7.68 -12.75 23.02
CA ILE A 202 -8.46 -13.88 23.53
C ILE A 202 -9.77 -13.27 23.98
N PRO A 203 -10.87 -13.94 23.71
CA PRO A 203 -11.07 -15.19 22.99
C PRO A 203 -11.44 -14.96 21.52
N GLN A 204 -11.10 -15.92 20.67
CA GLN A 204 -11.51 -15.88 19.28
C GLN A 204 -13.05 -16.06 19.10
N ALA A 205 -13.64 -15.28 18.20
CA ALA A 205 -15.01 -15.54 17.71
C ALA A 205 -15.98 -15.83 18.86
N ALA A 206 -16.17 -14.86 19.75
CA ALA A 206 -16.99 -15.13 20.92
C ALA A 206 -17.31 -13.88 21.71
N THR A 207 -18.55 -13.80 22.20
CA THR A 207 -18.96 -12.67 23.03
C THR A 207 -18.81 -13.03 24.53
N ALA A 208 -18.33 -14.23 24.80
CA ALA A 208 -18.23 -14.77 26.16
C ALA A 208 -16.96 -14.29 26.90
N HIS A 209 -16.86 -12.98 27.11
CA HIS A 209 -15.78 -12.35 27.87
C HIS A 209 -16.23 -11.00 28.35
N ASP A 210 -15.46 -10.41 29.25
CA ASP A 210 -15.90 -9.23 30.01
C ASP A 210 -16.26 -8.02 29.18
N SER A 211 -15.41 -7.67 28.21
CA SER A 211 -15.60 -6.44 27.48
C SER A 211 -16.91 -6.40 26.68
N ALA A 212 -17.29 -7.53 26.10
CA ALA A 212 -18.52 -7.60 25.32
C ALA A 212 -19.72 -7.24 26.18
N TRP A 213 -19.86 -7.94 27.30
CA TRP A 213 -20.97 -7.71 28.24
C TRP A 213 -20.86 -6.40 28.98
N ASP A 214 -19.64 -5.89 29.15
CA ASP A 214 -19.48 -4.56 29.69
C ASP A 214 -20.19 -3.65 28.72
N PHE A 215 -19.92 -3.82 27.44
CA PHE A 215 -20.51 -2.94 26.44
C PHE A 215 -22.02 -3.10 26.37
N PHE A 216 -22.46 -4.36 26.36
CA PHE A 216 -23.87 -4.63 26.21
C PHE A 216 -24.63 -4.01 27.39
N SER A 217 -24.08 -4.16 28.60
CA SER A 217 -24.74 -3.69 29.81
C SER A 217 -24.73 -2.14 29.91
N GLN A 218 -23.76 -1.48 29.29
CA GLN A 218 -23.68 -0.02 29.29
C GLN A 218 -24.36 0.64 28.09
N GLN A 219 -24.64 -0.16 27.05
CA GLN A 219 -25.25 0.38 25.85
C GLN A 219 -26.50 -0.41 25.55
N PRO A 220 -27.58 -0.12 26.32
CA PRO A 220 -28.81 -0.91 26.31
C PRO A 220 -29.48 -1.06 24.92
N SER A 221 -29.23 -0.12 24.01
CA SER A 221 -29.64 -0.31 22.60
C SER A 221 -29.35 -1.72 22.04
N THR A 222 -28.45 -2.46 22.66
CA THR A 222 -28.05 -3.74 22.14
C THR A 222 -28.91 -4.90 22.56
N MET A 223 -29.78 -4.67 23.52
CA MET A 223 -30.60 -5.74 24.06
C MET A 223 -31.29 -6.51 22.94
N HIS A 224 -31.90 -5.80 22.02
CA HIS A 224 -32.66 -6.51 21.02
C HIS A 224 -31.84 -7.48 20.18
N THR A 225 -30.77 -6.97 19.55
CA THR A 225 -29.86 -7.83 18.81
C THR A 225 -29.31 -8.92 19.72
N LEU A 226 -28.96 -8.54 20.96
CA LEU A 226 -28.35 -9.51 21.88
C LEU A 226 -29.26 -10.69 22.09
N PHE A 227 -30.56 -10.41 22.26
CA PHE A 227 -31.52 -11.48 22.47
C PHE A 227 -31.57 -12.38 21.26
N TRP A 228 -31.60 -11.77 20.07
CA TRP A 228 -31.54 -12.56 18.83
C TRP A 228 -30.32 -13.47 18.75
N ALA A 229 -29.15 -12.91 19.06
CA ALA A 229 -27.89 -13.66 18.96
C ALA A 229 -27.83 -14.77 20.00
N MET A 230 -28.44 -14.55 21.17
CA MET A 230 -28.50 -15.57 22.18
C MET A 230 -29.53 -16.67 21.89
N SER A 231 -30.46 -16.44 20.96
CA SER A 231 -31.37 -17.51 20.50
C SER A 231 -30.62 -18.41 19.55
N GLY A 232 -31.35 -19.29 18.86
CA GLY A 232 -30.83 -20.21 17.83
C GLY A 232 -30.37 -19.48 16.57
N HIS A 233 -30.87 -18.25 16.39
CA HIS A 233 -30.44 -17.40 15.32
C HIS A 233 -28.96 -17.14 15.38
N GLY A 234 -28.35 -17.39 16.53
CA GLY A 234 -26.93 -17.15 16.68
C GLY A 234 -26.14 -18.35 16.21
N ILE A 235 -26.82 -19.49 16.03
CA ILE A 235 -26.15 -20.69 15.58
C ILE A 235 -26.98 -21.48 14.55
N PRO A 236 -27.13 -20.94 13.34
CA PRO A 236 -28.00 -21.56 12.36
C PRO A 236 -27.44 -22.86 11.91
N ARG A 237 -28.29 -23.74 11.39
CA ARG A 237 -27.86 -25.04 10.91
C ARG A 237 -27.05 -24.92 9.63
N SER A 238 -27.38 -23.91 8.82
CA SER A 238 -26.60 -23.64 7.61
C SER A 238 -26.93 -22.25 7.14
N TYR A 239 -26.21 -21.76 6.13
CA TYR A 239 -26.54 -20.46 5.56
C TYR A 239 -27.89 -20.55 4.90
N ARG A 240 -28.25 -21.75 4.47
CA ARG A 240 -29.45 -21.98 3.68
C ARG A 240 -30.67 -22.02 4.55
N HIS A 241 -30.45 -22.24 5.83
CA HIS A 241 -31.55 -22.29 6.81
C HIS A 241 -31.63 -21.08 7.66
N MET A 242 -31.27 -19.93 7.10
CA MET A 242 -31.48 -18.65 7.78
C MET A 242 -32.00 -17.64 6.78
N ASP A 243 -32.54 -16.54 7.29
CA ASP A 243 -33.06 -15.46 6.45
C ASP A 243 -32.02 -14.35 6.23
N GLY A 244 -32.34 -13.38 5.36
CA GLY A 244 -31.55 -12.18 5.18
C GLY A 244 -32.40 -10.98 5.47
N PHE A 245 -31.84 -9.95 6.09
CA PHE A 245 -32.55 -8.72 6.31
C PHE A 245 -31.69 -7.50 5.97
N GLY A 246 -32.26 -6.51 5.32
CA GLY A 246 -31.58 -5.24 5.15
C GLY A 246 -31.37 -4.41 6.41
N VAL A 247 -32.01 -4.81 7.51
CA VAL A 247 -32.01 -4.07 8.79
C VAL A 247 -32.59 -2.65 8.68
N HIS A 248 -31.89 -1.71 8.04
CA HIS A 248 -32.42 -0.33 7.93
C HIS A 248 -33.68 -0.19 7.13
N THR A 249 -34.43 0.87 7.42
CA THR A 249 -35.49 1.31 6.52
C THR A 249 -34.83 2.04 5.33
N PHE A 250 -35.18 1.61 4.11
CA PHE A 250 -34.77 2.35 2.91
C PHE A 250 -36.00 3.01 2.27
N ARG A 251 -35.82 3.60 1.08
CA ARG A 251 -36.94 4.17 0.32
C ARG A 251 -37.04 3.50 -1.03
N PHE A 252 -38.25 3.11 -1.42
CA PHE A 252 -38.60 2.94 -2.84
C PHE A 252 -39.03 4.29 -3.49
N VAL A 253 -38.57 4.54 -4.71
CA VAL A 253 -38.82 5.79 -5.38
C VAL A 253 -39.32 5.50 -6.80
N LYS A 254 -40.39 6.17 -7.19
CA LYS A 254 -40.99 5.96 -8.51
C LYS A 254 -40.55 7.08 -9.44
N ASP A 255 -40.69 6.88 -10.74
CA ASP A 255 -40.21 7.93 -11.68
C ASP A 255 -40.85 9.31 -11.45
N ASP A 256 -42.09 9.32 -10.94
CA ASP A 256 -42.78 10.56 -10.61
C ASP A 256 -42.18 11.27 -9.38
N GLY A 257 -41.18 10.64 -8.76
CA GLY A 257 -40.50 11.21 -7.58
C GLY A 257 -41.09 10.92 -6.21
N SER A 258 -42.15 10.12 -6.15
CA SER A 258 -42.77 9.79 -4.87
C SER A 258 -42.08 8.59 -4.21
N SER A 259 -42.12 8.55 -2.87
CA SER A 259 -41.41 7.54 -2.13
C SER A 259 -42.24 6.85 -1.07
N LYS A 260 -42.05 5.54 -0.95
CA LYS A 260 -42.52 4.78 0.20
C LYS A 260 -41.30 4.35 1.08
N LEU A 261 -41.53 4.08 2.37
CA LEU A 261 -40.49 3.52 3.24
C LEU A 261 -40.52 2.00 3.16
N ILE A 262 -39.35 1.36 3.05
CA ILE A 262 -39.29 -0.09 2.94
C ILE A 262 -38.31 -0.83 3.89
N LYS A 263 -38.55 -2.13 4.07
CA LYS A 263 -37.67 -3.04 4.77
C LYS A 263 -37.53 -4.29 3.91
N TRP A 264 -36.28 -4.72 3.67
CA TRP A 264 -36.01 -5.94 2.91
C TRP A 264 -36.02 -7.14 3.78
N HIS A 265 -36.62 -8.21 3.26
CA HIS A 265 -36.58 -9.50 3.88
C HIS A 265 -36.29 -10.56 2.85
N PHE A 266 -35.27 -11.36 3.11
CA PHE A 266 -35.04 -12.57 2.29
C PHE A 266 -35.49 -13.84 3.02
N LYS A 267 -36.62 -14.43 2.66
CA LYS A 267 -37.15 -15.54 3.45
C LYS A 267 -36.67 -16.82 2.87
N SER A 268 -36.16 -17.68 3.72
CA SER A 268 -35.58 -18.94 3.27
C SER A 268 -36.62 -19.92 2.86
N ARG A 269 -36.52 -20.41 1.63
CA ARG A 269 -37.35 -21.54 1.16
C ARG A 269 -36.90 -22.89 1.68
N GLN A 270 -35.83 -22.93 2.48
CA GLN A 270 -35.34 -24.24 2.97
C GLN A 270 -35.82 -24.41 4.39
N GLY A 271 -36.44 -23.35 4.91
CA GLY A 271 -36.97 -23.33 6.27
C GLY A 271 -35.94 -22.84 7.26
N LYS A 272 -36.37 -22.59 8.49
CA LYS A 272 -35.47 -22.20 9.58
C LYS A 272 -35.05 -23.38 10.50
N ALA A 273 -33.74 -23.53 10.70
CA ALA A 273 -33.19 -24.56 11.58
C ALA A 273 -31.89 -24.09 12.25
N SER A 274 -31.65 -24.59 13.45
CA SER A 274 -30.45 -24.20 14.15
C SER A 274 -29.87 -25.34 14.96
N LEU A 275 -28.59 -25.20 15.30
CA LEU A 275 -27.91 -26.23 16.08
C LEU A 275 -28.22 -26.00 17.55
N VAL A 276 -27.88 -26.96 18.39
CA VAL A 276 -27.86 -26.64 19.82
C VAL A 276 -26.41 -26.31 20.21
N TRP A 277 -26.27 -25.42 21.19
CA TRP A 277 -24.95 -24.99 21.63
C TRP A 277 -23.91 -26.10 21.78
N GLU A 278 -24.21 -27.09 22.62
CA GLU A 278 -23.24 -28.14 22.96
C GLU A 278 -22.76 -28.89 21.71
N GLU A 279 -23.61 -28.90 20.69
CA GLU A 279 -23.27 -29.51 19.40
C GLU A 279 -22.43 -28.58 18.54
N ALA A 280 -22.81 -27.29 18.47
CA ALA A 280 -22.03 -26.25 17.81
C ALA A 280 -20.58 -26.17 18.30
N GLN A 281 -20.38 -26.21 19.62
CA GLN A 281 -19.01 -26.25 20.19
C GLN A 281 -18.15 -27.37 19.62
N VAL A 282 -18.69 -28.57 19.60
CA VAL A 282 -17.95 -29.71 19.10
C VAL A 282 -17.71 -29.56 17.59
N LEU A 283 -18.75 -29.14 16.86
CA LEU A 283 -18.65 -28.90 15.41
C LEU A 283 -17.51 -27.93 15.04
N SER A 284 -17.38 -26.84 15.81
CA SER A 284 -16.32 -25.87 15.59
C SER A 284 -14.95 -26.51 15.54
N GLY A 285 -14.77 -27.59 16.31
CA GLY A 285 -13.51 -28.32 16.31
C GLY A 285 -13.45 -29.41 15.27
N LYS A 286 -14.53 -30.18 15.13
CA LYS A 286 -14.53 -31.29 14.19
C LYS A 286 -14.63 -30.79 12.78
N ASN A 287 -15.27 -29.64 12.55
CA ASN A 287 -15.37 -29.07 11.20
C ASN A 287 -15.55 -27.56 11.15
N ALA A 288 -14.43 -26.84 11.22
CA ALA A 288 -14.50 -25.37 11.19
C ALA A 288 -15.16 -24.88 9.91
N ASP A 289 -15.19 -25.73 8.88
CA ASP A 289 -15.71 -25.35 7.57
C ASP A 289 -17.14 -25.79 7.31
N PHE A 290 -17.86 -26.16 8.36
CA PHE A 290 -19.18 -26.78 8.18
C PHE A 290 -20.15 -26.01 7.26
N HIS A 291 -20.39 -24.72 7.53
CA HIS A 291 -21.32 -23.94 6.70
C HIS A 291 -20.88 -23.77 5.30
N ARG A 292 -19.58 -23.55 5.10
CA ARG A 292 -19.15 -23.43 3.71
C ARG A 292 -19.18 -24.76 2.96
N GLN A 293 -18.90 -25.88 3.63
CA GLN A 293 -18.95 -27.18 2.98
CA GLN A 293 -18.94 -27.20 3.01
C GLN A 293 -20.38 -27.46 2.60
N ASP A 294 -21.31 -27.12 3.52
CA ASP A 294 -22.76 -27.30 3.30
C ASP A 294 -23.25 -26.55 2.03
N LEU A 295 -22.98 -25.24 1.97
CA LEU A 295 -23.39 -24.45 0.81
C LEU A 295 -22.80 -24.97 -0.49
N TRP A 296 -21.53 -25.37 -0.44
CA TRP A 296 -20.80 -25.85 -1.62
C TRP A 296 -21.46 -27.09 -2.10
N ASP A 297 -21.71 -27.99 -1.17
CA ASP A 297 -22.31 -29.29 -1.48
C ASP A 297 -23.72 -29.12 -2.04
N ALA A 298 -24.54 -28.30 -1.37
CA ALA A 298 -25.92 -28.14 -1.83
C ALA A 298 -25.96 -27.73 -3.29
N ILE A 299 -25.03 -26.84 -3.67
CA ILE A 299 -24.94 -26.31 -5.03
C ILE A 299 -24.41 -27.38 -5.98
N GLU A 300 -23.41 -28.17 -5.58
CA GLU A 300 -22.82 -29.19 -6.48
C GLU A 300 -23.85 -30.22 -6.89
N SER A 301 -24.78 -30.51 -6.01
CA SER A 301 -25.71 -31.61 -6.15
C SER A 301 -27.04 -31.14 -6.77
N GLY A 302 -27.04 -29.92 -7.31
CA GLY A 302 -28.24 -29.33 -7.93
C GLY A 302 -29.35 -28.92 -6.97
N ASN A 303 -29.01 -28.80 -5.69
CA ASN A 303 -29.92 -28.26 -4.66
C ASN A 303 -29.63 -26.80 -4.24
N GLY A 304 -29.36 -25.94 -5.22
CA GLY A 304 -29.19 -24.54 -4.92
C GLY A 304 -30.25 -24.03 -3.97
N PRO A 305 -29.86 -23.30 -2.90
CA PRO A 305 -30.83 -22.75 -1.97
C PRO A 305 -31.54 -21.55 -2.55
N GLU A 306 -32.73 -21.28 -2.07
CA GLU A 306 -33.55 -20.21 -2.60
C GLU A 306 -34.12 -19.32 -1.48
N TRP A 307 -34.41 -18.07 -1.80
CA TRP A 307 -35.08 -17.15 -0.89
C TRP A 307 -36.08 -16.30 -1.60
N ASP A 308 -37.21 -16.04 -0.95
CA ASP A 308 -38.15 -15.11 -1.52
C ASP A 308 -37.66 -13.73 -1.10
N VAL A 309 -37.44 -12.85 -2.06
CA VAL A 309 -37.00 -11.52 -1.76
C VAL A 309 -38.25 -10.72 -1.60
N CYS A 310 -38.46 -10.21 -0.39
CA CYS A 310 -39.71 -9.57 0.03
C CYS A 310 -39.48 -8.19 0.61
N VAL A 311 -40.49 -7.32 0.56
CA VAL A 311 -40.43 -6.08 1.31
C VAL A 311 -41.68 -5.82 2.15
N GLN A 312 -41.51 -5.06 3.22
CA GLN A 312 -42.59 -4.37 3.87
C GLN A 312 -42.64 -2.96 3.26
N ILE A 313 -43.85 -2.50 2.90
CA ILE A 313 -43.99 -1.16 2.32
C ILE A 313 -44.93 -0.34 3.19
N VAL A 314 -44.49 0.85 3.56
CA VAL A 314 -45.32 1.72 4.36
C VAL A 314 -45.13 3.15 3.88
N ASP A 315 -45.96 4.07 4.35
CA ASP A 315 -45.93 5.46 3.90
C ASP A 315 -44.98 6.29 4.70
N GLU A 316 -44.46 7.35 4.07
CA GLU A 316 -43.68 8.37 4.77
C GLU A 316 -44.39 8.85 6.06
N SER A 317 -45.71 9.04 5.99
CA SER A 317 -46.49 9.49 7.17
C SER A 317 -46.43 8.51 8.36
N GLN A 318 -46.14 7.25 8.08
CA GLN A 318 -46.12 6.20 9.09
C GLN A 318 -44.76 6.03 9.79
N ALA A 319 -43.83 6.96 9.56
CA ALA A 319 -42.54 6.92 10.25
C ALA A 319 -42.63 6.65 11.77
N GLN A 320 -43.63 7.18 12.45
CA GLN A 320 -43.68 7.02 13.89
C GLN A 320 -44.98 6.44 14.36
N ALA A 321 -45.70 5.82 13.43
CA ALA A 321 -47.05 5.32 13.66
C ALA A 321 -47.11 3.95 14.33
N PHE A 322 -45.94 3.32 14.56
CA PHE A 322 -45.93 1.98 15.17
C PHE A 322 -45.38 1.95 16.60
N GLY A 323 -45.25 3.12 17.21
CA GLY A 323 -44.75 3.19 18.59
C GLY A 323 -43.24 3.16 18.72
N PHE A 324 -42.55 3.42 17.61
CA PHE A 324 -41.09 3.54 17.55
C PHE A 324 -40.72 4.28 16.25
N ASP A 325 -39.50 4.81 16.19
CA ASP A 325 -39.04 5.57 15.03
C ASP A 325 -38.51 4.61 13.96
N LEU A 326 -38.94 4.78 12.73
CA LEU A 326 -38.51 3.87 11.65
C LEU A 326 -37.05 4.07 11.22
N LEU A 327 -36.46 5.20 11.61
CA LEU A 327 -35.04 5.43 11.45
C LEU A 327 -34.17 4.70 12.51
N ASP A 328 -34.79 3.92 13.40
CA ASP A 328 -34.08 3.26 14.47
C ASP A 328 -33.77 1.81 14.08
N PRO A 329 -32.48 1.48 13.87
CA PRO A 329 -32.16 0.14 13.37
C PRO A 329 -32.19 -0.93 14.47
N THR A 330 -32.66 -0.56 15.67
CA THR A 330 -32.81 -1.54 16.73
C THR A 330 -34.23 -2.11 16.82
N LYS A 331 -35.07 -1.80 15.82
CA LYS A 331 -36.51 -2.15 15.88
C LYS A 331 -36.98 -2.83 14.62
N ILE A 332 -37.90 -3.76 14.75
CA ILE A 332 -38.62 -4.30 13.61
C ILE A 332 -40.01 -3.71 13.51
N ILE A 333 -40.56 -3.72 12.30
CA ILE A 333 -42.00 -3.52 12.09
C ILE A 333 -42.61 -4.90 12.20
N PRO A 334 -43.34 -5.21 13.29
CA PRO A 334 -43.97 -6.55 13.40
C PRO A 334 -44.88 -6.85 12.20
N GLU A 335 -44.85 -8.10 11.74
CA GLU A 335 -45.59 -8.52 10.54
C GLU A 335 -47.10 -8.23 10.65
N GLU A 336 -47.56 -8.18 11.89
CA GLU A 336 -48.95 -7.87 12.21
C GLU A 336 -49.38 -6.49 11.70
N TYR A 337 -48.45 -5.55 11.60
CA TYR A 337 -48.77 -4.19 11.19
C TYR A 337 -48.40 -3.85 9.75
N ALA A 338 -47.58 -4.70 9.11
CA ALA A 338 -47.21 -4.50 7.71
C ALA A 338 -46.86 -5.83 7.10
N PRO A 339 -47.76 -6.37 6.24
CA PRO A 339 -47.45 -7.67 5.65
C PRO A 339 -46.30 -7.60 4.61
N LEU A 340 -45.69 -8.75 4.34
CA LEU A 340 -44.59 -8.84 3.40
C LEU A 340 -45.14 -8.99 1.99
N THR A 341 -44.51 -8.31 1.02
CA THR A 341 -44.77 -8.54 -0.40
C THR A 341 -43.58 -9.28 -1.06
N LYS A 342 -43.88 -10.45 -1.64
CA LYS A 342 -42.89 -11.21 -2.41
CA LYS A 342 -42.93 -11.22 -2.41
C LYS A 342 -42.63 -10.53 -3.74
N LEU A 343 -41.40 -10.06 -3.93
CA LEU A 343 -40.99 -9.34 -5.15
C LEU A 343 -40.35 -10.22 -6.23
N GLY A 344 -39.75 -11.33 -5.83
CA GLY A 344 -38.97 -12.11 -6.78
C GLY A 344 -38.26 -13.23 -6.08
N LEU A 345 -37.57 -14.05 -6.86
CA LEU A 345 -36.90 -15.22 -6.34
C LEU A 345 -35.37 -15.13 -6.48
N LEU A 346 -34.65 -15.39 -5.39
CA LEU A 346 -33.19 -15.42 -5.42
C LEU A 346 -32.71 -16.84 -5.30
N LYS A 347 -31.85 -17.30 -6.19
CA LYS A 347 -31.39 -18.70 -6.18
C LYS A 347 -29.89 -18.75 -6.42
N LEU A 348 -29.18 -19.53 -5.59
CA LEU A 348 -27.75 -19.71 -5.77
C LEU A 348 -27.51 -21.07 -6.43
N ASP A 349 -26.87 -21.09 -7.59
CA ASP A 349 -26.68 -22.36 -8.26
C ASP A 349 -25.30 -22.61 -8.84
N ARG A 350 -24.35 -21.72 -8.59
CA ARG A 350 -22.98 -21.90 -9.13
C ARG A 350 -21.92 -21.53 -8.10
N ASN A 351 -21.05 -22.49 -7.78
CA ASN A 351 -19.88 -22.25 -6.95
C ASN A 351 -18.80 -21.47 -7.71
N PRO A 352 -18.01 -20.62 -7.02
CA PRO A 352 -16.89 -19.95 -7.66
C PRO A 352 -15.80 -20.93 -8.12
N THR A 353 -14.89 -20.43 -8.96
CA THR A 353 -13.77 -21.23 -9.49
C THR A 353 -12.50 -21.01 -8.63
N ASN A 354 -12.24 -19.77 -8.25
CA ASN A 354 -11.16 -19.42 -7.35
C ASN A 354 -11.70 -18.62 -6.17
N TYR A 355 -11.64 -19.21 -5.00
CA TYR A 355 -12.17 -18.58 -3.80
C TYR A 355 -11.57 -17.22 -3.63
N PHE A 356 -10.25 -17.11 -3.69
CA PHE A 356 -9.62 -15.83 -3.44
C PHE A 356 -10.16 -14.78 -4.40
N ALA A 357 -10.09 -15.09 -5.69
CA ALA A 357 -10.38 -14.10 -6.72
C ALA A 357 -11.82 -13.62 -6.68
N GLU A 358 -12.73 -14.51 -6.32
CA GLU A 358 -14.15 -14.19 -6.28
C GLU A 358 -14.68 -13.89 -4.87
N THR A 359 -14.70 -14.87 -3.98
CA THR A 359 -15.18 -14.63 -2.62
C THR A 359 -14.37 -13.65 -1.80
N GLU A 360 -13.06 -13.76 -1.84
CA GLU A 360 -12.24 -12.94 -0.94
C GLU A 360 -12.22 -11.50 -1.46
N GLN A 361 -12.23 -11.34 -2.78
CA GLN A 361 -12.09 -10.00 -3.37
C GLN A 361 -13.39 -9.22 -3.55
N VAL A 362 -14.55 -9.88 -3.43
CA VAL A 362 -15.79 -9.16 -3.62
C VAL A 362 -15.89 -8.03 -2.60
N MET A 363 -16.22 -6.85 -3.08
CA MET A 363 -16.31 -5.71 -2.16
C MET A 363 -17.65 -5.00 -2.19
N PHE A 364 -18.49 -5.32 -1.21
CA PHE A 364 -19.87 -4.81 -1.17
C PHE A 364 -19.89 -3.39 -0.66
N GLN A 365 -20.94 -2.66 -1.03
CA GLN A 365 -21.14 -1.26 -0.59
C GLN A 365 -22.62 -0.94 -0.62
N PRO A 366 -23.17 -0.41 0.48
CA PRO A 366 -24.54 0.11 0.42
C PRO A 366 -24.57 1.35 -0.50
N GLY A 367 -23.40 1.97 -0.68
CA GLY A 367 -23.18 3.03 -1.68
C GLY A 367 -23.49 2.62 -3.09
N HIS A 368 -23.54 1.31 -3.34
CA HIS A 368 -23.89 0.76 -4.64
C HIS A 368 -25.37 0.73 -4.76
N ILE A 369 -25.93 1.89 -5.11
CA ILE A 369 -27.38 2.08 -5.15
C ILE A 369 -27.82 2.36 -6.58
N VAL A 370 -29.05 1.97 -6.92
CA VAL A 370 -29.62 2.26 -8.25
C VAL A 370 -30.85 3.19 -8.20
N ARG A 371 -31.11 3.89 -9.32
CA ARG A 371 -32.39 4.59 -9.56
C ARG A 371 -33.60 3.74 -9.10
N GLY A 372 -34.39 4.30 -8.17
CA GLY A 372 -35.54 3.55 -7.64
C GLY A 372 -35.46 3.22 -6.16
N ILE A 373 -34.28 3.36 -5.58
CA ILE A 373 -34.06 3.18 -4.15
C ILE A 373 -33.38 4.44 -3.64
N ASP A 374 -33.61 4.76 -2.36
CA ASP A 374 -32.85 5.84 -1.72
C ASP A 374 -32.61 5.47 -0.26
N PHE A 375 -31.71 6.20 0.39
CA PHE A 375 -31.41 6.02 1.78
C PHE A 375 -32.46 6.70 2.69
N THR A 376 -32.38 6.42 4.00
CA THR A 376 -33.11 7.17 4.99
C THR A 376 -32.13 7.70 5.99
N GLU A 377 -32.60 8.59 6.86
CA GLU A 377 -31.78 9.31 7.83
C GLU A 377 -31.48 8.41 9.06
N ASP A 378 -31.48 7.10 8.86
CA ASP A 378 -31.06 6.15 9.90
C ASP A 378 -29.56 6.38 10.20
N PRO A 379 -29.23 6.92 11.40
CA PRO A 379 -27.85 7.36 11.64
C PRO A 379 -26.83 6.24 11.55
N LEU A 380 -27.29 4.98 11.61
CA LEU A 380 -26.44 3.83 11.40
C LEU A 380 -26.12 3.65 9.91
N LEU A 381 -27.18 3.59 9.09
CA LEU A 381 -27.05 3.51 7.65
C LEU A 381 -26.19 4.63 7.09
N GLN A 382 -26.41 5.85 7.56
CA GLN A 382 -25.67 7.03 7.07
C GLN A 382 -24.16 6.86 7.15
N GLY A 383 -23.65 6.40 8.30
CA GLY A 383 -22.22 6.22 8.49
C GLY A 383 -21.66 5.08 7.65
N ARG A 384 -22.47 4.03 7.44
CA ARG A 384 -22.06 2.89 6.64
C ARG A 384 -21.68 3.35 5.24
N LEU A 385 -22.34 4.39 4.75
CA LEU A 385 -22.05 4.82 3.42
C LEU A 385 -20.57 5.19 3.29
N PHE A 386 -20.04 5.95 4.24
CA PHE A 386 -18.62 6.34 4.26
C PHE A 386 -17.63 5.16 4.38
N SER A 387 -17.85 4.33 5.40
CA SER A 387 -17.04 3.16 5.74
C SER A 387 -16.71 2.15 4.63
N TYR A 388 -17.74 1.64 3.95
CA TYR A 388 -17.56 0.66 2.88
C TYR A 388 -16.78 1.19 1.66
N LEU A 389 -16.82 2.49 1.41
CA LEU A 389 -15.97 3.01 0.33
C LEU A 389 -14.53 3.12 0.78
N ASP A 390 -14.31 3.61 1.99
CA ASP A 390 -12.94 3.79 2.54
C ASP A 390 -12.17 2.47 2.82
N THR A 391 -12.86 1.49 3.40
CA THR A 391 -12.22 0.26 3.72
C THR A 391 -11.62 -0.49 2.51
N GLN A 392 -12.17 -0.32 1.32
CA GLN A 392 -11.66 -1.16 0.21
C GLN A 392 -10.27 -0.70 -0.14
N LEU A 393 -9.92 0.55 0.20
CA LEU A 393 -8.56 1.03 0.00
C LEU A 393 -7.62 0.21 0.86
N ASN A 394 -8.06 -0.09 2.09
CA ASN A 394 -7.28 -1.00 2.93
C ASN A 394 -7.11 -2.37 2.29
N ARG A 395 -8.21 -2.93 1.79
CA ARG A 395 -8.20 -4.31 1.32
C ARG A 395 -7.54 -4.48 -0.03
N ASN A 396 -7.70 -3.50 -0.88
CA ASN A 396 -7.18 -3.62 -2.23
C ASN A 396 -5.84 -2.95 -2.38
N GLY A 397 -5.55 -2.03 -1.47
CA GLY A 397 -4.28 -1.33 -1.49
C GLY A 397 -4.19 -0.27 -2.56
N GLY A 398 -5.32 0.03 -3.19
CA GLY A 398 -5.38 0.95 -4.31
C GLY A 398 -6.82 1.25 -4.63
N PRO A 399 -7.05 2.36 -5.34
CA PRO A 399 -8.37 2.92 -5.64
C PRO A 399 -9.16 2.23 -6.75
N ASN A 400 -8.56 1.28 -7.45
CA ASN A 400 -9.23 0.74 -8.67
C ASN A 400 -9.86 -0.61 -8.43
N PHE A 401 -10.31 -0.82 -7.20
CA PHE A 401 -10.93 -2.08 -6.77
C PHE A 401 -12.22 -2.43 -7.54
N GLU A 402 -12.94 -1.44 -8.06
CA GLU A 402 -14.12 -1.75 -8.88
C GLU A 402 -13.76 -2.39 -10.22
N GLN A 403 -12.48 -2.40 -10.56
CA GLN A 403 -12.06 -3.03 -11.82
C GLN A 403 -11.80 -4.53 -11.67
N LEU A 404 -11.86 -5.08 -10.46
CA LEU A 404 -11.63 -6.53 -10.31
C LEU A 404 -12.82 -7.25 -10.89
N PRO A 405 -12.58 -8.31 -11.70
CA PRO A 405 -13.71 -9.01 -12.38
C PRO A 405 -14.98 -9.13 -11.53
N ILE A 406 -14.85 -9.55 -10.29
CA ILE A 406 -16.02 -9.79 -9.43
C ILE A 406 -16.77 -8.49 -9.05
N ASN A 407 -16.09 -7.33 -9.17
CA ASN A 407 -16.67 -6.08 -8.77
C ASN A 407 -17.14 -5.28 -10.00
N MET A 408 -16.73 -5.68 -11.20
CA MET A 408 -17.12 -5.01 -12.45
C MET A 408 -18.64 -5.05 -12.65
N PRO A 409 -19.21 -4.00 -13.27
CA PRO A 409 -20.63 -4.08 -13.61
C PRO A 409 -20.80 -4.82 -14.94
N ARG A 410 -22.04 -5.18 -15.30
CA ARG A 410 -22.31 -5.82 -16.59
C ARG A 410 -22.77 -4.82 -17.67
N VAL A 411 -22.55 -3.54 -17.45
CA VAL A 411 -22.94 -2.49 -18.40
C VAL A 411 -21.73 -1.57 -18.58
N PRO A 412 -21.76 -0.71 -19.60
CA PRO A 412 -20.61 0.20 -19.82
C PRO A 412 -20.37 1.23 -18.70
N ILE A 413 -19.12 1.67 -18.59
CA ILE A 413 -18.75 2.71 -17.66
C ILE A 413 -18.35 3.99 -18.41
N HIS A 414 -18.91 5.13 -18.00
CA HIS A 414 -18.59 6.43 -18.57
C HIS A 414 -18.37 7.44 -17.46
N ASN A 415 -17.11 7.76 -17.21
CA ASN A 415 -16.82 8.85 -16.28
C ASN A 415 -15.41 9.35 -16.37
N ASN A 416 -15.09 10.33 -15.54
CA ASN A 416 -13.82 10.99 -15.65
C ASN A 416 -12.77 10.62 -14.60
N ASN A 417 -13.05 9.53 -13.89
CA ASN A 417 -12.05 8.93 -13.04
C ASN A 417 -10.83 8.48 -13.84
N ARG A 418 -9.64 8.77 -13.34
CA ARG A 418 -8.47 8.42 -14.08
C ARG A 418 -7.39 7.90 -13.13
N ASP A 419 -6.41 7.20 -13.71
CA ASP A 419 -5.12 6.92 -13.07
C ASP A 419 -5.29 6.03 -11.87
N GLY A 420 -4.49 6.27 -10.83
CA GLY A 420 -4.49 5.40 -9.67
C GLY A 420 -3.76 4.10 -9.91
N ALA A 421 -3.16 3.57 -8.86
CA ALA A 421 -2.43 2.31 -8.94
C ALA A 421 -3.34 1.21 -9.44
N GLY A 422 -2.80 0.32 -10.26
CA GLY A 422 -3.57 -0.76 -10.85
C GLY A 422 -4.65 -0.35 -11.84
N GLN A 423 -4.49 0.81 -12.51
CA GLN A 423 -5.40 1.21 -13.55
C GLN A 423 -5.35 0.23 -14.68
N MET A 424 -6.49 -0.44 -14.90
CA MET A 424 -6.63 -1.47 -15.95
C MET A 424 -7.28 -1.02 -17.26
N PHE A 425 -7.72 0.22 -17.35
CA PHE A 425 -8.36 0.69 -18.58
C PHE A 425 -7.42 1.61 -19.35
N ILE A 426 -7.64 1.74 -20.64
CA ILE A 426 -6.93 2.73 -21.44
C ILE A 426 -8.01 3.69 -22.00
N HIS A 427 -8.19 4.85 -21.36
CA HIS A 427 -9.28 5.75 -21.70
C HIS A 427 -9.03 6.48 -23.00
N ARG A 428 -10.04 6.49 -23.88
CA ARG A 428 -9.90 7.19 -25.15
C ARG A 428 -10.20 8.66 -25.05
N ASN A 429 -11.09 9.05 -24.14
CA ASN A 429 -11.45 10.45 -23.97
C ASN A 429 -10.33 11.27 -23.30
N LYS A 430 -9.71 12.14 -24.07
CA LYS A 430 -8.57 12.92 -23.60
C LYS A 430 -8.97 14.27 -23.03
N TYR A 431 -10.26 14.45 -22.81
CA TYR A 431 -10.74 15.67 -22.15
C TYR A 431 -11.61 15.26 -20.96
N PRO A 432 -11.00 14.62 -19.92
CA PRO A 432 -11.81 14.11 -18.81
C PRO A 432 -12.13 15.21 -17.78
N TYR A 433 -12.87 16.22 -18.22
CA TYR A 433 -13.38 17.26 -17.33
C TYR A 433 -14.74 17.70 -17.79
N THR A 434 -15.50 18.26 -16.84
CA THR A 434 -16.82 18.86 -17.06
C THR A 434 -16.91 20.25 -16.39
N PRO A 435 -17.39 21.24 -17.14
CA PRO A 435 -17.94 21.18 -18.49
C PRO A 435 -16.84 21.29 -19.56
N ASN A 436 -16.99 20.58 -20.67
CA ASN A 436 -16.04 20.64 -21.79
C ASN A 436 -16.80 20.95 -23.08
N THR A 437 -16.10 21.50 -24.08
CA THR A 437 -16.65 21.51 -25.45
C THR A 437 -15.86 20.55 -26.33
N LEU A 438 -14.63 20.26 -25.90
CA LEU A 438 -13.66 19.49 -26.71
C LEU A 438 -14.02 18.02 -26.87
N ASN A 439 -14.85 17.50 -25.97
CA ASN A 439 -15.48 16.19 -26.16
C ASN A 439 -17.01 16.32 -26.29
N SER A 440 -17.44 17.51 -26.77
CA SER A 440 -18.85 17.84 -27.06
C SER A 440 -19.76 17.72 -25.83
N GLY A 441 -19.22 18.05 -24.65
CA GLY A 441 -19.98 17.99 -23.40
C GLY A 441 -20.38 16.58 -22.98
N TYR A 442 -19.70 15.57 -23.51
CA TYR A 442 -19.80 14.19 -23.01
C TYR A 442 -18.70 13.86 -21.98
N PRO A 443 -19.01 12.95 -21.02
CA PRO A 443 -20.29 12.26 -20.76
C PRO A 443 -21.33 13.22 -20.22
N ARG A 444 -22.60 13.00 -20.53
N ARG A 444 -22.60 12.97 -20.53
CA ARG A 444 -23.63 13.94 -20.14
CA ARG A 444 -23.71 13.86 -20.15
C ARG A 444 -24.09 13.66 -18.70
C ARG A 444 -24.08 13.64 -18.69
N GLN A 445 -24.50 14.72 -18.00
CA GLN A 445 -25.02 14.61 -16.63
C GLN A 445 -26.34 13.82 -16.64
N ALA A 446 -26.46 12.85 -15.73
CA ALA A 446 -27.70 12.09 -15.53
C ALA A 446 -28.37 12.45 -14.20
N ASN A 447 -29.71 12.51 -14.24
CA ASN A 447 -30.52 12.95 -13.12
C ASN A 447 -31.91 12.40 -13.29
N GLN A 448 -32.85 12.99 -12.54
CA GLN A 448 -34.24 12.54 -12.57
C GLN A 448 -34.77 12.46 -13.99
N ASN A 449 -34.51 13.51 -14.76
CA ASN A 449 -35.17 13.71 -16.05
C ASN A 449 -34.37 13.37 -17.27
N ALA A 450 -33.09 13.07 -17.09
CA ALA A 450 -32.24 12.67 -18.19
C ALA A 450 -31.37 11.47 -17.84
N GLY A 451 -31.16 10.62 -18.83
CA GLY A 451 -30.24 9.50 -18.75
C GLY A 451 -30.47 8.47 -17.68
N ARG A 452 -31.66 8.53 -17.07
CA ARG A 452 -32.04 7.59 -16.01
C ARG A 452 -31.09 7.70 -14.80
N GLY A 453 -30.61 8.91 -14.53
CA GLY A 453 -29.75 9.16 -13.38
C GLY A 453 -30.38 8.74 -12.07
N PHE A 454 -29.54 8.34 -11.12
CA PHE A 454 -29.98 8.19 -9.74
C PHE A 454 -30.46 9.58 -9.33
N PHE A 455 -31.40 9.63 -8.38
CA PHE A 455 -31.75 10.90 -7.76
C PHE A 455 -32.26 10.65 -6.35
N THR A 456 -31.90 11.57 -5.45
CA THR A 456 -32.45 11.59 -4.12
C THR A 456 -33.99 11.80 -4.20
N ALA A 457 -34.76 11.04 -3.42
CA ALA A 457 -36.20 11.35 -3.21
C ALA A 457 -36.43 12.85 -2.96
N PRO A 458 -37.21 13.52 -3.83
CA PRO A 458 -37.31 14.99 -3.72
C PRO A 458 -38.08 15.44 -2.50
N GLY A 459 -38.96 14.58 -1.97
CA GLY A 459 -39.70 14.85 -0.73
C GLY A 459 -38.88 15.09 0.53
N ARG A 460 -37.65 14.56 0.54
CA ARG A 460 -36.82 14.59 1.72
C ARG A 460 -36.42 16.00 2.07
N THR A 461 -36.55 16.33 3.36
CA THR A 461 -36.36 17.70 3.85
C THR A 461 -35.58 17.63 5.17
N ALA A 462 -35.09 18.79 5.62
CA ALA A 462 -34.32 18.87 6.85
C ALA A 462 -34.80 20.13 7.58
N SER A 463 -34.62 20.18 8.90
CA SER A 463 -34.89 21.41 9.69
C SER A 463 -34.30 21.35 11.10
N GLY A 464 -34.01 22.52 11.67
CA GLY A 464 -33.51 22.59 13.02
C GLY A 464 -32.04 22.91 13.01
N ALA A 465 -31.40 22.63 14.15
CA ALA A 465 -30.00 22.91 14.37
C ALA A 465 -29.12 21.73 13.93
N LEU A 466 -27.84 22.02 13.68
CA LEU A 466 -26.82 20.99 13.55
C LEU A 466 -26.56 20.50 14.95
N VAL A 467 -26.75 19.21 15.17
CA VAL A 467 -26.64 18.65 16.50
C VAL A 467 -25.94 17.30 16.54
N ARG A 468 -25.19 17.07 17.60
CA ARG A 468 -24.70 15.74 17.92
C ARG A 468 -25.57 15.25 19.10
N GLU A 469 -26.84 15.02 18.81
N GLU A 469 -26.85 15.04 18.79
CA GLU A 469 -27.75 14.56 19.87
CA GLU A 469 -27.87 14.66 19.78
C GLU A 469 -28.64 13.43 19.37
C GLU A 469 -28.64 13.40 19.33
N VAL A 470 -28.92 12.49 20.26
CA VAL A 470 -29.76 11.36 19.94
C VAL A 470 -31.21 11.81 20.04
N SER A 471 -32.01 11.48 19.04
CA SER A 471 -33.44 11.73 19.06
C SER A 471 -34.07 11.02 20.24
N PRO A 472 -34.96 11.71 20.98
CA PRO A 472 -35.70 11.07 22.07
C PRO A 472 -36.53 9.87 21.63
N THR A 473 -36.91 9.83 20.35
CA THR A 473 -37.75 8.74 19.81
C THR A 473 -37.01 7.40 19.72
N PHE A 474 -35.70 7.42 20.00
CA PHE A 474 -34.85 6.24 19.96
C PHE A 474 -34.69 5.57 21.33
N ASN A 475 -35.33 6.11 22.36
CA ASN A 475 -35.02 5.78 23.78
C ASN A 475 -35.54 4.47 24.42
N ASP A 476 -36.50 3.81 23.78
CA ASP A 476 -36.99 2.55 24.31
C ASP A 476 -36.17 1.31 23.85
N HIS A 477 -35.21 0.92 24.68
CA HIS A 477 -34.33 -0.19 24.35
C HIS A 477 -34.86 -1.52 24.77
N TRP A 478 -36.02 -1.56 25.43
CA TRP A 478 -36.41 -2.82 26.11
C TRP A 478 -37.65 -3.53 25.67
N SER A 479 -38.63 -2.79 25.14
CA SER A 479 -39.89 -3.39 24.69
C SER A 479 -39.70 -4.48 23.65
N GLN A 480 -38.95 -4.15 22.60
CA GLN A 480 -38.87 -5.06 21.48
C GLN A 480 -38.10 -6.35 21.84
N PRO A 481 -37.00 -6.23 22.62
CA PRO A 481 -36.41 -7.48 23.05
C PRO A 481 -37.46 -8.38 23.70
N ARG A 482 -38.30 -7.78 24.57
CA ARG A 482 -39.36 -8.54 25.27
C ARG A 482 -40.37 -9.16 24.31
N LEU A 483 -40.83 -8.35 23.36
CA LEU A 483 -41.66 -8.83 22.24
C LEU A 483 -41.05 -10.07 21.58
N PHE A 484 -39.75 -9.97 21.26
CA PHE A 484 -39.03 -11.09 20.69
C PHE A 484 -39.04 -12.34 21.58
N PHE A 485 -38.72 -12.16 22.87
CA PHE A 485 -38.65 -13.28 23.82
C PHE A 485 -40.02 -13.94 24.01
N ASN A 486 -41.06 -13.11 24.18
CA ASN A 486 -42.45 -13.62 24.26
C ASN A 486 -42.86 -14.49 23.08
N SER A 487 -42.24 -14.28 21.91
CA SER A 487 -42.70 -14.95 20.69
C SER A 487 -42.01 -16.27 20.44
N LEU A 488 -41.20 -16.71 21.39
CA LEU A 488 -40.43 -17.98 21.26
C LEU A 488 -41.08 -19.11 22.03
N THR A 489 -40.93 -20.33 21.53
CA THR A 489 -41.49 -21.48 22.26
C THR A 489 -40.83 -21.56 23.62
N PRO A 490 -41.45 -22.27 24.58
CA PRO A 490 -40.85 -22.36 25.93
C PRO A 490 -39.44 -22.98 25.97
N VAL A 491 -39.17 -23.99 25.13
CA VAL A 491 -37.81 -24.55 25.02
C VAL A 491 -36.82 -23.53 24.40
N GLU A 492 -37.26 -22.85 23.34
CA GLU A 492 -36.48 -21.78 22.77
C GLU A 492 -36.08 -20.79 23.85
N GLN A 493 -37.02 -20.48 24.73
CA GLN A 493 -36.73 -19.56 25.81
C GLN A 493 -35.66 -20.11 26.73
N GLN A 494 -35.73 -21.42 26.99
CA GLN A 494 -34.78 -22.06 27.89
C GLN A 494 -33.41 -21.98 27.29
N PHE A 495 -33.30 -22.35 26.02
CA PHE A 495 -32.04 -22.28 25.28
C PHE A 495 -31.43 -20.87 25.33
N LEU A 496 -32.27 -19.85 25.19
CA LEU A 496 -31.80 -18.48 25.24
C LEU A 496 -31.24 -18.16 26.63
N VAL A 497 -31.97 -18.56 27.67
CA VAL A 497 -31.54 -18.35 29.04
C VAL A 497 -30.22 -19.06 29.23
N ASN A 498 -30.13 -20.29 28.70
CA ASN A 498 -28.92 -21.11 28.79
C ASN A 498 -27.71 -20.52 28.08
N ALA A 499 -27.93 -19.94 26.91
CA ALA A 499 -26.85 -19.30 26.22
C ALA A 499 -26.36 -18.17 27.10
N MET A 500 -27.28 -17.38 27.64
CA MET A 500 -26.90 -16.28 28.53
C MET A 500 -26.20 -16.75 29.80
N ARG A 501 -26.68 -17.84 30.40
CA ARG A 501 -26.03 -18.46 31.56
C ARG A 501 -24.58 -18.83 31.25
N PHE A 502 -24.40 -19.45 30.08
CA PHE A 502 -23.07 -19.88 29.61
C PHE A 502 -22.14 -18.69 29.54
N GLU A 503 -22.56 -17.65 28.84
CA GLU A 503 -21.68 -16.52 28.60
C GLU A 503 -21.42 -15.71 29.85
N ILE A 504 -22.47 -15.33 30.57
CA ILE A 504 -22.31 -14.49 31.74
C ILE A 504 -21.43 -15.15 32.80
N SER A 505 -21.48 -16.47 32.89
CA SER A 505 -20.62 -17.16 33.82
C SER A 505 -19.16 -17.13 33.48
N LEU A 506 -18.84 -16.86 32.20
CA LEU A 506 -17.44 -16.63 31.78
C LEU A 506 -16.98 -15.19 31.93
N VAL A 507 -17.85 -14.29 32.35
CA VAL A 507 -17.46 -12.91 32.61
C VAL A 507 -16.82 -12.83 33.99
N LYS A 508 -15.52 -12.56 34.04
CA LYS A 508 -14.78 -12.54 35.31
C LYS A 508 -15.24 -11.51 36.34
N SER A 509 -15.63 -10.33 35.89
CA SER A 509 -15.94 -9.21 36.78
C SER A 509 -17.33 -9.26 37.41
N GLU A 510 -17.37 -9.16 38.74
CA GLU A 510 -18.63 -9.18 39.48
C GLU A 510 -19.48 -7.96 39.11
N GLU A 511 -18.87 -6.79 39.04
CA GLU A 511 -19.61 -5.57 38.78
C GLU A 511 -20.29 -5.63 37.41
N VAL A 512 -19.60 -6.21 36.42
CA VAL A 512 -20.16 -6.33 35.07
C VAL A 512 -21.34 -7.27 35.03
N LYS A 513 -21.21 -8.41 35.72
CA LYS A 513 -22.33 -9.36 35.87
C LYS A 513 -23.60 -8.69 36.45
N LYS A 514 -23.42 -7.83 37.47
CA LYS A 514 -24.53 -7.10 38.10
C LYS A 514 -25.20 -6.14 37.13
N ASN A 515 -24.40 -5.36 36.41
CA ASN A 515 -24.95 -4.47 35.41
C ASN A 515 -25.67 -5.22 34.27
N VAL A 516 -25.18 -6.43 33.93
CA VAL A 516 -25.87 -7.26 32.97
C VAL A 516 -27.26 -7.64 33.51
N LEU A 517 -27.31 -8.08 34.77
CA LEU A 517 -28.60 -8.46 35.35
C LEU A 517 -29.58 -7.29 35.37
N THR A 518 -29.08 -6.10 35.73
CA THR A 518 -29.89 -4.88 35.67
C THR A 518 -30.57 -4.68 34.30
N GLN A 519 -29.81 -4.78 33.21
CA GLN A 519 -30.39 -4.57 31.87
C GLN A 519 -31.34 -5.70 31.50
N LEU A 520 -30.95 -6.93 31.79
CA LEU A 520 -31.77 -8.07 31.44
C LEU A 520 -33.12 -7.96 32.13
N ASN A 521 -33.06 -7.55 33.39
CA ASN A 521 -34.26 -7.39 34.21
C ASN A 521 -35.27 -6.42 33.60
N ARG A 522 -34.77 -5.35 32.98
CA ARG A 522 -35.59 -4.35 32.32
CA ARG A 522 -35.60 -4.35 32.33
C ARG A 522 -36.39 -4.91 31.13
N VAL A 523 -35.97 -6.08 30.62
CA VAL A 523 -36.66 -6.75 29.54
C VAL A 523 -37.63 -7.79 30.11
N SER A 524 -37.14 -8.56 31.09
CA SER A 524 -37.94 -9.60 31.72
C SER A 524 -37.35 -10.02 33.07
N HIS A 525 -38.13 -9.85 34.14
CA HIS A 525 -37.69 -10.21 35.48
C HIS A 525 -37.41 -11.69 35.53
N ASP A 526 -38.26 -12.49 34.90
CA ASP A 526 -38.08 -13.94 34.86
C ASP A 526 -36.68 -14.30 34.33
N VAL A 527 -36.31 -13.67 33.21
CA VAL A 527 -35.06 -13.97 32.52
C VAL A 527 -33.92 -13.62 33.43
N ALA A 528 -33.97 -12.43 34.00
CA ALA A 528 -32.99 -12.02 35.01
C ALA A 528 -32.83 -13.06 36.13
N VAL A 529 -33.95 -13.42 36.76
CA VAL A 529 -33.95 -14.41 37.84
C VAL A 529 -33.24 -15.69 37.41
N ARG A 530 -33.64 -16.24 36.27
CA ARG A 530 -33.15 -17.56 35.81
C ARG A 530 -31.66 -17.48 35.44
N VAL A 531 -31.28 -16.41 34.75
CA VAL A 531 -29.85 -16.16 34.46
C VAL A 531 -29.04 -15.95 35.75
N ALA A 532 -29.51 -15.05 36.61
CA ALA A 532 -28.85 -14.78 37.91
C ALA A 532 -28.59 -16.06 38.72
N ALA A 533 -29.50 -17.04 38.59
CA ALA A 533 -29.39 -18.29 39.35
C ALA A 533 -28.11 -19.02 39.03
N ALA A 534 -27.66 -18.96 37.77
CA ALA A 534 -26.44 -19.67 37.36
C ALA A 534 -25.16 -18.99 37.82
N ILE A 535 -25.20 -17.71 38.14
CA ILE A 535 -23.96 -17.01 38.48
C ILE A 535 -23.98 -16.60 39.94
N GLY A 536 -24.93 -17.18 40.68
CA GLY A 536 -25.11 -16.96 42.13
C GLY A 536 -25.21 -15.49 42.50
N LEU A 537 -26.21 -14.81 41.96
CA LEU A 537 -26.51 -13.45 42.40
C LEU A 537 -28.00 -13.32 42.53
N GLY A 538 -28.42 -12.34 43.33
CA GLY A 538 -29.85 -11.97 43.40
C GLY A 538 -30.20 -11.10 42.20
N ALA A 539 -31.19 -11.54 41.43
CA ALA A 539 -31.77 -10.68 40.42
C ALA A 539 -32.35 -9.44 41.09
N PRO A 540 -32.16 -8.24 40.51
CA PRO A 540 -32.82 -7.08 41.14
C PRO A 540 -34.35 -7.14 41.05
N ASP A 541 -35.03 -6.28 41.81
CA ASP A 541 -36.49 -6.31 41.93
C ASP A 541 -37.11 -5.97 40.59
N ALA A 542 -38.16 -6.72 40.21
CA ALA A 542 -38.92 -6.45 38.99
C ALA A 542 -39.04 -4.96 38.67
N ASP A 543 -38.84 -4.60 37.39
CA ASP A 543 -39.14 -3.26 36.94
C ASP A 543 -39.97 -3.34 35.67
N ASP A 544 -41.24 -2.94 35.77
CA ASP A 544 -42.22 -3.28 34.75
C ASP A 544 -42.49 -2.19 33.73
N THR A 545 -41.69 -1.12 33.74
CA THR A 545 -41.87 -0.06 32.74
C THR A 545 -42.04 -0.59 31.30
N TYR A 546 -41.33 -1.64 30.92
CA TYR A 546 -41.41 -2.13 29.54
C TYR A 546 -41.97 -3.52 29.40
N TYR A 547 -42.27 -4.18 30.51
CA TYR A 547 -42.94 -5.50 30.45
C TYR A 547 -44.28 -5.44 29.67
N HIS A 548 -44.62 -6.53 28.99
CA HIS A 548 -45.88 -6.65 28.23
C HIS A 548 -45.94 -8.06 27.71
N ASN A 549 -47.07 -8.46 27.13
CA ASN A 549 -47.26 -9.84 26.66
C ASN A 549 -47.49 -9.97 25.15
N ASN A 550 -47.26 -8.88 24.42
CA ASN A 550 -47.38 -8.87 22.96
C ASN A 550 -46.45 -9.94 22.32
N LYS A 551 -46.97 -10.66 21.35
CA LYS A 551 -46.18 -11.59 20.55
C LYS A 551 -46.12 -11.11 19.09
N THR A 552 -45.13 -11.61 18.35
CA THR A 552 -45.10 -11.46 16.89
C THR A 552 -44.80 -12.78 16.23
N ALA A 553 -45.34 -12.97 15.03
CA ALA A 553 -45.14 -14.19 14.26
C ALA A 553 -43.80 -14.20 13.48
N GLY A 554 -43.33 -15.41 13.17
CA GLY A 554 -42.22 -15.63 12.25
C GLY A 554 -40.80 -15.36 12.72
N VAL A 555 -40.63 -15.10 14.03
CA VAL A 555 -39.29 -14.87 14.61
C VAL A 555 -38.78 -16.11 15.32
N SER A 556 -39.63 -17.12 15.44
CA SER A 556 -39.29 -18.33 16.18
C SER A 556 -38.75 -19.38 15.19
N ILE A 557 -37.72 -20.11 15.59
CA ILE A 557 -37.17 -21.20 14.75
C ILE A 557 -37.83 -22.52 15.09
N VAL A 558 -37.78 -22.86 16.38
CA VAL A 558 -38.29 -24.16 16.84
C VAL A 558 -39.82 -24.21 16.73
N GLY A 559 -40.47 -23.06 16.70
CA GLY A 559 -41.92 -23.00 16.52
C GLY A 559 -42.42 -22.75 15.10
N SER A 560 -41.53 -22.87 14.11
CA SER A 560 -41.90 -22.60 12.72
C SER A 560 -42.32 -23.87 11.95
N GLY A 561 -42.63 -24.93 12.70
CA GLY A 561 -43.19 -26.18 12.15
C GLY A 561 -42.13 -26.95 11.39
N PRO A 562 -42.50 -28.10 10.80
CA PRO A 562 -41.51 -28.93 10.09
C PRO A 562 -40.88 -28.20 8.88
N LEU A 563 -39.68 -28.64 8.50
CA LEU A 563 -38.99 -28.13 7.34
C LEU A 563 -39.79 -28.42 6.06
N PRO A 564 -39.80 -27.46 5.11
CA PRO A 564 -40.55 -27.71 3.88
C PRO A 564 -39.86 -28.71 2.97
N THR A 565 -38.60 -29.02 3.24
CA THR A 565 -37.88 -30.01 2.43
C THR A 565 -36.79 -30.61 3.28
N ILE A 566 -36.47 -31.86 2.97
CA ILE A 566 -35.43 -32.58 3.69
C ILE A 566 -34.31 -32.95 2.76
N LYS A 567 -34.41 -32.54 1.50
CA LYS A 567 -33.32 -32.72 0.54
C LYS A 567 -32.04 -32.05 1.05
N THR A 568 -30.94 -32.76 0.87
CA THR A 568 -29.57 -32.40 1.31
C THR A 568 -29.24 -32.67 2.77
N LEU A 569 -30.24 -32.97 3.60
CA LEU A 569 -29.97 -33.33 4.98
C LEU A 569 -29.14 -34.58 5.01
N ARG A 570 -28.36 -34.77 6.09
CA ARG A 570 -27.33 -35.78 6.12
C ARG A 570 -27.74 -36.85 7.10
N VAL A 571 -27.73 -38.10 6.64
CA VAL A 571 -28.02 -39.26 7.49
C VAL A 571 -26.78 -40.14 7.66
N GLY A 572 -26.38 -40.38 8.90
CA GLY A 572 -25.31 -41.33 9.19
C GLY A 572 -25.86 -42.73 9.53
N ILE A 573 -25.34 -43.74 8.85
CA ILE A 573 -25.68 -45.15 9.10
C ILE A 573 -24.52 -45.87 9.75
N LEU A 574 -24.68 -46.24 11.02
CA LEU A 574 -23.58 -46.88 11.77
C LEU A 574 -23.56 -48.40 11.56
N ALA A 575 -22.57 -48.90 10.83
CA ALA A 575 -22.52 -50.31 10.46
C ALA A 575 -21.24 -50.97 10.99
N THR A 576 -20.83 -52.09 10.39
CA THR A 576 -19.64 -52.86 10.81
C THR A 576 -19.21 -53.79 9.70
N THR A 577 -17.93 -54.15 9.72
CA THR A 577 -17.39 -55.09 8.73
C THR A 577 -17.31 -56.54 9.22
N SER A 578 -17.74 -56.81 10.46
CA SER A 578 -17.84 -58.19 11.00
C SER A 578 -19.06 -58.91 10.43
N GLU A 579 -20.24 -58.50 10.82
CA GLU A 579 -21.43 -59.11 10.24
C GLU A 579 -21.60 -58.72 8.79
N SER A 580 -21.66 -59.73 7.93
CA SER A 580 -21.97 -59.54 6.51
C SER A 580 -23.36 -58.94 6.32
N SER A 581 -24.23 -59.20 7.29
CA SER A 581 -25.60 -58.72 7.27
C SER A 581 -25.65 -57.18 7.43
N ALA A 582 -24.80 -56.65 8.31
CA ALA A 582 -24.75 -55.22 8.63
C ALA A 582 -24.59 -54.33 7.40
N LEU A 583 -23.65 -54.66 6.53
CA LEU A 583 -23.40 -53.87 5.32
C LEU A 583 -24.52 -53.98 4.29
N ASP A 584 -25.22 -55.11 4.29
CA ASP A 584 -26.35 -55.34 3.38
C ASP A 584 -27.56 -54.51 3.77
N GLN A 585 -27.81 -54.42 5.09
CA GLN A 585 -28.83 -53.53 5.65
C GLN A 585 -28.53 -52.08 5.26
N ALA A 586 -27.29 -51.65 5.54
CA ALA A 586 -26.78 -50.34 5.11
C ALA A 586 -27.11 -50.06 3.64
N ALA A 587 -26.58 -50.90 2.75
CA ALA A 587 -26.74 -50.68 1.30
C ALA A 587 -28.19 -50.47 0.88
N GLN A 588 -29.11 -51.12 1.60
CA GLN A 588 -30.53 -51.04 1.24
C GLN A 588 -31.16 -49.75 1.74
N LEU A 589 -30.86 -49.37 2.98
CA LEU A 589 -31.21 -48.04 3.48
C LEU A 589 -30.70 -46.93 2.56
N ARG A 590 -29.42 -47.05 2.16
CA ARG A 590 -28.84 -46.09 1.23
C ARG A 590 -29.73 -45.89 0.02
N THR A 591 -30.07 -46.96 -0.70
CA THR A 591 -30.79 -46.81 -1.97
C THR A 591 -32.10 -46.05 -1.75
N ARG A 592 -32.76 -46.38 -0.64
CA ARG A 592 -34.08 -45.82 -0.36
C ARG A 592 -33.97 -44.37 0.08
N LEU A 593 -33.03 -44.09 0.98
CA LEU A 593 -32.81 -42.72 1.46
C LEU A 593 -32.30 -41.74 0.37
N GLU A 594 -31.30 -42.17 -0.40
CA GLU A 594 -30.72 -41.39 -1.49
C GLU A 594 -31.76 -41.09 -2.53
N LYS A 595 -32.81 -41.90 -2.57
CA LYS A 595 -33.84 -41.70 -3.55
C LYS A 595 -34.59 -40.42 -3.20
N ASP A 596 -34.64 -40.11 -1.91
CA ASP A 596 -35.39 -38.93 -1.43
C ASP A 596 -34.56 -37.65 -1.26
N GLY A 597 -33.33 -37.67 -1.80
CA GLY A 597 -32.47 -36.49 -1.89
C GLY A 597 -31.56 -36.25 -0.69
N LEU A 598 -31.54 -37.22 0.23
CA LEU A 598 -30.72 -37.13 1.40
C LEU A 598 -29.31 -37.49 1.02
N VAL A 599 -28.38 -37.15 1.92
CA VAL A 599 -26.99 -37.43 1.75
C VAL A 599 -26.63 -38.46 2.79
N VAL A 600 -26.17 -39.61 2.32
CA VAL A 600 -25.99 -40.77 3.17
C VAL A 600 -24.53 -41.08 3.39
N THR A 601 -24.16 -41.30 4.65
CA THR A 601 -22.85 -41.78 4.98
C THR A 601 -22.98 -43.08 5.74
N VAL A 602 -22.33 -44.13 5.23
CA VAL A 602 -22.23 -45.40 5.92
C VAL A 602 -20.90 -45.46 6.65
N VAL A 603 -20.95 -45.63 7.95
CA VAL A 603 -19.75 -45.66 8.80
C VAL A 603 -19.46 -47.10 9.20
N ALA A 604 -18.18 -47.46 9.19
CA ALA A 604 -17.69 -48.77 9.63
C ALA A 604 -16.28 -48.63 10.17
N GLU A 605 -15.65 -49.74 10.54
CA GLU A 605 -14.33 -49.69 11.19
C GLU A 605 -13.26 -49.24 10.21
N THR A 606 -13.42 -49.65 8.96
CA THR A 606 -12.45 -49.39 7.91
C THR A 606 -13.19 -49.18 6.60
N LEU A 607 -12.50 -48.63 5.62
CA LEU A 607 -13.13 -48.34 4.35
C LEU A 607 -13.12 -49.53 3.42
N ARG A 608 -14.11 -49.55 2.54
CA ARG A 608 -14.27 -50.54 1.47
C ARG A 608 -15.49 -50.10 0.66
N GLU A 609 -15.71 -50.75 -0.45
CA GLU A 609 -16.95 -50.61 -1.18
C GLU A 609 -18.07 -50.35 -0.21
N GLY A 610 -18.96 -49.43 -0.54
CA GLY A 610 -20.19 -49.20 0.26
C GLY A 610 -20.03 -48.44 1.57
N VAL A 611 -18.78 -48.26 2.01
CA VAL A 611 -18.46 -47.50 3.22
C VAL A 611 -17.85 -46.15 2.88
N ASP A 612 -18.44 -45.06 3.37
CA ASP A 612 -18.00 -43.71 2.99
C ASP A 612 -16.97 -43.17 3.96
N GLN A 613 -17.05 -43.51 5.24
CA GLN A 613 -16.06 -43.03 6.20
C GLN A 613 -15.93 -43.94 7.41
N THR A 614 -14.84 -43.79 8.17
CA THR A 614 -14.51 -44.65 9.28
C THR A 614 -14.98 -44.07 10.61
N TYR A 615 -15.20 -44.94 11.62
CA TYR A 615 -15.58 -44.49 12.95
C TYR A 615 -14.57 -43.49 13.51
N SER A 616 -13.33 -43.61 13.06
CA SER A 616 -12.28 -42.72 13.48
C SER A 616 -12.59 -41.25 13.09
N THR A 617 -13.08 -41.06 11.86
CA THR A 617 -13.31 -39.73 11.34
C THR A 617 -14.75 -39.25 11.53
N ALA A 618 -15.58 -40.08 12.14
CA ALA A 618 -17.00 -39.82 12.24
C ALA A 618 -17.41 -39.17 13.57
N ASP A 619 -18.53 -38.45 13.53
CA ASP A 619 -18.98 -37.72 14.69
C ASP A 619 -20.43 -37.34 14.46
N ALA A 620 -21.17 -37.19 15.55
CA ALA A 620 -22.59 -36.90 15.49
C ALA A 620 -22.85 -35.59 14.79
N THR A 621 -21.93 -34.63 14.92
CA THR A 621 -22.11 -33.30 14.37
C THR A 621 -22.13 -33.35 12.86
N GLY A 622 -21.57 -34.41 12.30
CA GLY A 622 -21.65 -34.66 10.86
C GLY A 622 -23.02 -35.10 10.35
N PHE A 623 -23.98 -35.35 11.24
CA PHE A 623 -25.28 -35.87 10.78
C PHE A 623 -26.52 -35.13 11.27
N ASP A 624 -27.58 -35.10 10.47
CA ASP A 624 -28.86 -34.56 10.91
C ASP A 624 -29.73 -35.62 11.62
N GLY A 625 -29.57 -36.88 11.22
CA GLY A 625 -30.10 -38.02 11.93
C GLY A 625 -29.17 -39.22 11.85
N VAL A 626 -29.31 -40.15 12.79
CA VAL A 626 -28.43 -41.30 12.89
C VAL A 626 -29.18 -42.64 13.00
N VAL A 627 -28.78 -43.60 12.18
CA VAL A 627 -29.38 -44.92 12.13
C VAL A 627 -28.32 -45.98 12.40
N VAL A 628 -28.57 -46.83 13.40
CA VAL A 628 -27.75 -48.04 13.64
C VAL A 628 -28.43 -49.22 12.93
N VAL A 629 -27.73 -49.91 12.03
CA VAL A 629 -28.24 -51.17 11.53
C VAL A 629 -28.03 -52.29 12.57
N ASP A 630 -29.05 -53.16 12.66
CA ASP A 630 -29.16 -54.27 13.60
C ASP A 630 -27.86 -55.06 13.78
N GLY A 631 -27.28 -55.50 12.66
CA GLY A 631 -26.06 -56.31 12.69
C GLY A 631 -24.82 -55.72 13.38
N ALA A 632 -24.92 -54.50 13.89
CA ALA A 632 -23.75 -53.83 14.50
C ALA A 632 -23.80 -53.79 16.04
N ALA A 633 -24.81 -54.46 16.61
CA ALA A 633 -25.07 -54.47 18.06
C ALA A 633 -23.84 -54.74 18.94
N ALA A 634 -22.95 -55.61 18.45
CA ALA A 634 -21.70 -55.97 19.13
C ALA A 634 -20.85 -54.76 19.48
N LEU A 635 -20.76 -53.82 18.54
CA LEU A 635 -19.96 -52.60 18.68
C LEU A 635 -20.47 -51.61 19.74
N PHE A 636 -21.78 -51.63 19.99
CA PHE A 636 -22.38 -50.71 20.95
C PHE A 636 -22.30 -51.23 22.37
N ALA A 637 -22.19 -52.55 22.50
CA ALA A 637 -21.89 -53.21 23.77
C ALA A 637 -20.39 -53.17 24.08
N ALA A 640 -15.99 -53.00 25.06
CA ALA A 640 -15.67 -53.36 23.69
C ALA A 640 -14.74 -52.31 23.00
N SER A 641 -13.47 -52.66 22.62
CA SER A 641 -12.47 -51.72 22.06
C SER A 641 -11.70 -52.20 20.79
N SER A 642 -11.14 -51.24 20.03
CA SER A 642 -10.48 -51.51 18.74
C SER A 642 -9.32 -50.54 18.56
N PRO A 643 -8.25 -50.96 17.86
CA PRO A 643 -7.18 -49.99 17.59
C PRO A 643 -7.49 -49.08 16.39
N LEU A 644 -8.66 -49.25 15.78
CA LEU A 644 -9.08 -48.48 14.60
C LEU A 644 -10.00 -47.29 14.89
N PHE A 645 -10.38 -47.10 16.15
CA PHE A 645 -11.08 -45.89 16.56
C PHE A 645 -10.97 -45.74 18.07
N PRO A 646 -11.18 -44.52 18.61
CA PRO A 646 -11.13 -44.35 20.06
C PRO A 646 -12.23 -45.14 20.80
N THR A 647 -11.98 -45.41 22.08
CA THR A 647 -12.88 -46.20 22.91
C THR A 647 -14.27 -45.56 22.94
N GLY A 648 -15.27 -46.37 22.69
CA GLY A 648 -16.67 -45.97 22.86
C GLY A 648 -17.27 -45.13 21.76
N ARG A 649 -16.50 -44.94 20.68
CA ARG A 649 -16.87 -44.01 19.63
C ARG A 649 -18.22 -44.34 19.00
N PRO A 650 -18.44 -45.59 18.56
CA PRO A 650 -19.72 -45.88 17.87
C PRO A 650 -20.95 -45.54 18.72
N LEU A 651 -20.93 -45.90 20.01
CA LEU A 651 -22.00 -45.56 20.91
C LEU A 651 -22.05 -44.05 21.16
N GLN A 652 -20.87 -43.42 21.29
CA GLN A 652 -20.76 -41.99 21.55
C GLN A 652 -21.50 -41.20 20.46
N ILE A 653 -21.31 -41.61 19.21
CA ILE A 653 -21.98 -40.95 18.11
C ILE A 653 -23.49 -40.98 18.30
N PHE A 654 -24.02 -42.17 18.56
CA PHE A 654 -25.46 -42.40 18.74
C PHE A 654 -26.01 -41.62 19.93
N VAL A 655 -25.40 -41.78 21.10
CA VAL A 655 -25.84 -41.10 22.31
C VAL A 655 -25.82 -39.58 22.16
N ASP A 656 -24.76 -39.05 21.52
CA ASP A 656 -24.67 -37.62 21.21
C ASP A 656 -25.86 -37.21 20.35
N ALA A 657 -26.10 -37.97 19.28
CA ALA A 657 -27.18 -37.66 18.36
C ALA A 657 -28.52 -37.53 19.10
N TYR A 658 -28.81 -38.52 19.94
CA TYR A 658 -30.00 -38.51 20.77
C TYR A 658 -30.04 -37.29 21.69
N ARG A 659 -28.97 -37.04 22.43
CA ARG A 659 -28.95 -35.96 23.42
C ARG A 659 -29.04 -34.59 22.78
N TRP A 660 -28.66 -34.47 21.51
CA TRP A 660 -28.76 -33.18 20.83
C TRP A 660 -30.08 -32.97 20.13
N GLY A 661 -30.97 -33.95 20.21
CA GLY A 661 -32.36 -33.76 19.82
C GLY A 661 -32.63 -34.26 18.42
N LYS A 662 -31.74 -35.09 17.92
CA LYS A 662 -31.81 -35.55 16.55
C LYS A 662 -32.67 -36.81 16.41
N PRO A 663 -33.26 -37.00 15.22
CA PRO A 663 -33.93 -38.26 14.93
C PRO A 663 -32.93 -39.39 14.98
N VAL A 664 -33.07 -40.28 15.95
CA VAL A 664 -32.25 -41.50 16.04
C VAL A 664 -33.09 -42.76 15.91
N GLY A 665 -32.46 -43.84 15.44
CA GLY A 665 -33.16 -45.09 15.18
C GLY A 665 -32.28 -46.32 14.97
N VAL A 666 -32.82 -47.48 15.33
CA VAL A 666 -32.22 -48.77 15.02
C VAL A 666 -33.12 -49.48 14.01
N CYS A 667 -32.51 -50.05 12.98
CA CYS A 667 -33.28 -50.71 11.93
C CYS A 667 -32.95 -52.19 11.88
N GLY A 668 -33.93 -53.03 12.19
CA GLY A 668 -33.74 -54.47 12.15
C GLY A 668 -34.53 -55.21 13.22
N GLY A 669 -34.24 -56.51 13.35
CA GLY A 669 -35.00 -57.41 14.24
C GLY A 669 -34.76 -57.19 15.73
N LYS A 670 -33.48 -57.26 16.13
CA LYS A 670 -33.07 -57.06 17.52
C LYS A 670 -33.03 -55.56 17.92
N SER A 671 -33.76 -54.73 17.17
CA SER A 671 -33.82 -53.28 17.40
C SER A 671 -34.42 -52.92 18.76
N SER A 672 -35.48 -53.66 19.14
CA SER A 672 -36.14 -53.55 20.46
C SER A 672 -35.06 -53.44 21.58
N GLU A 673 -33.92 -54.12 21.41
CA GLU A 673 -32.96 -54.37 22.50
C GLU A 673 -31.67 -53.55 22.47
N VAL A 674 -31.29 -53.06 21.29
CA VAL A 674 -30.08 -52.22 21.10
C VAL A 674 -30.21 -50.87 21.80
N LEU A 675 -31.45 -50.40 21.91
CA LEU A 675 -31.78 -49.15 22.56
C LEU A 675 -31.64 -49.15 24.09
N ASP A 676 -32.02 -50.26 24.75
CA ASP A 676 -31.96 -50.38 26.22
C ASP A 676 -30.51 -50.43 26.70
N ALA A 677 -29.67 -51.00 25.83
CA ALA A 677 -28.23 -51.04 26.00
C ALA A 677 -27.62 -49.66 25.82
N ALA A 678 -28.13 -48.92 24.82
CA ALA A 678 -27.72 -47.55 24.53
C ALA A 678 -28.29 -46.54 25.52
N ASP A 679 -29.29 -46.96 26.29
CA ASP A 679 -30.05 -46.08 27.20
C ASP A 679 -30.88 -45.01 26.48
N VAL A 680 -31.45 -45.40 25.35
CA VAL A 680 -32.35 -44.55 24.56
C VAL A 680 -33.78 -45.13 24.63
N PRO A 681 -34.75 -44.34 25.14
CA PRO A 681 -36.15 -44.81 25.28
C PRO A 681 -36.83 -45.20 23.97
N GLU A 682 -37.25 -46.46 23.83
CA GLU A 682 -37.87 -46.97 22.58
C GLU A 682 -39.13 -46.22 22.15
N ASP A 683 -39.90 -45.76 23.13
CA ASP A 683 -41.16 -45.08 22.85
C ASP A 683 -41.01 -43.58 22.63
N GLY A 684 -39.82 -43.05 22.89
CA GLY A 684 -39.53 -41.60 22.82
C GLY A 684 -39.73 -40.97 21.45
N ASP A 685 -40.20 -39.73 21.44
CA ASP A 685 -40.41 -38.96 20.20
C ASP A 685 -39.12 -38.92 19.41
N GLY A 686 -39.24 -39.16 18.10
CA GLY A 686 -38.10 -39.16 17.21
C GLY A 686 -37.10 -40.27 17.43
N VAL A 687 -37.49 -41.29 18.20
CA VAL A 687 -36.69 -42.53 18.27
C VAL A 687 -37.43 -43.60 17.47
N TYR A 688 -36.72 -44.28 16.57
CA TYR A 688 -37.39 -45.14 15.58
C TYR A 688 -36.95 -46.58 15.65
N SER A 689 -37.89 -47.48 15.72
CA SER A 689 -37.61 -48.89 15.83
C SER A 689 -38.56 -49.66 14.95
N GLU A 690 -38.06 -50.29 13.94
CA GLU A 690 -38.82 -51.05 12.94
C GLU A 690 -37.98 -52.08 12.19
N GLU A 691 -38.64 -53.10 11.67
CA GLU A 691 -38.03 -54.17 10.88
C GLU A 691 -38.17 -53.90 9.38
N SER A 692 -39.33 -53.39 8.97
CA SER A 692 -39.61 -53.05 7.58
C SER A 692 -38.82 -51.80 7.16
N VAL A 693 -37.84 -52.01 6.28
CA VAL A 693 -36.99 -50.92 5.78
C VAL A 693 -37.85 -49.78 5.22
N ASP A 694 -38.84 -50.12 4.39
CA ASP A 694 -39.74 -49.12 3.79
C ASP A 694 -40.50 -48.31 4.81
N MET A 695 -40.81 -48.90 5.96
CA MET A 695 -41.59 -48.20 6.95
C MET A 695 -40.71 -47.47 7.95
N PHE A 696 -39.44 -47.91 8.04
CA PHE A 696 -38.45 -47.21 8.86
C PHE A 696 -38.12 -45.85 8.25
N VAL A 697 -37.72 -45.87 6.99
CA VAL A 697 -37.46 -44.67 6.21
C VAL A 697 -38.65 -43.71 6.37
N GLU A 698 -39.85 -44.18 6.00
CA GLU A 698 -41.04 -43.35 6.02
C GLU A 698 -41.23 -42.67 7.37
N GLU A 699 -40.92 -43.38 8.45
CA GLU A 699 -41.04 -42.82 9.81
C GLU A 699 -39.90 -41.85 10.14
N PHE A 700 -38.69 -42.26 9.82
CA PHE A 700 -37.48 -41.47 10.01
C PHE A 700 -37.53 -40.13 9.28
N GLU A 701 -37.94 -40.15 8.01
CA GLU A 701 -38.09 -38.93 7.21
C GLU A 701 -39.03 -37.90 7.81
N LYS A 702 -39.98 -38.35 8.62
CA LYS A 702 -40.85 -37.42 9.35
C LYS A 702 -40.08 -36.75 10.47
N GLY A 703 -39.15 -37.50 11.07
CA GLY A 703 -38.30 -36.97 12.14
C GLY A 703 -37.34 -35.93 11.62
N LEU A 704 -36.76 -36.21 10.45
CA LEU A 704 -35.85 -35.29 9.82
C LEU A 704 -36.54 -33.94 9.54
N ALA A 705 -37.80 -33.98 9.16
CA ALA A 705 -38.56 -32.76 8.90
C ALA A 705 -38.84 -32.00 10.20
N THR A 706 -39.12 -32.73 11.27
CA THR A 706 -39.32 -32.08 12.57
C THR A 706 -37.98 -31.50 13.01
N PHE A 707 -36.91 -32.19 12.59
CA PHE A 707 -35.51 -31.72 12.74
C PHE A 707 -34.95 -31.75 14.16
N ARG A 708 -35.64 -31.14 15.11
CA ARG A 708 -35.20 -31.19 16.50
C ARG A 708 -36.32 -31.65 17.46
N PHE A 709 -35.97 -32.61 18.30
CA PHE A 709 -36.90 -33.16 19.28
C PHE A 709 -36.71 -32.52 20.63
N THR A 710 -37.57 -31.53 20.91
CA THR A 710 -37.38 -30.58 22.00
C THR A 710 -37.76 -31.13 23.38
N ASP A 711 -38.31 -32.34 23.41
CA ASP A 711 -38.80 -32.91 24.67
C ASP A 711 -37.67 -33.46 25.50
N ARG A 712 -36.47 -33.48 24.94
CA ARG A 712 -35.30 -34.06 25.63
C ARG A 712 -34.49 -33.01 26.42
N PHE A 713 -35.02 -31.82 26.57
CA PHE A 713 -34.28 -30.75 27.22
C PHE A 713 -35.03 -30.21 28.44
N ALA A 714 -34.33 -30.19 29.58
CA ALA A 714 -34.92 -29.75 30.85
C ALA A 714 -35.28 -28.25 30.90
N LEU A 715 -36.44 -27.91 31.50
CA LEU A 715 -36.82 -26.53 31.66
C LEU A 715 -36.71 -26.10 33.11
N ASP A 716 -36.67 -24.79 33.37
CA ASP A 716 -36.52 -24.26 34.74
C ASP A 716 -37.75 -24.51 35.64
N GLU B 46 15.90 13.25 16.18
CA GLU B 46 17.05 13.46 15.24
C GLU B 46 18.14 12.38 15.36
N VAL B 47 18.62 11.85 14.21
CA VAL B 47 19.62 10.78 14.18
C VAL B 47 20.99 11.29 13.71
N ASP B 48 22.00 11.11 14.57
CA ASP B 48 23.35 11.61 14.28
C ASP B 48 24.26 10.55 13.66
N ASP B 49 24.93 10.92 12.58
CA ASP B 49 25.76 10.02 11.79
C ASP B 49 27.11 10.65 11.48
N SER B 50 27.53 11.60 12.32
CA SER B 50 28.82 12.29 12.19
C SER B 50 29.99 11.40 12.62
N THR B 51 29.73 10.39 13.46
CA THR B 51 30.73 9.38 13.81
C THR B 51 30.14 7.97 13.79
N GLY B 52 31.02 6.96 13.84
CA GLY B 52 30.57 5.57 13.96
C GLY B 52 30.79 4.64 12.77
N TYR B 53 30.56 3.36 12.98
CA TYR B 53 30.58 2.41 11.88
C TYR B 53 29.18 2.17 11.32
N LEU B 54 29.11 1.91 10.02
CA LEU B 54 27.88 1.62 9.32
C LEU B 54 27.18 0.40 9.95
N THR B 55 25.88 0.55 10.23
CA THR B 55 25.05 -0.55 10.74
C THR B 55 23.84 -0.80 9.85
N SER B 56 23.34 -2.02 9.87
CA SER B 56 22.02 -2.33 9.31
C SER B 56 20.98 -1.53 10.11
N ASP B 57 19.71 -1.61 9.70
CA ASP B 57 18.64 -0.91 10.41
C ASP B 57 18.34 -1.54 11.78
N VAL B 58 18.86 -2.73 12.01
CA VAL B 58 18.76 -3.35 13.33
C VAL B 58 20.07 -3.31 14.13
N GLY B 59 20.99 -2.45 13.71
CA GLY B 59 22.20 -2.14 14.47
C GLY B 59 23.40 -3.05 14.34
N GLY B 60 23.39 -3.95 13.36
CA GLY B 60 24.51 -4.85 13.16
C GLY B 60 25.55 -4.22 12.28
N PRO B 61 26.79 -4.12 12.78
CA PRO B 61 27.78 -3.45 11.96
C PRO B 61 28.10 -4.22 10.69
N ILE B 62 28.15 -3.45 9.59
CA ILE B 62 28.19 -4.01 8.24
C ILE B 62 28.98 -3.08 7.30
N GLN B 63 29.24 -3.54 6.08
CA GLN B 63 29.80 -2.72 5.00
C GLN B 63 28.74 -2.59 3.90
N ASP B 64 28.92 -1.66 2.95
CA ASP B 64 27.94 -1.47 1.86
C ASP B 64 28.56 -1.07 0.51
N GLN B 65 29.82 -1.43 0.31
CA GLN B 65 30.53 -0.99 -0.88
C GLN B 65 30.80 -2.04 -1.94
N THR B 66 30.81 -3.32 -1.55
CA THR B 66 30.99 -4.40 -2.54
C THR B 66 29.98 -5.51 -2.30
N SER B 67 29.44 -6.07 -3.38
CA SER B 67 28.49 -7.18 -3.28
C SER B 67 29.24 -8.43 -2.87
N LEU B 68 28.53 -9.37 -2.25
CA LEU B 68 29.10 -10.67 -1.94
C LEU B 68 29.00 -11.60 -3.15
N LYS B 69 30.15 -12.04 -3.65
CA LYS B 69 30.24 -12.74 -4.93
C LYS B 69 30.86 -14.12 -4.83
N ALA B 70 30.43 -15.04 -5.69
CA ALA B 70 30.95 -16.40 -5.71
C ALA B 70 32.22 -16.38 -6.52
N GLY B 71 33.30 -16.01 -5.84
CA GLY B 71 34.57 -15.76 -6.52
C GLY B 71 34.70 -14.32 -7.02
N ILE B 72 35.93 -13.80 -6.96
CA ILE B 72 36.30 -12.44 -7.34
C ILE B 72 35.72 -11.94 -8.69
N ARG B 73 35.50 -12.84 -9.64
CA ARG B 73 34.85 -12.47 -10.91
C ARG B 73 33.56 -13.27 -11.08
N GLY B 74 32.94 -13.60 -9.96
CA GLY B 74 31.72 -14.42 -9.97
C GLY B 74 30.41 -13.67 -9.73
N PRO B 75 29.28 -14.40 -9.81
CA PRO B 75 27.93 -13.83 -9.65
C PRO B 75 27.62 -13.46 -8.19
N THR B 76 26.68 -12.52 -7.98
CA THR B 76 26.37 -12.06 -6.64
C THR B 76 25.48 -13.06 -5.98
N LEU B 77 25.56 -13.16 -4.66
CA LEU B 77 24.83 -14.19 -3.93
C LEU B 77 23.55 -13.70 -3.27
N LEU B 78 22.46 -14.48 -3.45
CA LEU B 78 21.17 -14.17 -2.81
C LEU B 78 21.32 -13.89 -1.31
N GLU B 79 22.30 -14.53 -0.69
CA GLU B 79 22.48 -14.47 0.77
C GLU B 79 23.13 -13.18 1.20
N ASP B 80 23.38 -12.29 0.25
CA ASP B 80 23.97 -11.01 0.59
C ASP B 80 22.92 -10.05 1.11
N PHE B 81 22.66 -10.16 2.40
CA PHE B 81 21.66 -9.33 3.07
C PHE B 81 22.06 -7.87 3.17
N MET B 82 23.36 -7.58 3.14
CA MET B 82 23.82 -6.18 3.20
C MET B 82 23.31 -5.52 1.93
N PHE B 83 23.54 -6.20 0.79
CA PHE B 83 23.07 -5.69 -0.48
C PHE B 83 21.57 -5.41 -0.48
N ARG B 84 20.78 -6.46 -0.23
CA ARG B 84 19.33 -6.40 -0.39
C ARG B 84 18.67 -5.42 0.55
N GLN B 85 19.15 -5.29 1.78
CA GLN B 85 18.49 -4.35 2.68
C GLN B 85 18.69 -2.92 2.18
N LYS B 86 19.84 -2.65 1.59
CA LYS B 86 20.19 -1.31 1.16
C LYS B 86 19.45 -0.96 -0.12
N ILE B 87 19.40 -1.91 -1.07
CA ILE B 87 18.70 -1.67 -2.33
C ILE B 87 17.18 -1.64 -2.16
N GLN B 88 16.66 -2.50 -1.30
CA GLN B 88 15.22 -2.47 -1.02
C GLN B 88 14.84 -1.09 -0.53
N HIS B 89 15.61 -0.55 0.40
CA HIS B 89 15.33 0.78 0.90
C HIS B 89 15.33 1.83 -0.18
N PHE B 90 16.37 1.80 -1.00
CA PHE B 90 16.43 2.65 -2.17
C PHE B 90 15.21 2.50 -3.11
N ASP B 91 14.91 1.26 -3.51
CA ASP B 91 13.77 0.93 -4.39
C ASP B 91 12.42 1.48 -3.87
N HIS B 92 12.37 1.77 -2.57
CA HIS B 92 11.12 2.14 -1.93
C HIS B 92 11.14 3.53 -1.29
N GLU B 93 12.11 4.34 -1.65
CA GLU B 93 12.25 5.70 -1.14
C GLU B 93 11.09 6.59 -1.51
N ARG B 94 10.58 6.50 -2.74
CA ARG B 94 9.57 7.44 -3.19
C ARG B 94 8.17 7.11 -2.71
N VAL B 95 7.37 8.15 -2.58
CA VAL B 95 5.98 8.09 -2.18
C VAL B 95 5.24 8.93 -3.22
N PRO B 96 3.92 8.72 -3.39
CA PRO B 96 3.23 9.54 -4.38
C PRO B 96 3.34 11.01 -4.04
N GLU B 97 3.55 11.85 -5.04
CA GLU B 97 3.55 13.29 -4.83
C GLU B 97 2.12 13.73 -4.50
N ARG B 98 1.97 14.91 -3.91
CA ARG B 98 0.66 15.48 -3.60
C ARG B 98 -0.19 15.61 -4.89
N ALA B 99 -1.46 15.27 -4.82
CA ALA B 99 -2.30 15.37 -6.03
C ALA B 99 -2.31 16.77 -6.66
N VAL B 100 -2.20 17.78 -5.79
CA VAL B 100 -1.98 19.19 -6.20
C VAL B 100 -0.95 19.77 -5.25
N HIS B 101 -0.30 20.84 -5.63
CA HIS B 101 0.71 21.46 -4.81
C HIS B 101 1.87 20.55 -4.57
N ALA B 102 2.22 19.72 -5.55
CA ALA B 102 3.36 18.82 -5.42
C ALA B 102 4.71 19.55 -5.29
N ARG B 103 4.81 20.74 -5.87
CA ARG B 103 6.09 21.45 -5.85
C ARG B 103 5.99 22.52 -4.79
N GLY B 104 6.83 22.42 -3.77
CA GLY B 104 6.71 23.33 -2.64
C GLY B 104 7.87 23.25 -1.71
N ALA B 105 7.90 24.15 -0.72
CA ALA B 105 8.97 24.14 0.26
C ALA B 105 8.46 24.64 1.61
N GLY B 106 9.14 24.27 2.69
CA GLY B 106 8.64 24.60 4.02
C GLY B 106 9.69 25.10 4.99
N ALA B 107 9.22 25.71 6.07
CA ALA B 107 10.08 26.12 7.17
C ALA B 107 9.36 26.15 8.52
N HIS B 108 10.17 26.04 9.58
CA HIS B 108 9.73 26.14 10.96
C HIS B 108 9.79 27.56 11.40
N GLY B 109 8.82 27.94 12.22
CA GLY B 109 8.80 29.26 12.83
C GLY B 109 7.95 29.27 14.07
N THR B 110 7.50 30.45 14.45
CA THR B 110 6.62 30.58 15.59
C THR B 110 5.55 31.64 15.28
N PHE B 111 4.41 31.53 15.97
CA PHE B 111 3.39 32.56 15.92
C PHE B 111 3.25 33.20 17.31
N THR B 112 3.17 34.54 17.36
CA THR B 112 2.98 35.26 18.63
C THR B 112 1.65 36.02 18.64
N SER B 113 0.81 35.81 19.66
CA SER B 113 -0.44 36.57 19.74
C SER B 113 -0.25 37.97 20.25
N TYR B 114 -0.97 38.92 19.68
CA TYR B 114 -0.89 40.31 20.09
C TYR B 114 -1.77 40.67 21.29
N ALA B 115 -2.68 39.77 21.68
CA ALA B 115 -3.68 40.07 22.68
C ALA B 115 -4.37 38.83 23.23
N ASP B 116 -5.22 39.02 24.23
CA ASP B 116 -6.21 38.02 24.63
C ASP B 116 -7.50 38.25 23.81
N TRP B 117 -7.74 37.37 22.84
CA TRP B 117 -8.87 37.54 21.91
C TRP B 117 -10.13 36.83 22.32
N SER B 118 -10.32 36.64 23.63
CA SER B 118 -11.51 35.96 24.15
C SER B 118 -12.78 36.66 23.72
N ASN B 119 -12.70 37.96 23.46
CA ASN B 119 -13.88 38.71 23.02
C ASN B 119 -14.41 38.28 21.67
N ILE B 120 -13.55 37.66 20.86
CA ILE B 120 -14.01 37.20 19.54
C ILE B 120 -13.97 35.69 19.32
N THR B 121 -13.06 35.01 20.00
CA THR B 121 -12.90 33.56 19.85
C THR B 121 -12.42 32.86 21.12
N ALA B 122 -12.87 31.62 21.32
CA ALA B 122 -12.39 30.75 22.41
C ALA B 122 -11.04 30.10 22.12
N ALA B 123 -10.45 30.39 20.95
CA ALA B 123 -9.24 29.70 20.49
C ALA B 123 -8.01 29.90 21.39
N SER B 124 -7.53 28.84 22.00
CA SER B 124 -6.50 29.00 23.00
C SER B 124 -5.19 29.63 22.51
N PHE B 125 -4.79 29.40 21.26
CA PHE B 125 -3.48 29.92 20.86
C PHE B 125 -3.53 31.46 20.73
N LEU B 126 -4.75 31.99 20.86
CA LEU B 126 -5.06 33.40 20.70
C LEU B 126 -5.56 34.05 22.02
N ASN B 127 -5.33 33.38 23.16
CA ASN B 127 -6.00 33.76 24.40
C ASN B 127 -5.15 34.64 25.39
N ALA B 128 -3.98 35.08 24.96
CA ALA B 128 -3.06 35.81 25.83
C ALA B 128 -2.08 36.65 24.99
N THR B 129 -1.82 37.87 25.46
CA THR B 129 -0.80 38.72 24.85
C THR B 129 0.54 38.01 24.94
N GLY B 130 1.27 38.01 23.82
CA GLY B 130 2.61 37.44 23.74
C GLY B 130 2.67 35.93 23.79
N LYS B 131 1.53 35.25 23.65
CA LYS B 131 1.49 33.79 23.62
C LYS B 131 2.16 33.22 22.35
N GLN B 132 2.96 32.22 22.54
CA GLN B 132 3.83 31.65 21.51
C GLN B 132 3.41 30.24 21.15
N THR B 133 3.05 30.07 19.85
CA THR B 133 2.76 28.75 19.33
C THR B 133 3.77 28.41 18.23
N PRO B 134 4.41 27.20 18.30
CA PRO B 134 5.26 26.77 17.17
C PRO B 134 4.44 26.56 15.88
N VAL B 135 5.02 26.90 14.74
CA VAL B 135 4.37 26.71 13.46
C VAL B 135 5.27 25.98 12.46
N PHE B 136 4.63 25.43 11.42
CA PHE B 136 5.35 24.97 10.24
C PHE B 136 4.53 25.40 9.05
N VAL B 137 5.22 25.98 8.07
CA VAL B 137 4.57 26.48 6.86
C VAL B 137 5.14 25.85 5.60
N ARG B 138 4.28 25.52 4.64
CA ARG B 138 4.76 25.05 3.34
C ARG B 138 4.10 25.89 2.26
N PHE B 139 4.93 26.43 1.37
CA PHE B 139 4.46 27.19 0.21
C PHE B 139 4.60 26.28 -0.98
N SER B 140 3.82 26.54 -2.03
CA SER B 140 3.81 25.68 -3.20
C SER B 140 3.20 26.38 -4.41
N THR B 141 3.37 25.79 -5.60
CA THR B 141 2.55 26.10 -6.77
C THR B 141 1.37 25.13 -6.78
N VAL B 142 0.64 25.00 -7.88
CA VAL B 142 -0.55 24.16 -7.84
C VAL B 142 -0.47 22.97 -8.83
N ALA B 143 -0.14 23.27 -10.08
CA ALA B 143 -0.32 22.34 -11.18
C ALA B 143 0.89 21.42 -11.43
N GLY B 144 2.09 21.95 -11.25
CA GLY B 144 3.33 21.25 -11.56
C GLY B 144 3.57 20.04 -10.69
N SER B 145 4.21 19.03 -11.25
CA SER B 145 4.66 17.94 -10.47
C SER B 145 5.91 18.38 -9.73
N ARG B 146 6.37 17.44 -8.91
N ARG B 146 6.40 17.45 -8.87
CA ARG B 146 7.66 17.61 -8.26
CA ARG B 146 7.36 17.86 -7.85
C ARG B 146 8.71 17.83 -9.34
C ARG B 146 8.75 18.34 -8.31
N GLY B 147 9.67 18.69 -9.08
N GLY B 147 9.06 18.23 -9.60
CA GLY B 147 10.73 18.95 -10.04
CA GLY B 147 10.38 18.66 -10.09
C GLY B 147 10.36 20.03 -11.04
C GLY B 147 10.30 19.89 -10.99
N SER B 148 9.09 20.49 -11.29
CA SER B 148 8.72 21.60 -12.13
C SER B 148 9.27 22.91 -11.52
N ALA B 149 9.34 23.94 -12.35
CA ALA B 149 10.02 25.13 -11.92
C ALA B 149 9.16 25.94 -10.94
N ASP B 150 9.80 26.63 -9.99
CA ASP B 150 9.10 27.47 -9.00
C ASP B 150 8.38 28.61 -9.67
N THR B 151 8.96 29.10 -10.77
CA THR B 151 8.51 30.34 -11.38
C THR B 151 7.65 30.13 -12.62
N ALA B 152 6.88 29.05 -12.61
CA ALA B 152 5.77 28.91 -13.55
C ALA B 152 4.68 29.90 -13.11
N ARG B 153 3.74 30.18 -14.02
CA ARG B 153 2.61 31.00 -13.63
C ARG B 153 1.61 30.11 -12.96
N ASP B 154 1.38 30.32 -11.68
CA ASP B 154 0.29 29.56 -11.05
C ASP B 154 -0.34 30.27 -9.83
N VAL B 155 -1.43 29.74 -9.33
CA VAL B 155 -1.84 30.07 -7.97
C VAL B 155 -0.79 29.46 -7.00
N HIS B 156 -0.65 30.04 -5.81
CA HIS B 156 0.37 29.52 -4.87
C HIS B 156 -0.21 29.12 -3.57
N GLY B 157 0.34 28.06 -2.99
CA GLY B 157 -0.16 27.56 -1.73
C GLY B 157 0.62 28.18 -0.60
N PHE B 158 -0.07 28.38 0.50
CA PHE B 158 0.47 28.99 1.71
C PHE B 158 -0.28 28.26 2.80
N ALA B 159 0.38 27.26 3.38
CA ALA B 159 -0.27 26.34 4.31
C ALA B 159 0.45 26.40 5.62
N THR B 160 -0.33 26.71 6.66
CA THR B 160 0.21 26.95 8.01
C THR B 160 -0.31 25.98 9.06
N ARG B 161 0.62 25.32 9.76
CA ARG B 161 0.27 24.56 10.92
C ARG B 161 0.66 25.32 12.19
N PHE B 162 -0.32 25.51 13.08
CA PHE B 162 -0.09 25.94 14.44
C PHE B 162 -0.22 24.73 15.38
N TYR B 163 0.89 24.40 16.02
CA TYR B 163 0.89 23.33 16.99
C TYR B 163 0.41 23.88 18.33
N THR B 164 -0.88 24.14 18.45
CA THR B 164 -1.40 24.76 19.67
C THR B 164 -1.44 23.81 20.87
N ASP B 165 -1.59 24.38 22.05
CA ASP B 165 -1.69 23.62 23.29
C ASP B 165 -3.10 23.07 23.45
N GLU B 166 -3.95 23.29 22.46
CA GLU B 166 -5.25 22.60 22.38
C GLU B 166 -5.44 21.73 21.12
N GLY B 167 -4.34 21.29 20.51
CA GLY B 167 -4.39 20.52 19.26
C GLY B 167 -3.71 21.23 18.10
N ASN B 168 -3.44 20.48 17.04
CA ASN B 168 -2.91 21.05 15.80
C ASN B 168 -4.00 21.80 15.03
N PHE B 169 -3.68 23.01 14.57
CA PHE B 169 -4.63 23.83 13.84
C PHE B 169 -3.98 24.26 12.52
N ASP B 170 -4.66 23.94 11.42
CA ASP B 170 -4.12 24.13 10.10
C ASP B 170 -4.95 25.15 9.37
N ILE B 171 -4.27 26.14 8.78
CA ILE B 171 -4.92 27.05 7.84
C ILE B 171 -4.27 26.80 6.48
N VAL B 172 -5.04 26.17 5.62
CA VAL B 172 -4.56 25.73 4.33
C VAL B 172 -5.08 26.72 3.27
N GLY B 173 -4.23 27.69 2.91
CA GLY B 173 -4.65 28.75 2.00
C GLY B 173 -3.74 29.00 0.83
N ASN B 174 -4.12 30.01 0.05
CA ASN B 174 -3.40 30.43 -1.17
C ASN B 174 -2.89 31.90 -1.13
N ASN B 175 -2.05 32.27 -2.10
CA ASN B 175 -1.59 33.66 -2.19
C ASN B 175 -2.59 34.49 -2.95
N ILE B 176 -3.72 33.89 -3.30
CA ILE B 176 -4.78 34.55 -4.01
C ILE B 176 -6.04 34.28 -3.18
N PRO B 177 -6.84 35.33 -2.89
CA PRO B 177 -7.92 35.19 -1.89
C PRO B 177 -9.20 34.53 -2.39
N VAL B 178 -9.29 34.22 -3.67
CA VAL B 178 -10.48 33.56 -4.23
C VAL B 178 -10.12 32.33 -5.08
N PHE B 179 -11.07 31.43 -5.24
CA PHE B 179 -10.80 30.17 -5.95
C PHE B 179 -11.66 30.00 -7.21
N PHE B 180 -11.22 29.13 -8.11
CA PHE B 180 -11.81 29.00 -9.43
C PHE B 180 -13.26 28.53 -9.44
N ILE B 181 -13.67 27.79 -8.42
CA ILE B 181 -14.90 27.01 -8.55
C ILE B 181 -15.71 27.11 -7.29
N GLN B 182 -17.00 26.80 -7.39
CA GLN B 182 -17.91 27.05 -6.28
C GLN B 182 -18.34 25.79 -5.53
N ASP B 183 -17.96 24.63 -6.04
CA ASP B 183 -18.32 23.37 -5.39
C ASP B 183 -17.09 22.43 -5.44
N ALA B 184 -16.77 21.80 -4.31
CA ALA B 184 -15.64 20.87 -4.26
C ALA B 184 -15.75 19.68 -5.28
N ILE B 185 -16.96 19.21 -5.55
CA ILE B 185 -17.19 18.11 -6.47
C ILE B 185 -16.61 18.41 -7.85
N GLN B 186 -16.28 19.67 -8.13
CA GLN B 186 -15.75 20.11 -9.44
C GLN B 186 -14.25 20.15 -9.50
N PHE B 187 -13.61 19.89 -8.36
CA PHE B 187 -12.17 20.00 -8.24
C PHE B 187 -11.43 19.16 -9.28
N PRO B 188 -11.86 17.89 -9.47
CA PRO B 188 -11.11 17.11 -10.45
C PRO B 188 -11.27 17.63 -11.85
N ASP B 189 -12.34 18.35 -12.12
CA ASP B 189 -12.56 18.85 -13.49
C ASP B 189 -11.59 20.02 -13.68
N LEU B 190 -11.58 20.94 -12.72
CA LEU B 190 -10.63 22.05 -12.75
C LEU B 190 -9.22 21.52 -12.92
N ILE B 191 -8.81 20.62 -12.02
CA ILE B 191 -7.46 20.08 -12.02
C ILE B 191 -7.09 19.23 -13.26
N HIS B 192 -8.00 18.40 -13.73
CA HIS B 192 -7.71 17.70 -14.96
C HIS B 192 -7.40 18.64 -16.12
N SER B 193 -8.16 19.74 -16.20
CA SER B 193 -8.12 20.63 -17.35
C SER B 193 -6.89 21.48 -17.30
N VAL B 194 -6.42 21.71 -16.08
CA VAL B 194 -5.32 22.62 -15.87
C VAL B 194 -3.96 21.93 -15.97
N LYS B 195 -3.91 20.68 -15.50
CA LYS B 195 -2.70 19.84 -15.62
C LYS B 195 -2.45 19.36 -17.06
N PRO B 196 -1.33 18.64 -17.29
CA PRO B 196 -0.98 18.27 -18.67
C PRO B 196 -2.03 17.40 -19.33
N ARG B 197 -2.12 17.50 -20.65
CA ARG B 197 -3.08 16.72 -21.39
C ARG B 197 -2.78 15.23 -21.16
N PRO B 198 -3.84 14.46 -20.88
CA PRO B 198 -3.73 13.04 -20.51
C PRO B 198 -3.26 12.10 -21.62
N ASP B 199 -3.15 12.57 -22.86
CA ASP B 199 -2.62 11.68 -23.89
C ASP B 199 -1.10 11.71 -23.99
N ASN B 200 -0.52 12.89 -23.91
CA ASN B 200 0.93 12.98 -24.02
C ASN B 200 1.62 13.65 -22.83
N GLU B 201 0.88 13.97 -21.83
CA GLU B 201 1.42 14.71 -20.68
C GLU B 201 2.16 15.99 -21.07
N ILE B 202 1.50 16.86 -21.75
CA ILE B 202 2.03 18.16 -22.16
C ILE B 202 0.91 19.21 -21.99
N PRO B 203 1.22 20.39 -21.45
CA PRO B 203 2.49 20.97 -20.98
C PRO B 203 2.64 20.96 -19.46
N GLN B 204 3.87 20.81 -18.97
CA GLN B 204 4.12 20.84 -17.54
C GLN B 204 3.80 22.22 -16.99
N ALA B 205 3.25 22.27 -15.78
CA ALA B 205 3.10 23.52 -14.99
C ALA B 205 2.59 24.73 -15.81
N ALA B 206 1.45 24.59 -16.43
CA ALA B 206 1.01 25.69 -17.27
C ALA B 206 -0.46 25.59 -17.68
N THR B 207 -1.11 26.76 -17.70
CA THR B 207 -2.52 26.86 -18.12
C THR B 207 -2.59 27.16 -19.63
N ALA B 208 -1.43 27.35 -20.25
CA ALA B 208 -1.30 27.75 -21.65
C ALA B 208 -1.58 26.65 -22.67
N HIS B 209 -2.77 26.06 -22.62
CA HIS B 209 -3.14 24.97 -23.53
C HIS B 209 -4.63 24.88 -23.57
N ASP B 210 -5.17 24.16 -24.55
CA ASP B 210 -6.61 24.16 -24.86
C ASP B 210 -7.55 23.86 -23.72
N SER B 211 -7.27 22.78 -22.98
CA SER B 211 -8.23 22.25 -22.00
C SER B 211 -8.49 23.25 -20.88
N ALA B 212 -7.43 23.91 -20.41
CA ALA B 212 -7.56 24.85 -19.30
C ALA B 212 -8.54 25.96 -19.68
N TRP B 213 -8.32 26.57 -20.84
CA TRP B 213 -9.15 27.64 -21.33
C TRP B 213 -10.49 27.15 -21.78
N ASP B 214 -10.59 25.89 -22.21
CA ASP B 214 -11.90 25.34 -22.50
C ASP B 214 -12.67 25.36 -21.20
N PHE B 215 -11.98 25.00 -20.11
CA PHE B 215 -12.66 24.93 -18.84
C PHE B 215 -13.00 26.31 -18.34
N PHE B 216 -12.02 27.20 -18.35
CA PHE B 216 -12.25 28.56 -17.87
C PHE B 216 -13.42 29.21 -18.61
N SER B 217 -13.47 29.03 -19.93
CA SER B 217 -14.51 29.64 -20.75
C SER B 217 -15.90 29.03 -20.52
N GLN B 218 -15.96 27.77 -20.14
CA GLN B 218 -17.25 27.11 -19.88
C GLN B 218 -17.68 27.23 -18.41
N GLN B 219 -16.74 27.58 -17.54
CA GLN B 219 -17.01 27.64 -16.11
C GLN B 219 -16.68 29.04 -15.59
N PRO B 220 -17.54 30.01 -15.92
CA PRO B 220 -17.26 31.44 -15.70
C PRO B 220 -16.90 31.79 -14.26
N SER B 221 -17.33 30.98 -13.29
CA SER B 221 -16.90 31.16 -11.90
C SER B 221 -15.42 31.39 -11.77
N THR B 222 -14.66 30.96 -12.75
CA THR B 222 -13.21 31.04 -12.67
C THR B 222 -12.62 32.39 -13.02
N MET B 223 -13.43 33.29 -13.56
CA MET B 223 -12.93 34.56 -14.03
C MET B 223 -12.13 35.27 -12.97
N HIS B 224 -12.65 35.32 -11.76
CA HIS B 224 -11.99 36.08 -10.74
C HIS B 224 -10.57 35.61 -10.48
N THR B 225 -10.44 34.32 -10.11
CA THR B 225 -9.13 33.73 -9.82
C THR B 225 -8.24 33.84 -11.06
N LEU B 226 -8.82 33.54 -12.23
CA LEU B 226 -8.09 33.65 -13.50
C LEU B 226 -7.43 35.04 -13.68
N PHE B 227 -8.17 36.12 -13.40
CA PHE B 227 -7.61 37.47 -13.46
C PHE B 227 -6.45 37.65 -12.49
N TRP B 228 -6.63 37.20 -11.25
CA TRP B 228 -5.54 37.20 -10.28
C TRP B 228 -4.32 36.46 -10.75
N ALA B 229 -4.53 35.27 -11.33
CA ALA B 229 -3.42 34.43 -11.75
C ALA B 229 -2.71 35.04 -12.95
N MET B 230 -3.48 35.74 -13.78
CA MET B 230 -2.93 36.42 -14.95
C MET B 230 -2.22 37.73 -14.60
N SER B 231 -2.46 38.24 -13.39
CA SER B 231 -1.69 39.37 -12.89
C SER B 231 -0.32 38.92 -12.43
N GLY B 232 0.38 39.78 -11.69
CA GLY B 232 1.70 39.49 -11.13
C GLY B 232 1.62 38.51 -9.97
N HIS B 233 0.41 38.38 -9.44
CA HIS B 233 0.14 37.41 -8.39
C HIS B 233 0.43 36.01 -8.84
N GLY B 234 0.41 35.78 -10.16
CA GLY B 234 0.72 34.49 -10.72
C GLY B 234 2.22 34.22 -10.70
N ILE B 235 3.03 35.26 -10.55
CA ILE B 235 4.49 35.09 -10.59
C ILE B 235 5.22 35.94 -9.55
N PRO B 236 4.97 35.68 -8.26
CA PRO B 236 5.61 36.44 -7.19
C PRO B 236 7.12 36.34 -7.22
N ARG B 237 7.78 37.39 -6.73
CA ARG B 237 9.24 37.44 -6.65
C ARG B 237 9.81 36.41 -5.66
N SER B 238 9.05 36.11 -4.61
CA SER B 238 9.44 35.08 -3.67
C SER B 238 8.22 34.71 -2.84
N TYR B 239 8.34 33.66 -2.01
CA TYR B 239 7.26 33.28 -1.13
C TYR B 239 7.06 34.42 -0.10
N ARG B 240 8.17 35.07 0.22
CA ARG B 240 8.23 36.12 1.23
C ARG B 240 7.51 37.39 0.76
N HIS B 241 7.38 37.55 -0.55
CA HIS B 241 6.77 38.75 -1.11
C HIS B 241 5.41 38.48 -1.62
N MET B 242 4.69 37.60 -0.92
CA MET B 242 3.28 37.35 -1.24
C MET B 242 2.50 37.16 0.05
N ASP B 243 1.19 37.31 -0.05
CA ASP B 243 0.29 37.16 1.08
C ASP B 243 -0.32 35.73 1.16
N GLY B 244 -0.97 35.43 2.28
CA GLY B 244 -1.71 34.19 2.45
C GLY B 244 -3.15 34.51 2.69
N PHE B 245 -4.05 33.71 2.13
CA PHE B 245 -5.46 33.87 2.39
C PHE B 245 -6.15 32.56 2.67
N GLY B 246 -7.04 32.54 3.65
CA GLY B 246 -7.89 31.38 3.93
C GLY B 246 -8.89 31.10 2.83
N VAL B 247 -9.11 32.08 1.94
CA VAL B 247 -10.14 31.98 0.88
C VAL B 247 -11.57 31.88 1.41
N HIS B 248 -11.94 30.76 2.03
CA HIS B 248 -13.31 30.60 2.58
C HIS B 248 -13.61 31.50 3.74
N THR B 249 -14.89 31.77 3.93
CA THR B 249 -15.39 32.31 5.19
C THR B 249 -15.39 31.18 6.25
N PHE B 250 -14.77 31.44 7.40
CA PHE B 250 -14.92 30.56 8.55
C PHE B 250 -15.75 31.23 9.64
N ARG B 251 -15.84 30.60 10.81
CA ARG B 251 -16.50 31.18 11.99
C ARG B 251 -15.55 31.27 13.17
N PHE B 252 -15.53 32.41 13.83
CA PHE B 252 -14.98 32.49 15.19
C PHE B 252 -16.08 32.16 16.17
N VAL B 253 -15.75 31.41 17.22
CA VAL B 253 -16.77 30.97 18.19
C VAL B 253 -16.26 31.20 19.61
N LYS B 254 -17.09 31.86 20.42
CA LYS B 254 -16.77 32.23 21.81
C LYS B 254 -17.34 31.16 22.75
N ASP B 255 -16.78 31.06 23.96
CA ASP B 255 -17.22 30.04 24.92
C ASP B 255 -18.75 30.10 25.18
N ASP B 256 -19.33 31.29 25.09
CA ASP B 256 -20.81 31.44 25.22
C ASP B 256 -21.62 30.85 24.05
N GLY B 257 -20.91 30.36 23.03
CA GLY B 257 -21.57 29.76 21.88
C GLY B 257 -21.90 30.68 20.72
N SER B 258 -21.55 31.97 20.82
CA SER B 258 -21.86 32.92 19.75
C SER B 258 -20.77 32.95 18.67
N SER B 259 -21.16 33.29 17.46
CA SER B 259 -20.27 33.22 16.31
C SER B 259 -20.26 34.48 15.46
N LYS B 260 -19.07 34.85 15.01
CA LYS B 260 -18.89 35.84 13.95
C LYS B 260 -18.34 35.12 12.71
N LEU B 261 -18.59 35.68 11.52
CA LEU B 261 -18.02 35.16 10.28
C LEU B 261 -16.66 35.82 10.04
N ILE B 262 -15.66 35.02 9.62
CA ILE B 262 -14.32 35.57 9.41
C ILE B 262 -13.64 35.20 8.09
N LYS B 263 -12.60 35.97 7.76
CA LYS B 263 -11.74 35.73 6.63
C LYS B 263 -10.28 35.95 7.09
N TRP B 264 -9.41 34.97 6.82
CA TRP B 264 -8.01 35.05 7.22
C TRP B 264 -7.25 35.76 6.17
N HIS B 265 -6.32 36.62 6.60
CA HIS B 265 -5.36 37.31 5.72
C HIS B 265 -4.03 37.29 6.38
N PHE B 266 -3.01 36.79 5.68
CA PHE B 266 -1.62 36.86 6.14
C PHE B 266 -0.89 37.95 5.35
N LYS B 267 -0.68 39.11 5.94
CA LYS B 267 -0.09 40.23 5.20
C LYS B 267 1.43 40.21 5.32
N SER B 268 2.10 40.23 4.17
CA SER B 268 3.56 40.14 4.13
C SER B 268 4.24 41.41 4.62
N ARG B 269 5.11 41.24 5.60
CA ARG B 269 5.93 42.35 6.08
C ARG B 269 7.14 42.65 5.21
N GLN B 270 7.33 41.88 4.14
CA GLN B 270 8.45 42.13 3.23
C GLN B 270 7.94 42.91 2.02
N GLY B 271 6.62 43.13 1.97
CA GLY B 271 5.96 43.83 0.87
C GLY B 271 5.64 42.92 -0.30
N LYS B 272 4.86 43.43 -1.23
CA LYS B 272 4.50 42.69 -2.43
C LYS B 272 5.40 43.02 -3.63
N ALA B 273 5.89 41.98 -4.31
CA ALA B 273 6.74 42.12 -5.50
C ALA B 273 6.57 40.92 -6.40
N SER B 274 6.71 41.13 -7.70
CA SER B 274 6.55 40.06 -8.66
C SER B 274 7.50 40.17 -9.84
N LEU B 275 7.74 39.04 -10.51
CA LEU B 275 8.62 39.02 -11.67
C LEU B 275 7.83 39.50 -12.88
N VAL B 276 8.53 39.75 -13.98
CA VAL B 276 7.83 39.95 -15.25
C VAL B 276 7.94 38.62 -15.98
N TRP B 277 6.91 38.31 -16.74
CA TRP B 277 6.85 37.05 -17.48
C TRP B 277 8.13 36.63 -18.16
N GLU B 278 8.60 37.44 -19.10
CA GLU B 278 9.76 37.08 -19.93
C GLU B 278 10.96 36.71 -19.06
N GLU B 279 10.99 37.29 -17.86
CA GLU B 279 12.03 37.01 -16.87
C GLU B 279 11.78 35.65 -16.18
N ALA B 280 10.53 35.42 -15.78
CA ALA B 280 10.11 34.16 -15.13
C ALA B 280 10.40 32.93 -15.98
N GLN B 281 10.14 33.03 -17.30
CA GLN B 281 10.43 31.95 -18.24
C GLN B 281 11.88 31.59 -18.23
N VAL B 282 12.76 32.60 -18.29
CA VAL B 282 14.19 32.31 -18.27
C VAL B 282 14.57 31.68 -16.93
N LEU B 283 14.08 32.28 -15.84
CA LEU B 283 14.40 31.81 -14.47
C LEU B 283 14.06 30.33 -14.25
N SER B 284 12.89 29.91 -14.76
CA SER B 284 12.45 28.53 -14.74
C SER B 284 13.51 27.60 -15.29
N GLY B 285 14.23 28.03 -16.32
CA GLY B 285 15.34 27.26 -16.89
C GLY B 285 16.64 27.38 -16.12
N LYS B 286 17.01 28.63 -15.77
CA LYS B 286 18.30 28.91 -15.11
C LYS B 286 18.29 28.43 -13.66
N ASN B 287 17.12 28.48 -13.02
CA ASN B 287 16.97 28.07 -11.63
C ASN B 287 15.57 27.64 -11.22
N ALA B 288 15.28 26.36 -11.42
CA ALA B 288 13.98 25.80 -11.11
C ALA B 288 13.68 25.97 -9.61
N ASP B 289 14.76 26.16 -8.83
CA ASP B 289 14.69 26.14 -7.39
C ASP B 289 14.65 27.53 -6.78
N PHE B 290 14.37 28.53 -7.62
CA PHE B 290 14.53 29.92 -7.20
C PHE B 290 13.85 30.27 -5.88
N HIS B 291 12.53 30.05 -5.78
CA HIS B 291 11.78 30.34 -4.57
C HIS B 291 12.24 29.56 -3.36
N ARG B 292 12.57 28.29 -3.52
CA ARG B 292 12.99 27.57 -2.35
C ARG B 292 14.39 28.00 -1.88
N GLN B 293 15.27 28.33 -2.82
CA GLN B 293 16.61 28.81 -2.48
C GLN B 293 16.53 30.15 -1.76
N ASP B 294 15.60 30.99 -2.23
CA ASP B 294 15.38 32.30 -1.64
C ASP B 294 14.95 32.16 -0.18
N LEU B 295 13.92 31.37 0.09
CA LEU B 295 13.40 31.18 1.45
C LEU B 295 14.44 30.58 2.38
N TRP B 296 15.17 29.59 1.86
CA TRP B 296 16.23 28.94 2.61
C TRP B 296 17.29 29.92 3.03
N ASP B 297 17.72 30.71 2.05
CA ASP B 297 18.76 31.73 2.26
C ASP B 297 18.31 32.80 3.27
N ALA B 298 17.10 33.34 3.10
CA ALA B 298 16.60 34.39 3.98
C ALA B 298 16.70 33.94 5.43
N ILE B 299 16.36 32.68 5.66
CA ILE B 299 16.31 32.11 6.98
C ILE B 299 17.72 31.84 7.51
N GLU B 300 18.62 31.36 6.65
CA GLU B 300 20.00 31.10 7.10
C GLU B 300 20.68 32.37 7.60
N SER B 301 20.37 33.50 6.96
CA SER B 301 21.08 34.76 7.18
C SER B 301 20.43 35.61 8.29
N GLY B 302 19.48 35.02 8.99
CA GLY B 302 18.81 35.71 10.08
C GLY B 302 17.75 36.67 9.61
N ASN B 303 17.35 36.58 8.34
CA ASN B 303 16.25 37.41 7.83
C ASN B 303 14.93 36.68 7.66
N GLY B 304 14.53 35.92 8.67
CA GLY B 304 13.25 35.19 8.64
C GLY B 304 12.11 36.08 8.15
N PRO B 305 11.31 35.62 7.16
CA PRO B 305 10.19 36.44 6.69
C PRO B 305 9.10 36.47 7.73
N GLU B 306 8.25 37.51 7.66
CA GLU B 306 7.18 37.71 8.66
C GLU B 306 5.87 38.10 8.01
N TRP B 307 4.77 37.77 8.68
CA TRP B 307 3.44 38.16 8.23
C TRP B 307 2.59 38.54 9.39
N ASP B 308 1.74 39.53 9.18
CA ASP B 308 0.75 39.86 10.17
C ASP B 308 -0.43 38.95 9.89
N VAL B 309 -0.79 38.17 10.89
CA VAL B 309 -1.96 37.31 10.79
C VAL B 309 -3.16 38.14 11.17
N CYS B 310 -4.06 38.36 10.20
CA CYS B 310 -5.17 39.29 10.35
C CYS B 310 -6.49 38.63 9.96
N VAL B 311 -7.59 39.16 10.49
CA VAL B 311 -8.93 38.73 10.06
C VAL B 311 -9.85 39.91 9.76
N GLN B 312 -10.79 39.65 8.85
CA GLN B 312 -11.97 40.47 8.73
C GLN B 312 -13.03 39.78 9.59
N ILE B 313 -13.76 40.54 10.41
CA ILE B 313 -14.81 39.97 11.26
C ILE B 313 -16.14 40.65 10.97
N VAL B 314 -17.16 39.86 10.64
CA VAL B 314 -18.47 40.40 10.36
C VAL B 314 -19.53 39.55 11.02
N ASP B 315 -20.78 39.99 10.95
CA ASP B 315 -21.86 39.34 11.69
C ASP B 315 -22.54 38.32 10.82
N GLU B 316 -23.09 37.30 11.48
CA GLU B 316 -23.92 36.32 10.80
C GLU B 316 -24.99 36.98 9.93
N SER B 317 -25.57 38.09 10.42
CA SER B 317 -26.62 38.82 9.68
C SER B 317 -26.11 39.40 8.35
N GLN B 318 -24.80 39.64 8.27
CA GLN B 318 -24.18 40.25 7.08
C GLN B 318 -23.78 39.26 5.97
N ALA B 319 -24.30 38.07 6.06
CA ALA B 319 -24.00 37.03 5.06
C ALA B 319 -24.21 37.51 3.63
N GLN B 320 -25.25 38.31 3.42
CA GLN B 320 -25.59 38.75 2.06
C GLN B 320 -25.67 40.28 1.91
N ALA B 321 -25.10 40.97 2.89
CA ALA B 321 -25.13 42.44 3.00
C ALA B 321 -24.12 43.17 2.12
N PHE B 322 -23.27 42.44 1.39
CA PHE B 322 -22.26 43.09 0.57
C PHE B 322 -22.50 42.89 -0.92
N GLY B 323 -23.67 42.39 -1.29
CA GLY B 323 -24.02 42.23 -2.70
C GLY B 323 -23.49 40.95 -3.33
N PHE B 324 -23.09 40.02 -2.46
CA PHE B 324 -22.69 38.66 -2.84
C PHE B 324 -22.82 37.76 -1.61
N ASP B 325 -22.87 36.43 -1.83
CA ASP B 325 -23.03 35.45 -0.75
C ASP B 325 -21.67 35.17 -0.13
N LEU B 326 -21.56 35.21 1.19
CA LEU B 326 -20.26 35.01 1.86
C LEU B 326 -19.84 33.53 1.89
N LEU B 327 -20.76 32.64 1.52
CA LEU B 327 -20.43 31.25 1.31
C LEU B 327 -19.81 31.01 -0.08
N ASP B 328 -19.60 32.08 -0.83
CA ASP B 328 -19.10 31.94 -2.19
C ASP B 328 -17.59 32.18 -2.22
N PRO B 329 -16.78 31.13 -2.49
CA PRO B 329 -15.34 31.29 -2.42
C PRO B 329 -14.73 31.99 -3.65
N THR B 330 -15.57 32.49 -4.56
CA THR B 330 -15.11 33.26 -5.71
C THR B 330 -15.16 34.77 -5.46
N LYS B 331 -15.42 35.17 -4.21
CA LYS B 331 -15.59 36.59 -3.86
C LYS B 331 -14.74 37.02 -2.65
N ILE B 332 -14.32 38.29 -2.67
CA ILE B 332 -13.71 38.94 -1.52
C ILE B 332 -14.68 39.93 -0.87
N ILE B 333 -14.49 40.15 0.43
CA ILE B 333 -15.08 41.28 1.11
C ILE B 333 -14.09 42.43 0.89
N PRO B 334 -14.47 43.46 0.11
CA PRO B 334 -13.49 44.53 -0.10
C PRO B 334 -13.15 45.21 1.22
N GLU B 335 -11.87 45.55 1.41
CA GLU B 335 -11.39 46.20 2.63
C GLU B 335 -12.19 47.45 3.05
N GLU B 336 -12.75 48.15 2.05
CA GLU B 336 -13.64 49.30 2.24
C GLU B 336 -14.85 48.99 3.12
N TYR B 337 -15.45 47.66 2.97
CA TYR B 337 -16.64 47.27 3.72
C TYR B 337 -16.37 46.54 5.04
N ALA B 338 -15.02 46.09 5.34
CA ALA B 338 -14.64 45.41 6.56
C ALA B 338 -13.14 45.54 6.73
N PRO B 339 -12.70 46.35 7.70
CA PRO B 339 -11.25 46.51 7.88
C PRO B 339 -10.60 45.26 8.53
N LEU B 340 -9.29 45.12 8.31
CA LEU B 340 -8.53 44.01 8.86
C LEU B 340 -8.17 44.26 10.32
N THR B 341 -8.27 43.21 11.15
CA THR B 341 -7.74 43.26 12.50
C THR B 341 -6.49 42.39 12.60
N LYS B 342 -5.38 43.02 12.95
CA LYS B 342 -4.10 42.37 13.21
C LYS B 342 -4.19 41.52 14.50
N LEU B 343 -4.05 40.19 14.41
CA LEU B 343 -4.24 39.30 15.57
C LEU B 343 -2.92 38.89 16.24
N GLY B 344 -1.85 38.84 15.43
CA GLY B 344 -0.56 38.34 15.89
C GLY B 344 0.46 38.30 14.77
N LEU B 345 1.66 37.86 15.12
CA LEU B 345 2.78 37.82 14.19
C LEU B 345 3.26 36.39 13.91
N LEU B 346 3.41 36.08 12.63
CA LEU B 346 3.97 34.82 12.19
C LEU B 346 5.35 35.07 11.61
N LYS B 347 6.33 34.29 12.07
CA LYS B 347 7.71 34.43 11.59
C LYS B 347 8.33 33.07 11.39
N LEU B 348 9.00 32.90 10.26
CA LEU B 348 9.70 31.67 9.96
C LEU B 348 11.16 31.91 10.20
N ASP B 349 11.76 31.12 11.07
CA ASP B 349 13.18 31.35 11.35
C ASP B 349 14.05 30.10 11.41
N ARG B 350 13.49 28.89 11.04
CA ARG B 350 14.28 27.67 11.07
C ARG B 350 13.99 26.79 9.85
N ASN B 351 15.08 26.48 9.16
CA ASN B 351 15.01 25.53 8.06
C ASN B 351 14.90 24.11 8.61
N PRO B 352 14.22 23.20 7.87
CA PRO B 352 14.22 21.77 8.22
C PRO B 352 15.61 21.15 8.09
N THR B 353 15.76 19.95 8.64
CA THR B 353 17.04 19.20 8.69
C THR B 353 17.00 18.18 7.58
N ASN B 354 15.83 17.55 7.42
CA ASN B 354 15.62 16.63 6.33
C ASN B 354 14.35 17.01 5.57
N TYR B 355 14.52 17.37 4.28
CA TYR B 355 13.41 17.80 3.44
C TYR B 355 12.32 16.74 3.33
N PHE B 356 12.71 15.52 2.96
CA PHE B 356 11.72 14.50 2.83
C PHE B 356 10.92 14.32 4.12
N ALA B 357 11.63 14.10 5.24
CA ALA B 357 11.00 13.76 6.51
C ALA B 357 10.08 14.87 7.02
N GLU B 358 10.43 16.11 6.72
CA GLU B 358 9.64 17.24 7.22
C GLU B 358 8.73 17.83 6.15
N THR B 359 9.32 18.45 5.13
CA THR B 359 8.54 19.07 4.07
C THR B 359 7.70 18.10 3.23
N GLU B 360 8.27 16.99 2.83
CA GLU B 360 7.52 16.09 1.95
C GLU B 360 6.40 15.41 2.72
N GLN B 361 6.69 15.03 3.98
CA GLN B 361 5.74 14.28 4.79
C GLN B 361 4.65 15.11 5.52
N VAL B 362 4.79 16.43 5.56
CA VAL B 362 3.78 17.21 6.29
C VAL B 362 2.42 17.01 5.61
N MET B 363 1.38 16.75 6.40
CA MET B 363 0.09 16.49 5.83
C MET B 363 -0.99 17.38 6.44
N PHE B 364 -1.35 18.43 5.71
CA PHE B 364 -2.24 19.46 6.22
C PHE B 364 -3.66 18.98 6.05
N GLN B 365 -4.54 19.54 6.87
CA GLN B 365 -5.94 19.22 6.81
C GLN B 365 -6.74 20.38 7.36
N PRO B 366 -7.75 20.87 6.59
CA PRO B 366 -8.68 21.82 7.20
C PRO B 366 -9.45 21.15 8.33
N GLY B 367 -9.55 19.84 8.27
CA GLY B 367 -10.17 19.06 9.35
C GLY B 367 -9.42 19.19 10.66
N HIS B 368 -8.19 19.70 10.62
CA HIS B 368 -7.44 20.05 11.84
C HIS B 368 -7.91 21.37 12.37
N ILE B 369 -9.01 21.31 13.12
CA ILE B 369 -9.66 22.49 13.68
C ILE B 369 -9.58 22.44 15.22
N VAL B 370 -9.68 23.60 15.86
CA VAL B 370 -9.66 23.68 17.30
C VAL B 370 -10.87 24.45 17.80
N ARG B 371 -11.20 24.22 19.08
CA ARG B 371 -12.21 25.01 19.81
C ARG B 371 -12.01 26.51 19.59
N GLY B 372 -13.09 27.17 19.14
CA GLY B 372 -13.04 28.59 18.82
C GLY B 372 -13.18 28.93 17.34
N ILE B 373 -13.03 27.93 16.48
CA ILE B 373 -13.22 28.07 15.04
C ILE B 373 -14.21 27.02 14.59
N ASP B 374 -14.98 27.32 13.56
CA ASP B 374 -15.92 26.35 12.99
C ASP B 374 -15.97 26.61 11.50
N PHE B 375 -16.61 25.71 10.77
CA PHE B 375 -16.71 25.79 9.33
C PHE B 375 -17.92 26.62 8.95
N THR B 376 -18.04 26.95 7.67
CA THR B 376 -19.30 27.48 7.12
C THR B 376 -19.76 26.59 5.98
N GLU B 377 -20.96 26.86 5.48
CA GLU B 377 -21.62 26.04 4.45
C GLU B 377 -21.10 26.36 3.04
N ASP B 378 -19.87 26.81 2.94
CA ASP B 378 -19.24 27.07 1.65
C ASP B 378 -19.00 25.71 0.97
N PRO B 379 -19.75 25.40 -0.11
CA PRO B 379 -19.72 24.06 -0.72
C PRO B 379 -18.36 23.64 -1.27
N LEU B 380 -17.44 24.59 -1.39
CA LEU B 380 -16.05 24.26 -1.69
C LEU B 380 -15.31 23.79 -0.41
N LEU B 381 -15.38 24.60 0.65
CA LEU B 381 -14.81 24.21 1.94
C LEU B 381 -15.33 22.84 2.41
N GLN B 382 -16.65 22.64 2.32
CA GLN B 382 -17.27 21.40 2.78
C GLN B 382 -16.60 20.14 2.23
N GLY B 383 -16.41 20.10 0.91
CA GLY B 383 -15.76 18.97 0.25
C GLY B 383 -14.29 18.77 0.61
N ARG B 384 -13.57 19.89 0.77
CA ARG B 384 -12.19 19.83 1.21
C ARG B 384 -12.05 18.98 2.46
N LEU B 385 -13.04 19.06 3.35
CA LEU B 385 -12.91 18.36 4.61
C LEU B 385 -12.67 16.84 4.39
N PHE B 386 -13.47 16.23 3.52
CA PHE B 386 -13.31 14.83 3.14
C PHE B 386 -11.98 14.49 2.45
N SER B 387 -11.64 15.25 1.41
CA SER B 387 -10.48 14.99 0.59
C SER B 387 -9.13 14.93 1.34
N TYR B 388 -8.85 15.91 2.19
CA TYR B 388 -7.53 15.95 2.87
C TYR B 388 -7.32 14.80 3.85
N LEU B 389 -8.39 14.24 4.39
CA LEU B 389 -8.22 13.06 5.25
C LEU B 389 -8.00 11.82 4.37
N ASP B 390 -8.72 11.72 3.26
CA ASP B 390 -8.62 10.56 2.40
C ASP B 390 -7.28 10.46 1.68
N THR B 391 -6.81 11.57 1.13
CA THR B 391 -5.61 11.54 0.34
C THR B 391 -4.35 11.10 1.13
N GLN B 392 -4.31 11.27 2.46
CA GLN B 392 -3.07 10.93 3.17
C GLN B 392 -2.86 9.43 3.18
N LEU B 393 -3.96 8.69 3.01
CA LEU B 393 -3.86 7.25 2.82
C LEU B 393 -3.05 6.94 1.58
N ASN B 394 -3.24 7.72 0.53
CA ASN B 394 -2.50 7.52 -0.70
C ASN B 394 -1.03 7.81 -0.46
N ARG B 395 -0.76 8.92 0.23
CA ARG B 395 0.59 9.43 0.36
C ARG B 395 1.38 8.66 1.36
N ASN B 396 0.72 8.20 2.42
CA ASN B 396 1.41 7.52 3.50
C ASN B 396 1.34 6.00 3.38
N GLY B 397 0.39 5.53 2.57
CA GLY B 397 0.19 4.09 2.36
C GLY B 397 -0.45 3.38 3.55
N GLY B 398 -0.94 4.14 4.51
CA GLY B 398 -1.44 3.59 5.75
C GLY B 398 -2.05 4.67 6.59
N PRO B 399 -2.81 4.26 7.61
CA PRO B 399 -3.72 5.11 8.39
C PRO B 399 -3.07 5.88 9.58
N ASN B 400 -1.79 5.62 9.87
CA ASN B 400 -1.14 6.22 11.02
C ASN B 400 -0.21 7.37 10.65
N PHE B 401 -0.56 8.08 9.59
CA PHE B 401 0.19 9.25 9.19
C PHE B 401 0.30 10.35 10.24
N GLU B 402 -0.65 10.45 11.18
CA GLU B 402 -0.54 11.50 12.22
C GLU B 402 0.53 11.16 13.25
N GLN B 403 1.17 10.00 13.09
CA GLN B 403 2.22 9.59 14.01
C GLN B 403 3.60 9.98 13.49
N LEU B 404 3.66 10.57 12.30
CA LEU B 404 4.95 11.02 11.76
C LEU B 404 5.35 12.25 12.54
N PRO B 405 6.63 12.35 12.93
CA PRO B 405 7.05 13.43 13.83
C PRO B 405 6.50 14.79 13.40
N ILE B 406 6.50 15.11 12.12
CA ILE B 406 6.05 16.43 11.67
C ILE B 406 4.55 16.62 11.80
N ASN B 407 3.80 15.55 12.00
CA ASN B 407 2.35 15.62 12.06
C ASN B 407 1.84 15.39 13.48
N MET B 408 2.72 14.93 14.37
CA MET B 408 2.36 14.75 15.79
C MET B 408 1.95 16.10 16.42
N PRO B 409 1.00 16.06 17.37
CA PRO B 409 0.72 17.28 18.10
C PRO B 409 1.77 17.49 19.25
N ARG B 410 1.75 18.65 19.90
CA ARG B 410 2.61 18.89 21.09
C ARG B 410 1.88 18.66 22.43
N VAL B 411 0.72 18.00 22.39
CA VAL B 411 -0.04 17.69 23.60
C VAL B 411 -0.33 16.20 23.61
N PRO B 412 -0.78 15.63 24.75
CA PRO B 412 -1.09 14.20 24.80
C PRO B 412 -2.27 13.81 23.91
N ILE B 413 -2.31 12.55 23.51
CA ILE B 413 -3.41 12.00 22.70
C ILE B 413 -4.16 10.95 23.53
N HIS B 414 -5.49 11.10 23.59
CA HIS B 414 -6.34 10.15 24.30
C HIS B 414 -7.50 9.75 23.44
N ASN B 415 -7.42 8.56 22.84
CA ASN B 415 -8.57 7.97 22.13
C ASN B 415 -8.47 6.49 21.90
N ASN B 416 -9.51 5.94 21.28
CA ASN B 416 -9.59 4.50 21.06
C ASN B 416 -9.23 3.97 19.69
N ASN B 417 -8.61 4.81 18.86
CA ASN B 417 -8.02 4.37 17.60
C ASN B 417 -6.95 3.34 17.88
N ARG B 418 -7.00 2.23 17.16
CA ARG B 418 -6.02 1.19 17.38
C ARG B 418 -5.50 0.64 16.08
N ASP B 419 -4.38 -0.09 16.18
CA ASP B 419 -3.85 -0.94 15.11
C ASP B 419 -3.52 -0.17 13.85
N GLY B 420 -3.83 -0.73 12.68
CA GLY B 420 -3.38 -0.16 11.42
C GLY B 420 -1.90 -0.39 11.15
N ALA B 421 -1.55 -0.42 9.88
CA ALA B 421 -0.16 -0.58 9.51
C ALA B 421 0.66 0.62 10.04
N GLY B 422 1.89 0.33 10.44
CA GLY B 422 2.79 1.34 10.98
C GLY B 422 2.34 1.89 12.30
N GLN B 423 1.65 1.09 13.10
CA GLN B 423 1.27 1.52 14.44
C GLN B 423 2.54 1.73 15.27
N MET B 424 2.74 2.95 15.77
CA MET B 424 3.96 3.27 16.51
C MET B 424 3.76 3.38 18.04
N PHE B 425 2.53 3.29 18.53
CA PHE B 425 2.29 3.42 19.95
C PHE B 425 2.07 2.03 20.50
N ILE B 426 2.25 1.89 21.81
CA ILE B 426 1.85 0.71 22.52
C ILE B 426 0.80 1.21 23.53
N HIS B 427 -0.48 0.98 23.27
CA HIS B 427 -1.57 1.49 24.11
C HIS B 427 -1.72 0.71 25.37
N ARG B 428 -1.83 1.40 26.51
CA ARG B 428 -2.00 0.74 27.82
C ARG B 428 -3.45 0.37 28.13
N ASN B 429 -4.40 1.17 27.65
CA ASN B 429 -5.80 0.96 27.89
C ASN B 429 -6.31 -0.21 27.10
N LYS B 430 -6.66 -1.28 27.78
CA LYS B 430 -7.04 -2.51 27.12
C LYS B 430 -8.55 -2.63 26.99
N TYR B 431 -9.25 -1.51 27.22
CA TYR B 431 -10.71 -1.43 27.01
C TYR B 431 -11.00 -0.25 26.09
N PRO B 432 -10.56 -0.35 24.82
CA PRO B 432 -10.75 0.78 23.93
C PRO B 432 -12.15 0.81 23.30
N TYR B 433 -13.18 0.92 24.14
CA TYR B 433 -14.54 1.19 23.70
C TYR B 433 -15.24 2.16 24.66
N THR B 434 -16.29 2.81 24.15
CA THR B 434 -17.17 3.67 24.92
C THR B 434 -18.60 3.30 24.59
N PRO B 435 -19.46 3.15 25.62
CA PRO B 435 -19.18 3.36 27.03
C PRO B 435 -18.54 2.14 27.69
N ASN B 436 -17.57 2.36 28.57
CA ASN B 436 -16.98 1.26 29.36
C ASN B 436 -17.14 1.53 30.86
N THR B 437 -17.10 0.47 31.67
CA THR B 437 -16.87 0.68 33.10
C THR B 437 -15.49 0.21 33.47
N LEU B 438 -14.95 -0.71 32.66
CA LEU B 438 -13.71 -1.39 32.97
C LEU B 438 -12.47 -0.47 32.91
N ASN B 439 -12.62 0.69 32.29
CA ASN B 439 -11.59 1.74 32.34
C ASN B 439 -12.19 3.01 32.96
N SER B 440 -13.22 2.79 33.81
CA SER B 440 -13.91 3.83 34.57
C SER B 440 -14.46 4.94 33.71
N GLY B 441 -14.95 4.59 32.51
CA GLY B 441 -15.54 5.58 31.59
C GLY B 441 -14.55 6.57 31.01
N TYR B 442 -13.25 6.23 31.03
CA TYR B 442 -12.21 7.01 30.36
C TYR B 442 -11.82 6.40 29.00
N PRO B 443 -11.41 7.24 28.03
CA PRO B 443 -11.38 8.72 28.02
C PRO B 443 -12.78 9.35 28.01
N ARG B 444 -12.91 10.52 28.63
CA ARG B 444 -14.20 11.18 28.80
C ARG B 444 -14.59 12.02 27.58
N GLN B 445 -15.89 12.05 27.28
CA GLN B 445 -16.41 12.82 26.13
C GLN B 445 -16.18 14.32 26.33
N ALA B 446 -15.60 14.99 25.36
CA ALA B 446 -15.43 16.45 25.47
C ALA B 446 -16.38 17.15 24.53
N ASN B 447 -16.91 18.28 24.98
CA ASN B 447 -17.91 19.04 24.24
C ASN B 447 -17.89 20.49 24.68
N GLN B 448 -18.95 21.24 24.42
CA GLN B 448 -19.01 22.64 24.79
C GLN B 448 -18.67 22.84 26.28
N ASN B 449 -19.31 22.04 27.15
CA ASN B 449 -19.27 22.28 28.58
C ASN B 449 -18.28 21.45 29.40
N ALA B 450 -17.64 20.47 28.77
CA ALA B 450 -16.63 19.66 29.46
C ALA B 450 -15.40 19.47 28.59
N GLY B 451 -14.25 19.41 29.26
CA GLY B 451 -12.98 19.04 28.64
C GLY B 451 -12.46 19.97 27.56
N ARG B 452 -13.15 21.09 27.37
CA ARG B 452 -12.80 22.06 26.34
C ARG B 452 -12.91 21.42 24.95
N GLY B 453 -13.93 20.59 24.79
CA GLY B 453 -14.19 19.98 23.50
C GLY B 453 -14.45 20.98 22.37
N PHE B 454 -14.10 20.58 21.15
CA PHE B 454 -14.56 21.30 19.98
C PHE B 454 -16.07 21.17 19.98
N PHE B 455 -16.74 22.14 19.40
CA PHE B 455 -18.19 22.07 19.23
C PHE B 455 -18.60 22.95 18.08
N THR B 456 -19.56 22.45 17.32
CA THR B 456 -20.17 23.20 16.25
C THR B 456 -20.90 24.44 16.83
N ALA B 457 -20.72 25.59 16.18
CA ALA B 457 -21.53 26.80 16.48
C ALA B 457 -23.01 26.40 16.61
N PRO B 458 -23.61 26.62 17.81
CA PRO B 458 -24.97 26.13 18.04
C PRO B 458 -26.03 26.90 17.24
N GLY B 459 -25.68 28.11 16.80
CA GLY B 459 -26.56 28.95 15.99
C GLY B 459 -26.93 28.36 14.63
N ARG B 460 -26.03 27.53 14.11
CA ARG B 460 -26.12 27.01 12.74
C ARG B 460 -27.33 26.11 12.58
N THR B 461 -28.08 26.35 11.51
CA THR B 461 -29.39 25.73 11.30
C THR B 461 -29.50 25.33 9.84
N ALA B 462 -30.50 24.52 9.50
CA ALA B 462 -30.68 24.10 8.12
C ALA B 462 -32.17 24.14 7.85
N SER B 463 -32.57 24.18 6.58
CA SER B 463 -34.00 24.07 6.22
C SER B 463 -34.18 23.83 4.73
N GLY B 464 -35.32 23.30 4.34
CA GLY B 464 -35.59 23.09 2.92
C GLY B 464 -35.37 21.67 2.51
N ALA B 465 -35.22 21.46 1.19
CA ALA B 465 -35.06 20.12 0.62
C ALA B 465 -33.58 19.76 0.48
N LEU B 466 -33.32 18.45 0.40
CA LEU B 466 -32.02 17.97 0.00
C LEU B 466 -31.94 18.20 -1.50
N VAL B 467 -30.92 18.93 -1.90
CA VAL B 467 -30.80 19.36 -3.28
C VAL B 467 -29.37 19.30 -3.76
N ARG B 468 -29.24 18.93 -5.03
CA ARG B 468 -28.02 19.07 -5.79
C ARG B 468 -28.19 20.24 -6.74
N GLU B 469 -28.41 21.43 -6.18
N GLU B 469 -28.43 21.44 -6.22
CA GLU B 469 -28.68 22.65 -6.94
CA GLU B 469 -28.57 22.60 -7.09
C GLU B 469 -27.75 23.77 -6.46
C GLU B 469 -27.83 23.79 -6.48
N VAL B 470 -27.35 24.66 -7.36
CA VAL B 470 -26.53 25.81 -6.97
C VAL B 470 -27.46 26.94 -6.50
N SER B 471 -27.12 27.58 -5.39
CA SER B 471 -27.76 28.81 -4.94
C SER B 471 -27.71 29.91 -6.00
N PRO B 472 -28.88 30.56 -6.29
CA PRO B 472 -28.90 31.69 -7.23
C PRO B 472 -28.00 32.84 -6.77
N THR B 473 -27.76 32.91 -5.45
CA THR B 473 -26.91 33.98 -4.91
C THR B 473 -25.44 33.87 -5.32
N PHE B 474 -25.08 32.79 -6.02
CA PHE B 474 -23.69 32.53 -6.44
C PHE B 474 -23.48 32.96 -7.89
N ASN B 475 -24.53 33.49 -8.54
CA ASN B 475 -24.58 33.63 -10.03
C ASN B 475 -23.79 34.75 -10.71
N ASP B 476 -23.30 35.73 -9.95
CA ASP B 476 -22.53 36.80 -10.57
C ASP B 476 -21.03 36.47 -10.65
N HIS B 477 -20.60 35.99 -11.80
CA HIS B 477 -19.22 35.60 -12.00
C HIS B 477 -18.32 36.70 -12.52
N TRP B 478 -18.88 37.89 -12.77
CA TRP B 478 -18.11 38.89 -13.52
C TRP B 478 -17.76 40.20 -12.85
N SER B 479 -18.60 40.67 -11.93
CA SER B 479 -18.36 41.96 -11.25
C SER B 479 -17.03 42.04 -10.53
N GLN B 480 -16.74 41.04 -9.71
CA GLN B 480 -15.53 41.08 -8.90
C GLN B 480 -14.26 41.00 -9.74
N PRO B 481 -14.25 40.15 -10.78
CA PRO B 481 -13.07 40.23 -11.62
C PRO B 481 -12.82 41.68 -12.06
N ARG B 482 -13.88 42.36 -12.50
CA ARG B 482 -13.79 43.76 -12.96
C ARG B 482 -13.29 44.68 -11.86
N LEU B 483 -13.90 44.58 -10.69
CA LEU B 483 -13.41 45.29 -9.53
C LEU B 483 -11.90 45.12 -9.39
N PHE B 484 -11.45 43.87 -9.52
CA PHE B 484 -10.02 43.54 -9.40
C PHE B 484 -9.19 44.27 -10.46
N PHE B 485 -9.65 44.19 -11.71
CA PHE B 485 -8.95 44.81 -12.84
C PHE B 485 -8.87 46.33 -12.70
N ASN B 486 -10.01 46.96 -12.43
CA ASN B 486 -10.09 48.38 -12.13
C ASN B 486 -9.09 48.84 -11.08
N SER B 487 -8.71 47.94 -10.17
CA SER B 487 -7.86 48.34 -9.04
C SER B 487 -6.36 48.25 -9.30
N LEU B 488 -5.98 47.93 -10.53
CA LEU B 488 -4.57 47.77 -10.87
C LEU B 488 -4.05 48.96 -11.64
N THR B 489 -2.77 49.29 -11.44
CA THR B 489 -2.14 50.37 -12.20
C THR B 489 -2.24 50.09 -13.69
N PRO B 490 -2.18 51.15 -14.52
CA PRO B 490 -2.29 50.93 -15.98
C PRO B 490 -1.26 49.93 -16.58
N VAL B 491 -0.03 49.93 -16.05
CA VAL B 491 0.99 48.97 -16.48
C VAL B 491 0.64 47.56 -16.04
N GLU B 492 0.23 47.43 -14.78
CA GLU B 492 -0.27 46.17 -14.27
C GLU B 492 -1.34 45.62 -15.19
N GLN B 493 -2.26 46.48 -15.63
CA GLN B 493 -3.32 46.07 -16.56
C GLN B 493 -2.77 45.60 -17.89
N GLN B 494 -1.72 46.26 -18.38
CA GLN B 494 -1.09 45.85 -19.63
C GLN B 494 -0.50 44.45 -19.50
N PHE B 495 0.34 44.27 -18.47
CA PHE B 495 0.89 42.97 -18.08
C PHE B 495 -0.16 41.85 -18.03
N LEU B 496 -1.32 42.13 -17.45
CA LEU B 496 -2.36 41.14 -17.35
C LEU B 496 -2.92 40.82 -18.75
N VAL B 497 -3.06 41.85 -19.58
CA VAL B 497 -3.56 41.65 -20.95
C VAL B 497 -2.57 40.78 -21.70
N ASN B 498 -1.29 41.07 -21.46
CA ASN B 498 -0.16 40.41 -22.14
C ASN B 498 -0.03 38.94 -21.74
N ALA B 499 -0.21 38.67 -20.45
CA ALA B 499 -0.28 37.30 -19.97
C ALA B 499 -1.42 36.56 -20.69
N MET B 500 -2.60 37.17 -20.76
CA MET B 500 -3.72 36.57 -21.47
C MET B 500 -3.45 36.42 -22.98
N ARG B 501 -2.77 37.40 -23.58
CA ARG B 501 -2.39 37.33 -25.00
C ARG B 501 -1.49 36.15 -25.25
N PHE B 502 -0.48 36.04 -24.39
CA PHE B 502 0.47 34.91 -24.38
C PHE B 502 -0.26 33.56 -24.41
N GLU B 503 -1.13 33.35 -23.44
CA GLU B 503 -1.74 32.03 -23.24
C GLU B 503 -2.75 31.69 -24.32
N ILE B 504 -3.67 32.61 -24.58
CA ILE B 504 -4.73 32.37 -25.54
C ILE B 504 -4.18 32.09 -26.92
N SER B 505 -3.07 32.74 -27.28
CA SER B 505 -2.42 32.47 -28.56
C SER B 505 -1.85 31.05 -28.70
N LEU B 506 -1.60 30.38 -27.55
CA LEU B 506 -1.14 28.97 -27.55
C LEU B 506 -2.29 27.98 -27.52
N VAL B 507 -3.52 28.47 -27.38
CA VAL B 507 -4.71 27.62 -27.48
C VAL B 507 -5.01 27.30 -28.95
N LYS B 508 -4.84 26.05 -29.33
CA LYS B 508 -4.96 25.65 -30.74
C LYS B 508 -6.35 25.84 -31.36
N SER B 509 -7.40 25.68 -30.57
CA SER B 509 -8.76 25.63 -31.11
C SER B 509 -9.44 26.98 -31.27
N GLU B 510 -9.97 27.21 -32.45
CA GLU B 510 -10.60 28.50 -32.79
C GLU B 510 -11.84 28.71 -31.93
N GLU B 511 -12.69 27.70 -31.89
CA GLU B 511 -13.88 27.77 -31.08
C GLU B 511 -13.60 28.15 -29.63
N VAL B 512 -12.58 27.52 -29.03
CA VAL B 512 -12.24 27.78 -27.62
C VAL B 512 -11.80 29.22 -27.42
N LYS B 513 -10.96 29.72 -28.35
CA LYS B 513 -10.56 31.13 -28.34
C LYS B 513 -11.77 32.10 -28.36
N LYS B 514 -12.74 31.82 -29.23
CA LYS B 514 -13.99 32.62 -29.25
C LYS B 514 -14.74 32.63 -27.92
N ASN B 515 -14.92 31.46 -27.30
CA ASN B 515 -15.62 31.36 -26.03
C ASN B 515 -14.85 32.06 -24.92
N VAL B 516 -13.53 32.09 -25.04
CA VAL B 516 -12.73 32.81 -24.06
C VAL B 516 -13.03 34.30 -24.17
N LEU B 517 -13.01 34.81 -25.40
CA LEU B 517 -13.31 36.22 -25.67
C LEU B 517 -14.70 36.60 -25.14
N THR B 518 -15.70 35.76 -25.41
CA THR B 518 -17.04 35.92 -24.85
C THR B 518 -17.02 36.16 -23.34
N GLN B 519 -16.31 35.32 -22.60
CA GLN B 519 -16.27 35.47 -21.14
C GLN B 519 -15.52 36.71 -20.74
N LEU B 520 -14.35 36.92 -21.33
CA LEU B 520 -13.52 38.08 -20.99
C LEU B 520 -14.31 39.38 -21.20
N ASN B 521 -15.05 39.42 -22.31
CA ASN B 521 -15.88 40.59 -22.65
C ASN B 521 -16.88 40.97 -21.57
N ARG B 522 -17.52 39.97 -20.94
CA ARG B 522 -18.45 40.21 -19.82
C ARG B 522 -17.83 40.87 -18.59
N VAL B 523 -16.51 40.82 -18.50
CA VAL B 523 -15.81 41.50 -17.42
C VAL B 523 -15.40 42.91 -17.87
N SER B 524 -14.89 43.00 -19.09
CA SER B 524 -14.41 44.27 -19.67
C SER B 524 -14.26 44.16 -21.18
N HIS B 525 -15.01 45.01 -21.89
CA HIS B 525 -14.92 45.05 -23.35
C HIS B 525 -13.53 45.45 -23.78
N ASP B 526 -12.95 46.42 -23.09
CA ASP B 526 -11.59 46.86 -23.38
C ASP B 526 -10.60 45.68 -23.38
N VAL B 527 -10.67 44.86 -22.33
CA VAL B 527 -9.79 43.69 -22.15
C VAL B 527 -9.98 42.69 -23.29
N ALA B 528 -11.24 42.36 -23.57
CA ALA B 528 -11.56 41.49 -24.71
C ALA B 528 -10.96 42.03 -26.00
N VAL B 529 -11.19 43.32 -26.29
CA VAL B 529 -10.66 43.97 -27.51
C VAL B 529 -9.16 43.80 -27.62
N ARG B 530 -8.44 44.17 -26.55
CA ARG B 530 -6.97 44.15 -26.52
C ARG B 530 -6.40 42.73 -26.64
N VAL B 531 -7.01 41.80 -25.92
CA VAL B 531 -6.66 40.39 -26.04
C VAL B 531 -6.95 39.86 -27.45
N ALA B 532 -8.18 40.05 -27.93
CA ALA B 532 -8.60 39.65 -29.29
C ALA B 532 -7.63 40.11 -30.39
N ALA B 533 -7.00 41.26 -30.15
CA ALA B 533 -6.09 41.82 -31.13
C ALA B 533 -4.91 40.90 -31.39
N ALA B 534 -4.43 40.23 -30.35
CA ALA B 534 -3.26 39.35 -30.46
C ALA B 534 -3.55 38.05 -31.18
N ILE B 535 -4.79 37.60 -31.15
CA ILE B 535 -5.15 36.32 -31.76
C ILE B 535 -5.93 36.47 -33.06
N GLY B 536 -5.98 37.71 -33.57
CA GLY B 536 -6.69 38.05 -34.80
C GLY B 536 -8.15 37.62 -34.85
N LEU B 537 -8.93 38.11 -33.90
CA LEU B 537 -10.37 37.89 -33.91
C LEU B 537 -11.05 39.18 -33.51
N GLY B 538 -12.32 39.31 -33.90
CA GLY B 538 -13.12 40.45 -33.48
C GLY B 538 -13.67 40.15 -32.11
N ALA B 539 -13.34 41.02 -31.15
CA ALA B 539 -14.01 41.00 -29.86
C ALA B 539 -15.52 41.14 -30.08
N PRO B 540 -16.34 40.39 -29.30
CA PRO B 540 -17.79 40.59 -29.49
C PRO B 540 -18.27 41.95 -28.93
N ASP B 541 -19.51 42.32 -29.24
CA ASP B 541 -20.01 43.67 -28.90
C ASP B 541 -20.12 43.81 -27.39
N ALA B 542 -19.70 44.98 -26.89
CA ALA B 542 -19.77 45.33 -25.46
C ALA B 542 -21.03 44.78 -24.77
N ASP B 543 -20.86 44.15 -23.60
CA ASP B 543 -22.02 43.77 -22.79
C ASP B 543 -21.85 44.28 -21.37
N ASP B 544 -22.63 45.29 -21.03
CA ASP B 544 -22.38 46.07 -19.83
C ASP B 544 -23.09 45.63 -18.56
N THR B 545 -23.72 44.44 -18.56
CA THR B 545 -24.49 43.98 -17.39
C THR B 545 -23.66 44.09 -16.11
N TYR B 546 -22.37 43.80 -16.20
CA TYR B 546 -21.56 43.78 -14.99
C TYR B 546 -20.44 44.82 -14.98
N TYR B 547 -20.31 45.60 -16.04
CA TYR B 547 -19.33 46.70 -16.07
C TYR B 547 -19.60 47.70 -14.94
N HIS B 548 -18.54 48.31 -14.41
CA HIS B 548 -18.63 49.33 -13.35
C HIS B 548 -17.25 49.85 -13.10
N ASN B 549 -17.12 50.91 -12.30
CA ASN B 549 -15.81 51.57 -12.10
C ASN B 549 -15.32 51.50 -10.66
N ASN B 550 -15.98 50.72 -9.83
CA ASN B 550 -15.56 50.51 -8.45
C ASN B 550 -14.10 50.02 -8.36
N LYS B 551 -13.36 50.55 -7.39
CA LYS B 551 -11.99 50.10 -7.10
C LYS B 551 -11.93 49.58 -5.67
N THR B 552 -10.93 48.73 -5.41
CA THR B 552 -10.61 48.32 -4.02
C THR B 552 -9.11 48.44 -3.76
N ALA B 553 -8.77 48.71 -2.50
CA ALA B 553 -7.37 48.90 -2.10
C ALA B 553 -6.66 47.58 -1.78
N GLY B 554 -5.33 47.59 -1.85
CA GLY B 554 -4.52 46.46 -1.39
C GLY B 554 -4.35 45.24 -2.29
N VAL B 555 -4.97 45.26 -3.48
CA VAL B 555 -4.87 44.13 -4.41
C VAL B 555 -3.80 44.34 -5.49
N SER B 556 -3.24 45.54 -5.54
CA SER B 556 -2.26 45.90 -6.55
C SER B 556 -0.84 45.62 -6.01
N ILE B 557 0.03 45.09 -6.86
CA ILE B 557 1.43 44.87 -6.49
C ILE B 557 2.25 46.10 -6.87
N VAL B 558 2.22 46.45 -8.16
CA VAL B 558 3.04 47.54 -8.68
C VAL B 558 2.61 48.90 -8.09
N GLY B 559 1.37 48.99 -7.64
CA GLY B 559 0.87 50.22 -7.04
C GLY B 559 0.93 50.28 -5.52
N SER B 560 1.64 49.34 -4.90
CA SER B 560 1.68 49.28 -3.43
C SER B 560 2.88 50.05 -2.85
N GLY B 561 3.48 50.91 -3.67
CA GLY B 561 4.57 51.78 -3.24
C GLY B 561 5.85 51.00 -3.03
N PRO B 562 6.92 51.67 -2.56
CA PRO B 562 8.21 50.98 -2.40
C PRO B 562 8.16 49.83 -1.35
N LEU B 563 9.10 48.89 -1.48
CA LEU B 563 9.26 47.82 -0.48
C LEU B 563 9.62 48.39 0.89
N PRO B 564 9.09 47.79 1.96
CA PRO B 564 9.42 48.29 3.30
C PRO B 564 10.81 47.89 3.76
N THR B 565 11.44 46.96 3.05
CA THR B 565 12.81 46.56 3.36
C THR B 565 13.45 46.05 2.08
N ILE B 566 14.77 46.20 1.99
CA ILE B 566 15.52 45.76 0.85
C ILE B 566 16.51 44.71 1.30
N LYS B 567 16.50 44.40 2.60
CA LYS B 567 17.34 43.34 3.12
C LYS B 567 17.04 42.03 2.37
N THR B 568 18.12 41.32 2.05
CA THR B 568 18.14 40.03 1.29
C THR B 568 18.05 40.14 -0.22
N LEU B 569 17.68 41.31 -0.75
CA LEU B 569 17.69 41.50 -2.20
C LEU B 569 19.09 41.30 -2.76
N ARG B 570 19.14 40.91 -4.03
CA ARG B 570 20.39 40.47 -4.63
C ARG B 570 20.90 41.52 -5.60
N VAL B 571 22.17 41.86 -5.43
CA VAL B 571 22.85 42.77 -6.34
C VAL B 571 24.00 42.06 -7.04
N GLY B 572 24.00 42.10 -8.36
CA GLY B 572 25.13 41.58 -9.14
C GLY B 572 26.05 42.69 -9.62
N ILE B 573 27.36 42.49 -9.41
CA ILE B 573 28.38 43.46 -9.77
C ILE B 573 29.24 42.87 -10.88
N LEU B 574 29.14 43.45 -12.07
CA LEU B 574 29.82 42.90 -13.25
C LEU B 574 31.22 43.47 -13.39
N ALA B 575 32.22 42.64 -13.11
CA ALA B 575 33.60 43.10 -13.07
C ALA B 575 34.44 42.35 -14.11
N THR B 576 35.76 42.34 -13.91
CA THR B 576 36.73 41.68 -14.81
C THR B 576 38.06 41.42 -14.10
N THR B 577 38.83 40.47 -14.61
CA THR B 577 40.15 40.18 -14.02
C THR B 577 41.33 40.81 -14.78
N SER B 578 41.02 41.56 -15.86
CA SER B 578 42.04 42.33 -16.60
C SER B 578 42.47 43.59 -15.82
N GLU B 579 41.58 44.58 -15.75
CA GLU B 579 41.86 45.78 -14.98
C GLU B 579 41.89 45.46 -13.50
N SER B 580 43.02 45.74 -12.87
CA SER B 580 43.17 45.61 -11.42
C SER B 580 42.25 46.59 -10.69
N SER B 581 41.90 47.69 -11.38
CA SER B 581 40.98 48.70 -10.84
C SER B 581 39.55 48.15 -10.67
N ALA B 582 39.11 47.33 -11.62
CA ALA B 582 37.76 46.76 -11.66
C ALA B 582 37.42 45.98 -10.39
N LEU B 583 38.32 45.10 -9.97
CA LEU B 583 38.07 44.31 -8.76
C LEU B 583 38.09 45.13 -7.48
N ASP B 584 38.88 46.20 -7.47
CA ASP B 584 38.94 47.12 -6.34
C ASP B 584 37.65 47.92 -6.17
N GLN B 585 37.09 48.35 -7.30
CA GLN B 585 35.79 49.03 -7.32
C GLN B 585 34.73 48.10 -6.74
N ALA B 586 34.70 46.87 -7.26
CA ALA B 586 33.83 45.80 -6.78
C ALA B 586 33.91 45.64 -5.25
N ALA B 587 35.10 45.32 -4.76
CA ALA B 587 35.35 45.11 -3.30
C ALA B 587 34.77 46.23 -2.40
N GLN B 588 34.81 47.47 -2.91
CA GLN B 588 34.36 48.64 -2.14
C GLN B 588 32.85 48.76 -2.15
N LEU B 589 32.25 48.53 -3.32
CA LEU B 589 30.80 48.42 -3.44
C LEU B 589 30.28 47.32 -2.52
N ARG B 590 30.99 46.19 -2.50
CA ARG B 590 30.61 45.06 -1.65
C ARG B 590 30.47 45.48 -0.19
N THR B 591 31.52 46.05 0.38
CA THR B 591 31.51 46.43 1.80
C THR B 591 30.32 47.37 2.09
N ARG B 592 30.10 48.32 1.18
CA ARG B 592 29.05 49.32 1.34
C ARG B 592 27.66 48.70 1.24
N LEU B 593 27.46 47.84 0.25
CA LEU B 593 26.16 47.19 0.01
C LEU B 593 25.78 46.11 1.04
N GLU B 594 26.77 45.29 1.41
CA GLU B 594 26.62 44.27 2.45
C GLU B 594 26.31 44.85 3.84
N LYS B 595 26.63 46.02 4.00
CA LYS B 595 26.37 46.67 5.26
C LYS B 595 24.90 46.99 5.43
N ASP B 596 24.20 47.10 4.36
CA ASP B 596 22.76 47.36 4.35
C ASP B 596 21.88 46.11 4.15
N GLY B 597 22.49 44.94 4.31
CA GLY B 597 21.77 43.66 4.36
C GLY B 597 21.52 43.02 3.02
N LEU B 598 22.11 43.59 1.97
CA LEU B 598 21.94 43.06 0.63
C LEU B 598 22.88 41.89 0.41
N VAL B 599 22.55 41.09 -0.60
CA VAL B 599 23.35 39.92 -0.95
C VAL B 599 24.06 40.25 -2.26
N VAL B 600 25.39 40.19 -2.21
CA VAL B 600 26.21 40.75 -3.27
C VAL B 600 26.94 39.64 -4.00
N THR B 601 26.86 39.68 -5.33
CA THR B 601 27.60 38.76 -6.17
C THR B 601 28.50 39.54 -7.13
N VAL B 602 29.78 39.28 -7.04
CA VAL B 602 30.78 39.85 -7.92
C VAL B 602 31.06 38.84 -9.01
N VAL B 603 30.79 39.23 -10.25
CA VAL B 603 30.94 38.38 -11.44
C VAL B 603 32.19 38.81 -12.24
N ALA B 604 32.95 37.81 -12.68
CA ALA B 604 34.11 38.02 -13.51
C ALA B 604 34.31 36.78 -14.38
N GLU B 605 35.35 36.79 -15.20
CA GLU B 605 35.59 35.72 -16.16
C GLU B 605 35.90 34.39 -15.48
N THR B 606 36.64 34.47 -14.38
CA THR B 606 37.05 33.30 -13.63
C THR B 606 36.94 33.60 -12.14
N LEU B 607 37.00 32.55 -11.31
CA LEU B 607 36.93 32.72 -9.87
C LEU B 607 38.29 33.01 -9.25
N ARG B 608 38.24 33.74 -8.15
CA ARG B 608 39.39 34.03 -7.29
C ARG B 608 38.84 34.77 -6.08
N GLU B 609 39.70 35.01 -5.10
CA GLU B 609 39.38 35.86 -3.95
C GLU B 609 38.60 37.13 -4.38
N GLY B 610 37.42 37.33 -3.80
CA GLY B 610 36.60 38.50 -4.11
C GLY B 610 35.55 38.30 -5.20
N VAL B 611 35.67 37.21 -5.95
CA VAL B 611 34.74 36.85 -7.03
C VAL B 611 33.85 35.68 -6.62
N ASP B 612 32.54 35.90 -6.63
CA ASP B 612 31.60 34.86 -6.17
C ASP B 612 31.19 33.88 -7.27
N GLN B 613 31.02 34.37 -8.49
CA GLN B 613 30.66 33.51 -9.62
C GLN B 613 31.17 34.00 -10.97
N THR B 614 31.20 33.11 -11.96
CA THR B 614 31.69 33.42 -13.30
C THR B 614 30.59 33.88 -14.26
N TYR B 615 30.99 34.58 -15.32
CA TYR B 615 30.03 35.04 -16.34
C TYR B 615 29.27 33.85 -16.94
N SER B 616 29.97 32.74 -17.03
CA SER B 616 29.41 31.49 -17.53
C SER B 616 28.15 31.04 -16.78
N THR B 617 28.17 31.12 -15.44
CA THR B 617 27.05 30.66 -14.58
C THR B 617 26.11 31.78 -14.18
N ALA B 618 26.32 32.97 -14.74
CA ALA B 618 25.57 34.16 -14.30
C ALA B 618 24.43 34.51 -15.24
N ASP B 619 23.43 35.19 -14.70
CA ASP B 619 22.31 35.59 -15.51
C ASP B 619 21.57 36.69 -14.76
N ALA B 620 20.87 37.53 -15.51
CA ALA B 620 20.11 38.64 -14.96
C ALA B 620 19.06 38.21 -13.97
N THR B 621 18.46 37.04 -14.20
CA THR B 621 17.38 36.51 -13.34
C THR B 621 17.90 36.25 -11.93
N GLY B 622 19.22 36.08 -11.80
CA GLY B 622 19.85 35.90 -10.50
C GLY B 622 19.95 37.16 -9.63
N PHE B 623 19.57 38.31 -10.18
CA PHE B 623 19.76 39.59 -9.48
C PHE B 623 18.52 40.47 -9.48
N ASP B 624 18.38 41.26 -8.40
CA ASP B 624 17.31 42.25 -8.27
C ASP B 624 17.73 43.61 -8.85
N GLY B 625 19.05 43.88 -8.76
CA GLY B 625 19.69 44.99 -9.46
C GLY B 625 21.07 44.63 -9.98
N VAL B 626 21.54 45.36 -11.00
CA VAL B 626 22.84 45.08 -11.63
C VAL B 626 23.74 46.33 -11.75
N VAL B 627 24.99 46.16 -11.33
CA VAL B 627 25.98 47.23 -11.38
C VAL B 627 27.20 46.79 -12.21
N VAL B 628 27.54 47.58 -13.23
CA VAL B 628 28.82 47.42 -13.94
C VAL B 628 29.86 48.37 -13.33
N VAL B 629 30.98 47.84 -12.85
CA VAL B 629 32.07 48.73 -12.45
C VAL B 629 32.81 49.23 -13.69
N ASP B 630 33.13 50.53 -13.67
CA ASP B 630 33.82 51.27 -14.73
C ASP B 630 34.93 50.50 -15.46
N GLY B 631 35.84 49.91 -14.70
CA GLY B 631 37.01 49.21 -15.25
C GLY B 631 36.72 48.00 -16.13
N ALA B 632 35.44 47.67 -16.34
CA ALA B 632 35.07 46.50 -17.14
C ALA B 632 34.53 46.83 -18.53
N ALA B 633 34.58 48.10 -18.90
CA ALA B 633 34.03 48.63 -20.17
C ALA B 633 34.43 47.85 -21.43
N ALA B 634 35.65 47.31 -21.42
CA ALA B 634 36.20 46.50 -22.52
C ALA B 634 35.29 45.32 -22.87
N LEU B 635 34.78 44.64 -21.83
CA LEU B 635 33.93 43.45 -21.96
C LEU B 635 32.56 43.72 -22.57
N PHE B 636 32.06 44.94 -22.42
CA PHE B 636 30.73 45.28 -22.90
C PHE B 636 30.75 45.74 -24.34
N ALA B 637 31.94 46.14 -24.79
CA ALA B 637 32.21 46.47 -26.19
C ALA B 637 32.53 45.20 -26.97
N THR B 639 31.61 43.11 -29.65
CA THR B 639 32.32 42.18 -30.54
C THR B 639 33.51 41.43 -29.90
N ALA B 640 33.84 41.72 -28.63
CA ALA B 640 34.88 40.96 -27.93
C ALA B 640 34.32 39.61 -27.48
N SER B 641 35.15 38.56 -27.55
CA SER B 641 34.73 37.21 -27.17
C SER B 641 35.78 36.49 -26.30
N SER B 642 35.33 35.46 -25.56
CA SER B 642 36.19 34.69 -24.66
C SER B 642 35.80 33.20 -24.66
N PRO B 643 36.79 32.30 -24.52
CA PRO B 643 36.38 30.91 -24.39
C PRO B 643 35.82 30.55 -22.99
N LEU B 644 35.71 31.55 -22.12
CA LEU B 644 35.29 31.36 -20.72
C LEU B 644 33.83 31.69 -20.46
N PHE B 645 33.15 32.20 -21.48
CA PHE B 645 31.71 32.42 -21.39
C PHE B 645 31.14 32.56 -22.78
N PRO B 646 29.82 32.36 -22.94
CA PRO B 646 29.24 32.54 -24.29
C PRO B 646 29.32 33.98 -24.79
N THR B 647 29.28 34.13 -26.11
CA THR B 647 29.39 35.42 -26.77
C THR B 647 28.34 36.38 -26.23
N GLY B 648 28.79 37.58 -25.86
CA GLY B 648 27.90 38.68 -25.52
C GLY B 648 27.29 38.61 -24.14
N ARG B 649 27.71 37.62 -23.34
CA ARG B 649 27.10 37.37 -22.04
C ARG B 649 27.11 38.58 -21.09
N PRO B 650 28.30 39.21 -20.88
CA PRO B 650 28.34 40.31 -19.91
C PRO B 650 27.34 41.43 -20.23
N LEU B 651 27.26 41.83 -21.51
CA LEU B 651 26.30 42.83 -21.93
C LEU B 651 24.86 42.28 -21.85
N GLN B 652 24.70 41.01 -22.20
CA GLN B 652 23.38 40.36 -22.18
C GLN B 652 22.75 40.46 -20.79
N ILE B 653 23.56 40.20 -19.78
CA ILE B 653 23.09 40.31 -18.40
C ILE B 653 22.53 41.71 -18.12
N PHE B 654 23.32 42.73 -18.44
CA PHE B 654 22.97 44.12 -18.21
C PHE B 654 21.72 44.57 -18.98
N VAL B 655 21.73 44.31 -20.28
CA VAL B 655 20.60 44.64 -21.13
C VAL B 655 19.31 43.96 -20.67
N ASP B 656 19.41 42.70 -20.29
CA ASP B 656 18.28 41.95 -19.75
C ASP B 656 17.75 42.65 -18.51
N ALA B 657 18.66 42.96 -17.59
CA ALA B 657 18.29 43.59 -16.32
C ALA B 657 17.50 44.87 -16.57
N TYR B 658 18.03 45.71 -17.48
CA TYR B 658 17.36 46.92 -17.87
C TYR B 658 15.97 46.65 -18.46
N ARG B 659 15.89 45.77 -19.44
CA ARG B 659 14.62 45.52 -20.13
C ARG B 659 13.56 44.93 -19.24
N TRP B 660 13.98 44.27 -18.16
CA TRP B 660 13.02 43.67 -17.22
C TRP B 660 12.59 44.60 -16.12
N GLY B 661 13.13 45.82 -16.13
CA GLY B 661 12.61 46.87 -15.26
C GLY B 661 13.40 47.03 -13.98
N LYS B 662 14.59 46.46 -13.97
CA LYS B 662 15.41 46.46 -12.78
C LYS B 662 16.28 47.72 -12.64
N PRO B 663 16.58 48.11 -11.39
CA PRO B 663 17.59 49.13 -11.17
C PRO B 663 18.94 48.73 -11.76
N VAL B 664 19.36 49.42 -12.82
CA VAL B 664 20.70 49.21 -13.41
C VAL B 664 21.59 50.45 -13.27
N GLY B 665 22.91 50.24 -13.21
CA GLY B 665 23.84 51.34 -13.06
C GLY B 665 25.29 51.05 -13.42
N VAL B 666 26.01 52.09 -13.81
CA VAL B 666 27.46 52.02 -13.96
C VAL B 666 28.09 52.88 -12.88
N CYS B 667 29.12 52.35 -12.21
CA CYS B 667 29.77 53.08 -11.15
C CYS B 667 31.23 53.37 -11.50
N GLY B 668 31.55 54.65 -11.70
CA GLY B 668 32.91 55.09 -12.03
C GLY B 668 32.97 56.31 -12.92
N GLY B 669 34.18 56.65 -13.37
CA GLY B 669 34.45 57.85 -14.15
C GLY B 669 33.82 57.92 -15.54
N LYS B 670 34.20 57.00 -16.42
CA LYS B 670 33.66 56.99 -17.77
C LYS B 670 32.22 56.44 -17.86
N SER B 671 31.56 56.30 -16.70
CA SER B 671 30.20 55.77 -16.58
C SER B 671 29.19 56.37 -17.58
N SER B 672 29.30 57.69 -17.82
CA SER B 672 28.48 58.40 -18.82
C SER B 672 28.44 57.58 -20.13
N GLU B 673 29.61 57.05 -20.50
CA GLU B 673 29.86 56.51 -21.84
C GLU B 673 29.55 55.02 -22.02
N VAL B 674 29.68 54.23 -20.95
CA VAL B 674 29.40 52.77 -20.97
C VAL B 674 27.91 52.48 -21.29
N LEU B 675 27.05 53.43 -20.93
CA LEU B 675 25.60 53.32 -21.16
C LEU B 675 25.18 53.51 -22.62
N ASP B 676 25.83 54.45 -23.33
CA ASP B 676 25.51 54.75 -24.75
C ASP B 676 25.91 53.59 -25.65
N ALA B 677 26.97 52.90 -25.23
CA ALA B 677 27.46 51.66 -25.84
C ALA B 677 26.48 50.51 -25.58
N ALA B 678 25.98 50.45 -24.34
CA ALA B 678 24.97 49.46 -23.93
C ALA B 678 23.57 49.76 -24.45
N ASP B 679 23.37 50.97 -24.96
CA ASP B 679 22.05 51.47 -25.39
C ASP B 679 21.04 51.63 -24.24
N VAL B 680 21.55 52.04 -23.09
CA VAL B 680 20.72 52.32 -21.89
C VAL B 680 20.73 53.83 -21.62
N PRO B 681 19.55 54.49 -21.67
CA PRO B 681 19.43 55.96 -21.45
C PRO B 681 19.95 56.45 -20.08
N GLU B 682 20.97 57.32 -20.08
CA GLU B 682 21.59 57.82 -18.83
C GLU B 682 20.62 58.53 -17.88
N ASP B 683 19.64 59.22 -18.45
CA ASP B 683 18.70 60.01 -17.67
C ASP B 683 17.48 59.20 -17.21
N GLY B 684 17.33 57.98 -17.72
CA GLY B 684 16.17 57.13 -17.44
C GLY B 684 15.99 56.76 -15.97
N ASP B 685 14.72 56.68 -15.55
CA ASP B 685 14.35 56.26 -14.20
C ASP B 685 15.01 54.93 -13.84
N GLY B 686 15.55 54.86 -12.62
CA GLY B 686 16.25 53.68 -12.15
C GLY B 686 17.52 53.31 -12.89
N VAL B 687 18.07 54.25 -13.67
CA VAL B 687 19.39 54.07 -14.26
C VAL B 687 20.34 54.98 -13.50
N TYR B 688 21.48 54.45 -13.07
CA TYR B 688 22.33 55.17 -12.13
C TYR B 688 23.75 55.41 -12.65
N SER B 689 24.13 56.60 -12.59
CA SER B 689 25.45 57.01 -13.06
C SER B 689 26.13 57.99 -12.09
N GLU B 690 27.11 57.57 -11.45
CA GLU B 690 27.86 58.36 -10.46
C GLU B 690 29.31 57.91 -10.26
N GLU B 691 30.14 58.82 -9.76
CA GLU B 691 31.54 58.54 -9.43
C GLU B 691 31.71 58.23 -7.94
N SER B 692 30.98 58.96 -7.11
CA SER B 692 31.02 58.78 -5.66
C SER B 692 30.33 57.47 -5.28
N VAL B 693 31.13 56.52 -4.79
CA VAL B 693 30.63 55.23 -4.32
C VAL B 693 29.48 55.39 -3.30
N ASP B 694 29.71 56.22 -2.27
CA ASP B 694 28.70 56.50 -1.25
C ASP B 694 27.39 57.07 -1.81
N MET B 695 27.51 57.88 -2.86
CA MET B 695 26.34 58.51 -3.48
C MET B 695 25.64 57.54 -4.43
N PHE B 696 26.41 56.63 -5.05
CA PHE B 696 25.87 55.61 -5.96
C PHE B 696 24.98 54.64 -5.23
N VAL B 697 25.53 54.00 -4.20
CA VAL B 697 24.77 53.12 -3.31
C VAL B 697 23.47 53.82 -2.89
N GLU B 698 23.58 54.98 -2.26
CA GLU B 698 22.44 55.73 -1.75
C GLU B 698 21.34 55.89 -2.81
N GLU B 699 21.75 56.13 -4.04
CA GLU B 699 20.81 56.28 -5.15
C GLU B 699 20.21 54.95 -5.60
N PHE B 700 21.09 53.96 -5.72
CA PHE B 700 20.75 52.61 -6.15
C PHE B 700 19.76 51.95 -5.19
N GLU B 701 20.06 52.02 -3.88
CA GLU B 701 19.17 51.48 -2.85
C GLU B 701 17.75 52.03 -2.90
N LYS B 702 17.58 53.22 -3.46
CA LYS B 702 16.23 53.77 -3.69
C LYS B 702 15.54 53.04 -4.84
N GLY B 703 16.34 52.61 -5.82
CA GLY B 703 15.83 51.89 -6.99
C GLY B 703 15.42 50.48 -6.63
N LEU B 704 16.22 49.84 -5.79
CA LEU B 704 15.89 48.53 -5.24
C LEU B 704 14.56 48.54 -4.49
N ALA B 705 14.29 49.61 -3.74
CA ALA B 705 13.02 49.72 -3.03
C ALA B 705 11.86 49.91 -3.98
N THR B 706 12.06 50.68 -5.05
CA THR B 706 11.02 50.85 -6.07
C THR B 706 10.80 49.51 -6.77
N PHE B 707 11.91 48.77 -6.85
CA PHE B 707 11.94 47.38 -7.33
C PHE B 707 11.73 47.19 -8.83
N ARG B 708 10.64 47.75 -9.35
CA ARG B 708 10.38 47.64 -10.78
C ARG B 708 10.10 49.00 -11.42
N PHE B 709 10.81 49.27 -12.52
CA PHE B 709 10.68 50.53 -13.24
C PHE B 709 9.77 50.39 -14.46
N THR B 710 8.52 50.75 -14.22
CA THR B 710 7.43 50.43 -15.12
C THR B 710 7.34 51.29 -16.38
N ASP B 711 8.17 52.32 -16.44
CA ASP B 711 8.15 53.24 -17.58
C ASP B 711 8.78 52.62 -18.84
N ARG B 712 9.39 51.44 -18.70
CA ARG B 712 10.08 50.80 -19.83
C ARG B 712 9.18 49.82 -20.62
N PHE B 713 7.88 49.85 -20.35
CA PHE B 713 7.00 48.85 -20.93
C PHE B 713 5.92 49.52 -21.72
N ALA B 714 5.75 49.11 -22.98
CA ALA B 714 4.77 49.72 -23.90
C ALA B 714 3.32 49.44 -23.51
N LEU B 715 2.44 50.42 -23.66
CA LEU B 715 1.01 50.23 -23.40
C LEU B 715 0.22 50.25 -24.70
N ASP B 716 -1.03 49.77 -24.65
CA ASP B 716 -1.84 49.67 -25.85
C ASP B 716 -2.34 51.03 -26.32
N SER B 717 -3.00 51.01 -27.42
CA SER B 717 -3.52 52.30 -28.04
C SER B 717 -4.87 52.11 -28.80
N GLU C 46 4.93 3.79 25.51
CA GLU C 46 3.57 3.38 26.00
C GLU C 46 2.65 4.58 26.20
N VAL C 47 1.39 4.43 25.81
CA VAL C 47 0.41 5.52 25.88
C VAL C 47 -0.67 5.23 26.93
N ASP C 48 -0.82 6.16 27.87
CA ASP C 48 -1.74 5.98 28.98
C ASP C 48 -3.05 6.71 28.74
N ASP C 49 -4.14 6.00 28.97
CA ASP C 49 -5.47 6.49 28.71
C ASP C 49 -6.40 6.24 29.90
N SER C 50 -5.79 6.06 31.08
CA SER C 50 -6.54 5.80 32.31
C SER C 50 -7.25 7.05 32.84
N THR C 51 -6.80 8.24 32.43
CA THR C 51 -7.49 9.52 32.69
C THR C 51 -7.50 10.41 31.44
N GLY C 52 -8.32 11.47 31.46
CA GLY C 52 -8.32 12.49 30.41
C GLY C 52 -9.58 12.60 29.57
N TYR C 53 -9.64 13.62 28.73
CA TYR C 53 -10.71 13.72 27.77
C TYR C 53 -10.26 13.21 26.41
N LEU C 54 -11.22 12.66 25.67
CA LEU C 54 -11.00 12.12 24.35
C LEU C 54 -10.44 13.21 23.43
N THR C 55 -9.36 12.89 22.73
CA THR C 55 -8.81 13.79 21.71
C THR C 55 -8.71 13.13 20.35
N SER C 56 -8.65 13.93 19.31
CA SER C 56 -8.32 13.47 17.99
C SER C 56 -6.87 13.00 18.03
N ASP C 57 -6.36 12.43 16.93
CA ASP C 57 -4.95 12.02 16.85
C ASP C 57 -3.97 13.20 16.86
N VAL C 58 -4.48 14.42 16.71
CA VAL C 58 -3.65 15.61 16.78
C VAL C 58 -3.99 16.43 18.02
N GLY C 59 -4.67 15.76 18.96
CA GLY C 59 -4.85 16.29 20.31
C GLY C 59 -5.96 17.31 20.57
N GLY C 60 -6.87 17.48 19.62
CA GLY C 60 -8.02 18.38 19.79
C GLY C 60 -9.11 17.66 20.56
N PRO C 61 -9.55 18.23 21.71
CA PRO C 61 -10.57 17.49 22.46
C PRO C 61 -11.86 17.40 21.67
N ILE C 62 -12.48 16.23 21.72
CA ILE C 62 -13.61 15.87 20.85
C ILE C 62 -14.51 14.78 21.49
N GLN C 63 -15.68 14.56 20.91
CA GLN C 63 -16.56 13.49 21.36
C GLN C 63 -16.60 12.42 20.24
N ASP C 64 -17.19 11.24 20.49
CA ASP C 64 -17.24 10.20 19.49
C ASP C 64 -18.45 9.27 19.62
N GLN C 65 -19.53 9.80 20.17
CA GLN C 65 -20.69 8.95 20.46
C GLN C 65 -21.92 9.26 19.64
N THR C 66 -21.99 10.48 19.09
CA THR C 66 -23.09 10.81 18.17
C THR C 66 -22.59 11.48 16.92
N SER C 67 -23.16 11.11 15.77
CA SER C 67 -22.84 11.75 14.48
C SER C 67 -23.40 13.16 14.44
N LEU C 68 -22.72 14.05 13.71
CA LEU C 68 -23.25 15.39 13.48
C LEU C 68 -24.31 15.39 12.37
N LYS C 69 -25.54 15.74 12.74
CA LYS C 69 -26.72 15.59 11.86
C LYS C 69 -27.44 16.91 11.54
N ALA C 70 -28.04 16.98 10.35
CA ALA C 70 -28.78 18.17 9.92
C ALA C 70 -30.19 18.05 10.46
N GLY C 71 -30.32 18.47 11.72
CA GLY C 71 -31.54 18.21 12.49
C GLY C 71 -31.58 16.85 13.18
N ILE C 72 -32.21 16.85 14.36
CA ILE C 72 -32.28 15.70 15.25
C ILE C 72 -32.71 14.37 14.60
N ARG C 73 -33.47 14.45 13.51
CA ARG C 73 -33.84 13.27 12.73
C ARG C 73 -33.38 13.42 11.29
N GLY C 74 -32.30 14.17 11.10
CA GLY C 74 -31.74 14.39 9.77
C GLY C 74 -30.49 13.57 9.43
N PRO C 75 -29.97 13.76 8.21
CA PRO C 75 -28.83 13.00 7.66
C PRO C 75 -27.47 13.47 8.23
N THR C 76 -26.43 12.63 8.13
CA THR C 76 -25.13 12.95 8.74
C THR C 76 -24.35 13.87 7.82
N LEU C 77 -23.53 14.73 8.40
CA LEU C 77 -22.82 15.73 7.62
C LEU C 77 -21.36 15.34 7.25
N LEU C 78 -21.04 15.48 5.97
CA LEU C 78 -19.68 15.26 5.51
C LEU C 78 -18.64 15.97 6.37
N GLU C 79 -19.03 17.10 6.94
CA GLU C 79 -18.13 17.94 7.71
C GLU C 79 -17.87 17.39 9.11
N ASP C 80 -18.45 16.23 9.42
CA ASP C 80 -18.25 15.65 10.73
C ASP C 80 -16.91 14.93 10.76
N PHE C 81 -15.87 15.68 11.10
CA PHE C 81 -14.51 15.14 11.10
C PHE C 81 -14.29 14.17 12.25
N MET C 82 -15.09 14.31 13.32
CA MET C 82 -14.97 13.39 14.45
C MET C 82 -15.29 11.98 13.95
N PHE C 83 -16.39 11.86 13.23
CA PHE C 83 -16.86 10.60 12.70
C PHE C 83 -15.85 10.01 11.75
N ARG C 84 -15.44 10.77 10.77
CA ARG C 84 -14.62 10.22 9.70
C ARG C 84 -13.24 9.81 10.17
N GLN C 85 -12.65 10.56 11.11
CA GLN C 85 -11.32 10.17 11.57
C GLN C 85 -11.38 8.85 12.34
N LYS C 86 -12.47 8.62 13.04
CA LYS C 86 -12.60 7.44 13.87
C LYS C 86 -12.91 6.23 13.04
N ILE C 87 -13.85 6.36 12.10
CA ILE C 87 -14.18 5.26 11.21
C ILE C 87 -13.06 4.95 10.21
N GLN C 88 -12.36 5.98 9.73
CA GLN C 88 -11.23 5.72 8.85
C GLN C 88 -10.22 4.82 9.53
N HIS C 89 -9.92 5.12 10.79
CA HIS C 89 -9.03 4.30 11.56
C HIS C 89 -9.52 2.89 11.67
N PHE C 90 -10.77 2.75 12.04
CA PHE C 90 -11.32 1.41 12.14
C PHE C 90 -11.24 0.63 10.80
N ASP C 91 -11.67 1.28 9.70
CA ASP C 91 -11.68 0.68 8.35
C ASP C 91 -10.30 0.22 7.94
N HIS C 92 -9.25 0.70 8.62
CA HIS C 92 -7.89 0.46 8.19
C HIS C 92 -7.08 -0.29 9.21
N GLU C 93 -7.75 -0.84 10.21
CA GLU C 93 -7.08 -1.52 11.31
C GLU C 93 -6.31 -2.75 10.86
N ARG C 94 -6.84 -3.49 9.90
CA ARG C 94 -6.24 -4.77 9.54
C ARG C 94 -5.06 -4.65 8.61
N VAL C 95 -4.14 -5.59 8.74
CA VAL C 95 -2.98 -5.71 7.90
C VAL C 95 -3.01 -7.16 7.41
N PRO C 96 -2.35 -7.48 6.30
CA PRO C 96 -2.37 -8.89 5.86
C PRO C 96 -1.75 -9.79 6.91
N GLU C 97 -2.37 -10.95 7.16
CA GLU C 97 -1.79 -11.95 8.08
C GLU C 97 -0.54 -12.54 7.44
N ARG C 98 0.35 -13.12 8.23
CA ARG C 98 1.62 -13.70 7.75
C ARG C 98 1.30 -14.80 6.74
N ALA C 99 2.07 -14.88 5.68
CA ALA C 99 1.77 -15.89 4.65
C ALA C 99 1.69 -17.33 5.16
N VAL C 100 2.56 -17.67 6.11
CA VAL C 100 2.50 -18.92 6.89
C VAL C 100 2.66 -18.51 8.36
N HIS C 101 2.29 -19.38 9.31
CA HIS C 101 2.40 -19.01 10.73
C HIS C 101 1.51 -17.83 11.10
N ALA C 102 0.33 -17.74 10.50
CA ALA C 102 -0.57 -16.63 10.80
C ALA C 102 -1.09 -16.65 12.26
N ARG C 103 -1.23 -17.88 12.79
CA ARG C 103 -1.78 -18.10 14.12
C ARG C 103 -0.63 -18.31 15.13
N GLY C 104 -0.50 -17.41 16.08
CA GLY C 104 0.62 -17.50 16.98
C GLY C 104 0.52 -16.50 18.12
N ALA C 105 1.42 -16.62 19.09
CA ALA C 105 1.39 -15.72 20.25
C ALA C 105 2.78 -15.51 20.76
N GLY C 106 2.98 -14.39 21.44
CA GLY C 106 4.34 -13.98 21.82
C GLY C 106 4.52 -13.54 23.26
N ALA C 107 5.76 -13.49 23.72
CA ALA C 107 6.07 -13.01 25.06
C ALA C 107 7.47 -12.47 25.11
N HIS C 108 7.66 -11.52 26.02
CA HIS C 108 8.97 -10.95 26.34
C HIS C 108 9.67 -11.81 27.37
N GLY C 109 10.99 -11.87 27.26
CA GLY C 109 11.83 -12.47 28.28
C GLY C 109 13.27 -12.02 28.16
N THR C 110 14.17 -12.87 28.63
CA THR C 110 15.61 -12.56 28.62
C THR C 110 16.39 -13.84 28.39
N PHE C 111 17.55 -13.68 27.80
CA PHE C 111 18.48 -14.78 27.68
C PHE C 111 19.71 -14.46 28.50
N THR C 112 20.22 -15.47 29.23
CA THR C 112 21.45 -15.35 30.02
C THR C 112 22.51 -16.33 29.52
N SER C 113 23.71 -15.82 29.24
CA SER C 113 24.80 -16.71 28.82
C SER C 113 25.43 -17.44 30.00
N TYR C 114 25.79 -18.70 29.77
CA TYR C 114 26.41 -19.50 30.82
C TYR C 114 27.93 -19.34 30.92
N ALA C 115 28.54 -18.69 29.92
CA ALA C 115 30.00 -18.63 29.82
C ALA C 115 30.45 -17.58 28.82
N ASP C 116 31.77 -17.40 28.70
CA ASP C 116 32.38 -16.64 27.61
C ASP C 116 32.73 -17.64 26.52
N TRP C 117 31.98 -17.58 25.43
CA TRP C 117 32.09 -18.58 24.36
C TRP C 117 32.96 -18.16 23.21
N SER C 118 33.91 -17.26 23.50
CA SER C 118 34.91 -16.82 22.52
C SER C 118 35.64 -17.99 21.84
N ASN C 119 35.81 -19.11 22.54
CA ASN C 119 36.48 -20.27 21.96
C ASN C 119 35.74 -20.88 20.78
N ILE C 120 34.44 -20.62 20.70
CA ILE C 120 33.65 -21.16 19.57
C ILE C 120 32.99 -20.14 18.63
N THR C 121 32.76 -18.92 19.12
CA THR C 121 32.12 -17.88 18.33
C THR C 121 32.47 -16.49 18.83
N ALA C 122 32.48 -15.53 17.90
CA ALA C 122 32.74 -14.12 18.21
C ALA C 122 31.47 -13.41 18.71
N ALA C 123 30.37 -14.16 18.82
CA ALA C 123 29.07 -13.56 19.01
C ALA C 123 28.95 -12.85 20.37
N SER C 124 28.72 -11.55 20.34
CA SER C 124 28.85 -10.78 21.55
C SER C 124 27.86 -11.14 22.65
N PHE C 125 26.65 -11.56 22.31
CA PHE C 125 25.64 -11.84 23.38
C PHE C 125 26.04 -13.13 24.16
N LEU C 126 27.05 -13.82 23.62
CA LEU C 126 27.55 -15.06 24.12
C LEU C 126 28.98 -14.95 24.71
N ASN C 127 29.45 -13.72 24.98
CA ASN C 127 30.88 -13.46 25.24
C ASN C 127 31.28 -13.26 26.74
N ALA C 128 30.35 -13.55 27.64
CA ALA C 128 30.55 -13.35 29.08
C ALA C 128 29.60 -14.24 29.88
N THR C 129 30.10 -14.80 30.99
CA THR C 129 29.26 -15.53 31.94
C THR C 129 28.24 -14.55 32.53
N GLY C 130 26.98 -14.98 32.56
CA GLY C 130 25.89 -14.20 33.14
C GLY C 130 25.46 -12.98 32.35
N LYS C 131 25.90 -12.88 31.09
CA LYS C 131 25.46 -11.78 30.22
C LYS C 131 24.00 -11.90 29.78
N GLN C 132 23.21 -10.75 30.12
CA GLN C 132 21.77 -10.76 29.84
C GLN C 132 21.43 -10.05 28.53
N THR C 133 20.69 -10.68 27.63
CA THR C 133 20.15 -10.07 26.42
C THR C 133 18.62 -10.17 26.47
N PRO C 134 17.90 -9.02 26.36
CA PRO C 134 16.42 -9.10 26.21
C PRO C 134 15.99 -9.89 24.95
N VAL C 135 14.88 -10.63 25.07
CA VAL C 135 14.37 -11.41 23.95
C VAL C 135 12.87 -11.20 23.74
N PHE C 136 12.42 -11.58 22.55
CA PHE C 136 10.99 -11.66 22.26
C PHE C 136 10.80 -12.91 21.43
N VAL C 137 9.83 -13.73 21.82
CA VAL C 137 9.61 -15.01 21.14
C VAL C 137 8.16 -15.08 20.69
N ARG C 138 7.93 -15.66 19.51
CA ARG C 138 6.58 -15.90 19.05
C ARG C 138 6.50 -17.34 18.63
N PHE C 139 5.45 -18.01 19.13
CA PHE C 139 5.15 -19.39 18.76
C PHE C 139 3.94 -19.36 17.84
N SER C 140 3.75 -20.40 17.03
CA SER C 140 2.71 -20.40 16.03
C SER C 140 2.48 -21.81 15.45
N THR C 141 1.41 -21.98 14.71
CA THR C 141 1.23 -23.16 13.89
C THR C 141 1.65 -22.73 12.49
N VAL C 142 1.38 -23.53 11.46
CA VAL C 142 1.90 -23.18 10.13
C VAL C 142 0.83 -22.82 9.06
N ALA C 143 -0.15 -23.71 8.90
CA ALA C 143 -1.08 -23.67 7.81
C ALA C 143 -2.29 -22.76 8.06
N GLY C 144 -2.78 -22.72 9.30
CA GLY C 144 -4.01 -22.00 9.61
C GLY C 144 -3.96 -20.48 9.52
N SER C 145 -5.05 -19.87 9.11
CA SER C 145 -5.15 -18.43 9.17
C SER C 145 -5.32 -17.99 10.62
N ARG C 146 -5.25 -16.63 10.74
N ARG C 146 -5.28 -16.65 10.78
CA ARG C 146 -5.62 -16.01 11.99
CA ARG C 146 -5.04 -16.08 12.11
C ARG C 146 -7.02 -16.49 12.37
C ARG C 146 -6.15 -16.33 13.17
N GLY C 147 -7.21 -16.74 13.69
N GLY C 147 -7.29 -16.88 12.78
CA GLY C 147 -8.45 -17.25 14.19
CA GLY C 147 -8.34 -17.15 13.76
C GLY C 147 -8.60 -18.76 14.13
C GLY C 147 -8.56 -18.64 14.04
N SER C 148 -7.82 -19.60 13.39
CA SER C 148 -7.85 -21.03 13.41
C SER C 148 -7.41 -21.49 14.80
N ALA C 149 -7.69 -22.74 15.10
CA ALA C 149 -7.50 -23.27 16.44
C ALA C 149 -6.04 -23.59 16.71
N ASP C 150 -5.59 -23.34 17.93
CA ASP C 150 -4.20 -23.64 18.32
C ASP C 150 -3.85 -25.12 18.24
N THR C 151 -4.84 -25.96 18.45
CA THR C 151 -4.62 -27.39 18.60
C THR C 151 -5.00 -28.15 17.36
N ALA C 152 -4.76 -27.54 16.19
CA ALA C 152 -4.79 -28.27 14.94
C ALA C 152 -3.52 -29.11 14.91
N ARG C 153 -3.49 -30.12 14.05
CA ARG C 153 -2.24 -30.86 13.86
C ARG C 153 -1.35 -30.09 12.89
N ASP C 154 -0.20 -29.64 13.36
CA ASP C 154 0.71 -28.94 12.46
C ASP C 154 2.12 -28.94 13.01
N VAL C 155 3.07 -28.59 12.13
CA VAL C 155 4.38 -28.12 12.56
C VAL C 155 4.21 -26.80 13.32
N HIS C 156 5.09 -26.50 14.25
CA HIS C 156 4.95 -25.27 15.03
C HIS C 156 6.13 -24.37 14.93
N GLY C 157 5.90 -23.08 14.97
CA GLY C 157 6.97 -22.14 14.88
C GLY C 157 7.38 -21.73 16.26
N PHE C 158 8.67 -21.43 16.38
CA PHE C 158 9.34 -21.04 17.61
C PHE C 158 10.39 -20.04 17.11
N ALA C 159 10.08 -18.77 17.28
CA ALA C 159 10.87 -17.73 16.68
C ALA C 159 11.38 -16.82 17.75
N THR C 160 12.71 -16.66 17.81
CA THR C 160 13.32 -15.91 18.89
C THR C 160 14.11 -14.74 18.36
N ARG C 161 13.82 -13.56 18.90
CA ARG C 161 14.67 -12.40 18.73
C ARG C 161 15.52 -12.12 19.98
N PHE C 162 16.83 -12.06 19.78
CA PHE C 162 17.79 -11.52 20.78
C PHE C 162 18.16 -10.08 20.39
N TYR C 163 17.74 -9.13 21.20
CA TYR C 163 18.12 -7.76 21.00
C TYR C 163 19.56 -7.48 21.48
N THR C 164 20.57 -8.04 20.81
CA THR C 164 21.94 -7.98 21.35
C THR C 164 22.55 -6.59 21.24
N ASP C 165 23.62 -6.39 22.00
CA ASP C 165 24.35 -5.12 21.99
C ASP C 165 25.17 -4.95 20.72
N GLU C 166 25.12 -5.96 19.83
CA GLU C 166 25.75 -5.87 18.51
C GLU C 166 24.76 -6.02 17.35
N GLY C 167 23.48 -5.71 17.63
CA GLY C 167 22.38 -5.82 16.68
C GLY C 167 21.35 -6.90 17.00
N ASN C 168 20.20 -6.86 16.32
CA ASN C 168 19.15 -7.82 16.57
C ASN C 168 19.55 -9.09 15.92
N PHE C 169 19.36 -10.21 16.59
CA PHE C 169 19.69 -11.54 16.06
C PHE C 169 18.48 -12.44 16.25
N ASP C 170 18.03 -13.04 15.15
CA ASP C 170 16.78 -13.82 15.13
C ASP C 170 17.08 -15.24 14.81
N ILE C 171 16.56 -16.17 15.61
CA ILE C 171 16.62 -17.57 15.24
C ILE C 171 15.20 -17.96 14.97
N VAL C 172 14.94 -18.25 13.71
CA VAL C 172 13.57 -18.49 13.27
C VAL C 172 13.42 -19.99 13.08
N GLY C 173 12.90 -20.67 14.11
CA GLY C 173 12.81 -22.12 14.06
C GLY C 173 11.45 -22.75 14.29
N ASN C 174 11.44 -24.09 14.24
CA ASN C 174 10.29 -24.94 14.48
C ASN C 174 10.39 -25.87 15.70
N ASN C 175 9.28 -26.51 16.06
CA ASN C 175 9.28 -27.44 17.18
C ASN C 175 9.66 -28.81 16.67
N ILE C 176 9.95 -28.87 15.37
CA ILE C 176 10.33 -30.09 14.73
C ILE C 176 11.63 -29.80 13.98
N PRO C 177 12.68 -30.64 14.18
CA PRO C 177 14.03 -30.27 13.75
C PRO C 177 14.32 -30.40 12.25
N VAL C 178 13.36 -30.89 11.47
CA VAL C 178 13.58 -31.07 10.04
C VAL C 178 12.39 -30.55 9.24
N PHE C 179 12.64 -30.18 7.98
CA PHE C 179 11.61 -29.59 7.17
C PHE C 179 11.25 -30.39 5.93
N PHE C 180 10.07 -30.14 5.40
CA PHE C 180 9.49 -31.00 4.35
C PHE C 180 10.29 -31.06 3.08
N ILE C 181 11.05 -30.01 2.77
CA ILE C 181 11.58 -29.82 1.39
C ILE C 181 13.03 -29.41 1.39
N GLN C 182 13.70 -29.62 0.26
CA GLN C 182 15.15 -29.43 0.19
C GLN C 182 15.61 -28.14 -0.49
N ASP C 183 14.68 -27.46 -1.16
CA ASP C 183 14.98 -26.21 -1.82
C ASP C 183 13.86 -25.16 -1.54
N ALA C 184 14.25 -23.95 -1.13
CA ALA C 184 13.27 -22.87 -0.87
C ALA C 184 12.32 -22.55 -2.03
N ILE C 185 12.76 -22.70 -3.26
CA ILE C 185 11.94 -22.49 -4.46
C ILE C 185 10.67 -23.34 -4.51
N GLN C 186 10.62 -24.38 -3.68
CA GLN C 186 9.50 -25.30 -3.57
C GLN C 186 8.49 -24.91 -2.51
N PHE C 187 8.83 -23.93 -1.69
CA PHE C 187 8.00 -23.51 -0.61
C PHE C 187 6.55 -23.25 -1.02
N PRO C 188 6.33 -22.54 -2.15
CA PRO C 188 4.91 -22.29 -2.47
C PRO C 188 4.15 -23.54 -2.89
N ASP C 189 4.85 -24.54 -3.38
CA ASP C 189 4.22 -25.79 -3.74
C ASP C 189 3.78 -26.52 -2.47
N LEU C 190 4.71 -26.65 -1.52
CA LEU C 190 4.39 -27.23 -0.22
C LEU C 190 3.18 -26.51 0.39
N ILE C 191 3.31 -25.18 0.55
CA ILE C 191 2.28 -24.41 1.21
C ILE C 191 0.92 -24.40 0.46
N HIS C 192 0.95 -24.27 -0.87
CA HIS C 192 -0.33 -24.35 -1.61
C HIS C 192 -1.02 -25.65 -1.37
N SER C 193 -0.25 -26.74 -1.33
CA SER C 193 -0.84 -28.07 -1.25
C SER C 193 -1.42 -28.35 0.14
N VAL C 194 -0.85 -27.68 1.13
CA VAL C 194 -1.11 -27.99 2.52
C VAL C 194 -2.24 -27.12 3.03
N LYS C 195 -2.29 -25.86 2.56
CA LYS C 195 -3.38 -24.93 2.84
C LYS C 195 -4.71 -25.35 2.18
N PRO C 196 -5.81 -24.62 2.47
CA PRO C 196 -7.10 -25.10 1.95
C PRO C 196 -7.17 -25.11 0.43
N ARG C 197 -8.02 -25.94 -0.14
CA ARG C 197 -8.26 -26.00 -1.59
C ARG C 197 -8.60 -24.61 -2.15
N PRO C 198 -7.98 -24.27 -3.27
CA PRO C 198 -8.15 -22.90 -3.74
C PRO C 198 -9.51 -22.62 -4.35
N ASP C 199 -10.28 -23.66 -4.64
CA ASP C 199 -11.62 -23.41 -5.19
C ASP C 199 -12.64 -23.05 -4.10
N ASN C 200 -12.65 -23.79 -2.98
CA ASN C 200 -13.63 -23.51 -1.92
C ASN C 200 -13.02 -23.11 -0.58
N GLU C 201 -11.64 -22.95 -0.37
CA GLU C 201 -10.97 -22.75 0.91
C GLU C 201 -11.45 -23.77 1.93
N ILE C 202 -11.30 -25.00 1.58
CA ILE C 202 -11.56 -26.06 2.54
C ILE C 202 -10.43 -27.11 2.41
N PRO C 203 -9.93 -27.64 3.53
CA PRO C 203 -10.27 -27.45 4.94
C PRO C 203 -9.32 -26.49 5.65
N GLN C 204 -9.78 -25.78 6.67
CA GLN C 204 -8.92 -24.92 7.47
C GLN C 204 -7.91 -25.72 8.30
N ALA C 205 -6.68 -25.23 8.41
CA ALA C 205 -5.73 -25.72 9.36
C ALA C 205 -5.61 -27.24 9.37
N ALA C 206 -5.26 -27.85 8.25
CA ALA C 206 -5.30 -29.32 8.21
C ALA C 206 -4.64 -29.93 6.97
N THR C 207 -3.91 -31.00 7.18
CA THR C 207 -3.26 -31.71 6.08
C THR C 207 -4.16 -32.85 5.59
N ALA C 208 -5.33 -33.01 6.24
CA ALA C 208 -6.28 -34.06 5.92
C ALA C 208 -7.14 -33.80 4.66
N HIS C 209 -6.47 -33.79 3.48
CA HIS C 209 -7.15 -33.64 2.22
C HIS C 209 -6.23 -33.97 1.09
N ASP C 210 -6.82 -34.11 -0.08
CA ASP C 210 -6.11 -34.72 -1.21
C ASP C 210 -4.78 -34.07 -1.58
N SER C 211 -4.76 -32.74 -1.67
CA SER C 211 -3.64 -32.05 -2.26
C SER C 211 -2.40 -32.22 -1.42
N ALA C 212 -2.55 -32.14 -0.10
CA ALA C 212 -1.43 -32.29 0.82
C ALA C 212 -0.74 -33.63 0.59
N TRP C 213 -1.51 -34.70 0.61
CA TRP C 213 -0.99 -36.05 0.44
C TRP C 213 -0.57 -36.32 -0.96
N ASP C 214 -1.18 -35.63 -1.92
CA ASP C 214 -0.69 -35.74 -3.28
C ASP C 214 0.75 -35.24 -3.26
N PHE C 215 0.97 -34.13 -2.56
CA PHE C 215 2.29 -33.55 -2.55
C PHE C 215 3.25 -34.43 -1.78
N PHE C 216 2.88 -34.84 -0.58
CA PHE C 216 3.77 -35.65 0.21
C PHE C 216 4.17 -36.93 -0.53
N SER C 217 3.23 -37.51 -1.27
CA SER C 217 3.50 -38.77 -1.93
C SER C 217 4.33 -38.58 -3.17
N GLN C 218 4.32 -37.39 -3.74
CA GLN C 218 5.13 -37.11 -4.92
C GLN C 218 6.47 -36.47 -4.59
N GLN C 219 6.63 -35.99 -3.36
CA GLN C 219 7.81 -35.30 -2.95
C GLN C 219 8.31 -35.97 -1.69
N PRO C 220 8.95 -37.15 -1.85
CA PRO C 220 9.35 -38.00 -0.74
C PRO C 220 10.23 -37.32 0.31
N SER C 221 10.93 -36.24 -0.07
CA SER C 221 11.70 -35.49 0.92
C SER C 221 10.91 -35.14 2.17
N THR C 222 9.59 -35.24 2.06
CA THR C 222 8.73 -34.82 3.14
C THR C 222 8.50 -35.87 4.21
N MET C 223 8.86 -37.11 3.90
CA MET C 223 8.59 -38.21 4.83
C MET C 223 9.08 -37.92 6.25
N HIS C 224 10.27 -37.42 6.38
CA HIS C 224 10.76 -37.20 7.72
C HIS C 224 9.93 -36.25 8.54
N THR C 225 9.68 -35.03 8.04
CA THR C 225 8.84 -34.05 8.75
C THR C 225 7.41 -34.61 8.89
N LEU C 226 6.92 -35.27 7.84
CA LEU C 226 5.58 -35.85 7.88
C LEU C 226 5.41 -36.76 9.09
N PHE C 227 6.40 -37.63 9.29
CA PHE C 227 6.40 -38.56 10.42
C PHE C 227 6.38 -37.79 11.74
N TRP C 228 7.25 -36.80 11.89
CA TRP C 228 7.21 -35.91 13.05
C TRP C 228 5.86 -35.28 13.28
N ALA C 229 5.23 -34.76 12.24
CA ALA C 229 3.95 -34.05 12.38
C ALA C 229 2.81 -35.00 12.75
N MET C 230 2.89 -36.23 12.25
CA MET C 230 1.93 -37.29 12.56
C MET C 230 2.13 -37.89 13.96
N SER C 231 3.28 -37.65 14.59
CA SER C 231 3.47 -38.05 15.98
C SER C 231 2.75 -37.05 16.88
N GLY C 232 3.11 -37.03 18.16
CA GLY C 232 2.51 -36.12 19.13
C GLY C 232 3.12 -34.77 19.00
N HIS C 233 4.24 -34.71 18.28
CA HIS C 233 4.88 -33.44 17.98
C HIS C 233 3.98 -32.54 17.15
N GLY C 234 3.02 -33.16 16.45
CA GLY C 234 1.99 -32.41 15.77
C GLY C 234 1.02 -31.70 16.70
N ILE C 235 0.85 -32.20 17.92
CA ILE C 235 -0.17 -31.67 18.82
C ILE C 235 0.36 -31.53 20.23
N PRO C 236 1.31 -30.61 20.45
CA PRO C 236 1.89 -30.43 21.77
C PRO C 236 0.88 -29.96 22.79
N ARG C 237 1.14 -30.29 24.06
CA ARG C 237 0.26 -29.87 25.16
C ARG C 237 0.28 -28.36 25.40
N SER C 238 1.40 -27.71 25.05
CA SER C 238 1.50 -26.26 25.13
C SER C 238 2.78 -25.89 24.42
N TYR C 239 3.00 -24.60 24.26
CA TYR C 239 4.22 -24.07 23.65
C TYR C 239 5.38 -24.36 24.59
N ARG C 240 5.08 -24.33 25.88
CA ARG C 240 6.07 -24.55 26.94
C ARG C 240 6.56 -26.00 26.95
N HIS C 241 5.77 -26.93 26.44
CA HIS C 241 6.13 -28.34 26.49
C HIS C 241 6.59 -28.82 25.17
N MET C 242 7.24 -27.92 24.45
CA MET C 242 7.88 -28.31 23.17
C MET C 242 9.27 -27.70 23.08
N ASP C 243 10.09 -28.27 22.21
CA ASP C 243 11.41 -27.71 21.94
C ASP C 243 11.40 -26.75 20.75
N GLY C 244 12.52 -26.06 20.55
CA GLY C 244 12.75 -25.24 19.38
C GLY C 244 13.95 -25.76 18.61
N PHE C 245 13.92 -25.70 17.29
CA PHE C 245 15.07 -26.06 16.52
C PHE C 245 15.31 -25.04 15.42
N GLY C 246 16.57 -24.71 15.17
CA GLY C 246 16.93 -23.92 13.99
C GLY C 246 16.77 -24.67 12.65
N VAL C 247 16.64 -25.99 12.70
CA VAL C 247 16.58 -26.83 11.50
C VAL C 247 17.87 -26.84 10.65
N HIS C 248 18.22 -25.71 10.03
CA HIS C 248 19.41 -25.67 9.18
C HIS C 248 20.67 -25.78 9.97
N THR C 249 21.72 -26.29 9.32
CA THR C 249 23.06 -26.08 9.83
C THR C 249 23.47 -24.63 9.58
N PHE C 250 23.97 -23.98 10.63
CA PHE C 250 24.63 -22.65 10.51
C PHE C 250 26.14 -22.79 10.75
N ARG C 251 26.84 -21.66 10.89
CA ARG C 251 28.27 -21.64 11.22
C ARG C 251 28.50 -20.74 12.40
N PHE C 252 29.24 -21.23 13.38
CA PHE C 252 29.89 -20.36 14.34
C PHE C 252 31.24 -19.85 13.78
N VAL C 253 31.54 -18.58 14.02
CA VAL C 253 32.75 -17.96 13.46
C VAL C 253 33.50 -17.19 14.56
N LYS C 254 34.80 -17.46 14.68
CA LYS C 254 35.62 -16.82 15.71
C LYS C 254 36.32 -15.60 15.10
N ASP C 255 36.80 -14.69 15.94
CA ASP C 255 37.46 -13.50 15.41
C ASP C 255 38.63 -13.81 14.49
N ASP C 256 39.33 -14.93 14.73
CA ASP C 256 40.43 -15.37 13.84
C ASP C 256 39.97 -15.86 12.46
N GLY C 257 38.66 -15.92 12.25
CA GLY C 257 38.10 -16.28 10.95
C GLY C 257 37.70 -17.74 10.80
N SER C 258 37.94 -18.55 11.81
CA SER C 258 37.69 -19.99 11.66
C SER C 258 36.22 -20.33 12.01
N SER C 259 35.74 -21.43 11.42
CA SER C 259 34.34 -21.78 11.52
C SER C 259 34.10 -23.25 11.86
N LYS C 260 33.11 -23.46 12.72
CA LYS C 260 32.53 -24.78 12.96
C LYS C 260 31.09 -24.77 12.40
N LEU C 261 30.59 -25.94 12.02
CA LEU C 261 29.17 -26.10 11.66
C LEU C 261 28.31 -26.38 12.90
N ILE C 262 27.14 -25.74 12.99
CA ILE C 262 26.27 -25.86 14.19
C ILE C 262 24.78 -26.10 13.91
N LYS C 263 24.08 -26.62 14.92
CA LYS C 263 22.64 -26.83 14.89
C LYS C 263 22.13 -26.33 16.21
N TRP C 264 21.09 -25.50 16.16
CA TRP C 264 20.48 -24.95 17.39
C TRP C 264 19.43 -25.86 17.95
N HIS C 265 19.41 -26.01 19.27
CA HIS C 265 18.37 -26.76 19.98
C HIS C 265 17.97 -25.95 21.17
N PHE C 266 16.67 -25.70 21.33
CA PHE C 266 16.10 -25.07 22.54
C PHE C 266 15.37 -26.17 23.35
N LYS C 267 16.00 -26.66 24.42
CA LYS C 267 15.41 -27.78 25.14
C LYS C 267 14.51 -27.26 26.22
N SER C 268 13.27 -27.78 26.27
CA SER C 268 12.27 -27.33 27.21
C SER C 268 12.57 -27.85 28.59
N ARG C 269 12.69 -26.92 29.53
CA ARG C 269 12.76 -27.23 30.96
C ARG C 269 11.41 -27.59 31.63
N GLN C 270 10.32 -27.62 30.87
CA GLN C 270 9.04 -27.99 31.41
C GLN C 270 8.74 -29.43 31.01
N GLY C 271 9.63 -30.02 30.19
CA GLY C 271 9.45 -31.38 29.69
C GLY C 271 8.56 -31.45 28.47
N LYS C 272 8.58 -32.59 27.78
CA LYS C 272 7.76 -32.79 26.60
C LYS C 272 6.43 -33.48 26.92
N ALA C 273 5.33 -32.92 26.40
CA ALA C 273 3.97 -33.48 26.57
C ALA C 273 3.10 -33.16 25.37
N SER C 274 2.19 -34.06 25.07
CA SER C 274 1.32 -33.81 23.95
C SER C 274 -0.12 -34.27 24.22
N LEU C 275 -1.08 -33.71 23.49
CA LEU C 275 -2.48 -34.11 23.59
C LEU C 275 -2.70 -35.41 22.84
N VAL C 276 -3.89 -36.00 22.99
CA VAL C 276 -4.27 -37.08 22.05
C VAL C 276 -5.22 -36.47 21.03
N TRP C 277 -5.18 -37.00 19.82
CA TRP C 277 -6.01 -36.49 18.74
C TRP C 277 -7.43 -36.19 19.12
N GLU C 278 -8.15 -37.24 19.53
CA GLU C 278 -9.57 -37.10 19.82
C GLU C 278 -9.81 -35.96 20.82
N GLU C 279 -8.81 -35.69 21.64
CA GLU C 279 -8.89 -34.59 22.62
C GLU C 279 -8.63 -33.25 21.94
N ALA C 280 -7.61 -33.21 21.08
CA ALA C 280 -7.24 -32.02 20.31
C ALA C 280 -8.39 -31.47 19.46
N GLN C 281 -9.10 -32.36 18.77
CA GLN C 281 -10.28 -31.99 18.01
C GLN C 281 -11.33 -31.25 18.83
N VAL C 282 -11.68 -31.80 20.00
CA VAL C 282 -12.66 -31.17 20.87
C VAL C 282 -12.16 -29.82 21.35
N LEU C 283 -10.90 -29.79 21.77
CA LEU C 283 -10.27 -28.59 22.29
C LEU C 283 -10.30 -27.44 21.29
N SER C 284 -10.09 -27.77 20.01
CA SER C 284 -10.18 -26.79 18.93
C SER C 284 -11.52 -26.06 18.92
N GLY C 285 -12.62 -26.78 19.23
CA GLY C 285 -13.94 -26.21 19.37
C GLY C 285 -14.18 -25.54 20.72
N LYS C 286 -13.85 -26.22 21.80
CA LYS C 286 -14.10 -25.66 23.14
C LYS C 286 -13.22 -24.49 23.47
N ASN C 287 -11.98 -24.49 23.00
CA ASN C 287 -11.06 -23.36 23.21
C ASN C 287 -9.97 -23.19 22.14
N ALA C 288 -10.31 -22.47 21.09
CA ALA C 288 -9.39 -22.21 19.99
C ALA C 288 -8.11 -21.53 20.47
N ASP C 289 -8.19 -20.91 21.64
CA ASP C 289 -7.13 -20.10 22.19
C ASP C 289 -6.30 -20.81 23.23
N PHE C 290 -6.40 -22.14 23.26
CA PHE C 290 -5.78 -22.90 24.34
C PHE C 290 -4.30 -22.57 24.60
N HIS C 291 -3.44 -22.76 23.59
CA HIS C 291 -2.00 -22.47 23.74
C HIS C 291 -1.71 -21.07 24.12
N ARG C 292 -2.40 -20.10 23.51
CA ARG C 292 -2.08 -18.74 23.92
C ARG C 292 -2.57 -18.41 25.31
N GLN C 293 -3.70 -18.98 25.74
CA GLN C 293 -4.18 -18.80 27.11
C GLN C 293 -3.16 -19.36 28.11
N ASP C 294 -2.67 -20.56 27.78
CA ASP C 294 -1.70 -21.28 28.59
C ASP C 294 -0.44 -20.47 28.84
N LEU C 295 0.18 -19.99 27.78
CA LEU C 295 1.41 -19.23 27.90
C LEU C 295 1.16 -17.95 28.66
N TRP C 296 0.08 -17.27 28.35
CA TRP C 296 -0.28 -16.01 29.04
C TRP C 296 -0.39 -16.20 30.54
N ASP C 297 -1.13 -17.25 30.92
CA ASP C 297 -1.36 -17.61 32.32
C ASP C 297 -0.06 -18.00 33.04
N ALA C 298 0.76 -18.89 32.43
CA ALA C 298 2.04 -19.30 33.04
C ALA C 298 2.85 -18.09 33.40
N ILE C 299 2.88 -17.11 32.50
CA ILE C 299 3.63 -15.88 32.74
C ILE C 299 2.99 -14.98 33.82
N GLU C 300 1.66 -14.86 33.82
CA GLU C 300 1.01 -14.01 34.84
C GLU C 300 1.32 -14.51 36.24
N SER C 301 1.37 -15.84 36.39
CA SER C 301 1.45 -16.46 37.69
C SER C 301 2.89 -16.69 38.17
N GLY C 302 3.86 -16.11 37.45
CA GLY C 302 5.26 -16.19 37.85
C GLY C 302 5.94 -17.51 37.50
N ASN C 303 5.29 -18.31 36.67
CA ASN C 303 5.89 -19.52 36.16
C ASN C 303 6.36 -19.39 34.70
N GLY C 304 7.04 -18.28 34.38
CA GLY C 304 7.61 -18.15 33.04
C GLY C 304 8.31 -19.44 32.55
N PRO C 305 7.98 -19.91 31.33
CA PRO C 305 8.66 -21.11 30.80
C PRO C 305 10.14 -20.84 30.50
N GLU C 306 10.94 -21.90 30.50
CA GLU C 306 12.37 -21.79 30.25
C GLU C 306 12.87 -22.85 29.29
N TRP C 307 13.93 -22.49 28.56
CA TRP C 307 14.62 -23.40 27.66
C TRP C 307 16.12 -23.27 27.82
N ASP C 308 16.81 -24.40 27.76
CA ASP C 308 18.25 -24.39 27.60
C ASP C 308 18.53 -24.19 26.12
N VAL C 309 19.25 -23.11 25.82
CA VAL C 309 19.70 -22.88 24.46
C VAL C 309 21.00 -23.65 24.25
N CYS C 310 20.99 -24.63 23.36
CA CYS C 310 22.10 -25.57 23.16
C CYS C 310 22.47 -25.63 21.72
N VAL C 311 23.69 -26.09 21.43
CA VAL C 311 24.11 -26.38 20.05
C VAL C 311 24.80 -27.70 19.95
N GLN C 312 24.72 -28.29 18.78
CA GLN C 312 25.67 -29.33 18.37
C GLN C 312 26.79 -28.60 17.62
N ILE C 313 28.04 -28.94 17.91
CA ILE C 313 29.17 -28.35 17.18
C ILE C 313 29.98 -29.43 16.47
N VAL C 314 30.22 -29.24 15.17
CA VAL C 314 31.03 -30.19 14.43
C VAL C 314 31.94 -29.45 13.47
N ASP C 315 32.84 -30.18 12.81
CA ASP C 315 33.86 -29.57 11.99
C ASP C 315 33.40 -29.49 10.55
N GLU C 316 33.91 -28.46 9.86
CA GLU C 316 33.71 -28.33 8.43
C GLU C 316 33.99 -29.64 7.69
N SER C 317 35.02 -30.38 8.12
CA SER C 317 35.40 -31.67 7.49
C SER C 317 34.31 -32.73 7.66
N GLN C 318 33.47 -32.57 8.70
CA GLN C 318 32.44 -33.55 9.01
C GLN C 318 31.12 -33.37 8.23
N ALA C 319 31.12 -32.47 7.25
CA ALA C 319 29.96 -32.21 6.42
C ALA C 319 29.25 -33.48 5.92
N GLN C 320 30.00 -34.49 5.53
CA GLN C 320 29.38 -35.70 4.99
C GLN C 320 29.75 -36.98 5.75
N ALA C 321 30.23 -36.79 6.98
CA ALA C 321 30.76 -37.86 7.82
C ALA C 321 29.70 -38.67 8.58
N PHE C 322 28.44 -38.29 8.50
CA PHE C 322 27.40 -39.00 9.24
C PHE C 322 26.43 -39.74 8.33
N GLY C 323 26.80 -39.90 7.06
CA GLY C 323 25.99 -40.71 6.13
C GLY C 323 24.88 -39.93 5.46
N PHE C 324 24.96 -38.60 5.54
CA PHE C 324 24.02 -37.65 4.91
C PHE C 324 24.71 -36.29 4.87
N ASP C 325 24.19 -35.40 4.00
CA ASP C 325 24.77 -34.08 3.79
C ASP C 325 24.24 -33.11 4.84
N LEU C 326 25.12 -32.35 5.47
CA LEU C 326 24.68 -31.44 6.53
C LEU C 326 23.99 -30.21 6.00
N LEU C 327 24.00 -30.04 4.68
CA LEU C 327 23.29 -28.94 4.03
C LEU C 327 21.84 -29.34 3.75
N ASP C 328 21.48 -30.58 4.09
CA ASP C 328 20.16 -31.11 3.84
C ASP C 328 19.24 -30.88 5.03
N PRO C 329 18.23 -30.02 4.88
CA PRO C 329 17.41 -29.69 6.04
C PRO C 329 16.34 -30.76 6.36
N THR C 330 16.34 -31.87 5.64
CA THR C 330 15.50 -33.01 6.00
C THR C 330 16.18 -34.03 6.95
N LYS C 331 17.32 -33.67 7.53
CA LYS C 331 18.13 -34.59 8.32
C LYS C 331 18.51 -34.03 9.68
N ILE C 332 18.54 -34.91 10.69
CA ILE C 332 19.14 -34.60 11.99
C ILE C 332 20.52 -35.24 12.11
N ILE C 333 21.37 -34.62 12.92
CA ILE C 333 22.56 -35.26 13.44
C ILE C 333 22.11 -35.94 14.73
N PRO C 334 22.04 -37.30 14.74
CA PRO C 334 21.64 -38.01 15.95
C PRO C 334 22.53 -37.65 17.13
N GLU C 335 21.94 -37.44 18.33
CA GLU C 335 22.70 -37.07 19.53
C GLU C 335 23.88 -38.04 19.85
N GLU C 336 23.72 -39.30 19.43
CA GLU C 336 24.75 -40.32 19.57
C GLU C 336 26.07 -39.91 18.89
N TYR C 337 25.99 -39.10 17.82
CA TYR C 337 27.19 -38.70 17.07
C TYR C 337 27.73 -37.29 17.40
N ALA C 338 26.93 -36.45 18.05
CA ALA C 338 27.35 -35.10 18.44
C ALA C 338 26.52 -34.64 19.64
N PRO C 339 27.12 -34.60 20.82
CA PRO C 339 26.36 -34.21 21.99
C PRO C 339 26.06 -32.70 22.00
N LEU C 340 25.03 -32.32 22.75
CA LEU C 340 24.59 -30.93 22.85
C LEU C 340 25.39 -30.18 23.89
N THR C 341 25.75 -28.94 23.59
CA THR C 341 26.36 -28.06 24.57
C THR C 341 25.39 -26.96 24.99
N LYS C 342 25.13 -26.88 26.29
CA LYS C 342 24.28 -25.87 26.89
C LYS C 342 25.01 -24.55 26.83
N LEU C 343 24.48 -23.56 26.10
CA LEU C 343 25.10 -22.22 25.96
C LEU C 343 24.57 -21.19 26.92
N GLY C 344 23.31 -21.33 27.31
CA GLY C 344 22.67 -20.30 28.16
C GLY C 344 21.21 -20.63 28.39
N LEU C 345 20.55 -19.74 29.13
CA LEU C 345 19.19 -19.97 29.53
C LEU C 345 18.26 -18.93 28.93
N LEU C 346 17.19 -19.41 28.26
CA LEU C 346 16.12 -18.52 27.76
C LEU C 346 14.88 -18.62 28.64
N LYS C 347 14.39 -17.47 29.07
CA LYS C 347 13.21 -17.41 29.94
C LYS C 347 12.21 -16.34 29.46
N LEU C 348 10.93 -16.72 29.38
CA LEU C 348 9.89 -15.75 29.07
C LEU C 348 9.15 -15.38 30.32
N ASP C 349 9.17 -14.10 30.68
CA ASP C 349 8.52 -13.70 31.92
C ASP C 349 7.68 -12.44 31.81
N ARG C 350 7.44 -11.90 30.56
CA ARG C 350 6.60 -10.72 30.44
C ARG C 350 5.65 -10.84 29.25
N ASN C 351 4.34 -10.68 29.54
CA ASN C 351 3.31 -10.62 28.50
C ASN C 351 3.33 -9.26 27.85
N PRO C 352 2.93 -9.17 26.57
CA PRO C 352 2.81 -7.88 25.90
C PRO C 352 1.67 -7.05 26.47
N THR C 353 1.68 -5.77 26.12
CA THR C 353 0.68 -4.80 26.53
C THR C 353 -0.40 -4.61 25.46
N ASN C 354 0.06 -4.55 24.21
CA ASN C 354 -0.83 -4.59 23.06
C ASN C 354 -0.44 -5.69 22.10
N TYR C 355 -1.30 -6.70 21.97
CA TYR C 355 -1.06 -7.81 21.07
C TYR C 355 -0.71 -7.38 19.64
N PHE C 356 -1.55 -6.51 19.07
CA PHE C 356 -1.32 -6.06 17.73
C PHE C 356 0.04 -5.45 17.58
N ALA C 357 0.34 -4.50 18.46
CA ALA C 357 1.51 -3.66 18.30
C ALA C 357 2.77 -4.42 18.50
N GLU C 358 2.69 -5.46 19.33
CA GLU C 358 3.88 -6.26 19.65
C GLU C 358 3.91 -7.59 18.89
N THR C 359 2.98 -8.50 19.21
CA THR C 359 2.96 -9.82 18.61
C THR C 359 2.61 -9.81 17.13
N GLU C 360 1.60 -9.04 16.72
CA GLU C 360 1.22 -9.05 15.31
C GLU C 360 2.31 -8.38 14.44
N GLN C 361 2.87 -7.27 14.91
CA GLN C 361 3.84 -6.52 14.11
C GLN C 361 5.28 -7.05 14.16
N VAL C 362 5.60 -8.02 15.02
CA VAL C 362 6.99 -8.44 15.07
C VAL C 362 7.36 -9.07 13.72
N MET C 363 8.48 -8.66 13.16
CA MET C 363 8.87 -9.20 11.86
C MET C 363 10.27 -9.81 11.88
N PHE C 364 10.33 -11.12 11.97
CA PHE C 364 11.57 -11.88 12.13
C PHE C 364 12.24 -12.05 10.79
N GLN C 365 13.55 -12.22 10.81
CA GLN C 365 14.31 -12.46 9.60
C GLN C 365 15.56 -13.26 9.95
N PRO C 366 15.79 -14.37 9.24
CA PRO C 366 17.08 -15.02 9.39
C PRO C 366 18.21 -14.10 8.88
N GLY C 367 17.87 -13.10 8.09
CA GLY C 367 18.85 -12.12 7.64
C GLY C 367 19.30 -11.25 8.80
N HIS C 368 18.58 -11.33 9.91
CA HIS C 368 18.99 -10.61 11.09
C HIS C 368 20.08 -11.39 11.77
N ILE C 369 21.30 -11.25 11.23
CA ILE C 369 22.45 -12.01 11.70
C ILE C 369 23.47 -11.06 12.35
N VAL C 370 24.31 -11.64 13.22
CA VAL C 370 25.37 -10.89 13.92
C VAL C 370 26.74 -11.52 13.67
N ARG C 371 27.78 -10.68 13.83
CA ARG C 371 29.18 -11.14 13.88
C ARG C 371 29.31 -12.39 14.80
N GLY C 372 29.80 -13.48 14.23
CA GLY C 372 29.95 -14.70 15.01
C GLY C 372 29.20 -15.86 14.42
N ILE C 373 28.17 -15.56 13.64
CA ILE C 373 27.34 -16.60 12.99
C ILE C 373 27.39 -16.33 11.51
N ASP C 374 27.25 -17.39 10.72
CA ASP C 374 27.17 -17.25 9.27
C ASP C 374 26.25 -18.32 8.76
N PHE C 375 25.84 -18.19 7.49
CA PHE C 375 24.92 -19.11 6.85
C PHE C 375 25.67 -20.30 6.30
N THR C 376 24.95 -21.29 5.78
CA THR C 376 25.56 -22.37 5.03
C THR C 376 24.84 -22.48 3.72
N GLU C 377 25.34 -23.33 2.85
CA GLU C 377 24.84 -23.51 1.50
C GLU C 377 23.62 -24.42 1.48
N ASP C 378 22.86 -24.45 2.57
CA ASP C 378 21.60 -25.20 2.62
C ASP C 378 20.58 -24.48 1.67
N PRO C 379 20.17 -25.15 0.58
CA PRO C 379 19.32 -24.47 -0.44
C PRO C 379 17.96 -24.02 0.08
N LEU C 380 17.56 -24.54 1.24
CA LEU C 380 16.36 -24.07 1.88
C LEU C 380 16.67 -22.78 2.62
N LEU C 381 17.72 -22.79 3.44
CA LEU C 381 18.09 -21.59 4.18
C LEU C 381 18.36 -20.39 3.24
N GLN C 382 19.04 -20.67 2.11
CA GLN C 382 19.45 -19.63 1.17
C GLN C 382 18.24 -18.79 0.69
N GLY C 383 17.20 -19.46 0.21
CA GLY C 383 15.98 -18.83 -0.24
C GLY C 383 15.29 -18.05 0.87
N ARG C 384 15.23 -18.64 2.06
CA ARG C 384 14.61 -17.93 3.19
C ARG C 384 15.14 -16.52 3.29
N LEU C 385 16.44 -16.34 3.03
CA LEU C 385 17.03 -15.04 3.23
C LEU C 385 16.32 -13.97 2.41
N PHE C 386 15.96 -14.29 1.18
CA PHE C 386 15.18 -13.39 0.32
C PHE C 386 13.74 -13.11 0.82
N SER C 387 13.01 -14.19 1.04
CA SER C 387 11.63 -14.14 1.42
C SER C 387 11.27 -13.27 2.62
N TYR C 388 12.02 -13.39 3.72
CA TYR C 388 11.64 -12.66 4.96
C TYR C 388 11.85 -11.16 4.86
N LEU C 389 12.76 -10.70 4.02
CA LEU C 389 12.90 -9.24 3.83
C LEU C 389 11.79 -8.72 2.94
N ASP C 390 11.45 -9.48 1.90
CA ASP C 390 10.44 -9.09 0.93
C ASP C 390 9.02 -9.04 1.53
N THR C 391 8.66 -10.07 2.29
CA THR C 391 7.30 -10.19 2.78
C THR C 391 6.93 -9.06 3.72
N GLN C 392 7.89 -8.41 4.38
CA GLN C 392 7.48 -7.39 5.35
C GLN C 392 6.91 -6.19 4.59
N LEU C 393 7.24 -6.07 3.32
CA LEU C 393 6.69 -5.01 2.52
C LEU C 393 5.20 -5.23 2.38
N ASN C 394 4.81 -6.50 2.23
CA ASN C 394 3.42 -6.84 2.18
C ASN C 394 2.76 -6.50 3.49
N ARG C 395 3.32 -6.99 4.58
CA ARG C 395 2.70 -6.84 5.91
C ARG C 395 2.67 -5.45 6.40
N ASN C 396 3.74 -4.70 6.18
CA ASN C 396 3.82 -3.36 6.73
C ASN C 396 3.32 -2.29 5.75
N GLY C 397 3.32 -2.65 4.45
CA GLY C 397 2.87 -1.70 3.40
C GLY C 397 3.87 -0.63 3.06
N GLY C 398 5.12 -0.84 3.44
CA GLY C 398 6.13 0.19 3.35
C GLY C 398 7.43 -0.35 3.88
N PRO C 399 8.53 0.33 3.51
CA PRO C 399 9.90 -0.10 3.72
C PRO C 399 10.50 0.18 5.09
N ASN C 400 9.79 0.92 5.95
CA ASN C 400 10.35 1.34 7.24
C ASN C 400 9.80 0.51 8.40
N PHE C 401 9.59 -0.79 8.15
CA PHE C 401 9.13 -1.71 9.18
C PHE C 401 10.12 -1.88 10.37
N GLU C 402 11.42 -1.73 10.11
CA GLU C 402 12.37 -1.88 11.24
C GLU C 402 12.24 -0.74 12.25
N GLN C 403 11.46 0.28 11.92
CA GLN C 403 11.26 1.40 12.82
C GLN C 403 10.08 1.17 13.82
N LEU C 404 9.35 0.08 13.64
CA LEU C 404 8.31 -0.23 14.62
C LEU C 404 8.97 -0.57 15.96
N PRO C 405 8.44 -0.05 17.07
CA PRO C 405 9.10 -0.27 18.36
C PRO C 405 9.57 -1.70 18.58
N ILE C 406 8.73 -2.68 18.30
CA ILE C 406 9.09 -4.07 18.51
C ILE C 406 10.23 -4.56 17.61
N ASN C 407 10.48 -3.86 16.52
CA ASN C 407 11.49 -4.31 15.57
C ASN C 407 12.78 -3.48 15.69
N MET C 408 12.70 -2.34 16.39
CA MET C 408 13.90 -1.50 16.67
C MET C 408 14.98 -2.29 17.40
N PRO C 409 16.26 -2.00 17.12
CA PRO C 409 17.35 -2.57 17.93
C PRO C 409 17.58 -1.76 19.21
N ARG C 410 18.38 -2.28 20.13
CA ARG C 410 18.67 -1.54 21.37
C ARG C 410 19.97 -0.73 21.29
N VAL C 411 20.53 -0.59 20.10
CA VAL C 411 21.80 0.11 19.88
C VAL C 411 21.59 1.17 18.80
N PRO C 412 22.56 2.08 18.63
CA PRO C 412 22.36 3.13 17.61
C PRO C 412 22.39 2.61 16.18
N ILE C 413 21.75 3.34 15.28
CA ILE C 413 21.72 2.99 13.86
C ILE C 413 22.50 4.03 13.06
N HIS C 414 23.42 3.56 12.22
CA HIS C 414 24.21 4.46 11.37
C HIS C 414 24.27 3.95 9.97
N ASN C 415 23.48 4.57 9.08
CA ASN C 415 23.53 4.23 7.65
C ASN C 415 22.91 5.29 6.74
N ASN C 416 22.87 4.98 5.45
CA ASN C 416 22.43 5.97 4.50
C ASN C 416 21.05 5.72 3.89
N ASN C 417 20.32 4.78 4.49
CA ASN C 417 18.95 4.55 4.11
C ASN C 417 18.14 5.80 4.37
N ARG C 418 17.32 6.20 3.42
CA ARG C 418 16.55 7.44 3.58
C ARG C 418 15.13 7.29 3.08
N ASP C 419 14.28 8.21 3.51
CA ASP C 419 12.95 8.39 2.96
C ASP C 419 12.10 7.14 3.13
N GLY C 420 11.27 6.82 2.14
CA GLY C 420 10.30 5.73 2.29
C GLY C 420 9.05 6.22 3.03
N ALA C 421 7.90 5.65 2.72
CA ALA C 421 6.70 5.94 3.48
C ALA C 421 6.89 5.53 4.94
N GLY C 422 6.28 6.31 5.83
CA GLY C 422 6.41 6.07 7.25
C GLY C 422 7.79 6.30 7.83
N GLN C 423 8.56 7.21 7.23
CA GLN C 423 9.89 7.51 7.75
C GLN C 423 9.74 8.23 9.09
N MET C 424 10.20 7.56 10.15
CA MET C 424 10.10 8.12 11.52
C MET C 424 11.34 8.85 12.06
N PHE C 425 12.45 8.81 11.35
CA PHE C 425 13.64 9.53 11.77
C PHE C 425 13.71 10.88 11.10
N ILE C 426 14.53 11.76 11.68
CA ILE C 426 14.96 13.00 11.04
C ILE C 426 16.48 12.96 11.00
N HIS C 427 17.06 12.58 9.85
CA HIS C 427 18.50 12.38 9.75
C HIS C 427 19.29 13.66 9.70
N ARG C 428 20.36 13.72 10.48
CA ARG C 428 21.18 14.94 10.52
C ARG C 428 22.25 14.96 9.43
N ASN C 429 22.71 13.79 9.01
CA ASN C 429 23.74 13.67 7.98
C ASN C 429 23.20 13.98 6.60
N LYS C 430 23.62 15.12 6.06
CA LYS C 430 23.09 15.60 4.80
C LYS C 430 23.93 15.17 3.61
N TYR C 431 24.86 14.24 3.84
CA TYR C 431 25.67 13.68 2.76
C TYR C 431 25.56 12.18 2.79
N PRO C 432 24.33 11.64 2.58
CA PRO C 432 24.16 10.18 2.77
C PRO C 432 24.65 9.38 1.59
N TYR C 433 25.94 9.51 1.27
CA TYR C 433 26.56 8.65 0.26
C TYR C 433 27.96 8.26 0.70
N THR C 434 28.46 7.16 0.12
CA THR C 434 29.82 6.68 0.29
C THR C 434 30.44 6.37 -1.09
N PRO C 435 31.68 6.85 -1.34
CA PRO C 435 32.56 7.60 -0.42
C PRO C 435 32.26 9.09 -0.41
N ASN C 436 32.33 9.72 0.76
CA ASN C 436 32.21 11.16 0.88
C ASN C 436 33.45 11.80 1.58
N THR C 437 33.67 13.09 1.37
CA THR C 437 34.59 13.82 2.24
C THR C 437 33.79 14.79 3.03
N LEU C 438 32.62 15.16 2.54
CA LEU C 438 31.82 16.21 3.19
C LEU C 438 31.24 15.83 4.57
N ASN C 439 31.15 14.54 4.87
CA ASN C 439 30.88 14.07 6.24
C ASN C 439 32.07 13.25 6.78
N SER C 440 33.27 13.63 6.32
CA SER C 440 34.56 13.08 6.76
C SER C 440 34.65 11.58 6.64
N GLY C 441 34.03 11.02 5.61
CA GLY C 441 34.10 9.55 5.37
C GLY C 441 33.29 8.73 6.35
N TYR C 442 32.35 9.37 7.06
CA TYR C 442 31.43 8.68 7.98
C TYR C 442 30.06 8.46 7.33
N PRO C 443 29.37 7.37 7.71
CA PRO C 443 29.74 6.27 8.60
C PRO C 443 30.80 5.38 7.99
N ARG C 444 31.61 4.71 8.80
CA ARG C 444 32.72 3.93 8.26
C ARG C 444 32.37 2.51 7.93
N GLN C 445 33.05 1.96 6.94
CA GLN C 445 32.86 0.58 6.57
C GLN C 445 33.29 -0.31 7.70
N ALA C 446 32.45 -1.26 8.08
CA ALA C 446 32.82 -2.24 9.11
C ALA C 446 32.94 -3.63 8.47
N ASN C 447 33.93 -4.40 8.91
CA ASN C 447 34.24 -5.70 8.31
C ASN C 447 34.98 -6.47 9.35
N GLN C 448 35.66 -7.55 8.95
CA GLN C 448 36.44 -8.39 9.88
C GLN C 448 37.36 -7.60 10.82
N ASN C 449 38.13 -6.66 10.24
CA ASN C 449 39.17 -6.00 10.99
C ASN C 449 38.86 -4.62 11.55
N ALA C 450 37.69 -4.08 11.22
CA ALA C 450 37.29 -2.76 11.75
C ALA C 450 35.83 -2.71 12.15
N GLY C 451 35.54 -1.94 13.19
CA GLY C 451 34.18 -1.69 13.66
C GLY C 451 33.35 -2.88 14.10
N ARG C 452 33.99 -4.06 14.14
CA ARG C 452 33.30 -5.30 14.53
C ARG C 452 32.21 -5.67 13.51
N GLY C 453 32.48 -5.37 12.24
CA GLY C 453 31.57 -5.72 11.16
C GLY C 453 31.26 -7.21 11.09
N PHE C 454 30.04 -7.52 10.64
CA PHE C 454 29.74 -8.88 10.21
C PHE C 454 30.75 -9.26 9.12
N PHE C 455 31.03 -10.53 8.96
CA PHE C 455 31.81 -10.97 7.82
C PHE C 455 31.52 -12.40 7.50
N THR C 456 31.49 -12.72 6.23
CA THR C 456 31.33 -14.10 5.81
C THR C 456 32.56 -14.91 6.27
N ALA C 457 32.34 -16.11 6.77
CA ALA C 457 33.43 -17.09 7.01
C ALA C 457 34.38 -17.16 5.80
N PRO C 458 35.67 -16.79 6.00
CA PRO C 458 36.59 -16.67 4.87
C PRO C 458 36.92 -18.02 4.25
N GLY C 459 36.83 -19.10 5.02
CA GLY C 459 37.00 -20.47 4.51
C GLY C 459 36.09 -20.91 3.37
N ARG C 460 34.93 -20.26 3.25
CA ARG C 460 33.89 -20.72 2.36
C ARG C 460 34.33 -20.48 0.95
N THR C 461 34.15 -21.50 0.11
CA THR C 461 34.59 -21.50 -1.27
C THR C 461 33.49 -22.08 -2.17
N ALA C 462 33.64 -21.97 -3.48
CA ALA C 462 32.66 -22.48 -4.43
C ALA C 462 33.46 -23.10 -5.56
N SER C 463 32.86 -24.00 -6.35
CA SER C 463 33.49 -24.52 -7.57
C SER C 463 32.50 -25.27 -8.48
N GLY C 464 32.85 -25.42 -9.75
CA GLY C 464 31.98 -26.11 -10.71
C GLY C 464 31.13 -25.15 -11.52
N ALA C 465 30.11 -25.69 -12.18
CA ALA C 465 29.20 -24.95 -13.02
C ALA C 465 28.02 -24.31 -12.24
N LEU C 466 27.39 -23.31 -12.85
CA LEU C 466 26.12 -22.80 -12.35
C LEU C 466 25.13 -23.85 -12.75
N VAL C 467 24.38 -24.35 -11.77
CA VAL C 467 23.43 -25.42 -12.03
C VAL C 467 22.12 -25.26 -11.29
N ARG C 468 21.05 -25.74 -11.92
CA ARG C 468 19.78 -25.91 -11.28
C ARG C 468 19.56 -27.41 -11.13
N GLU C 469 20.42 -28.05 -10.35
CA GLU C 469 20.32 -29.51 -10.15
C GLU C 469 20.43 -29.82 -8.67
N VAL C 470 19.79 -30.91 -8.25
CA VAL C 470 19.87 -31.32 -6.86
C VAL C 470 21.10 -32.20 -6.63
N SER C 471 21.88 -31.90 -5.60
CA SER C 471 22.99 -32.77 -5.18
C SER C 471 22.56 -34.22 -4.93
N PRO C 472 23.30 -35.19 -5.51
CA PRO C 472 22.98 -36.60 -5.25
C PRO C 472 23.04 -36.98 -3.77
N THR C 473 23.81 -36.23 -2.99
CA THR C 473 23.94 -36.49 -1.56
C THR C 473 22.66 -36.25 -0.76
N PHE C 474 21.64 -35.69 -1.42
CA PHE C 474 20.36 -35.34 -0.80
C PHE C 474 19.31 -36.44 -1.05
N ASN C 475 19.69 -37.53 -1.71
CA ASN C 475 18.72 -38.48 -2.28
C ASN C 475 18.04 -39.52 -1.37
N ASP C 476 18.53 -39.68 -0.14
CA ASP C 476 17.92 -40.63 0.78
C ASP C 476 16.80 -39.99 1.61
N HIS C 477 15.56 -40.20 1.16
CA HIS C 477 14.41 -39.61 1.85
C HIS C 477 13.79 -40.51 2.89
N TRP C 478 14.30 -41.72 3.07
CA TRP C 478 13.58 -42.72 3.86
C TRP C 478 14.21 -43.27 5.13
N SER C 479 15.52 -43.36 5.19
CA SER C 479 16.22 -43.86 6.39
C SER C 479 15.86 -43.09 7.65
N GLN C 480 16.01 -41.76 7.61
CA GLN C 480 15.77 -40.97 8.82
C GLN C 480 14.33 -41.02 9.34
N PRO C 481 13.33 -40.98 8.44
CA PRO C 481 12.00 -41.19 8.99
C PRO C 481 11.98 -42.50 9.81
N ARG C 482 12.51 -43.59 9.22
CA ARG C 482 12.57 -44.91 9.91
C ARG C 482 13.30 -44.85 11.24
N LEU C 483 14.46 -44.23 11.25
CA LEU C 483 15.19 -43.98 12.49
C LEU C 483 14.28 -43.37 13.52
N PHE C 484 13.53 -42.33 13.11
CA PHE C 484 12.55 -41.61 13.97
C PHE C 484 11.44 -42.52 14.53
N PHE C 485 10.84 -43.33 13.65
CA PHE C 485 9.79 -44.24 14.01
C PHE C 485 10.28 -45.30 15.00
N ASN C 486 11.40 -45.95 14.68
CA ASN C 486 12.03 -46.91 15.57
C ASN C 486 12.29 -46.38 16.97
N SER C 487 12.46 -45.08 17.13
CA SER C 487 12.82 -44.50 18.42
C SER C 487 11.64 -44.14 19.30
N LEU C 488 10.42 -44.44 18.85
CA LEU C 488 9.20 -44.13 19.62
C LEU C 488 8.66 -45.36 20.34
N THR C 489 8.08 -45.15 21.52
CA THR C 489 7.46 -46.21 22.26
C THR C 489 6.40 -46.89 21.39
N PRO C 490 6.03 -48.13 21.72
CA PRO C 490 5.04 -48.84 20.88
C PRO C 490 3.67 -48.14 20.79
N VAL C 491 3.25 -47.48 21.87
CA VAL C 491 1.99 -46.73 21.86
C VAL C 491 2.13 -45.49 20.97
N GLU C 492 3.24 -44.76 21.14
CA GLU C 492 3.57 -43.64 20.27
C GLU C 492 3.48 -44.07 18.82
N GLN C 493 3.94 -45.28 18.53
CA GLN C 493 3.88 -45.75 17.17
C GLN C 493 2.44 -45.95 16.75
N GLN C 494 1.60 -46.41 17.67
CA GLN C 494 0.22 -46.70 17.34
C GLN C 494 -0.48 -45.38 16.98
N PHE C 495 -0.26 -44.39 17.85
CA PHE C 495 -0.79 -43.05 17.67
C PHE C 495 -0.43 -42.47 16.30
N LEU C 496 0.81 -42.66 15.89
CA LEU C 496 1.30 -42.16 14.61
C LEU C 496 0.59 -42.85 13.47
N VAL C 497 0.45 -44.18 13.56
CA VAL C 497 -0.30 -44.97 12.58
C VAL C 497 -1.73 -44.47 12.49
N ASN C 498 -2.29 -44.16 13.66
CA ASN C 498 -3.68 -43.73 13.79
C ASN C 498 -3.93 -42.34 13.22
N ALA C 499 -3.05 -41.39 13.52
CA ALA C 499 -3.04 -40.10 12.84
C ALA C 499 -3.03 -40.28 11.32
N MET C 500 -2.09 -41.07 10.79
CA MET C 500 -2.06 -41.38 9.36
C MET C 500 -3.32 -42.05 8.84
N ARG C 501 -3.87 -43.02 9.57
CA ARG C 501 -5.16 -43.65 9.24
C ARG C 501 -6.29 -42.62 9.12
N PHE C 502 -6.33 -41.71 10.08
CA PHE C 502 -7.30 -40.64 10.12
C PHE C 502 -7.22 -39.83 8.84
N GLU C 503 -6.04 -39.31 8.55
CA GLU C 503 -5.87 -38.39 7.42
C GLU C 503 -6.05 -39.06 6.06
N ILE C 504 -5.38 -40.18 5.85
CA ILE C 504 -5.45 -40.85 4.56
C ILE C 504 -6.88 -41.26 4.21
N SER C 505 -7.67 -41.64 5.20
CA SER C 505 -9.07 -41.98 4.94
C SER C 505 -9.94 -40.80 4.51
N LEU C 506 -9.49 -39.57 4.78
CA LEU C 506 -10.19 -38.37 4.29
C LEU C 506 -9.72 -37.96 2.90
N VAL C 507 -8.74 -38.65 2.34
CA VAL C 507 -8.23 -38.35 1.02
C VAL C 507 -9.17 -39.06 0.07
N LYS C 508 -9.93 -38.28 -0.71
CA LYS C 508 -10.95 -38.82 -1.62
C LYS C 508 -10.40 -39.68 -2.75
N SER C 509 -9.23 -39.35 -3.30
CA SER C 509 -8.70 -40.02 -4.51
C SER C 509 -8.01 -41.35 -4.24
N GLU C 510 -8.45 -42.39 -4.95
CA GLU C 510 -7.88 -43.73 -4.81
C GLU C 510 -6.40 -43.74 -5.22
N GLU C 511 -6.11 -43.11 -6.36
CA GLU C 511 -4.75 -43.08 -6.85
C GLU C 511 -3.78 -42.46 -5.86
N VAL C 512 -4.17 -41.34 -5.25
CA VAL C 512 -3.35 -40.66 -4.26
C VAL C 512 -3.09 -41.56 -3.05
N LYS C 513 -4.15 -42.21 -2.56
CA LYS C 513 -4.00 -43.17 -1.45
C LYS C 513 -2.94 -44.23 -1.76
N LYS C 514 -2.95 -44.78 -2.98
CA LYS C 514 -1.96 -45.79 -3.39
C LYS C 514 -0.54 -45.26 -3.35
N ASN C 515 -0.35 -44.07 -3.93
CA ASN C 515 0.96 -43.43 -3.93
C ASN C 515 1.46 -43.10 -2.53
N VAL C 516 0.54 -42.79 -1.61
CA VAL C 516 0.91 -42.58 -0.21
C VAL C 516 1.43 -43.89 0.39
N LEU C 517 0.74 -45.00 0.11
CA LEU C 517 1.16 -46.29 0.64
C LEU C 517 2.57 -46.65 0.10
N THR C 518 2.73 -46.58 -1.22
CA THR C 518 4.06 -46.68 -1.80
C THR C 518 5.15 -45.96 -0.98
N GLN C 519 4.94 -44.68 -0.64
CA GLN C 519 6.01 -43.95 0.01
C GLN C 519 6.19 -44.40 1.43
N LEU C 520 5.06 -44.60 2.11
CA LEU C 520 5.09 -45.06 3.50
C LEU C 520 5.84 -46.40 3.59
N ASN C 521 5.53 -47.30 2.64
CA ASN C 521 6.15 -48.60 2.60
C ASN C 521 7.67 -48.57 2.57
N ARG C 522 8.23 -47.61 1.84
CA ARG C 522 9.68 -47.50 1.72
C ARG C 522 10.34 -47.11 3.04
N VAL C 523 9.55 -46.60 3.99
CA VAL C 523 10.06 -46.29 5.34
C VAL C 523 9.88 -47.50 6.27
N SER C 524 8.73 -48.14 6.18
CA SER C 524 8.38 -49.30 6.99
C SER C 524 7.18 -50.05 6.42
N HIS C 525 7.38 -51.32 6.10
CA HIS C 525 6.32 -52.16 5.55
C HIS C 525 5.24 -52.35 6.57
N ASP C 526 5.64 -52.49 7.83
CA ASP C 526 4.67 -52.63 8.92
C ASP C 526 3.68 -51.46 8.89
N VAL C 527 4.23 -50.24 8.86
CA VAL C 527 3.46 -49.00 8.89
C VAL C 527 2.52 -48.96 7.69
N ALA C 528 3.04 -49.22 6.49
CA ALA C 528 2.20 -49.28 5.31
C ALA C 528 1.04 -50.27 5.48
N VAL C 529 1.34 -51.49 5.95
CA VAL C 529 0.32 -52.54 6.17
C VAL C 529 -0.79 -52.05 7.11
N ARG C 530 -0.37 -51.53 8.26
CA ARG C 530 -1.29 -51.05 9.31
C ARG C 530 -2.16 -49.89 8.83
N VAL C 531 -1.54 -48.97 8.09
CA VAL C 531 -2.25 -47.83 7.55
C VAL C 531 -3.17 -48.29 6.43
N ALA C 532 -2.67 -49.15 5.56
CA ALA C 532 -3.48 -49.65 4.44
C ALA C 532 -4.74 -50.37 4.92
N ALA C 533 -4.66 -50.95 6.13
CA ALA C 533 -5.79 -51.70 6.71
C ALA C 533 -7.03 -50.81 6.87
N ALA C 534 -6.82 -49.56 7.28
CA ALA C 534 -7.92 -48.63 7.55
C ALA C 534 -8.59 -48.11 6.28
N ILE C 535 -7.87 -48.10 5.17
CA ILE C 535 -8.44 -47.56 3.92
C ILE C 535 -8.79 -48.66 2.91
N GLY C 536 -8.75 -49.90 3.38
CA GLY C 536 -9.07 -51.08 2.56
C GLY C 536 -8.28 -51.17 1.25
N LEU C 537 -6.97 -51.22 1.37
CA LEU C 537 -6.11 -51.49 0.24
C LEU C 537 -5.02 -52.45 0.68
N GLY C 538 -4.45 -53.16 -0.30
CA GLY C 538 -3.28 -54.01 -0.06
C GLY C 538 -2.02 -53.16 -0.04
N ALA C 539 -1.31 -53.15 1.10
CA ALA C 539 0.00 -52.54 1.13
C ALA C 539 0.88 -53.21 0.05
N PRO C 540 1.76 -52.44 -0.63
CA PRO C 540 2.64 -53.11 -1.60
C PRO C 540 3.72 -53.97 -0.91
N ASP C 541 4.41 -54.80 -1.69
CA ASP C 541 5.37 -55.76 -1.13
C ASP C 541 6.54 -55.04 -0.47
N ALA C 542 6.94 -55.49 0.72
CA ALA C 542 8.13 -54.97 1.41
C ALA C 542 9.26 -54.52 0.47
N ASP C 543 9.82 -53.35 0.74
CA ASP C 543 11.02 -52.92 0.01
C ASP C 543 12.03 -52.42 1.02
N ASP C 544 13.10 -53.19 1.18
CA ASP C 544 13.99 -53.04 2.31
C ASP C 544 15.22 -52.18 2.09
N THR C 545 15.30 -51.51 0.94
CA THR C 545 16.46 -50.66 0.64
C THR C 545 16.84 -49.78 1.83
N TYR C 546 15.86 -49.17 2.49
CA TYR C 546 16.16 -48.26 3.61
C TYR C 546 15.78 -48.75 5.01
N TYR C 547 15.17 -49.95 5.10
CA TYR C 547 14.85 -50.52 6.42
C TYR C 547 16.11 -50.70 7.26
N HIS C 548 15.95 -50.57 8.57
CA HIS C 548 17.03 -50.74 9.56
C HIS C 548 16.44 -50.60 10.94
N ASN C 549 17.21 -50.90 11.98
CA ASN C 549 16.72 -50.92 13.36
C ASN C 549 17.41 -49.93 14.28
N ASN C 550 18.20 -49.00 13.66
CA ASN C 550 18.83 -47.93 14.44
C ASN C 550 17.78 -47.07 15.19
N LYS C 551 18.16 -46.70 16.44
CA LYS C 551 17.34 -45.82 17.26
C LYS C 551 18.15 -44.60 17.62
N THR C 552 17.47 -43.51 17.99
CA THR C 552 18.12 -42.31 18.52
C THR C 552 17.37 -41.86 19.78
N ALA C 553 18.10 -41.26 20.71
CA ALA C 553 17.50 -40.76 21.96
C ALA C 553 16.86 -39.38 21.78
N GLY C 554 15.95 -39.04 22.69
CA GLY C 554 15.43 -37.66 22.83
C GLY C 554 14.35 -37.18 21.85
N VAL C 555 13.92 -38.06 20.94
CA VAL C 555 12.88 -37.71 19.97
C VAL C 555 11.51 -38.24 20.36
N SER C 556 11.44 -39.01 21.44
CA SER C 556 10.20 -39.57 21.95
C SER C 556 9.58 -38.64 23.00
N ILE C 557 8.25 -38.47 22.98
CA ILE C 557 7.54 -37.67 23.99
C ILE C 557 7.09 -38.59 25.12
N VAL C 558 6.32 -39.62 24.76
CA VAL C 558 5.71 -40.51 25.75
C VAL C 558 6.80 -41.30 26.49
N GLY C 559 7.95 -41.51 25.83
CA GLY C 559 9.05 -42.24 26.43
C GLY C 559 10.09 -41.38 27.13
N SER C 560 9.77 -40.11 27.37
CA SER C 560 10.77 -39.22 27.96
C SER C 560 10.62 -39.10 29.49
N GLY C 561 9.91 -40.07 30.07
CA GLY C 561 9.72 -40.19 31.51
C GLY C 561 8.84 -39.08 32.07
N PRO C 562 8.69 -39.03 33.40
CA PRO C 562 7.77 -38.06 33.98
C PRO C 562 8.20 -36.61 33.70
N LEU C 563 7.25 -35.70 33.82
CA LEU C 563 7.55 -34.28 33.70
C LEU C 563 8.43 -33.83 34.88
N PRO C 564 9.37 -32.89 34.63
CA PRO C 564 10.24 -32.41 35.72
C PRO C 564 9.53 -31.43 36.66
N THR C 565 8.36 -30.96 36.24
CA THR C 565 7.55 -30.08 37.09
C THR C 565 6.09 -30.24 36.70
N ILE C 566 5.22 -29.98 37.67
CA ILE C 566 3.80 -30.10 37.46
C ILE C 566 3.18 -28.76 37.80
N LYS C 567 4.00 -27.79 38.19
CA LYS C 567 3.49 -26.45 38.36
C LYS C 567 2.79 -25.94 37.08
N THR C 568 1.66 -25.26 37.30
CA THR C 568 0.74 -24.74 36.25
C THR C 568 -0.22 -25.73 35.60
N LEU C 569 -0.01 -27.04 35.82
CA LEU C 569 -0.98 -28.01 35.31
C LEU C 569 -2.34 -27.81 35.95
N ARG C 570 -3.39 -28.21 35.23
CA ARG C 570 -4.74 -27.84 35.62
C ARG C 570 -5.49 -29.06 36.14
N VAL C 571 -6.08 -28.91 37.32
CA VAL C 571 -6.88 -29.96 37.94
C VAL C 571 -8.33 -29.46 38.08
N GLY C 572 -9.25 -30.24 37.53
CA GLY C 572 -10.67 -29.94 37.69
C GLY C 572 -11.26 -30.81 38.80
N ILE C 573 -11.98 -30.15 39.69
CA ILE C 573 -12.70 -30.82 40.80
C ILE C 573 -14.21 -30.76 40.58
N LEU C 574 -14.80 -31.91 40.29
CA LEU C 574 -16.24 -31.99 40.02
C LEU C 574 -17.06 -32.13 41.30
N ALA C 575 -17.76 -31.06 41.68
CA ALA C 575 -18.50 -31.00 42.94
C ALA C 575 -19.98 -30.78 42.68
N THR C 576 -20.71 -30.28 43.68
CA THR C 576 -22.15 -30.02 43.59
C THR C 576 -22.60 -29.02 44.65
N THR C 577 -23.72 -28.35 44.41
CA THR C 577 -24.26 -27.44 45.42
C THR C 577 -25.39 -28.05 46.28
N SER C 578 -25.73 -29.32 46.07
CA SER C 578 -26.72 -30.03 46.93
C SER C 578 -26.13 -30.43 48.26
N GLU C 579 -25.21 -31.40 48.26
CA GLU C 579 -24.49 -31.78 49.48
C GLU C 579 -23.54 -30.68 49.92
N SER C 580 -23.78 -30.18 51.13
CA SER C 580 -22.89 -29.23 51.79
C SER C 580 -21.48 -29.81 51.98
N SER C 581 -21.40 -31.15 52.10
CA SER C 581 -20.14 -31.87 52.24
C SER C 581 -19.25 -31.76 50.99
N ALA C 582 -19.88 -31.79 49.82
CA ALA C 582 -19.19 -31.76 48.54
C ALA C 582 -18.28 -30.55 48.36
N LEU C 583 -18.81 -29.37 48.69
CA LEU C 583 -18.04 -28.15 48.55
C LEU C 583 -16.93 -28.01 49.59
N ASP C 584 -17.13 -28.64 50.75
CA ASP C 584 -16.09 -28.67 51.78
C ASP C 584 -14.92 -29.55 51.39
N GLN C 585 -15.23 -30.71 50.79
CA GLN C 585 -14.19 -31.58 50.25
C GLN C 585 -13.35 -30.82 49.22
N ALA C 586 -14.03 -30.23 48.23
CA ALA C 586 -13.40 -29.36 47.22
C ALA C 586 -12.46 -28.34 47.85
N ALA C 587 -12.99 -27.48 48.70
CA ALA C 587 -12.20 -26.40 49.32
C ALA C 587 -10.91 -26.92 49.96
N GLN C 588 -10.94 -28.15 50.46
CA GLN C 588 -9.78 -28.73 51.14
C GLN C 588 -8.76 -29.27 50.15
N LEU C 589 -9.24 -29.94 49.10
CA LEU C 589 -8.40 -30.29 47.96
C LEU C 589 -7.73 -29.07 47.35
N ARG C 590 -8.52 -28.00 47.18
CA ARG C 590 -7.98 -26.77 46.63
C ARG C 590 -6.74 -26.31 47.41
N THR C 591 -6.87 -26.13 48.72
CA THR C 591 -5.77 -25.58 49.53
C THR C 591 -4.49 -26.43 49.36
N ARG C 592 -4.63 -27.74 49.44
N ARG C 592 -4.66 -27.74 49.35
CA ARG C 592 -3.49 -28.62 49.24
CA ARG C 592 -3.55 -28.67 49.29
C ARG C 592 -2.95 -28.38 47.85
C ARG C 592 -2.92 -28.81 47.89
N LEU C 593 -3.73 -28.74 46.84
CA LEU C 593 -3.25 -28.71 45.44
C LEU C 593 -2.63 -27.37 45.00
N GLU C 594 -3.29 -26.26 45.33
CA GLU C 594 -2.77 -24.91 45.07
C GLU C 594 -1.45 -24.58 45.75
N LYS C 595 -1.19 -25.33 46.74
CA LYS C 595 0.06 -25.17 47.48
C LYS C 595 1.23 -25.72 46.67
N ASP C 596 0.97 -26.69 45.87
CA ASP C 596 1.95 -27.30 44.96
C ASP C 596 2.04 -26.69 43.54
N GLY C 597 1.45 -25.50 43.38
CA GLY C 597 1.56 -24.71 42.15
C GLY C 597 0.60 -25.07 41.02
N LEU C 598 -0.31 -25.99 41.31
CA LEU C 598 -1.35 -26.39 40.36
C LEU C 598 -2.43 -25.32 40.28
N VAL C 599 -3.17 -25.39 39.19
CA VAL C 599 -4.24 -24.47 38.94
C VAL C 599 -5.51 -25.30 39.06
N VAL C 600 -6.37 -24.85 39.97
CA VAL C 600 -7.49 -25.64 40.39
C VAL C 600 -8.80 -24.98 39.99
N THR C 601 -9.68 -25.80 39.43
CA THR C 601 -11.02 -25.37 39.09
C THR C 601 -12.03 -26.28 39.74
N VAL C 602 -12.91 -25.68 40.52
CA VAL C 602 -14.00 -26.39 41.19
C VAL C 602 -15.25 -26.13 40.37
N VAL C 603 -15.84 -27.21 39.88
CA VAL C 603 -16.96 -27.16 38.99
C VAL C 603 -18.21 -27.56 39.76
N ALA C 604 -19.29 -26.82 39.59
CA ALA C 604 -20.58 -27.16 40.16
C ALA C 604 -21.69 -26.67 39.23
N GLU C 605 -22.95 -26.85 39.63
CA GLU C 605 -24.11 -26.53 38.78
C GLU C 605 -24.21 -25.04 38.54
N THR C 606 -23.90 -24.26 39.57
CA THR C 606 -23.98 -22.82 39.47
C THR C 606 -22.78 -22.22 40.19
N LEU C 607 -22.52 -20.95 39.94
CA LEU C 607 -21.42 -20.26 40.61
C LEU C 607 -21.82 -19.77 41.99
N ARG C 608 -20.80 -19.66 42.84
CA ARG C 608 -20.87 -19.09 44.17
C ARG C 608 -19.44 -19.08 44.71
N GLU C 609 -19.22 -18.45 45.86
CA GLU C 609 -17.96 -18.54 46.59
C GLU C 609 -17.38 -19.98 46.59
N GLY C 610 -16.14 -20.12 46.13
CA GLY C 610 -15.47 -21.43 46.08
C GLY C 610 -15.64 -22.23 44.80
N VAL C 611 -16.59 -21.81 43.96
CA VAL C 611 -16.85 -22.40 42.63
C VAL C 611 -16.28 -21.49 41.52
N ASP C 612 -15.43 -22.05 40.65
CA ASP C 612 -14.76 -21.24 39.61
C ASP C 612 -15.52 -21.26 38.29
N GLN C 613 -16.15 -22.38 37.97
CA GLN C 613 -16.96 -22.47 36.75
C GLN C 613 -18.09 -23.51 36.81
N THR C 614 -19.09 -23.36 35.96
CA THR C 614 -20.26 -24.23 35.94
C THR C 614 -20.07 -25.43 35.03
N TYR C 615 -20.80 -26.52 35.29
CA TYR C 615 -20.80 -27.69 34.42
C TYR C 615 -21.12 -27.35 32.98
N SER C 616 -21.88 -26.28 32.79
CA SER C 616 -22.25 -25.82 31.48
C SER C 616 -21.03 -25.42 30.64
N THR C 617 -20.11 -24.67 31.25
CA THR C 617 -18.93 -24.17 30.56
C THR C 617 -17.72 -25.08 30.69
N ALA C 618 -17.89 -26.24 31.30
CA ALA C 618 -16.76 -27.10 31.66
C ALA C 618 -16.62 -28.24 30.69
N ASP C 619 -15.37 -28.75 30.56
CA ASP C 619 -15.05 -29.84 29.63
C ASP C 619 -13.73 -30.46 30.04
N ALA C 620 -13.56 -31.75 29.71
CA ALA C 620 -12.35 -32.48 30.05
C ALA C 620 -11.08 -31.87 29.44
N THR C 621 -11.20 -31.30 28.24
CA THR C 621 -10.06 -30.69 27.57
C THR C 621 -9.48 -29.53 28.40
N GLY C 622 -10.28 -29.00 29.32
CA GLY C 622 -9.83 -27.92 30.18
C GLY C 622 -8.97 -28.36 31.35
N PHE C 623 -8.73 -29.67 31.47
CA PHE C 623 -8.00 -30.18 32.64
C PHE C 623 -6.92 -31.21 32.31
N ASP C 624 -5.85 -31.16 33.09
CA ASP C 624 -4.79 -32.19 32.98
C ASP C 624 -5.13 -33.46 33.78
N GLY C 625 -5.84 -33.27 34.90
CA GLY C 625 -6.42 -34.37 35.64
C GLY C 625 -7.75 -33.99 36.22
N VAL C 626 -8.54 -35.01 36.55
CA VAL C 626 -9.92 -34.80 37.07
C VAL C 626 -10.22 -35.53 38.38
N VAL C 627 -10.74 -34.78 39.34
CA VAL C 627 -11.15 -35.36 40.63
C VAL C 627 -12.66 -35.15 40.89
N VAL C 628 -13.37 -36.24 41.17
CA VAL C 628 -14.76 -36.17 41.67
C VAL C 628 -14.73 -36.26 43.21
N VAL C 629 -15.26 -35.25 43.90
CA VAL C 629 -15.47 -35.37 45.35
C VAL C 629 -16.68 -36.26 45.64
N ASP C 630 -16.52 -37.12 46.64
CA ASP C 630 -17.48 -38.13 47.09
C ASP C 630 -18.92 -37.66 47.14
N GLY C 631 -19.13 -36.48 47.73
CA GLY C 631 -20.47 -35.90 47.87
C GLY C 631 -21.25 -35.58 46.60
N ALA C 632 -20.68 -35.86 45.43
CA ALA C 632 -21.34 -35.52 44.17
C ALA C 632 -21.87 -36.73 43.39
N ALA C 633 -21.76 -37.91 44.02
CA ALA C 633 -22.16 -39.19 43.41
C ALA C 633 -23.53 -39.20 42.71
N ALA C 634 -24.47 -38.43 43.26
CA ALA C 634 -25.85 -38.33 42.74
C ALA C 634 -25.81 -37.85 41.29
N LEU C 635 -24.93 -36.89 41.02
CA LEU C 635 -24.82 -36.29 39.69
C LEU C 635 -24.33 -37.24 38.61
N PHE C 636 -23.54 -38.24 39.00
CA PHE C 636 -22.94 -39.15 38.05
C PHE C 636 -23.87 -40.30 37.72
N ALA C 637 -24.80 -40.56 38.64
CA ALA C 637 -25.87 -41.52 38.42
C ALA C 637 -26.99 -40.87 37.62
N THR C 639 -28.89 -41.12 34.61
CA THR C 639 -30.24 -40.71 34.19
C THR C 639 -30.76 -39.47 34.85
N ALA C 640 -29.93 -38.84 35.77
CA ALA C 640 -30.43 -37.59 36.39
C ALA C 640 -30.07 -36.39 35.40
N SER C 641 -31.04 -35.43 35.28
CA SER C 641 -30.88 -34.27 34.40
C SER C 641 -31.18 -32.93 35.08
N SER C 642 -30.70 -31.84 34.47
CA SER C 642 -30.81 -30.48 35.00
C SER C 642 -30.95 -29.42 33.90
N PRO C 643 -31.72 -28.35 34.15
CA PRO C 643 -31.77 -27.33 33.11
C PRO C 643 -30.54 -26.44 33.11
N LEU C 644 -29.59 -26.71 34.00
CA LEU C 644 -28.38 -25.88 34.14
C LEU C 644 -27.15 -26.41 33.38
N PHE C 645 -27.27 -27.59 32.80
CA PHE C 645 -26.21 -28.12 31.97
C PHE C 645 -26.76 -29.21 31.09
N PRO C 646 -26.09 -29.52 29.97
CA PRO C 646 -26.60 -30.58 29.09
C PRO C 646 -26.60 -31.96 29.76
N THR C 647 -27.47 -32.84 29.28
CA THR C 647 -27.61 -34.17 29.82
C THR C 647 -26.27 -34.89 29.84
N GLY C 648 -25.95 -35.48 31.00
CA GLY C 648 -24.82 -36.38 31.14
C GLY C 648 -23.47 -35.70 31.24
N ARG C 649 -23.47 -34.37 31.30
CA ARG C 649 -22.22 -33.62 31.26
C ARG C 649 -21.24 -33.99 32.39
N PRO C 650 -21.69 -34.02 33.67
CA PRO C 650 -20.72 -34.31 34.74
C PRO C 650 -19.98 -35.63 34.54
N LEU C 651 -20.72 -36.68 34.20
CA LEU C 651 -20.09 -37.96 33.92
C LEU C 651 -19.26 -37.91 32.63
N GLN C 652 -19.72 -37.14 31.65
CA GLN C 652 -19.05 -37.04 30.34
C GLN C 652 -17.65 -36.50 30.51
N ILE C 653 -17.52 -35.48 31.36
CA ILE C 653 -16.23 -34.88 31.67
C ILE C 653 -15.28 -35.96 32.22
N PHE C 654 -15.75 -36.72 33.19
CA PHE C 654 -14.94 -37.75 33.87
C PHE C 654 -14.55 -38.85 32.91
N VAL C 655 -15.52 -39.40 32.19
CA VAL C 655 -15.29 -40.50 31.28
C VAL C 655 -14.35 -40.09 30.16
N ASP C 656 -14.51 -38.87 29.65
CA ASP C 656 -13.60 -38.29 28.65
C ASP C 656 -12.16 -38.25 29.20
N ALA C 657 -12.00 -37.66 30.38
CA ALA C 657 -10.70 -37.57 31.03
C ALA C 657 -10.02 -38.93 31.11
N TYR C 658 -10.75 -39.93 31.59
CA TYR C 658 -10.22 -41.29 31.68
C TYR C 658 -9.81 -41.81 30.31
N ARG C 659 -10.70 -41.70 29.33
CA ARG C 659 -10.46 -42.27 28.00
C ARG C 659 -9.32 -41.59 27.26
N TRP C 660 -9.01 -40.36 27.64
CA TRP C 660 -7.89 -39.64 27.00
C TRP C 660 -6.56 -39.85 27.68
N GLY C 661 -6.55 -40.66 28.73
CA GLY C 661 -5.31 -41.11 29.35
C GLY C 661 -4.90 -40.27 30.54
N LYS C 662 -5.83 -39.47 31.05
CA LYS C 662 -5.53 -38.55 32.13
C LYS C 662 -5.63 -39.18 33.52
N PRO C 663 -4.85 -38.65 34.48
CA PRO C 663 -5.06 -39.03 35.88
C PRO C 663 -6.47 -38.68 36.37
N VAL C 664 -7.27 -39.70 36.63
CA VAL C 664 -8.62 -39.51 37.20
C VAL C 664 -8.74 -40.13 38.60
N GLY C 665 -9.61 -39.57 39.42
CA GLY C 665 -9.81 -40.09 40.76
C GLY C 665 -11.06 -39.61 41.47
N VAL C 666 -11.51 -40.44 42.41
CA VAL C 666 -12.57 -40.09 43.35
C VAL C 666 -11.99 -39.96 44.75
N CYS C 667 -12.33 -38.88 45.44
CA CYS C 667 -11.80 -38.63 46.76
C CYS C 667 -12.91 -38.63 47.81
N GLY C 668 -12.88 -39.65 48.66
CA GLY C 668 -13.86 -39.79 49.76
C GLY C 668 -14.20 -41.22 50.11
N GLY C 669 -15.20 -41.39 50.95
CA GLY C 669 -15.57 -42.70 51.49
C GLY C 669 -16.16 -43.66 50.48
N LYS C 670 -17.23 -43.23 49.79
CA LYS C 670 -17.92 -44.06 48.77
C LYS C 670 -17.21 -43.98 47.42
N SER C 671 -15.91 -43.71 47.47
CA SER C 671 -15.09 -43.66 46.27
C SER C 671 -15.00 -45.01 45.56
N SER C 672 -14.94 -46.09 46.35
N SER C 672 -14.93 -46.10 46.31
CA SER C 672 -14.89 -47.48 45.86
CA SER C 672 -14.83 -47.44 45.71
C SER C 672 -16.01 -47.77 44.84
C SER C 672 -16.03 -47.78 44.80
N GLU C 673 -17.14 -47.07 44.99
CA GLU C 673 -18.39 -47.39 44.29
C GLU C 673 -18.79 -46.43 43.16
N VAL C 674 -18.32 -45.17 43.24
CA VAL C 674 -18.57 -44.15 42.20
C VAL C 674 -17.90 -44.53 40.86
N LEU C 675 -16.80 -45.28 40.93
CA LEU C 675 -16.07 -45.74 39.78
C LEU C 675 -16.77 -46.87 38.97
N ASP C 676 -17.43 -47.80 39.67
CA ASP C 676 -18.12 -48.94 39.02
C ASP C 676 -19.36 -48.46 38.27
N ALA C 677 -19.94 -47.39 38.80
CA ALA C 677 -21.05 -46.65 38.18
C ALA C 677 -20.55 -45.90 36.94
N ALA C 678 -19.38 -45.28 37.06
CA ALA C 678 -18.72 -44.57 35.96
C ALA C 678 -18.06 -45.51 34.93
N ASP C 679 -17.95 -46.78 35.28
CA ASP C 679 -17.25 -47.80 34.46
C ASP C 679 -15.75 -47.54 34.31
N VAL C 680 -15.14 -47.04 35.38
CA VAL C 680 -13.69 -46.79 35.45
C VAL C 680 -13.07 -47.80 36.44
N PRO C 681 -12.13 -48.65 35.97
CA PRO C 681 -11.48 -49.68 36.82
C PRO C 681 -10.72 -49.11 38.03
N GLU C 682 -11.14 -49.49 39.25
CA GLU C 682 -10.52 -48.98 40.50
C GLU C 682 -9.01 -49.26 40.61
N ASP C 683 -8.59 -50.41 40.11
CA ASP C 683 -7.20 -50.83 40.20
C ASP C 683 -6.31 -50.28 39.09
N GLY C 684 -6.93 -49.71 38.04
CA GLY C 684 -6.23 -49.19 36.86
C GLY C 684 -5.17 -48.12 37.12
N ASP C 685 -4.08 -48.18 36.37
CA ASP C 685 -3.01 -47.18 36.42
C ASP C 685 -3.58 -45.77 36.28
N GLY C 686 -3.15 -44.87 37.15
CA GLY C 686 -3.61 -43.49 37.12
C GLY C 686 -5.11 -43.29 37.41
N VAL C 687 -5.71 -44.27 38.07
CA VAL C 687 -7.01 -44.10 38.69
C VAL C 687 -6.81 -44.08 40.22
N TYR C 688 -7.37 -43.08 40.90
CA TYR C 688 -7.05 -42.88 42.30
C TYR C 688 -8.23 -42.98 43.27
N SER C 689 -8.12 -43.97 44.17
CA SER C 689 -9.12 -44.34 45.20
C SER C 689 -8.58 -44.12 46.62
N GLU C 690 -9.00 -43.03 47.30
CA GLU C 690 -8.56 -42.80 48.71
C GLU C 690 -9.49 -41.93 49.55
N GLU C 691 -9.41 -42.11 50.88
CA GLU C 691 -10.17 -41.29 51.85
C GLU C 691 -9.33 -40.16 52.45
N SER C 692 -8.06 -40.44 52.70
CA SER C 692 -7.11 -39.46 53.23
C SER C 692 -6.75 -38.42 52.16
N VAL C 693 -7.23 -37.19 52.34
CA VAL C 693 -6.96 -36.09 51.43
C VAL C 693 -5.45 -35.95 51.16
N ASP C 694 -4.64 -35.98 52.21
CA ASP C 694 -3.18 -35.85 52.08
C ASP C 694 -2.55 -36.97 51.25
N MET C 695 -3.10 -38.17 51.33
CA MET C 695 -2.54 -39.28 50.58
C MET C 695 -3.11 -39.35 49.17
N PHE C 696 -4.29 -38.75 48.96
CA PHE C 696 -4.89 -38.66 47.62
C PHE C 696 -4.07 -37.73 46.72
N VAL C 697 -3.90 -36.50 47.17
CA VAL C 697 -3.04 -35.53 46.51
C VAL C 697 -1.72 -36.19 46.17
N GLU C 698 -1.00 -36.68 47.18
CA GLU C 698 0.32 -37.29 47.01
C GLU C 698 0.33 -38.34 45.90
N GLU C 699 -0.74 -39.13 45.80
CA GLU C 699 -0.84 -40.15 44.76
C GLU C 699 -1.14 -39.55 43.38
N PHE C 700 -2.08 -38.60 43.38
CA PHE C 700 -2.56 -37.93 42.18
C PHE C 700 -1.42 -37.15 41.51
N GLU C 701 -0.68 -36.39 42.30
CA GLU C 701 0.47 -35.62 41.82
C GLU C 701 1.52 -36.47 41.10
N LYS C 702 1.57 -37.76 41.40
CA LYS C 702 2.46 -38.66 40.69
C LYS C 702 1.88 -38.97 39.33
N GLY C 703 0.55 -38.96 39.24
CA GLY C 703 -0.13 -39.24 37.98
C GLY C 703 -0.02 -38.09 37.03
N LEU C 704 -0.16 -36.89 37.57
CA LEU C 704 0.06 -35.66 36.82
C LEU C 704 1.46 -35.61 36.18
N ALA C 705 2.47 -36.05 36.92
CA ALA C 705 3.83 -36.10 36.38
C ALA C 705 3.95 -37.14 35.26
N THR C 706 3.29 -38.27 35.41
CA THR C 706 3.33 -39.28 34.35
C THR C 706 2.57 -38.72 33.17
N PHE C 707 1.60 -37.85 33.48
CA PHE C 707 0.84 -37.07 32.51
C PHE C 707 -0.11 -37.86 31.60
N ARG C 708 0.37 -38.91 30.95
CA ARG C 708 -0.51 -39.73 30.13
C ARG C 708 -0.37 -41.22 30.44
N PHE C 709 -1.52 -41.87 30.62
CA PHE C 709 -1.58 -43.29 30.95
C PHE C 709 -1.88 -44.12 29.72
N THR C 710 -0.81 -44.63 29.15
CA THR C 710 -0.82 -45.21 27.83
C THR C 710 -1.39 -46.63 27.74
N ASP C 711 -1.70 -47.21 28.89
CA ASP C 711 -2.22 -48.58 28.92
C ASP C 711 -3.68 -48.65 28.46
N ARG C 712 -4.32 -47.49 28.29
CA ARG C 712 -5.74 -47.45 27.93
C ARG C 712 -6.01 -47.39 26.45
N PHE C 713 -4.98 -47.64 25.64
CA PHE C 713 -5.09 -47.47 24.19
C PHE C 713 -4.75 -48.77 23.46
N ALA C 714 -5.66 -49.25 22.63
CA ALA C 714 -5.48 -50.49 21.89
C ALA C 714 -4.34 -50.46 20.86
N LEU C 715 -3.58 -51.56 20.75
CA LEU C 715 -2.52 -51.67 19.73
C LEU C 715 -2.89 -52.66 18.64
N ASP C 716 -2.21 -52.62 17.50
CA ASP C 716 -2.55 -53.49 16.36
C ASP C 716 -2.16 -54.97 16.60
N GLU D 46 -9.46 -0.70 -24.53
CA GLU D 46 -9.75 0.76 -24.65
C GLU D 46 -11.21 1.12 -24.29
N VAL D 47 -11.39 2.22 -23.56
CA VAL D 47 -12.71 2.64 -23.07
C VAL D 47 -13.18 3.94 -23.79
N ASP D 48 -14.32 3.84 -24.47
CA ASP D 48 -14.84 4.95 -25.25
C ASP D 48 -15.90 5.77 -24.49
N ASP D 49 -15.69 7.09 -24.48
CA ASP D 49 -16.51 8.01 -23.73
C ASP D 49 -16.97 9.18 -24.61
N SER D 50 -17.07 8.92 -25.92
CA SER D 50 -17.45 9.96 -26.88
C SER D 50 -18.94 10.16 -26.85
N THR D 51 -19.68 9.19 -26.33
CA THR D 51 -21.12 9.34 -26.13
C THR D 51 -21.53 8.75 -24.79
N GLY D 52 -22.75 9.08 -24.35
CA GLY D 52 -23.40 8.43 -23.22
C GLY D 52 -23.61 9.31 -21.99
N TYR D 53 -24.29 8.74 -20.99
CA TYR D 53 -24.47 9.42 -19.73
C TYR D 53 -23.42 8.96 -18.72
N LEU D 54 -22.95 9.92 -17.89
CA LEU D 54 -22.05 9.68 -16.78
C LEU D 54 -22.53 8.57 -15.87
N THR D 55 -21.69 7.56 -15.65
CA THR D 55 -21.97 6.49 -14.69
C THR D 55 -20.93 6.44 -13.59
N SER D 56 -21.30 5.90 -12.44
CA SER D 56 -20.33 5.44 -11.44
C SER D 56 -19.42 4.34 -12.02
N ASP D 57 -18.40 3.92 -11.28
CA ASP D 57 -17.51 2.83 -11.74
C ASP D 57 -18.23 1.48 -11.82
N VAL D 58 -19.43 1.39 -11.25
CA VAL D 58 -20.23 0.15 -11.32
C VAL D 58 -21.47 0.34 -12.23
N GLY D 59 -21.44 1.42 -13.02
CA GLY D 59 -22.32 1.60 -14.15
C GLY D 59 -23.67 2.22 -13.88
N GLY D 60 -23.85 2.79 -12.68
CA GLY D 60 -25.10 3.42 -12.30
C GLY D 60 -25.11 4.87 -12.76
N PRO D 61 -26.11 5.27 -13.56
CA PRO D 61 -26.06 6.63 -14.09
C PRO D 61 -26.23 7.66 -12.98
N ILE D 62 -25.41 8.70 -13.05
CA ILE D 62 -25.23 9.69 -11.98
C ILE D 62 -24.83 11.09 -12.55
N GLN D 63 -24.80 12.10 -11.70
CA GLN D 63 -24.28 13.39 -12.10
C GLN D 63 -23.01 13.63 -11.29
N ASP D 64 -22.24 14.67 -11.58
CA ASP D 64 -21.06 14.95 -10.78
C ASP D 64 -20.74 16.42 -10.72
N GLN D 65 -21.76 17.28 -10.78
CA GLN D 65 -21.46 18.71 -10.85
C GLN D 65 -21.85 19.50 -9.62
N THR D 66 -22.79 19.00 -8.83
CA THR D 66 -23.19 19.68 -7.58
C THR D 66 -23.26 18.68 -6.44
N SER D 67 -22.78 19.11 -5.26
CA SER D 67 -22.84 18.29 -4.06
C SER D 67 -24.26 18.20 -3.55
N LEU D 68 -24.57 17.08 -2.89
CA LEU D 68 -25.85 16.91 -2.22
C LEU D 68 -25.83 17.64 -0.87
N LYS D 69 -26.70 18.64 -0.74
CA LYS D 69 -26.70 19.57 0.39
C LYS D 69 -28.00 19.59 1.17
N ALA D 70 -27.91 19.84 2.47
CA ALA D 70 -29.11 19.92 3.33
C ALA D 70 -29.67 21.33 3.23
N GLY D 71 -30.48 21.54 2.21
CA GLY D 71 -30.89 22.88 1.85
C GLY D 71 -29.92 23.58 0.91
N ILE D 72 -30.50 24.38 0.01
CA ILE D 72 -29.80 25.11 -1.04
C ILE D 72 -28.58 25.93 -0.54
N ARG D 73 -28.60 26.29 0.73
CA ARG D 73 -27.45 26.99 1.28
C ARG D 73 -26.90 26.22 2.49
N GLY D 74 -27.09 24.91 2.48
CA GLY D 74 -26.76 24.07 3.62
C GLY D 74 -25.50 23.24 3.44
N PRO D 75 -25.11 22.46 4.49
CA PRO D 75 -23.87 21.65 4.47
C PRO D 75 -24.01 20.42 3.58
N THR D 76 -22.89 19.84 3.14
CA THR D 76 -22.90 18.67 2.25
C THR D 76 -23.13 17.41 3.06
N LEU D 77 -23.81 16.43 2.47
CA LEU D 77 -24.21 15.23 3.16
C LEU D 77 -23.26 14.06 2.98
N LEU D 78 -22.91 13.39 4.09
CA LEU D 78 -22.09 12.18 4.04
C LEU D 78 -22.61 11.15 3.07
N GLU D 79 -23.93 11.11 2.91
CA GLU D 79 -24.56 10.11 2.03
C GLU D 79 -24.39 10.42 0.56
N ASP D 80 -23.72 11.52 0.24
CA ASP D 80 -23.49 11.82 -1.18
C ASP D 80 -22.41 10.94 -1.80
N PHE D 81 -22.80 9.73 -2.18
CA PHE D 81 -21.89 8.77 -2.78
C PHE D 81 -21.30 9.24 -4.12
N MET D 82 -22.04 10.08 -4.87
CA MET D 82 -21.52 10.58 -6.14
C MET D 82 -20.26 11.39 -5.89
N PHE D 83 -20.33 12.30 -4.92
CA PHE D 83 -19.19 13.12 -4.50
C PHE D 83 -18.01 12.26 -4.05
N ARG D 84 -18.23 11.35 -3.11
CA ARG D 84 -17.12 10.63 -2.48
C ARG D 84 -16.41 9.71 -3.45
N GLN D 85 -17.15 8.99 -4.29
CA GLN D 85 -16.48 8.10 -5.25
C GLN D 85 -15.58 8.89 -6.19
N LYS D 86 -15.99 10.09 -6.55
CA LYS D 86 -15.28 10.90 -7.49
C LYS D 86 -14.01 11.47 -6.88
N ILE D 87 -14.16 12.06 -5.69
CA ILE D 87 -13.05 12.64 -4.95
C ILE D 87 -12.05 11.60 -4.42
N GLN D 88 -12.54 10.47 -3.94
CA GLN D 88 -11.64 9.36 -3.58
C GLN D 88 -10.72 9.00 -4.77
N HIS D 89 -11.30 8.84 -5.97
CA HIS D 89 -10.51 8.55 -7.12
C HIS D 89 -9.45 9.57 -7.38
N PHE D 90 -9.87 10.83 -7.33
CA PHE D 90 -8.94 11.91 -7.53
C PHE D 90 -7.83 11.89 -6.48
N ASP D 91 -8.19 11.70 -5.20
CA ASP D 91 -7.24 11.78 -4.09
C ASP D 91 -6.17 10.70 -4.21
N HIS D 92 -6.44 9.69 -5.06
CA HIS D 92 -5.60 8.52 -5.13
C HIS D 92 -5.04 8.32 -6.50
N GLU D 93 -5.10 9.35 -7.34
CA GLU D 93 -4.63 9.22 -8.68
C GLU D 93 -3.12 8.99 -8.77
N ARG D 94 -2.34 9.62 -7.89
CA ARG D 94 -0.90 9.54 -8.00
C ARG D 94 -0.29 8.24 -7.45
N VAL D 95 0.77 7.82 -8.11
CA VAL D 95 1.59 6.70 -7.70
C VAL D 95 3.01 7.24 -7.47
N PRO D 96 3.85 6.52 -6.70
CA PRO D 96 5.23 7.03 -6.61
C PRO D 96 5.89 7.11 -7.98
N GLU D 97 6.59 8.21 -8.24
CA GLU D 97 7.44 8.29 -9.44
C GLU D 97 8.58 7.24 -9.37
N ARG D 98 9.15 6.89 -10.51
CA ARG D 98 10.27 5.97 -10.56
C ARG D 98 11.43 6.52 -9.75
N ALA D 99 12.09 5.66 -8.98
CA ALA D 99 13.23 6.10 -8.15
C ALA D 99 14.35 6.85 -8.94
N VAL D 100 14.58 6.44 -10.18
CA VAL D 100 15.43 7.17 -11.09
C VAL D 100 14.70 7.12 -12.44
N HIS D 101 15.06 7.98 -13.39
CA HIS D 101 14.36 8.08 -14.68
C HIS D 101 12.87 8.44 -14.52
N ALA D 102 12.54 9.26 -13.53
CA ALA D 102 11.15 9.67 -13.32
C ALA D 102 10.57 10.52 -14.50
N ARG D 103 11.44 11.26 -15.20
CA ARG D 103 11.01 12.12 -16.28
C ARG D 103 11.27 11.44 -17.58
N GLY D 104 10.21 11.02 -18.28
CA GLY D 104 10.37 10.33 -19.56
C GLY D 104 9.11 10.26 -20.41
N ALA D 105 9.24 9.69 -21.59
CA ALA D 105 8.10 9.53 -22.48
C ALA D 105 8.27 8.32 -23.40
N GLY D 106 7.14 7.79 -23.85
CA GLY D 106 7.15 6.48 -24.52
C GLY D 106 6.37 6.43 -25.83
N ALA D 107 6.58 5.38 -26.60
CA ALA D 107 5.86 5.22 -27.84
C ALA D 107 5.85 3.77 -28.21
N HIS D 108 4.87 3.36 -29.00
CA HIS D 108 4.74 2.04 -29.53
C HIS D 108 5.42 1.96 -30.86
N GLY D 109 5.87 0.78 -31.18
CA GLY D 109 6.43 0.56 -32.48
C GLY D 109 6.56 -0.90 -32.81
N THR D 110 7.46 -1.20 -33.73
CA THR D 110 7.71 -2.60 -34.02
C THR D 110 9.19 -2.79 -34.29
N PHE D 111 9.65 -4.02 -34.11
CA PHE D 111 11.00 -4.40 -34.49
C PHE D 111 10.90 -5.46 -35.59
N THR D 112 11.77 -5.34 -36.59
CA THR D 112 11.84 -6.32 -37.69
C THR D 112 13.21 -6.99 -37.75
N SER D 113 13.25 -8.32 -37.80
CA SER D 113 14.54 -8.96 -37.92
C SER D 113 15.05 -8.95 -39.36
N TYR D 114 16.36 -8.77 -39.52
CA TYR D 114 16.98 -8.80 -40.84
C TYR D 114 17.32 -10.22 -41.35
N ALA D 115 17.31 -11.21 -40.46
CA ALA D 115 17.76 -12.54 -40.79
C ALA D 115 17.32 -13.62 -39.79
N ASP D 116 17.68 -14.87 -40.07
CA ASP D 116 17.56 -15.97 -39.13
C ASP D 116 18.89 -16.05 -38.43
N TRP D 117 18.92 -15.63 -37.17
CA TRP D 117 20.16 -15.54 -36.43
C TRP D 117 20.42 -16.75 -35.56
N SER D 118 19.90 -17.91 -35.97
CA SER D 118 20.15 -19.16 -35.25
C SER D 118 21.63 -19.50 -35.09
N ASN D 119 22.47 -18.96 -35.99
CA ASN D 119 23.91 -19.19 -35.89
C ASN D 119 24.58 -18.52 -34.69
N ILE D 120 23.93 -17.47 -34.15
CA ILE D 120 24.46 -16.80 -32.96
C ILE D 120 23.61 -16.89 -31.68
N THR D 121 22.29 -17.06 -31.84
CA THR D 121 21.38 -17.10 -30.69
C THR D 121 20.13 -17.91 -30.93
N ALA D 122 19.63 -18.52 -29.85
CA ALA D 122 18.35 -19.24 -29.92
C ALA D 122 17.08 -18.35 -29.86
N ALA D 123 17.27 -17.02 -29.81
CA ALA D 123 16.23 -16.09 -29.47
C ALA D 123 15.19 -16.02 -30.55
N SER D 124 13.99 -16.42 -30.21
CA SER D 124 12.95 -16.55 -31.23
C SER D 124 12.62 -15.29 -32.00
N PHE D 125 12.69 -14.10 -31.39
CA PHE D 125 12.25 -12.90 -32.11
C PHE D 125 13.25 -12.55 -33.22
N LEU D 126 14.39 -13.26 -33.16
CA LEU D 126 15.50 -13.10 -34.09
C LEU D 126 15.70 -14.30 -35.03
N ASN D 127 14.71 -15.19 -35.11
CA ASN D 127 14.89 -16.49 -35.80
C ASN D 127 14.42 -16.60 -37.30
N ALA D 128 14.06 -15.48 -37.91
CA ALA D 128 13.52 -15.45 -39.26
C ALA D 128 13.65 -14.06 -39.89
N THR D 129 14.04 -14.02 -41.16
CA THR D 129 14.11 -12.77 -41.93
C THR D 129 12.73 -12.16 -41.98
N GLY D 130 12.62 -10.86 -41.75
CA GLY D 130 11.32 -10.15 -41.79
C GLY D 130 10.38 -10.42 -40.60
N LYS D 131 10.85 -11.15 -39.59
CA LYS D 131 10.02 -11.39 -38.40
C LYS D 131 9.69 -10.11 -37.60
N GLN D 132 8.43 -9.81 -37.41
CA GLN D 132 8.04 -8.62 -36.66
C GLN D 132 7.62 -8.90 -35.24
N THR D 133 8.16 -8.17 -34.30
CA THR D 133 7.76 -8.21 -32.90
C THR D 133 7.31 -6.82 -32.53
N PRO D 134 6.12 -6.70 -31.89
CA PRO D 134 5.73 -5.34 -31.36
C PRO D 134 6.69 -4.87 -30.22
N VAL D 135 6.91 -3.56 -30.13
CA VAL D 135 7.75 -3.00 -29.09
C VAL D 135 7.06 -1.83 -28.40
N PHE D 136 7.57 -1.50 -27.21
CA PHE D 136 7.27 -0.23 -26.55
C PHE D 136 8.56 0.30 -25.95
N VAL D 137 8.83 1.58 -26.18
CA VAL D 137 10.06 2.19 -25.73
C VAL D 137 9.75 3.40 -24.88
N ARG D 138 10.50 3.58 -23.80
CA ARG D 138 10.40 4.82 -23.00
C ARG D 138 11.80 5.41 -22.87
N PHE D 139 11.93 6.70 -23.14
CA PHE D 139 13.18 7.40 -23.00
C PHE D 139 13.03 8.28 -21.78
N SER D 140 14.14 8.68 -21.16
CA SER D 140 14.04 9.46 -19.94
C SER D 140 15.33 10.20 -19.67
N THR D 141 15.34 11.07 -18.66
CA THR D 141 16.59 11.56 -18.08
C THR D 141 16.81 10.71 -16.83
N VAL D 142 17.72 11.07 -15.92
CA VAL D 142 18.03 10.17 -14.80
C VAL D 142 17.68 10.73 -13.42
N ALA D 143 18.14 11.95 -13.17
CA ALA D 143 18.12 12.56 -11.87
C ALA D 143 16.83 13.28 -11.55
N GLY D 144 16.21 13.90 -12.54
CA GLY D 144 15.08 14.80 -12.27
C GLY D 144 13.81 14.09 -11.86
N SER D 145 13.00 14.75 -11.04
CA SER D 145 11.68 14.22 -10.74
C SER D 145 10.75 14.47 -11.94
N ARG D 146 9.50 13.93 -11.80
N ARG D 146 9.51 13.92 -11.76
CA ARG D 146 8.72 13.75 -13.00
CA ARG D 146 8.47 14.22 -12.71
C ARG D 146 8.24 15.01 -13.69
C ARG D 146 8.30 15.72 -12.75
N GLY D 147 8.45 16.18 -13.10
N GLY D 147 8.11 16.24 -13.94
CA GLY D 147 8.00 17.43 -13.73
CA GLY D 147 7.93 17.66 -14.11
C GLY D 147 9.14 18.31 -14.21
C GLY D 147 9.21 18.43 -14.31
N SER D 148 10.47 17.92 -14.10
CA SER D 148 11.71 18.58 -14.35
C SER D 148 11.88 18.67 -15.88
N ALA D 149 12.79 19.52 -16.33
CA ALA D 149 12.87 19.79 -17.75
C ALA D 149 13.53 18.64 -18.48
N ASP D 150 13.12 18.42 -19.72
CA ASP D 150 13.74 17.42 -20.57
C ASP D 150 15.18 17.74 -20.88
N THR D 151 15.53 19.02 -20.86
CA THR D 151 16.81 19.47 -21.40
C THR D 151 17.79 19.85 -20.30
N ALA D 152 17.65 19.21 -19.14
CA ALA D 152 18.71 19.28 -18.17
C ALA D 152 19.89 18.44 -18.70
N ARG D 153 21.09 18.71 -18.18
CA ARG D 153 22.24 17.88 -18.54
C ARG D 153 22.19 16.58 -17.75
N ASP D 154 22.00 15.45 -18.43
CA ASP D 154 21.98 14.17 -17.75
C ASP D 154 22.32 13.02 -18.67
N VAL D 155 22.47 11.84 -18.09
CA VAL D 155 22.50 10.60 -18.83
C VAL D 155 21.03 10.33 -19.21
N HIS D 156 20.80 9.59 -20.29
CA HIS D 156 19.43 9.38 -20.75
C HIS D 156 19.09 7.95 -20.82
N GLY D 157 17.86 7.61 -20.43
CA GLY D 157 17.34 6.27 -20.53
C GLY D 157 16.75 5.98 -21.89
N PHE D 158 16.90 4.75 -22.34
CA PHE D 158 16.41 4.25 -23.61
C PHE D 158 16.05 2.81 -23.27
N ALA D 159 14.78 2.55 -23.00
CA ALA D 159 14.34 1.25 -22.50
C ALA D 159 13.36 0.67 -23.49
N THR D 160 13.60 -0.59 -23.86
CA THR D 160 12.86 -1.22 -24.96
C THR D 160 12.27 -2.53 -24.53
N ARG D 161 10.97 -2.67 -24.77
CA ARG D 161 10.27 -3.93 -24.59
C ARG D 161 9.90 -4.57 -25.92
N PHE D 162 10.36 -5.80 -26.08
CA PHE D 162 9.97 -6.63 -27.20
C PHE D 162 8.96 -7.65 -26.69
N TYR D 163 7.73 -7.53 -27.14
CA TYR D 163 6.69 -8.48 -26.79
C TYR D 163 6.83 -9.69 -27.68
N THR D 164 7.84 -10.53 -27.43
CA THR D 164 8.12 -11.66 -28.33
C THR D 164 7.16 -12.80 -28.15
N ASP D 165 7.12 -13.70 -29.12
CA ASP D 165 6.25 -14.89 -29.08
C ASP D 165 6.83 -15.98 -28.17
N GLU D 166 7.90 -15.64 -27.47
CA GLU D 166 8.46 -16.49 -26.41
C GLU D 166 8.59 -15.74 -25.09
N GLY D 167 7.79 -14.69 -24.92
CA GLY D 167 7.82 -13.91 -23.69
C GLY D 167 8.30 -12.48 -23.90
N ASN D 168 8.05 -11.61 -22.92
CA ASN D 168 8.50 -10.22 -23.00
C ASN D 168 9.98 -10.22 -22.77
N PHE D 169 10.70 -9.43 -23.56
CA PHE D 169 12.14 -9.28 -23.42
C PHE D 169 12.45 -7.79 -23.37
N ASP D 170 13.11 -7.36 -22.29
CA ASP D 170 13.41 -5.95 -22.09
C ASP D 170 14.91 -5.65 -22.25
N ILE D 171 15.24 -4.60 -22.99
CA ILE D 171 16.60 -4.12 -22.95
C ILE D 171 16.56 -2.72 -22.33
N VAL D 172 17.07 -2.63 -21.11
CA VAL D 172 16.96 -1.41 -20.35
C VAL D 172 18.31 -0.72 -20.40
N GLY D 173 18.45 0.25 -21.31
CA GLY D 173 19.73 0.89 -21.57
C GLY D 173 19.73 2.40 -21.48
N ASN D 174 20.90 2.97 -21.81
CA ASN D 174 21.11 4.43 -21.80
C ASN D 174 21.62 4.97 -23.14
N ASN D 175 21.64 6.29 -23.27
CA ASN D 175 22.17 6.89 -24.48
C ASN D 175 23.67 6.99 -24.43
N ILE D 176 24.24 6.49 -23.34
CA ILE D 176 25.70 6.56 -23.10
C ILE D 176 26.14 5.14 -22.76
N PRO D 177 27.17 4.64 -23.42
CA PRO D 177 27.43 3.19 -23.35
C PRO D 177 28.06 2.69 -22.07
N VAL D 178 28.47 3.58 -21.18
CA VAL D 178 29.13 3.17 -19.94
C VAL D 178 28.50 3.82 -18.73
N PHE D 179 28.65 3.20 -17.56
CA PHE D 179 28.01 3.69 -16.35
C PHE D 179 29.01 4.15 -15.26
N PHE D 180 28.56 5.02 -14.36
CA PHE D 180 29.40 5.59 -13.32
C PHE D 180 30.10 4.65 -12.37
N ILE D 181 29.52 3.48 -12.10
CA ILE D 181 30.00 2.64 -10.98
C ILE D 181 30.14 1.21 -11.40
N GLN D 182 30.89 0.45 -10.61
CA GLN D 182 31.23 -0.93 -10.96
C GLN D 182 30.48 -1.99 -10.18
N ASP D 183 29.70 -1.58 -9.19
CA ASP D 183 28.94 -2.51 -8.36
C ASP D 183 27.56 -1.93 -8.01
N ALA D 184 26.50 -2.69 -8.26
CA ALA D 184 25.14 -2.24 -7.99
C ALA D 184 24.96 -1.75 -6.57
N ILE D 185 25.70 -2.33 -5.61
CA ILE D 185 25.52 -1.96 -4.19
C ILE D 185 25.78 -0.46 -3.93
N GLN D 186 26.39 0.19 -4.92
CA GLN D 186 26.81 1.58 -4.84
C GLN D 186 25.78 2.51 -5.43
N PHE D 187 24.76 1.96 -6.06
CA PHE D 187 23.75 2.76 -6.75
C PHE D 187 23.07 3.82 -5.87
N PRO D 188 22.67 3.47 -4.65
CA PRO D 188 22.14 4.55 -3.82
C PRO D 188 23.16 5.67 -3.49
N ASP D 189 24.45 5.35 -3.48
CA ASP D 189 25.43 6.38 -3.16
C ASP D 189 25.50 7.37 -4.34
N LEU D 190 25.63 6.82 -5.55
CA LEU D 190 25.68 7.62 -6.75
C LEU D 190 24.47 8.50 -6.80
N ILE D 191 23.29 7.88 -6.68
CA ILE D 191 22.03 8.59 -6.87
C ILE D 191 21.76 9.63 -5.77
N HIS D 192 22.08 9.31 -4.51
CA HIS D 192 21.96 10.30 -3.43
C HIS D 192 22.78 11.50 -3.70
N SER D 193 24.02 11.31 -4.14
CA SER D 193 24.95 12.42 -4.37
C SER D 193 24.57 13.27 -5.58
N VAL D 194 23.95 12.62 -6.55
CA VAL D 194 23.58 13.28 -7.77
C VAL D 194 22.25 14.02 -7.66
N LYS D 195 21.32 13.50 -6.87
CA LYS D 195 20.01 14.15 -6.72
C LYS D 195 20.10 15.35 -5.78
N PRO D 196 18.99 16.05 -5.54
CA PRO D 196 19.09 17.29 -4.76
C PRO D 196 19.61 17.07 -3.33
N ARG D 197 20.06 18.10 -2.73
CA ARG D 197 20.57 17.92 -1.37
C ARG D 197 19.43 17.55 -0.41
N PRO D 198 19.64 16.59 0.46
CA PRO D 198 18.56 16.11 1.33
C PRO D 198 18.09 17.09 2.37
N ASP D 199 18.85 18.12 2.67
CA ASP D 199 18.32 19.13 3.60
C ASP D 199 17.28 20.10 3.00
N ASN D 200 17.59 20.68 1.83
CA ASN D 200 16.66 21.62 1.19
C ASN D 200 16.09 21.18 -0.15
N GLU D 201 16.54 20.07 -0.67
CA GLU D 201 16.09 19.60 -2.00
C GLU D 201 16.44 20.55 -3.12
N ILE D 202 17.68 20.86 -3.15
CA ILE D 202 18.22 21.76 -4.16
C ILE D 202 19.56 21.16 -4.60
N PRO D 203 19.88 21.19 -5.91
CA PRO D 203 19.13 21.68 -7.07
C PRO D 203 18.43 20.55 -7.79
N GLN D 204 17.32 20.88 -8.46
CA GLN D 204 16.62 19.96 -9.32
C GLN D 204 17.48 19.58 -10.54
N ALA D 205 17.45 18.31 -10.92
CA ALA D 205 17.94 17.83 -12.21
C ALA D 205 19.29 18.41 -12.59
N ALA D 206 20.30 18.15 -11.79
CA ALA D 206 21.60 18.77 -12.05
C ALA D 206 22.71 18.19 -11.20
N THR D 207 23.87 18.05 -11.83
CA THR D 207 25.07 17.55 -11.15
C THR D 207 25.91 18.74 -10.61
N ALA D 208 25.40 19.94 -10.83
CA ALA D 208 26.13 21.16 -10.51
C ALA D 208 26.05 21.58 -9.07
N HIS D 209 26.41 20.66 -8.16
CA HIS D 209 26.43 20.94 -6.71
C HIS D 209 27.45 20.06 -6.03
N ASP D 210 27.82 20.41 -4.80
CA ASP D 210 28.96 19.79 -4.07
C ASP D 210 28.97 18.27 -3.97
N SER D 211 27.84 17.70 -3.58
CA SER D 211 27.78 16.26 -3.33
C SER D 211 28.13 15.41 -4.57
N ALA D 212 27.57 15.79 -5.72
CA ALA D 212 27.82 15.07 -6.99
C ALA D 212 29.31 14.95 -7.25
N TRP D 213 29.99 16.11 -7.23
CA TRP D 213 31.44 16.17 -7.52
C TRP D 213 32.30 15.63 -6.40
N ASP D 214 31.79 15.69 -5.17
CA ASP D 214 32.45 14.99 -4.07
C ASP D 214 32.48 13.50 -4.44
N PHE D 215 31.32 12.99 -4.87
CA PHE D 215 31.26 11.59 -5.20
C PHE D 215 32.13 11.24 -6.41
N PHE D 216 32.02 12.04 -7.50
CA PHE D 216 32.80 11.80 -8.71
C PHE D 216 34.28 11.83 -8.42
N SER D 217 34.69 12.79 -7.60
CA SER D 217 36.12 12.91 -7.27
C SER D 217 36.63 11.78 -6.36
N GLN D 218 35.75 11.18 -5.54
CA GLN D 218 36.14 10.11 -4.61
C GLN D 218 35.95 8.73 -5.23
N GLN D 219 35.13 8.66 -6.27
CA GLN D 219 34.84 7.41 -6.92
C GLN D 219 35.23 7.47 -8.40
N PRO D 220 36.54 7.36 -8.67
CA PRO D 220 37.10 7.62 -9.98
C PRO D 220 36.51 6.75 -11.12
N SER D 221 35.95 5.60 -10.79
CA SER D 221 35.21 4.82 -11.79
C SER D 221 34.24 5.67 -12.63
N THR D 222 33.83 6.81 -12.11
CA THR D 222 32.85 7.62 -12.78
C THR D 222 33.40 8.50 -13.90
N MET D 223 34.73 8.60 -13.98
CA MET D 223 35.33 9.50 -14.96
C MET D 223 34.70 9.28 -16.33
N HIS D 224 34.63 8.03 -16.78
CA HIS D 224 34.23 7.78 -18.14
C HIS D 224 32.85 8.27 -18.47
N THR D 225 31.85 7.83 -17.71
CA THR D 225 30.51 8.34 -17.87
C THR D 225 30.49 9.86 -17.70
N LEU D 226 31.19 10.36 -16.69
CA LEU D 226 31.20 11.81 -16.41
C LEU D 226 31.61 12.63 -17.65
N PHE D 227 32.67 12.17 -18.34
CA PHE D 227 33.12 12.78 -19.61
C PHE D 227 32.01 12.74 -20.66
N TRP D 228 31.41 11.55 -20.88
CA TRP D 228 30.25 11.52 -21.75
C TRP D 228 29.16 12.49 -21.40
N ALA D 229 28.82 12.59 -20.14
CA ALA D 229 27.69 13.44 -19.74
C ALA D 229 28.03 14.90 -19.89
N MET D 230 29.31 15.21 -19.72
CA MET D 230 29.79 16.57 -19.91
C MET D 230 29.92 16.95 -21.39
N SER D 231 30.03 15.97 -22.28
CA SER D 231 29.92 16.25 -23.72
C SER D 231 28.48 16.61 -24.10
N GLY D 232 28.21 16.60 -25.41
CA GLY D 232 26.89 16.93 -26.00
C GLY D 232 25.95 15.77 -25.80
N HIS D 233 26.51 14.61 -25.50
CA HIS D 233 25.71 13.47 -25.11
C HIS D 233 24.84 13.74 -23.91
N GLY D 234 25.22 14.75 -23.12
CA GLY D 234 24.47 15.12 -21.94
C GLY D 234 23.24 15.93 -22.29
N ILE D 235 23.22 16.46 -23.51
CA ILE D 235 22.13 17.35 -23.94
C ILE D 235 21.76 17.13 -25.40
N PRO D 236 21.23 15.93 -25.72
CA PRO D 236 20.84 15.60 -27.09
C PRO D 236 19.75 16.52 -27.62
N ARG D 237 19.74 16.70 -28.94
CA ARG D 237 18.74 17.54 -29.59
C ARG D 237 17.34 16.92 -29.46
N SER D 238 17.27 15.59 -29.49
CA SER D 238 15.99 14.89 -29.27
C SER D 238 16.28 13.45 -28.90
N TYR D 239 15.25 12.71 -28.50
CA TYR D 239 15.42 11.28 -28.23
C TYR D 239 15.81 10.58 -29.53
N ARG D 240 15.34 11.13 -30.65
CA ARG D 240 15.49 10.55 -31.98
C ARG D 240 16.91 10.73 -32.46
N HIS D 241 17.58 11.75 -31.95
CA HIS D 241 18.97 12.00 -32.34
C HIS D 241 19.98 11.49 -31.37
N MET D 242 19.65 10.38 -30.68
CA MET D 242 20.60 9.74 -29.78
C MET D 242 20.57 8.25 -29.99
N ASP D 243 21.64 7.57 -29.57
CA ASP D 243 21.71 6.12 -29.64
C ASP D 243 21.22 5.47 -28.34
N GLY D 244 21.05 4.15 -28.35
CA GLY D 244 20.75 3.37 -27.15
C GLY D 244 21.86 2.36 -26.94
N PHE D 245 22.21 2.11 -25.68
CA PHE D 245 23.20 1.06 -25.38
C PHE D 245 22.73 0.19 -24.24
N GLY D 246 22.96 -1.11 -24.34
CA GLY D 246 22.74 -1.99 -23.20
C GLY D 246 23.79 -1.84 -22.08
N VAL D 247 24.89 -1.11 -22.33
CA VAL D 247 25.99 -0.94 -21.36
C VAL D 247 26.74 -2.24 -20.99
N HIS D 248 26.09 -3.14 -20.24
CA HIS D 248 26.72 -4.42 -19.84
C HIS D 248 26.99 -5.34 -20.99
N THR D 249 28.00 -6.20 -20.84
CA THR D 249 28.13 -7.37 -21.70
C THR D 249 27.08 -8.39 -21.31
N PHE D 250 26.37 -8.89 -22.31
CA PHE D 250 25.46 -10.02 -22.11
C PHE D 250 25.99 -11.25 -22.84
N ARG D 251 25.21 -12.33 -22.92
CA ARG D 251 25.59 -13.51 -23.65
C ARG D 251 24.51 -13.85 -24.65
N PHE D 252 24.91 -14.22 -25.87
CA PHE D 252 24.00 -14.90 -26.78
C PHE D 252 24.19 -16.39 -26.54
N VAL D 253 23.10 -17.17 -26.61
CA VAL D 253 23.21 -18.59 -26.33
C VAL D 253 22.45 -19.36 -27.41
N LYS D 254 23.07 -20.41 -27.95
CA LYS D 254 22.47 -21.15 -29.08
C LYS D 254 21.85 -22.43 -28.53
N ASP D 255 20.96 -23.06 -29.30
CA ASP D 255 20.30 -24.27 -28.80
C ASP D 255 21.28 -25.37 -28.36
N ASP D 256 22.44 -25.41 -29.00
CA ASP D 256 23.47 -26.38 -28.60
C ASP D 256 24.16 -26.07 -27.27
N GLY D 257 23.80 -24.96 -26.62
CA GLY D 257 24.38 -24.58 -25.33
C GLY D 257 25.62 -23.67 -25.33
N SER D 258 26.11 -23.33 -26.52
CA SER D 258 27.30 -22.46 -26.61
C SER D 258 26.96 -20.97 -26.53
N SER D 259 27.92 -20.21 -26.04
CA SER D 259 27.70 -18.79 -25.80
C SER D 259 28.78 -17.87 -26.37
N LYS D 260 28.35 -16.74 -26.91
CA LYS D 260 29.24 -15.64 -27.23
C LYS D 260 28.92 -14.48 -26.28
N LEU D 261 29.89 -13.59 -26.06
CA LEU D 261 29.68 -12.37 -25.28
C LEU D 261 29.22 -11.22 -26.18
N ILE D 262 28.20 -10.47 -25.76
CA ILE D 262 27.67 -9.39 -26.63
C ILE D 262 27.46 -8.05 -25.96
N LYS D 263 27.38 -7.02 -26.81
CA LYS D 263 27.06 -5.65 -26.41
C LYS D 263 26.02 -5.12 -27.40
N TRP D 264 24.92 -4.60 -26.87
CA TRP D 264 23.85 -4.05 -27.68
C TRP D 264 24.14 -2.62 -28.03
N HIS D 265 23.89 -2.26 -29.28
CA HIS D 265 23.94 -0.89 -29.73
C HIS D 265 22.73 -0.61 -30.55
N PHE D 266 22.02 0.46 -30.25
CA PHE D 266 20.89 0.94 -31.08
C PHE D 266 21.34 2.22 -31.78
N LYS D 267 21.64 2.12 -33.07
CA LYS D 267 22.20 3.26 -33.80
C LYS D 267 21.07 4.08 -34.43
N SER D 268 21.11 5.39 -34.20
CA SER D 268 20.08 6.27 -34.71
C SER D 268 20.16 6.54 -36.22
N ARG D 269 19.05 6.28 -36.89
CA ARG D 269 18.94 6.56 -38.31
C ARG D 269 18.60 8.03 -38.60
N GLN D 270 18.43 8.81 -37.54
CA GLN D 270 18.19 10.24 -37.69
C GLN D 270 19.50 11.05 -37.54
N GLY D 271 20.59 10.34 -37.23
CA GLY D 271 21.87 10.99 -36.97
C GLY D 271 21.98 11.52 -35.56
N LYS D 272 23.20 11.88 -35.17
CA LYS D 272 23.45 12.39 -33.86
C LYS D 272 23.50 13.90 -33.89
N ALA D 273 22.80 14.52 -32.93
CA ALA D 273 22.76 15.98 -32.77
C ALA D 273 22.54 16.39 -31.31
N SER D 274 23.06 17.55 -30.93
CA SER D 274 22.93 18.01 -29.57
C SER D 274 22.82 19.54 -29.44
N LEU D 275 22.20 19.99 -28.36
CA LEU D 275 22.01 21.40 -28.12
C LEU D 275 23.30 21.96 -27.58
N VAL D 276 23.38 23.29 -27.47
CA VAL D 276 24.51 23.90 -26.76
C VAL D 276 23.96 24.34 -25.42
N TRP D 277 24.84 24.34 -24.42
CA TRP D 277 24.43 24.53 -23.05
C TRP D 277 23.55 25.73 -22.85
N GLU D 278 24.02 26.89 -23.27
CA GLU D 278 23.34 28.14 -23.04
C GLU D 278 21.94 28.12 -23.65
N GLU D 279 21.79 27.32 -24.70
CA GLU D 279 20.51 27.11 -25.36
C GLU D 279 19.62 26.18 -24.53
N ALA D 280 20.20 25.07 -24.07
CA ALA D 280 19.49 24.09 -23.23
C ALA D 280 18.86 24.72 -21.98
N GLN D 281 19.63 25.56 -21.30
CA GLN D 281 19.14 26.26 -20.12
C GLN D 281 17.88 27.06 -20.41
N VAL D 282 17.87 27.79 -21.52
CA VAL D 282 16.70 28.61 -21.84
C VAL D 282 15.52 27.70 -22.16
N LEU D 283 15.80 26.65 -22.95
CA LEU D 283 14.79 25.68 -23.39
C LEU D 283 14.07 25.05 -22.23
N SER D 284 14.83 24.70 -21.18
CA SER D 284 14.27 24.18 -19.92
C SER D 284 13.17 25.07 -19.35
N GLY D 285 13.30 26.38 -19.50
CA GLY D 285 12.28 27.30 -19.04
C GLY D 285 11.20 27.52 -20.08
N LYS D 286 11.60 27.66 -21.34
CA LYS D 286 10.62 27.98 -22.38
C LYS D 286 9.76 26.77 -22.74
N ASN D 287 10.38 25.59 -22.65
CA ASN D 287 9.66 24.34 -22.93
C ASN D 287 10.22 23.11 -22.22
N ALA D 288 9.76 22.90 -20.97
CA ALA D 288 10.17 21.72 -20.19
C ALA D 288 9.90 20.42 -20.95
N ASP D 289 8.92 20.46 -21.88
CA ASP D 289 8.38 19.31 -22.58
C ASP D 289 9.02 19.08 -23.94
N PHE D 290 10.11 19.79 -24.23
CA PHE D 290 10.67 19.74 -25.57
C PHE D 290 10.85 18.33 -26.19
N HIS D 291 11.55 17.44 -25.50
CA HIS D 291 11.82 16.12 -26.07
C HIS D 291 10.58 15.33 -26.26
N ARG D 292 9.66 15.41 -25.30
CA ARG D 292 8.47 14.62 -25.47
C ARG D 292 7.59 15.18 -26.57
N GLN D 293 7.48 16.50 -26.67
CA GLN D 293 6.81 17.18 -27.79
C GLN D 293 7.33 16.70 -29.14
N ASP D 294 8.66 16.69 -29.26
CA ASP D 294 9.36 16.31 -30.46
C ASP D 294 9.01 14.91 -30.86
N LEU D 295 9.21 13.95 -29.97
CA LEU D 295 8.87 12.56 -30.27
C LEU D 295 7.39 12.40 -30.66
N TRP D 296 6.50 13.08 -29.95
CA TRP D 296 5.07 12.98 -30.23
C TRP D 296 4.76 13.44 -31.64
N ASP D 297 5.30 14.61 -31.97
CA ASP D 297 5.11 15.24 -33.27
C ASP D 297 5.69 14.39 -34.40
N ALA D 298 6.93 13.93 -34.24
CA ALA D 298 7.56 13.08 -35.25
C ALA D 298 6.66 11.91 -35.62
N ILE D 299 6.04 11.32 -34.61
CA ILE D 299 5.17 10.17 -34.82
C ILE D 299 3.81 10.56 -35.43
N GLU D 300 3.23 11.68 -34.99
CA GLU D 300 1.96 12.13 -35.57
C GLU D 300 2.08 12.42 -37.06
N SER D 301 3.23 12.95 -37.48
CA SER D 301 3.42 13.37 -38.86
C SER D 301 3.91 12.26 -39.81
N GLY D 302 3.95 11.02 -39.34
CA GLY D 302 4.40 9.89 -40.14
C GLY D 302 5.90 9.78 -40.26
N ASN D 303 6.64 10.55 -39.46
CA ASN D 303 8.11 10.43 -39.41
C ASN D 303 8.64 9.65 -38.17
N GLY D 304 8.07 8.49 -37.91
CA GLY D 304 8.54 7.65 -36.81
C GLY D 304 10.04 7.45 -36.86
N PRO D 305 10.73 7.69 -35.71
CA PRO D 305 12.19 7.50 -35.67
C PRO D 305 12.57 6.05 -35.77
N GLU D 306 13.78 5.78 -36.23
CA GLU D 306 14.22 4.40 -36.41
C GLU D 306 15.61 4.21 -35.86
N TRP D 307 15.92 2.96 -35.51
CA TRP D 307 17.28 2.57 -35.07
C TRP D 307 17.67 1.24 -35.62
N ASP D 308 18.95 1.07 -35.96
CA ASP D 308 19.44 -0.24 -36.32
C ASP D 308 19.83 -0.87 -35.00
N VAL D 309 19.27 -2.05 -34.75
CA VAL D 309 19.58 -2.77 -33.56
C VAL D 309 20.75 -3.66 -33.91
N CYS D 310 21.89 -3.39 -33.27
CA CYS D 310 23.17 -4.02 -33.62
C CYS D 310 23.80 -4.63 -32.38
N VAL D 311 24.68 -5.60 -32.59
CA VAL D 311 25.55 -6.08 -31.51
C VAL D 311 27.02 -6.14 -31.91
N GLN D 312 27.89 -6.09 -30.90
CA GLN D 312 29.26 -6.57 -31.04
C GLN D 312 29.31 -7.98 -30.47
N ILE D 313 29.83 -8.92 -31.24
CA ILE D 313 29.93 -10.30 -30.79
C ILE D 313 31.39 -10.73 -30.66
N VAL D 314 31.76 -11.22 -29.47
CA VAL D 314 33.12 -11.72 -29.23
C VAL D 314 33.06 -13.02 -28.46
N ASP D 315 34.21 -13.67 -28.31
CA ASP D 315 34.28 -14.99 -27.70
C ASP D 315 34.48 -14.93 -26.20
N GLU D 316 34.04 -15.99 -25.53
CA GLU D 316 34.27 -16.10 -24.11
C GLU D 316 35.75 -15.93 -23.78
N SER D 317 36.63 -16.46 -24.64
CA SER D 317 38.10 -16.37 -24.43
C SER D 317 38.64 -14.93 -24.48
N GLN D 318 37.89 -14.06 -25.14
CA GLN D 318 38.28 -12.65 -25.30
C GLN D 318 37.86 -11.72 -24.15
N ALA D 319 37.43 -12.31 -23.03
CA ALA D 319 36.98 -11.52 -21.88
C ALA D 319 38.00 -10.47 -21.43
N GLN D 320 39.28 -10.79 -21.54
CA GLN D 320 40.31 -9.86 -21.07
C GLN D 320 41.32 -9.48 -22.16
N ALA D 321 40.94 -9.76 -23.41
CA ALA D 321 41.80 -9.64 -24.58
C ALA D 321 41.90 -8.22 -25.13
N PHE D 322 41.16 -7.28 -24.58
CA PHE D 322 41.21 -5.90 -25.08
C PHE D 322 41.81 -4.92 -24.10
N GLY D 323 42.51 -5.40 -23.08
CA GLY D 323 43.19 -4.50 -22.13
C GLY D 323 42.28 -3.94 -21.04
N PHE D 324 41.12 -4.57 -20.87
CA PHE D 324 40.16 -4.30 -19.79
C PHE D 324 39.23 -5.53 -19.63
N ASP D 325 38.54 -5.62 -18.49
CA ASP D 325 37.65 -6.75 -18.19
C ASP D 325 36.30 -6.45 -18.77
N LEU D 326 35.78 -7.35 -19.61
CA LEU D 326 34.44 -7.16 -20.21
C LEU D 326 33.27 -7.18 -19.22
N LEU D 327 33.49 -7.65 -18.00
CA LEU D 327 32.49 -7.54 -16.93
C LEU D 327 32.45 -6.11 -16.31
N ASP D 328 33.26 -5.20 -16.81
CA ASP D 328 33.36 -3.88 -16.22
C ASP D 328 32.47 -2.92 -17.01
N PRO D 329 31.38 -2.46 -16.39
CA PRO D 329 30.45 -1.61 -17.12
C PRO D 329 30.95 -0.13 -17.29
N THR D 330 32.21 0.14 -16.96
CA THR D 330 32.79 1.47 -17.18
C THR D 330 33.62 1.52 -18.46
N LYS D 331 33.55 0.45 -19.26
CA LYS D 331 34.37 0.34 -20.45
C LYS D 331 33.59 0.00 -21.71
N ILE D 332 34.10 0.49 -22.84
CA ILE D 332 33.60 0.10 -24.16
C ILE D 332 34.61 -0.81 -24.85
N ILE D 333 34.10 -1.70 -25.69
CA ILE D 333 34.92 -2.35 -26.71
C ILE D 333 34.98 -1.40 -27.92
N PRO D 334 36.15 -0.76 -28.16
CA PRO D 334 36.24 0.17 -29.31
C PRO D 334 35.90 -0.52 -30.62
N GLU D 335 35.18 0.17 -31.51
CA GLU D 335 34.70 -0.41 -32.79
C GLU D 335 35.84 -0.96 -33.64
N GLU D 336 37.02 -0.40 -33.43
CA GLU D 336 38.24 -0.88 -34.07
C GLU D 336 38.53 -2.36 -33.81
N TYR D 337 38.14 -2.88 -32.65
CA TYR D 337 38.45 -4.26 -32.24
C TYR D 337 37.27 -5.25 -32.39
N ALA D 338 36.06 -4.75 -32.56
CA ALA D 338 34.88 -5.62 -32.79
C ALA D 338 33.85 -4.82 -33.55
N PRO D 339 33.64 -5.18 -34.82
CA PRO D 339 32.67 -4.40 -35.61
C PRO D 339 31.24 -4.71 -35.16
N LEU D 340 30.32 -3.80 -35.47
CA LEU D 340 28.90 -3.97 -35.20
C LEU D 340 28.21 -4.84 -36.23
N THR D 341 27.35 -5.76 -35.79
CA THR D 341 26.45 -6.48 -36.72
C THR D 341 25.03 -5.95 -36.59
N LYS D 342 24.46 -5.52 -37.72
CA LYS D 342 23.07 -5.07 -37.80
C LYS D 342 22.16 -6.29 -37.71
N LEU D 343 21.30 -6.35 -36.69
CA LEU D 343 20.40 -7.51 -36.48
C LEU D 343 18.99 -7.30 -37.03
N GLY D 344 18.55 -6.05 -37.03
CA GLY D 344 17.18 -5.72 -37.39
C GLY D 344 16.91 -4.24 -37.19
N LEU D 345 15.68 -3.86 -37.51
CA LEU D 345 15.24 -2.48 -37.47
C LEU D 345 14.18 -2.23 -36.39
N LEU D 346 14.39 -1.20 -35.58
CA LEU D 346 13.39 -0.80 -34.62
C LEU D 346 12.80 0.49 -35.07
N LYS D 347 11.47 0.58 -35.09
CA LYS D 347 10.76 1.80 -35.51
C LYS D 347 9.61 2.10 -34.56
N LEU D 348 9.49 3.35 -34.18
CA LEU D 348 8.37 3.81 -33.36
C LEU D 348 7.39 4.57 -34.24
N ASP D 349 6.12 4.17 -34.23
CA ASP D 349 5.18 4.81 -35.13
C ASP D 349 3.81 5.02 -34.56
N ARG D 350 3.64 4.81 -33.25
CA ARG D 350 2.32 5.00 -32.63
C ARG D 350 2.42 5.58 -31.23
N ASN D 351 1.77 6.71 -31.03
CA ASN D 351 1.73 7.33 -29.74
C ASN D 351 0.76 6.59 -28.83
N PRO D 352 0.99 6.64 -27.51
CA PRO D 352 -0.01 6.08 -26.58
C PRO D 352 -1.33 6.86 -26.58
N THR D 353 -2.38 6.25 -26.03
CA THR D 353 -3.71 6.85 -25.91
C THR D 353 -3.87 7.57 -24.57
N ASN D 354 -3.40 6.90 -23.50
CA ASN D 354 -3.37 7.45 -22.15
C ASN D 354 -1.97 7.35 -21.59
N TYR D 355 -1.37 8.50 -21.31
CA TYR D 355 0.02 8.58 -20.88
C TYR D 355 0.19 7.78 -19.61
N PHE D 356 -0.60 8.11 -18.59
CA PHE D 356 -0.51 7.44 -17.32
C PHE D 356 -0.56 5.93 -17.49
N ALA D 357 -1.58 5.43 -18.19
CA ALA D 357 -1.88 3.99 -18.27
C ALA D 357 -0.83 3.21 -19.01
N GLU D 358 -0.17 3.86 -19.95
CA GLU D 358 0.83 3.19 -20.79
C GLU D 358 2.24 3.61 -20.36
N THR D 359 2.61 4.88 -20.56
CA THR D 359 3.97 5.36 -20.23
C THR D 359 4.30 5.34 -18.73
N GLU D 360 3.39 5.81 -17.89
CA GLU D 360 3.72 5.88 -16.48
C GLU D 360 3.77 4.47 -15.86
N GLN D 361 2.84 3.59 -16.26
CA GLN D 361 2.74 2.26 -15.68
C GLN D 361 3.65 1.20 -16.29
N VAL D 362 4.39 1.52 -17.35
CA VAL D 362 5.24 0.48 -17.94
C VAL D 362 6.32 0.16 -16.95
N MET D 363 6.58 -1.13 -16.76
CA MET D 363 7.56 -1.54 -15.76
C MET D 363 8.61 -2.49 -16.35
N PHE D 364 9.78 -1.94 -16.65
CA PHE D 364 10.82 -2.69 -17.33
C PHE D 364 11.59 -3.49 -16.32
N GLN D 365 12.22 -4.57 -16.77
CA GLN D 365 13.09 -5.34 -15.93
C GLN D 365 14.08 -6.02 -16.83
N PRO D 366 15.40 -5.95 -16.50
CA PRO D 366 16.39 -6.84 -17.16
C PRO D 366 16.07 -8.31 -16.87
N GLY D 367 15.33 -8.57 -15.79
CA GLY D 367 14.92 -9.93 -15.43
C GLY D 367 14.00 -10.49 -16.48
N HIS D 368 13.42 -9.61 -17.32
CA HIS D 368 12.57 -10.07 -18.44
C HIS D 368 13.48 -10.52 -19.57
N ILE D 369 13.95 -11.77 -19.44
CA ILE D 369 14.90 -12.35 -20.38
C ILE D 369 14.24 -13.51 -21.12
N VAL D 370 14.72 -13.81 -22.34
CA VAL D 370 14.20 -14.95 -23.11
C VAL D 370 15.29 -15.99 -23.41
N ARG D 371 14.90 -17.23 -23.69
CA ARG D 371 15.78 -18.24 -24.24
C ARG D 371 16.65 -17.66 -25.35
N GLY D 372 17.98 -17.81 -25.22
CA GLY D 372 18.89 -17.28 -26.22
C GLY D 372 19.76 -16.11 -25.78
N ILE D 373 19.40 -15.52 -24.65
CA ILE D 373 20.21 -14.49 -24.00
C ILE D 373 20.48 -14.96 -22.58
N ASP D 374 21.61 -14.55 -21.99
CA ASP D 374 21.91 -14.83 -20.59
C ASP D 374 22.70 -13.68 -20.07
N PHE D 375 22.86 -13.62 -18.76
CA PHE D 375 23.52 -12.55 -18.06
C PHE D 375 25.01 -12.87 -18.04
N THR D 376 25.82 -11.91 -17.57
CA THR D 376 27.20 -12.12 -17.23
C THR D 376 27.43 -11.66 -15.82
N GLU D 377 28.63 -11.92 -15.31
CA GLU D 377 29.00 -11.70 -13.93
C GLU D 377 29.36 -10.24 -13.67
N ASP D 378 28.83 -9.33 -14.51
CA ASP D 378 29.02 -7.88 -14.31
C ASP D 378 28.34 -7.49 -13.01
N PRO D 379 29.12 -7.17 -11.97
CA PRO D 379 28.54 -6.89 -10.64
C PRO D 379 27.51 -5.77 -10.63
N LEU D 380 27.46 -4.96 -11.68
CA LEU D 380 26.44 -3.92 -11.76
C LEU D 380 25.17 -4.59 -12.27
N LEU D 381 25.30 -5.37 -13.35
CA LEU D 381 24.16 -6.04 -13.94
C LEU D 381 23.49 -6.93 -12.91
N GLN D 382 24.31 -7.70 -12.19
CA GLN D 382 23.82 -8.66 -11.18
C GLN D 382 22.84 -8.05 -10.19
N GLY D 383 23.20 -6.90 -9.61
CA GLY D 383 22.35 -6.18 -8.67
C GLY D 383 21.06 -5.65 -9.27
N ARG D 384 21.13 -5.17 -10.51
CA ARG D 384 19.97 -4.66 -11.22
C ARG D 384 18.88 -5.73 -11.26
N LEU D 385 19.26 -6.99 -11.33
CA LEU D 385 18.25 -8.04 -11.43
C LEU D 385 17.30 -8.00 -10.23
N PHE D 386 17.84 -7.80 -9.03
CA PHE D 386 17.05 -7.70 -7.81
C PHE D 386 16.16 -6.48 -7.76
N SER D 387 16.76 -5.33 -8.06
CA SER D 387 16.15 -4.03 -7.90
C SER D 387 14.84 -3.86 -8.67
N TYR D 388 14.86 -4.22 -9.95
CA TYR D 388 13.76 -3.90 -10.85
C TYR D 388 12.51 -4.75 -10.52
N LEU D 389 12.70 -5.89 -9.89
CA LEU D 389 11.55 -6.69 -9.50
C LEU D 389 10.97 -6.13 -8.22
N ASP D 390 11.85 -5.65 -7.34
CA ASP D 390 11.45 -5.18 -6.02
C ASP D 390 10.71 -3.83 -6.12
N THR D 391 11.25 -2.94 -6.96
CA THR D 391 10.77 -1.58 -6.99
C THR D 391 9.32 -1.47 -7.51
N GLN D 392 8.88 -2.46 -8.31
CA GLN D 392 7.53 -2.38 -8.88
C GLN D 392 6.46 -2.51 -7.79
N LEU D 393 6.78 -3.19 -6.69
CA LEU D 393 5.92 -3.22 -5.51
C LEU D 393 5.72 -1.82 -4.98
N ASN D 394 6.76 -1.00 -5.00
CA ASN D 394 6.62 0.37 -4.54
C ASN D 394 5.68 1.10 -5.48
N ARG D 395 5.92 0.96 -6.78
CA ARG D 395 5.18 1.72 -7.77
C ARG D 395 3.73 1.26 -7.96
N ASN D 396 3.53 -0.04 -7.88
CA ASN D 396 2.23 -0.57 -8.15
C ASN D 396 1.42 -0.78 -6.90
N GLY D 397 2.10 -0.90 -5.77
CA GLY D 397 1.43 -1.06 -4.49
C GLY D 397 0.97 -2.49 -4.27
N GLY D 398 1.43 -3.41 -5.11
CA GLY D 398 0.90 -4.76 -5.11
C GLY D 398 1.72 -5.61 -6.04
N PRO D 399 1.57 -6.93 -5.91
CA PRO D 399 2.40 -7.90 -6.63
C PRO D 399 1.93 -8.28 -8.04
N ASN D 400 0.75 -7.77 -8.45
CA ASN D 400 0.18 -8.18 -9.71
C ASN D 400 0.40 -7.18 -10.86
N PHE D 401 1.56 -6.51 -10.84
CA PHE D 401 1.86 -5.45 -11.79
C PHE D 401 2.00 -5.96 -13.20
N GLU D 402 2.34 -7.24 -13.36
CA GLU D 402 2.53 -7.77 -14.72
C GLU D 402 1.20 -7.98 -15.38
N GLN D 403 0.10 -7.76 -14.66
CA GLN D 403 -1.23 -7.94 -15.25
C GLN D 403 -1.75 -6.63 -15.81
N LEU D 404 -1.00 -5.54 -15.66
CA LEU D 404 -1.43 -4.25 -16.27
C LEU D 404 -1.31 -4.41 -17.76
N PRO D 405 -2.29 -3.91 -18.55
CA PRO D 405 -2.25 -4.16 -20.01
C PRO D 405 -0.86 -3.89 -20.64
N ILE D 406 -0.22 -2.78 -20.29
CA ILE D 406 1.06 -2.47 -20.88
C ILE D 406 2.17 -3.46 -20.52
N ASN D 407 2.00 -4.22 -19.44
CA ASN D 407 3.04 -5.15 -18.98
C ASN D 407 2.74 -6.63 -19.36
N MET D 408 1.50 -6.91 -19.75
CA MET D 408 1.08 -8.25 -20.14
C MET D 408 1.89 -8.77 -21.35
N PRO D 409 2.07 -10.10 -21.45
CA PRO D 409 2.77 -10.62 -22.63
C PRO D 409 1.77 -10.83 -23.73
N ARG D 410 2.23 -11.17 -24.93
CA ARG D 410 1.32 -11.48 -26.03
C ARG D 410 1.12 -12.99 -26.21
N VAL D 411 1.58 -13.78 -25.25
CA VAL D 411 1.43 -15.23 -25.27
C VAL D 411 0.74 -15.71 -23.97
N PRO D 412 0.28 -16.97 -23.92
CA PRO D 412 -0.41 -17.41 -22.70
C PRO D 412 0.51 -17.48 -21.51
N ILE D 413 -0.04 -17.41 -20.30
CA ILE D 413 0.70 -17.59 -19.06
C ILE D 413 0.29 -18.87 -18.35
N HIS D 414 1.26 -19.69 -17.96
CA HIS D 414 0.98 -20.94 -17.24
C HIS D 414 1.87 -21.05 -16.07
N ASN D 415 1.35 -20.74 -14.87
CA ASN D 415 2.14 -20.94 -13.65
C ASN D 415 1.30 -21.00 -12.39
N ASN D 416 1.96 -21.20 -11.24
CA ASN D 416 1.23 -21.38 -9.99
C ASN D 416 1.20 -20.18 -9.05
N ASN D 417 1.60 -19.02 -9.55
CA ASN D 417 1.37 -17.77 -8.86
C ASN D 417 -0.12 -17.54 -8.61
N ARG D 418 -0.46 -17.14 -7.40
CA ARG D 418 -1.85 -16.97 -7.04
C ARG D 418 -2.06 -15.70 -6.19
N ASP D 419 -3.32 -15.24 -6.14
CA ASP D 419 -3.81 -14.30 -5.13
C ASP D 419 -3.05 -13.00 -5.25
N GLY D 420 -2.73 -12.34 -4.11
CA GLY D 420 -2.17 -11.02 -4.14
C GLY D 420 -3.21 -9.94 -4.43
N ALA D 421 -2.97 -8.74 -3.92
CA ALA D 421 -3.90 -7.64 -4.15
C ALA D 421 -4.01 -7.38 -5.64
N GLY D 422 -5.22 -7.09 -6.11
CA GLY D 422 -5.44 -6.75 -7.49
C GLY D 422 -5.31 -7.92 -8.42
N GLN D 423 -5.65 -9.11 -7.94
CA GLN D 423 -5.60 -10.29 -8.78
C GLN D 423 -6.68 -10.20 -9.83
N MET D 424 -6.30 -10.17 -11.09
CA MET D 424 -7.25 -9.97 -12.22
C MET D 424 -7.58 -11.25 -12.97
N PHE D 425 -6.99 -12.39 -12.63
CA PHE D 425 -7.34 -13.63 -13.34
C PHE D 425 -8.24 -14.47 -12.44
N ILE D 426 -8.94 -15.43 -13.05
CA ILE D 426 -9.67 -16.42 -12.30
C ILE D 426 -9.11 -17.75 -12.74
N HIS D 427 -8.24 -18.33 -11.91
CA HIS D 427 -7.49 -19.53 -12.29
C HIS D 427 -8.34 -20.75 -12.22
N ARG D 428 -8.29 -21.56 -13.27
CA ARG D 428 -9.06 -22.82 -13.34
C ARG D 428 -8.35 -24.01 -12.67
N ASN D 429 -7.03 -23.97 -12.62
CA ASN D 429 -6.31 -25.07 -12.03
C ASN D 429 -6.36 -24.95 -10.54
N LYS D 430 -7.07 -25.87 -9.92
CA LYS D 430 -7.20 -25.94 -8.48
C LYS D 430 -6.14 -26.76 -7.77
N TYR D 431 -5.09 -27.14 -8.49
CA TYR D 431 -3.97 -27.81 -7.83
C TYR D 431 -2.66 -27.10 -8.15
N PRO D 432 -2.51 -25.86 -7.66
CA PRO D 432 -1.36 -25.05 -8.05
C PRO D 432 -0.10 -25.38 -7.25
N TYR D 433 0.32 -26.61 -7.35
CA TYR D 433 1.60 -27.06 -6.78
C TYR D 433 2.31 -28.02 -7.72
N THR D 434 3.61 -28.15 -7.53
CA THR D 434 4.43 -29.10 -8.24
C THR D 434 5.33 -29.77 -7.20
N PRO D 435 5.45 -31.11 -7.26
CA PRO D 435 4.83 -32.00 -8.25
C PRO D 435 3.40 -32.38 -7.86
N ASN D 436 2.51 -32.51 -8.84
CA ASN D 436 1.14 -32.95 -8.59
C ASN D 436 0.79 -34.13 -9.49
N THR D 437 -0.18 -34.93 -9.08
CA THR D 437 -0.81 -35.86 -10.03
C THR D 437 -2.22 -35.37 -10.37
N LEU D 438 -2.86 -34.65 -9.46
CA LEU D 438 -4.25 -34.24 -9.60
C LEU D 438 -4.50 -33.25 -10.74
N ASN D 439 -3.44 -32.63 -11.29
CA ASN D 439 -3.50 -31.88 -12.55
C ASN D 439 -2.58 -32.49 -13.61
N SER D 440 -2.33 -33.79 -13.46
CA SER D 440 -1.52 -34.59 -14.41
C SER D 440 -0.13 -34.03 -14.60
N GLY D 441 0.46 -33.50 -13.53
CA GLY D 441 1.81 -32.92 -13.60
C GLY D 441 1.96 -31.72 -14.52
N TYR D 442 0.85 -31.05 -14.82
CA TYR D 442 0.85 -29.76 -15.49
C TYR D 442 0.75 -28.59 -14.49
N PRO D 443 1.39 -27.45 -14.80
CA PRO D 443 2.23 -27.13 -15.97
C PRO D 443 3.55 -27.88 -15.93
N ARG D 444 4.10 -28.21 -17.11
CA ARG D 444 5.36 -28.99 -17.20
C ARG D 444 6.63 -28.13 -17.06
N GLN D 445 7.66 -28.65 -16.40
CA GLN D 445 8.92 -27.91 -16.24
C GLN D 445 9.53 -27.69 -17.60
N ALA D 446 9.98 -26.46 -17.86
CA ALA D 446 10.66 -26.11 -19.11
C ALA D 446 12.12 -25.81 -18.83
N ASN D 447 12.97 -26.29 -19.73
CA ASN D 447 14.42 -26.16 -19.57
C ASN D 447 15.07 -26.23 -20.95
N GLN D 448 16.37 -26.53 -20.95
CA GLN D 448 17.12 -26.64 -22.20
C GLN D 448 16.45 -27.54 -23.24
N ASN D 449 16.02 -28.73 -22.82
CA ASN D 449 15.61 -29.80 -23.73
C ASN D 449 14.12 -30.01 -23.83
N ALA D 450 13.34 -29.33 -23.00
CA ALA D 450 11.87 -29.36 -23.09
C ALA D 450 11.23 -27.99 -23.00
N GLY D 451 10.18 -27.80 -23.79
CA GLY D 451 9.30 -26.66 -23.64
C GLY D 451 9.91 -25.32 -24.02
N ARG D 452 11.15 -25.37 -24.56
CA ARG D 452 11.86 -24.16 -24.98
C ARG D 452 12.17 -23.25 -23.79
N GLY D 453 12.48 -23.88 -22.66
CA GLY D 453 12.71 -23.13 -21.45
C GLY D 453 13.90 -22.23 -21.56
N PHE D 454 13.91 -21.20 -20.74
CA PHE D 454 15.13 -20.42 -20.59
C PHE D 454 16.10 -21.38 -19.96
N PHE D 455 17.39 -21.17 -20.20
CA PHE D 455 18.44 -21.87 -19.45
C PHE D 455 19.70 -21.03 -19.37
N THR D 456 20.35 -21.08 -18.22
CA THR D 456 21.67 -20.50 -18.01
C THR D 456 22.66 -21.18 -18.97
N ALA D 457 23.53 -20.36 -19.59
CA ALA D 457 24.64 -20.87 -20.41
C ALA D 457 25.40 -21.93 -19.62
N PRO D 458 25.45 -23.19 -20.14
CA PRO D 458 26.06 -24.30 -19.36
C PRO D 458 27.55 -24.12 -19.13
N GLY D 459 28.25 -23.43 -20.05
CA GLY D 459 29.68 -23.09 -19.91
C GLY D 459 30.09 -22.31 -18.66
N ARG D 460 29.16 -21.59 -18.05
CA ARG D 460 29.47 -20.69 -16.94
C ARG D 460 29.81 -21.44 -15.69
N THR D 461 30.90 -21.01 -15.06
CA THR D 461 31.50 -21.72 -13.93
C THR D 461 31.90 -20.69 -12.88
N ALA D 462 32.28 -21.16 -11.71
CA ALA D 462 32.68 -20.29 -10.61
C ALA D 462 33.86 -20.97 -9.93
N SER D 463 34.71 -20.20 -9.24
CA SER D 463 35.78 -20.77 -8.38
C SER D 463 36.31 -19.79 -7.36
N GLY D 464 36.96 -20.30 -6.31
CA GLY D 464 37.60 -19.44 -5.33
C GLY D 464 36.72 -19.23 -4.12
N ALA D 465 37.02 -18.20 -3.34
CA ALA D 465 36.30 -17.87 -2.10
C ALA D 465 35.10 -16.92 -2.31
N LEU D 466 34.20 -16.91 -1.34
CA LEU D 466 33.15 -15.93 -1.31
C LEU D 466 33.80 -14.68 -0.82
N VAL D 467 33.71 -13.61 -1.61
CA VAL D 467 34.44 -12.39 -1.26
C VAL D 467 33.63 -11.16 -1.54
N ARG D 468 33.79 -10.17 -0.68
CA ARG D 468 33.32 -8.82 -0.94
C ARG D 468 34.50 -7.95 -1.35
N GLU D 469 35.18 -8.33 -2.42
CA GLU D 469 36.36 -7.57 -2.87
C GLU D 469 36.21 -7.30 -4.36
N VAL D 470 36.81 -6.17 -4.81
CA VAL D 470 36.79 -5.73 -6.21
C VAL D 470 37.93 -6.40 -6.96
N SER D 471 37.63 -6.99 -8.13
CA SER D 471 38.65 -7.54 -9.03
C SER D 471 39.71 -6.49 -9.40
N PRO D 472 41.00 -6.86 -9.30
CA PRO D 472 42.07 -5.93 -9.71
C PRO D 472 41.94 -5.52 -11.18
N THR D 473 41.31 -6.37 -12.01
CA THR D 473 41.14 -6.06 -13.42
C THR D 473 40.22 -4.85 -13.73
N PHE D 474 39.55 -4.34 -12.70
CA PHE D 474 38.61 -3.24 -12.80
C PHE D 474 39.27 -1.91 -12.47
N ASN D 475 40.59 -1.92 -12.20
CA ASN D 475 41.29 -0.77 -11.58
C ASN D 475 41.67 0.48 -12.40
N ASP D 476 41.66 0.36 -13.73
CA ASP D 476 42.00 1.48 -14.61
C ASP D 476 40.79 2.41 -14.92
N HIS D 477 40.66 3.49 -14.16
CA HIS D 477 39.52 4.36 -14.32
C HIS D 477 39.76 5.48 -15.27
N TRP D 478 40.97 5.56 -15.85
CA TRP D 478 41.33 6.80 -16.56
C TRP D 478 41.60 6.75 -18.05
N SER D 479 42.17 5.65 -18.53
CA SER D 479 42.47 5.50 -19.95
C SER D 479 41.28 5.75 -20.86
N GLN D 480 40.15 5.09 -20.60
CA GLN D 480 39.02 5.18 -21.49
C GLN D 480 38.40 6.55 -21.51
N PRO D 481 38.35 7.23 -20.35
CA PRO D 481 37.88 8.60 -20.51
C PRO D 481 38.78 9.34 -21.50
N ARG D 482 40.09 9.13 -21.42
CA ARG D 482 41.05 9.83 -22.30
C ARG D 482 40.84 9.47 -23.76
N LEU D 483 40.74 8.18 -24.04
CA LEU D 483 40.31 7.69 -25.35
C LEU D 483 39.09 8.44 -25.85
N PHE D 484 38.08 8.55 -25.00
CA PHE D 484 36.88 9.28 -25.37
C PHE D 484 37.18 10.73 -25.75
N PHE D 485 37.91 11.44 -24.90
CA PHE D 485 38.19 12.86 -25.09
C PHE D 485 39.00 13.09 -26.36
N ASN D 486 40.05 12.27 -26.56
CA ASN D 486 40.85 12.31 -27.78
C ASN D 486 39.99 12.20 -29.04
N SER D 487 38.85 11.52 -28.94
CA SER D 487 38.10 11.22 -30.15
C SER D 487 37.07 12.30 -30.50
N LEU D 488 37.08 13.40 -29.78
CA LEU D 488 36.16 14.49 -30.07
C LEU D 488 36.82 15.58 -30.88
N THR D 489 36.02 16.31 -31.65
CA THR D 489 36.55 17.43 -32.43
C THR D 489 36.97 18.51 -31.46
N PRO D 490 37.95 19.38 -31.86
CA PRO D 490 38.48 20.42 -30.97
C PRO D 490 37.41 21.32 -30.31
N VAL D 491 36.34 21.62 -31.05
CA VAL D 491 35.22 22.40 -30.49
C VAL D 491 34.47 21.57 -29.46
N GLU D 492 34.19 20.30 -29.79
CA GLU D 492 33.54 19.37 -28.87
C GLU D 492 34.33 19.31 -27.58
N GLN D 493 35.66 19.28 -27.68
CA GLN D 493 36.50 19.34 -26.50
C GLN D 493 36.30 20.61 -25.68
N GLN D 494 36.13 21.75 -26.36
CA GLN D 494 35.98 23.04 -25.70
C GLN D 494 34.68 23.03 -24.92
N PHE D 495 33.63 22.60 -25.59
CA PHE D 495 32.32 22.46 -24.98
C PHE D 495 32.36 21.61 -23.70
N LEU D 496 33.06 20.49 -23.77
CA LEU D 496 33.19 19.61 -22.61
C LEU D 496 33.91 20.31 -21.46
N VAL D 497 35.03 20.99 -21.78
CA VAL D 497 35.76 21.78 -20.79
C VAL D 497 34.84 22.82 -20.18
N ASN D 498 34.00 23.40 -21.03
CA ASN D 498 33.11 24.50 -20.62
C ASN D 498 32.02 24.02 -19.71
N ALA D 499 31.47 22.85 -20.03
CA ALA D 499 30.48 22.21 -19.18
C ALA D 499 31.09 21.96 -17.81
N MET D 500 32.28 21.35 -17.78
CA MET D 500 33.03 21.18 -16.53
C MET D 500 33.34 22.48 -15.78
N ARG D 501 33.75 23.53 -16.48
CA ARG D 501 33.99 24.84 -15.88
C ARG D 501 32.71 25.35 -15.24
N PHE D 502 31.58 25.23 -15.96
CA PHE D 502 30.28 25.65 -15.46
C PHE D 502 29.97 25.01 -14.11
N GLU D 503 30.08 23.68 -14.05
CA GLU D 503 29.61 22.94 -12.89
C GLU D 503 30.54 23.14 -11.74
N ILE D 504 31.83 22.89 -11.96
CA ILE D 504 32.82 22.99 -10.89
C ILE D 504 32.80 24.34 -10.23
N SER D 505 32.53 25.39 -10.99
CA SER D 505 32.43 26.72 -10.43
C SER D 505 31.22 26.89 -9.49
N LEU D 506 30.23 25.99 -9.62
CA LEU D 506 29.08 26.02 -8.70
C LEU D 506 29.29 25.16 -7.43
N VAL D 507 30.37 24.40 -7.42
CA VAL D 507 30.77 23.64 -6.25
C VAL D 507 31.35 24.59 -5.20
N LYS D 508 30.60 24.83 -4.13
CA LYS D 508 31.03 25.75 -3.07
C LYS D 508 32.35 25.40 -2.38
N SER D 509 32.62 24.11 -2.14
CA SER D 509 33.77 23.67 -1.33
C SER D 509 35.11 23.63 -2.06
N GLU D 510 36.09 24.32 -1.47
CA GLU D 510 37.42 24.43 -2.04
C GLU D 510 38.07 23.06 -2.13
N GLU D 511 37.96 22.28 -1.05
CA GLU D 511 38.60 20.96 -1.01
C GLU D 511 38.08 20.05 -2.13
N VAL D 512 36.78 20.07 -2.34
CA VAL D 512 36.15 19.24 -3.36
C VAL D 512 36.63 19.62 -4.77
N LYS D 513 36.66 20.94 -5.05
CA LYS D 513 37.24 21.45 -6.30
C LYS D 513 38.64 20.89 -6.56
N LYS D 514 39.51 20.91 -5.53
CA LYS D 514 40.88 20.37 -5.65
C LYS D 514 40.89 18.89 -5.98
N ASN D 515 40.06 18.13 -5.27
CA ASN D 515 39.96 16.69 -5.53
C ASN D 515 39.42 16.39 -6.91
N VAL D 516 38.53 17.24 -7.41
CA VAL D 516 38.08 17.12 -8.79
C VAL D 516 39.25 17.32 -9.77
N LEU D 517 40.04 18.38 -9.56
CA LEU D 517 41.17 18.66 -10.42
C LEU D 517 42.16 17.50 -10.45
N THR D 518 42.48 16.97 -9.27
CA THR D 518 43.28 15.74 -9.17
C THR D 518 42.79 14.60 -10.08
N GLN D 519 41.50 14.33 -10.07
CA GLN D 519 40.97 13.22 -10.89
C GLN D 519 41.02 13.56 -12.36
N LEU D 520 40.54 14.75 -12.72
CA LEU D 520 40.57 15.20 -14.11
C LEU D 520 42.00 15.12 -14.65
N ASN D 521 42.97 15.55 -13.85
CA ASN D 521 44.37 15.57 -14.25
C ASN D 521 44.89 14.21 -14.67
N ARG D 522 44.45 13.17 -13.98
CA ARG D 522 44.84 11.80 -14.32
C ARG D 522 44.34 11.34 -15.70
N VAL D 523 43.35 12.05 -16.26
CA VAL D 523 42.82 11.72 -17.59
C VAL D 523 43.57 12.55 -18.64
N SER D 524 43.72 13.84 -18.34
CA SER D 524 44.40 14.80 -19.21
C SER D 524 44.83 16.06 -18.44
N HIS D 525 46.13 16.34 -18.51
CA HIS D 525 46.67 17.52 -17.83
C HIS D 525 46.08 18.78 -18.41
N ASP D 526 46.01 18.79 -19.74
CA ASP D 526 45.44 19.91 -20.46
C ASP D 526 44.02 20.25 -19.95
N VAL D 527 43.18 19.21 -19.81
CA VAL D 527 41.80 19.37 -19.33
C VAL D 527 41.80 19.98 -17.93
N ALA D 528 42.57 19.38 -17.04
CA ALA D 528 42.74 19.91 -15.69
C ALA D 528 43.11 21.40 -15.72
N VAL D 529 44.17 21.71 -16.51
CA VAL D 529 44.67 23.08 -16.64
C VAL D 529 43.56 24.05 -17.05
N ARG D 530 42.86 23.70 -18.12
CA ARG D 530 41.84 24.59 -18.69
C ARG D 530 40.63 24.73 -17.74
N VAL D 531 40.26 23.64 -17.07
CA VAL D 531 39.18 23.67 -16.08
C VAL D 531 39.62 24.48 -14.85
N ALA D 532 40.79 24.16 -14.33
CA ALA D 532 41.37 24.91 -13.19
C ALA D 532 41.37 26.43 -13.38
N ALA D 533 41.55 26.86 -14.63
CA ALA D 533 41.65 28.29 -14.98
C ALA D 533 40.37 29.02 -14.65
N ALA D 534 39.23 28.36 -14.82
CA ALA D 534 37.95 28.99 -14.52
C ALA D 534 37.63 29.13 -13.02
N ILE D 535 38.25 28.29 -12.18
CA ILE D 535 37.92 28.31 -10.76
C ILE D 535 39.06 28.86 -9.92
N GLY D 536 40.06 29.42 -10.61
CA GLY D 536 41.23 30.05 -9.99
C GLY D 536 42.00 29.14 -9.04
N LEU D 537 42.51 28.04 -9.58
CA LEU D 537 43.40 27.15 -8.83
C LEU D 537 44.48 26.68 -9.75
N GLY D 538 45.60 26.26 -9.19
CA GLY D 538 46.66 25.67 -9.99
C GLY D 538 46.32 24.20 -10.20
N ALA D 539 46.25 23.78 -11.46
CA ALA D 539 46.15 22.36 -11.79
C ALA D 539 47.38 21.66 -11.23
N PRO D 540 47.22 20.44 -10.68
CA PRO D 540 48.42 19.75 -10.21
C PRO D 540 49.34 19.31 -11.36
N ASP D 541 50.56 18.89 -11.03
CA ASP D 541 51.55 18.55 -12.05
C ASP D 541 51.12 17.33 -12.84
N ALA D 542 51.34 17.40 -14.15
CA ALA D 542 51.03 16.29 -15.06
C ALA D 542 51.33 14.93 -14.43
N ASP D 543 50.41 13.98 -14.59
CA ASP D 543 50.65 12.59 -14.23
C ASP D 543 50.27 11.69 -15.40
N ASP D 544 51.28 11.10 -16.03
CA ASP D 544 51.11 10.46 -17.33
C ASP D 544 50.86 8.96 -17.32
N THR D 545 50.58 8.39 -16.15
CA THR D 545 50.35 6.95 -16.07
C THR D 545 49.32 6.47 -17.11
N TYR D 546 48.27 7.25 -17.32
CA TYR D 546 47.22 6.82 -18.24
C TYR D 546 47.06 7.62 -19.52
N TYR D 547 47.87 8.68 -19.68
CA TYR D 547 47.84 9.50 -20.91
C TYR D 547 48.19 8.64 -22.11
N HIS D 548 47.63 8.99 -23.26
CA HIS D 548 47.87 8.29 -24.55
C HIS D 548 47.12 9.04 -25.60
N ASN D 549 47.36 8.71 -26.88
CA ASN D 549 46.76 9.41 -28.02
C ASN D 549 45.80 8.57 -28.86
N ASN D 550 45.48 7.35 -28.42
CA ASN D 550 44.52 6.49 -29.10
C ASN D 550 43.19 7.23 -29.32
N LYS D 551 42.58 6.99 -30.48
CA LYS D 551 41.27 7.53 -30.81
C LYS D 551 40.35 6.37 -31.14
N THR D 552 39.04 6.57 -30.98
CA THR D 552 38.01 5.63 -31.47
C THR D 552 36.96 6.35 -32.30
N ALA D 553 36.42 5.65 -33.28
CA ALA D 553 35.39 6.19 -34.16
C ALA D 553 33.98 6.14 -33.51
N GLY D 554 33.08 7.01 -33.98
CA GLY D 554 31.66 6.88 -33.68
C GLY D 554 31.15 7.44 -32.36
N VAL D 555 32.03 8.04 -31.56
CA VAL D 555 31.64 8.61 -30.27
C VAL D 555 31.46 10.12 -30.34
N SER D 556 31.82 10.70 -31.47
CA SER D 556 31.74 12.14 -31.63
C SER D 556 30.38 12.52 -32.20
N ILE D 557 29.80 13.62 -31.73
CA ILE D 557 28.54 14.11 -32.29
C ILE D 557 28.83 15.13 -33.39
N VAL D 558 29.54 16.20 -33.02
CA VAL D 558 29.82 17.29 -33.96
C VAL D 558 30.71 16.80 -35.15
N GLY D 559 31.47 15.73 -34.96
CA GLY D 559 32.32 15.22 -36.04
C GLY D 559 31.72 14.10 -36.86
N SER D 560 30.42 13.88 -36.74
CA SER D 560 29.79 12.71 -37.37
C SER D 560 29.20 13.05 -38.73
N GLY D 561 29.60 14.22 -39.27
CA GLY D 561 29.17 14.67 -40.58
C GLY D 561 27.71 15.15 -40.59
N PRO D 562 27.22 15.60 -41.75
CA PRO D 562 25.86 16.14 -41.80
C PRO D 562 24.81 15.09 -41.39
N LEU D 563 23.63 15.58 -41.00
CA LEU D 563 22.49 14.72 -40.72
C LEU D 563 22.03 13.92 -41.97
N PRO D 564 21.68 12.64 -41.81
CA PRO D 564 21.20 11.90 -42.98
C PRO D 564 19.79 12.32 -43.44
N THR D 565 19.08 13.10 -42.64
CA THR D 565 17.76 13.59 -43.03
C THR D 565 17.50 14.83 -42.24
N ILE D 566 16.69 15.71 -42.82
CA ILE D 566 16.34 16.98 -42.19
C ILE D 566 14.83 17.04 -42.01
N LYS D 567 14.16 15.95 -42.38
CA LYS D 567 12.74 15.88 -42.14
C LYS D 567 12.44 16.03 -40.63
N THR D 568 11.37 16.78 -40.33
CA THR D 568 10.88 17.16 -38.99
C THR D 568 11.64 18.31 -38.33
N LEU D 569 12.78 18.74 -38.88
CA LEU D 569 13.49 19.86 -38.26
C LEU D 569 12.59 21.09 -38.33
N ARG D 570 12.81 22.03 -37.42
CA ARG D 570 11.90 23.17 -37.32
C ARG D 570 12.55 24.44 -37.84
N VAL D 571 11.81 25.18 -38.66
CA VAL D 571 12.29 26.44 -39.22
C VAL D 571 11.36 27.57 -38.81
N GLY D 572 11.90 28.58 -38.16
CA GLY D 572 11.13 29.78 -37.84
C GLY D 572 11.32 30.89 -38.86
N ILE D 573 10.20 31.43 -39.35
CA ILE D 573 10.19 32.54 -40.28
C ILE D 573 9.70 33.81 -39.58
N LEU D 574 10.60 34.78 -39.41
CA LEU D 574 10.25 36.02 -38.73
C LEU D 574 9.68 37.08 -39.69
N ALA D 575 8.40 37.38 -39.52
CA ALA D 575 7.67 38.22 -40.47
C ALA D 575 7.00 39.34 -39.69
N THR D 576 5.99 39.99 -40.29
CA THR D 576 5.31 41.14 -39.71
C THR D 576 3.95 41.33 -40.38
N THR D 577 3.04 42.01 -39.68
CA THR D 577 1.72 42.31 -40.24
C THR D 577 1.58 43.71 -40.86
N SER D 578 2.66 44.51 -40.82
CA SER D 578 2.71 45.85 -41.45
C SER D 578 2.85 45.74 -42.96
N GLU D 579 4.03 45.32 -43.43
CA GLU D 579 4.22 45.11 -44.85
C GLU D 579 3.43 43.92 -45.32
N SER D 580 2.58 44.17 -46.31
CA SER D 580 1.84 43.11 -47.00
C SER D 580 2.78 42.16 -47.74
N SER D 581 3.94 42.67 -48.14
CA SER D 581 4.97 41.88 -48.82
C SER D 581 5.56 40.79 -47.91
N ALA D 582 5.74 41.12 -46.63
CA ALA D 582 6.38 40.23 -45.64
C ALA D 582 5.69 38.87 -45.53
N LEU D 583 4.37 38.90 -45.40
CA LEU D 583 3.58 37.69 -45.27
C LEU D 583 3.50 36.90 -46.55
N ASP D 584 3.66 37.57 -47.69
CA ASP D 584 3.70 36.88 -48.99
C ASP D 584 5.00 36.12 -49.18
N GLN D 585 6.10 36.75 -48.78
CA GLN D 585 7.40 36.10 -48.75
C GLN D 585 7.34 34.83 -47.90
N ALA D 586 6.91 35.00 -46.64
CA ALA D 586 6.66 33.88 -45.70
C ALA D 586 5.89 32.73 -46.35
N ALA D 587 4.67 32.99 -46.82
CA ALA D 587 3.81 31.98 -47.44
C ALA D 587 4.51 31.15 -48.53
N GLN D 588 5.42 31.80 -49.26
CA GLN D 588 6.12 31.16 -50.37
C GLN D 588 7.25 30.26 -49.90
N LEU D 589 8.00 30.77 -48.90
CA LEU D 589 8.98 29.97 -48.19
C LEU D 589 8.34 28.74 -47.60
N ARG D 590 7.19 28.92 -46.94
CA ARG D 590 6.44 27.83 -46.36
C ARG D 590 6.20 26.70 -47.36
N THR D 591 5.55 27.00 -48.48
CA THR D 591 5.24 25.96 -49.46
C THR D 591 6.50 25.19 -49.84
N ARG D 592 7.59 25.93 -50.07
CA ARG D 592 8.83 25.34 -50.52
C ARG D 592 9.44 24.43 -49.44
N LEU D 593 9.52 24.96 -48.22
CA LEU D 593 10.14 24.25 -47.09
C LEU D 593 9.34 23.03 -46.63
N GLU D 594 8.03 23.23 -46.48
CA GLU D 594 7.11 22.14 -46.12
C GLU D 594 7.13 21.00 -47.13
N LYS D 595 7.55 21.28 -48.28
CA LYS D 595 7.59 20.26 -49.31
C LYS D 595 8.71 19.28 -49.02
N ASP D 596 9.73 19.77 -48.36
CA ASP D 596 10.88 18.92 -47.99
C ASP D 596 10.82 18.28 -46.58
N GLY D 597 9.63 18.32 -45.96
CA GLY D 597 9.36 17.59 -44.71
C GLY D 597 9.67 18.37 -43.46
N LEU D 598 10.03 19.65 -43.63
CA LEU D 598 10.36 20.51 -42.52
C LEU D 598 9.09 21.00 -41.87
N VAL D 599 9.23 21.44 -40.63
CA VAL D 599 8.12 21.98 -39.88
C VAL D 599 8.35 23.49 -39.77
N VAL D 600 7.37 24.25 -40.26
CA VAL D 600 7.53 25.68 -40.45
C VAL D 600 6.63 26.45 -39.50
N THR D 601 7.21 27.50 -38.93
CA THR D 601 6.45 28.41 -38.10
C THR D 601 6.72 29.81 -38.60
N VAL D 602 5.63 30.49 -38.96
CA VAL D 602 5.66 31.88 -39.33
C VAL D 602 5.30 32.72 -38.10
N VAL D 603 6.20 33.60 -37.71
CA VAL D 603 6.03 34.42 -36.52
C VAL D 603 5.70 35.86 -36.95
N ALA D 604 4.70 36.45 -36.31
CA ALA D 604 4.33 37.84 -36.51
C ALA D 604 3.89 38.47 -35.18
N GLU D 605 3.49 39.74 -35.21
CA GLU D 605 3.09 40.43 -34.01
C GLU D 605 1.81 39.86 -33.44
N THR D 606 0.91 39.40 -34.30
CA THR D 606 -0.39 38.88 -33.89
C THR D 606 -0.75 37.73 -34.82
N LEU D 607 -1.78 36.96 -34.45
CA LEU D 607 -2.17 35.81 -35.24
C LEU D 607 -3.15 36.19 -36.33
N ARG D 608 -3.14 35.42 -37.40
CA ARG D 608 -4.08 35.51 -38.51
C ARG D 608 -3.73 34.39 -39.47
N GLU D 609 -4.57 34.18 -40.47
CA GLU D 609 -4.29 33.24 -41.56
C GLU D 609 -2.84 33.32 -42.04
N GLY D 610 -2.14 32.19 -42.00
CA GLY D 610 -0.73 32.13 -42.42
C GLY D 610 0.31 32.31 -41.33
N VAL D 611 -0.14 32.78 -40.16
CA VAL D 611 0.73 33.00 -39.00
C VAL D 611 0.48 31.91 -37.96
N ASP D 612 1.54 31.22 -37.54
CA ASP D 612 1.40 30.11 -36.60
C ASP D 612 1.55 30.52 -35.15
N GLN D 613 2.39 31.51 -34.87
CA GLN D 613 2.57 31.97 -33.49
C GLN D 613 3.10 33.40 -33.41
N THR D 614 2.93 34.03 -32.24
CA THR D 614 3.25 35.44 -32.05
C THR D 614 4.64 35.62 -31.50
N TYR D 615 5.23 36.78 -31.74
CA TYR D 615 6.57 37.10 -31.19
C TYR D 615 6.63 36.92 -29.68
N SER D 616 5.50 37.17 -29.03
CA SER D 616 5.36 36.99 -27.60
C SER D 616 5.70 35.54 -27.14
N THR D 617 5.19 34.55 -27.86
CA THR D 617 5.33 33.14 -27.47
C THR D 617 6.55 32.47 -28.12
N ALA D 618 7.35 33.26 -28.84
CA ALA D 618 8.38 32.70 -29.69
C ALA D 618 9.75 32.85 -29.08
N ASP D 619 10.65 31.98 -29.50
CA ASP D 619 12.00 31.99 -28.97
C ASP D 619 12.83 31.15 -29.91
N ALA D 620 14.14 31.45 -29.93
CA ALA D 620 15.08 30.75 -30.75
C ALA D 620 15.13 29.24 -30.48
N THR D 621 14.95 28.87 -29.20
CA THR D 621 15.03 27.45 -28.79
C THR D 621 13.96 26.60 -29.48
N GLY D 622 12.91 27.26 -29.94
CA GLY D 622 11.88 26.57 -30.69
C GLY D 622 12.25 26.24 -32.13
N PHE D 623 13.42 26.72 -32.62
CA PHE D 623 13.78 26.47 -34.03
C PHE D 623 15.18 25.89 -34.26
N ASP D 624 15.28 25.04 -35.28
CA ASP D 624 16.58 24.53 -35.72
C ASP D 624 17.32 25.51 -36.65
N GLY D 625 16.55 26.30 -37.38
CA GLY D 625 17.09 27.40 -38.18
C GLY D 625 16.12 28.58 -38.21
N VAL D 626 16.64 29.77 -38.45
CA VAL D 626 15.81 30.98 -38.46
C VAL D 626 15.97 31.85 -39.72
N VAL D 627 14.82 32.22 -40.29
CA VAL D 627 14.77 33.05 -41.50
C VAL D 627 14.01 34.36 -41.23
N VAL D 628 14.65 35.50 -41.49
CA VAL D 628 13.93 36.78 -41.52
C VAL D 628 13.53 37.11 -42.97
N VAL D 629 12.23 37.31 -43.23
CA VAL D 629 11.84 37.84 -44.54
C VAL D 629 12.12 39.36 -44.60
N ASP D 630 12.71 39.76 -45.73
CA ASP D 630 13.07 41.14 -46.10
C ASP D 630 12.10 42.22 -45.57
N GLY D 631 10.80 42.03 -45.82
CA GLY D 631 9.82 43.03 -45.46
C GLY D 631 9.67 43.35 -43.98
N ALA D 632 10.44 42.70 -43.12
CA ALA D 632 10.28 42.87 -41.67
C ALA D 632 11.40 43.71 -41.03
N ALA D 633 12.28 44.25 -41.88
CA ALA D 633 13.47 44.99 -41.45
C ALA D 633 13.21 46.05 -40.37
N ALA D 634 12.03 46.66 -40.44
CA ALA D 634 11.60 47.72 -39.51
C ALA D 634 11.69 47.20 -38.09
N LEU D 635 11.23 45.97 -37.88
CA LEU D 635 11.14 45.35 -36.57
C LEU D 635 12.50 45.09 -35.93
N PHE D 636 13.51 44.90 -36.77
CA PHE D 636 14.83 44.54 -36.27
C PHE D 636 15.64 45.76 -35.93
N ALA D 637 15.25 46.90 -36.52
CA ALA D 637 15.79 48.20 -36.16
C ALA D 637 15.07 48.78 -34.92
N SER D 641 9.63 49.49 -30.37
CA SER D 641 8.93 48.69 -29.38
C SER D 641 7.42 48.56 -29.67
N SER D 642 6.78 47.58 -29.02
CA SER D 642 5.35 47.23 -29.23
C SER D 642 4.73 46.72 -27.93
N PRO D 643 3.43 46.98 -27.71
CA PRO D 643 2.83 46.39 -26.51
C PRO D 643 2.46 44.90 -26.70
N LEU D 644 2.78 44.35 -27.86
CA LEU D 644 2.41 42.98 -28.24
C LEU D 644 3.56 41.96 -28.09
N PHE D 645 4.73 42.44 -27.68
CA PHE D 645 5.82 41.55 -27.32
C PHE D 645 6.85 42.33 -26.55
N PRO D 646 7.73 41.63 -25.80
CA PRO D 646 8.78 42.36 -25.05
C PRO D 646 9.77 43.08 -25.96
N THR D 647 10.41 44.10 -25.41
CA THR D 647 11.35 44.92 -26.13
C THR D 647 12.46 44.05 -26.74
N GLY D 648 12.71 44.25 -28.03
CA GLY D 648 13.86 43.65 -28.71
C GLY D 648 13.69 42.20 -29.11
N ARG D 649 12.50 41.64 -28.89
CA ARG D 649 12.29 40.22 -29.07
C ARG D 649 12.62 39.72 -30.48
N PRO D 650 12.10 40.39 -31.53
CA PRO D 650 12.34 39.84 -32.86
C PRO D 650 13.83 39.71 -33.18
N LEU D 651 14.60 40.74 -32.86
CA LEU D 651 16.06 40.68 -33.04
C LEU D 651 16.72 39.66 -32.09
N GLN D 652 16.20 39.57 -30.87
CA GLN D 652 16.71 38.64 -29.85
C GLN D 652 16.67 37.20 -30.35
N ILE D 653 15.52 36.81 -30.90
CA ILE D 653 15.38 35.51 -31.52
C ILE D 653 16.51 35.23 -32.53
N PHE D 654 16.69 36.15 -33.49
CA PHE D 654 17.65 36.00 -34.57
C PHE D 654 19.07 35.93 -34.01
N VAL D 655 19.43 36.89 -33.16
CA VAL D 655 20.78 36.97 -32.59
C VAL D 655 21.13 35.70 -31.79
N ASP D 656 20.16 35.25 -30.98
CA ASP D 656 20.27 33.99 -30.24
C ASP D 656 20.55 32.82 -31.17
N ALA D 657 19.70 32.69 -32.20
CA ALA D 657 19.87 31.62 -33.19
C ALA D 657 21.29 31.61 -33.76
N TYR D 658 21.80 32.78 -34.15
CA TYR D 658 23.14 32.91 -34.68
C TYR D 658 24.18 32.49 -33.65
N ARG D 659 24.04 33.00 -32.42
CA ARG D 659 25.06 32.77 -31.40
C ARG D 659 25.10 31.32 -30.95
N TRP D 660 24.00 30.60 -31.16
CA TRP D 660 23.96 29.19 -30.75
C TRP D 660 24.37 28.26 -31.84
N GLY D 661 24.70 28.82 -32.99
CA GLY D 661 25.39 28.06 -34.04
C GLY D 661 24.43 27.53 -35.08
N LYS D 662 23.25 28.13 -35.13
CA LYS D 662 22.21 27.70 -36.04
C LYS D 662 22.31 28.34 -37.42
N PRO D 663 21.85 27.63 -38.45
CA PRO D 663 21.67 28.23 -39.76
C PRO D 663 20.70 29.44 -39.69
N VAL D 664 21.24 30.64 -39.89
CA VAL D 664 20.43 31.87 -39.98
C VAL D 664 20.52 32.52 -41.37
N GLY D 665 19.46 33.24 -41.72
CA GLY D 665 19.39 33.87 -43.03
C GLY D 665 18.34 34.93 -43.20
N VAL D 666 18.61 35.88 -44.10
CA VAL D 666 17.61 36.83 -44.55
C VAL D 666 17.29 36.55 -46.00
N CYS D 667 16.00 36.52 -46.30
CA CYS D 667 15.55 36.20 -47.65
C CYS D 667 14.84 37.41 -48.28
N GLY D 668 15.48 37.98 -49.31
CA GLY D 668 14.92 39.13 -50.04
C GLY D 668 15.96 40.09 -50.60
N GLY D 669 15.48 41.24 -51.08
CA GLY D 669 16.33 42.24 -51.76
C GLY D 669 17.34 42.95 -50.86
N LYS D 670 16.82 43.70 -49.88
CA LYS D 670 17.65 44.43 -48.91
C LYS D 670 18.14 43.50 -47.77
N SER D 671 18.36 42.22 -48.12
CA SER D 671 18.95 41.21 -47.22
C SER D 671 20.40 41.56 -46.90
N SER D 672 21.11 41.98 -47.95
CA SER D 672 22.47 42.53 -47.87
C SER D 672 22.64 43.34 -46.54
N GLU D 673 21.63 44.14 -46.19
CA GLU D 673 21.74 45.21 -45.18
C GLU D 673 21.12 44.94 -43.79
N VAL D 674 20.16 44.02 -43.75
CA VAL D 674 19.50 43.62 -42.48
C VAL D 674 20.45 42.92 -41.50
N LEU D 675 21.47 42.27 -42.07
CA LEU D 675 22.51 41.58 -41.32
C LEU D 675 23.50 42.52 -40.58
N ASP D 676 23.90 43.64 -41.22
CA ASP D 676 24.86 44.59 -40.63
C ASP D 676 24.24 45.32 -39.47
N ALA D 677 22.91 45.48 -39.56
CA ALA D 677 22.08 46.03 -38.50
C ALA D 677 21.96 45.03 -37.34
N ALA D 678 21.80 43.77 -37.69
CA ALA D 678 21.74 42.65 -36.74
C ALA D 678 23.11 42.27 -36.16
N ASP D 679 24.18 42.75 -36.79
CA ASP D 679 25.57 42.40 -36.43
C ASP D 679 25.90 40.93 -36.71
N VAL D 680 25.36 40.41 -37.80
CA VAL D 680 25.63 39.05 -38.25
C VAL D 680 26.42 39.12 -39.57
N PRO D 681 27.65 38.57 -39.60
CA PRO D 681 28.52 38.59 -40.80
C PRO D 681 27.92 37.92 -42.05
N GLU D 682 27.70 38.69 -43.12
CA GLU D 682 27.08 38.18 -44.37
C GLU D 682 27.83 37.01 -45.02
N ASP D 683 29.15 37.02 -44.92
CA ASP D 683 29.99 35.97 -45.51
C ASP D 683 30.16 34.72 -44.62
N GLY D 684 29.73 34.81 -43.35
CA GLY D 684 29.88 33.74 -42.35
C GLY D 684 29.22 32.41 -42.70
N ASP D 685 29.89 31.31 -42.36
CA ASP D 685 29.38 29.95 -42.59
C ASP D 685 28.00 29.84 -41.99
N GLY D 686 27.09 29.27 -42.75
CA GLY D 686 25.72 29.05 -42.29
C GLY D 686 24.92 30.31 -42.09
N VAL D 687 25.38 31.41 -42.70
CA VAL D 687 24.57 32.62 -42.79
C VAL D 687 24.15 32.75 -44.23
N TYR D 688 22.86 32.95 -44.48
CA TYR D 688 22.35 32.89 -45.86
C TYR D 688 21.68 34.17 -46.36
N SER D 689 22.13 34.64 -47.51
CA SER D 689 21.64 35.89 -48.08
C SER D 689 21.40 35.69 -49.55
N GLU D 690 20.13 35.68 -49.95
CA GLU D 690 19.74 35.51 -51.35
C GLU D 690 18.38 36.15 -51.66
N GLU D 691 18.16 36.43 -52.94
CA GLU D 691 16.88 36.95 -53.46
C GLU D 691 15.99 35.85 -54.03
N SER D 692 16.61 34.90 -54.72
CA SER D 692 15.91 33.75 -55.31
C SER D 692 15.47 32.79 -54.22
N VAL D 693 14.15 32.74 -54.00
CA VAL D 693 13.54 31.83 -53.01
C VAL D 693 14.04 30.40 -53.20
N ASP D 694 13.98 29.89 -54.43
CA ASP D 694 14.44 28.53 -54.75
C ASP D 694 15.90 28.25 -54.42
N MET D 695 16.65 29.29 -54.41
CA MET D 695 18.09 29.18 -54.15
C MET D 695 18.38 29.33 -52.67
N PHE D 696 17.59 30.13 -52.06
CA PHE D 696 17.72 30.33 -50.61
C PHE D 696 17.47 29.03 -49.86
N VAL D 697 16.30 28.44 -50.09
CA VAL D 697 15.96 27.14 -49.56
C VAL D 697 17.12 26.16 -49.78
N GLU D 698 17.49 25.98 -51.04
CA GLU D 698 18.53 25.02 -51.41
C GLU D 698 19.79 25.21 -50.60
N GLU D 699 20.13 26.48 -50.34
CA GLU D 699 21.32 26.80 -49.55
C GLU D 699 21.10 26.52 -48.05
N PHE D 700 19.96 26.98 -47.56
CA PHE D 700 19.55 26.85 -46.17
C PHE D 700 19.47 25.40 -45.72
N GLU D 701 18.84 24.57 -46.54
CA GLU D 701 18.72 23.13 -46.28
C GLU D 701 20.06 22.43 -46.13
N LYS D 702 21.11 22.98 -46.70
CA LYS D 702 22.45 22.42 -46.49
C LYS D 702 22.93 22.77 -45.11
N GLY D 703 22.49 23.93 -44.60
CA GLY D 703 22.88 24.40 -43.28
C GLY D 703 22.19 23.61 -42.19
N LEU D 704 20.92 23.32 -42.42
CA LEU D 704 20.15 22.48 -41.50
C LEU D 704 20.77 21.09 -41.37
N ALA D 705 21.32 20.55 -42.47
CA ALA D 705 22.01 19.25 -42.39
C ALA D 705 23.30 19.33 -41.61
N THR D 706 24.04 20.42 -41.77
CA THR D 706 25.26 20.61 -40.99
C THR D 706 24.87 20.81 -39.52
N PHE D 707 23.69 21.39 -39.34
CA PHE D 707 23.03 21.52 -38.06
C PHE D 707 23.66 22.54 -37.11
N ARG D 708 24.97 22.43 -36.87
CA ARG D 708 25.62 23.38 -35.98
C ARG D 708 26.89 23.94 -36.61
N PHE D 709 27.01 25.25 -36.56
CA PHE D 709 28.15 25.95 -37.15
C PHE D 709 29.16 26.34 -36.10
N THR D 710 30.18 25.50 -35.99
CA THR D 710 31.10 25.46 -34.84
C THR D 710 32.19 26.55 -34.87
N ASP D 711 32.24 27.30 -35.96
CA ASP D 711 33.25 28.33 -36.11
C ASP D 711 32.93 29.56 -35.26
N ARG D 712 31.73 29.60 -34.67
CA ARG D 712 31.30 30.76 -33.88
C ARG D 712 31.63 30.66 -32.38
N PHE D 713 32.46 29.70 -32.02
CA PHE D 713 32.71 29.44 -30.61
C PHE D 713 34.20 29.55 -30.32
N ALA D 714 34.55 30.39 -29.35
CA ALA D 714 35.96 30.61 -28.97
C ALA D 714 36.64 29.38 -28.35
N LEU D 715 37.90 29.11 -28.71
CA LEU D 715 38.70 28.03 -28.09
C LEU D 715 39.78 28.58 -27.17
N ASP D 716 40.36 27.72 -26.33
CA ASP D 716 41.37 28.14 -25.34
C ASP D 716 42.73 28.39 -26.00
N SER D 717 43.65 28.98 -25.23
CA SER D 717 44.99 29.37 -25.70
C SER D 717 46.09 29.11 -24.63
C1 NAG E . -48.35 -3.32 -7.75
C2 NAG E . -49.53 -3.57 -6.77
C3 NAG E . -49.56 -5.05 -6.44
C4 NAG E . -49.67 -5.90 -7.66
C5 NAG E . -48.56 -5.56 -8.67
C6 NAG E . -48.94 -5.99 -10.07
C7 NAG E . -49.74 -1.52 -5.33
C8 NAG E . -49.46 -0.94 -3.97
N2 NAG E . -49.37 -2.81 -5.52
O3 NAG E . -50.64 -5.36 -5.59
O4 NAG E . -49.62 -7.24 -7.19
O5 NAG E . -48.37 -4.18 -8.86
O6 NAG E . -49.04 -7.39 -10.10
O7 NAG E . -50.28 -0.81 -6.20
C1 NAG E . -50.76 -8.05 -7.60
C2 NAG E . -50.46 -9.55 -7.46
C3 NAG E . -51.66 -10.40 -7.89
C4 NAG E . -52.91 -10.04 -7.08
C5 NAG E . -53.13 -8.50 -7.23
C6 NAG E . -54.31 -7.97 -6.40
C7 NAG E . -48.13 -10.23 -7.64
C8 NAG E . -47.00 -10.70 -8.51
N2 NAG E . -49.30 -9.97 -8.23
O3 NAG E . -51.33 -11.76 -7.71
O4 NAG E . -54.04 -10.88 -7.40
O5 NAG E . -51.96 -7.75 -6.87
O6 NAG E . -54.29 -6.55 -6.43
O7 NAG E . -47.93 -10.09 -6.43
C1 NAG F . -36.67 -1.96 -17.74
C2 NAG F . -37.42 -1.15 -18.82
C3 NAG F . -36.64 -1.18 -20.13
C4 NAG F . -35.14 -0.81 -19.99
C5 NAG F . -34.55 -1.61 -18.82
C6 NAG F . -33.12 -1.15 -18.49
C7 NAG F . -39.89 -1.12 -18.55
C8 NAG F . -41.17 -1.86 -18.84
N2 NAG F . -38.76 -1.69 -19.00
O3 NAG F . -37.25 -0.26 -21.00
O4 NAG F . -34.46 -1.08 -21.22
O5 NAG F . -35.34 -1.50 -17.64
O6 NAG F . -33.09 0.19 -18.07
O7 NAG F . -39.93 -0.05 -17.93
C1 NAG F . -33.57 -0.05 -21.72
C2 NAG F . -32.95 -0.59 -23.02
C3 NAG F . -32.05 0.42 -23.76
C4 NAG F . -32.82 1.74 -23.97
C5 NAG F . -33.31 2.21 -22.60
C6 NAG F . -34.00 3.57 -22.68
C7 NAG F . -32.91 -3.00 -23.30
C8 NAG F . -32.25 -4.32 -23.07
N2 NAG F . -32.33 -1.89 -22.80
O3 NAG F . -31.70 -0.18 -24.98
O4 NAG F . -32.13 2.77 -24.69
O5 NAG F . -34.17 1.22 -22.00
O6 NAG F . -35.37 3.43 -22.37
O7 NAG F . -33.97 -2.97 -23.94
C1 NAG G . -49.13 -4.21 22.22
C2 NAG G . -48.45 -2.86 22.03
C3 NAG G . -49.41 -1.68 21.69
C4 NAG G . -50.46 -2.03 20.63
C5 NAG G . -51.09 -3.40 20.99
C6 NAG G . -52.08 -3.88 19.92
C7 NAG G . -46.31 -2.69 23.23
C8 NAG G . -45.65 -2.33 24.55
N2 NAG G . -47.65 -2.58 23.21
O3 NAG G . -48.68 -0.54 21.23
O4 NAG G . -51.40 -0.96 20.50
O5 NAG G . -50.11 -4.42 21.21
O6 NAG G . -51.45 -4.25 18.70
O7 NAG G . -45.64 -3.05 22.23
C1 NAG G . -51.44 -0.31 19.19
C2 NAG G . -52.83 0.32 18.85
C3 NAG G . -52.74 1.24 17.60
C4 NAG G . -51.63 2.27 17.81
C5 NAG G . -50.35 1.40 17.83
C6 NAG G . -49.03 2.17 17.69
C7 NAG G . -54.67 -1.25 19.65
C8 NAG G . -55.71 -2.25 19.21
N2 NAG G . -53.91 -0.68 18.68
O3 NAG G . -53.94 1.91 17.21
O4 NAG G . -51.71 3.32 16.84
O5 NAG G . -50.36 0.63 19.02
O6 NAG G . -48.94 3.19 18.67
O7 NAG G . -54.55 -1.03 20.85
C1 NAG H . -11.19 42.82 21.70
C2 NAG H . -11.60 44.18 21.09
C3 NAG H . -10.39 44.89 20.48
C4 NAG H . -9.22 45.01 21.48
C5 NAG H . -8.97 43.65 22.17
C6 NAG H . -8.01 43.70 23.36
C7 NAG H . -13.96 43.97 20.38
C8 NAG H . -14.88 43.82 19.19
N2 NAG H . -12.66 44.03 20.10
O3 NAG H . -10.71 46.18 19.98
O4 NAG H . -8.08 45.50 20.77
O5 NAG H . -10.17 43.10 22.66
O6 NAG H . -7.35 44.93 23.55
O7 NAG H . -14.43 44.00 21.53
C1 NAG H . -7.70 46.85 21.12
C2 NAG H . -6.47 47.31 20.31
C3 NAG H . -6.22 48.82 20.25
C4 NAG H . -7.39 49.75 20.66
C5 NAG H . -8.39 49.05 21.58
C6 NAG H . -9.63 49.91 21.81
C7 NAG H . -4.54 45.76 20.17
C8 NAG H . -3.26 45.29 20.81
N2 NAG H . -5.22 46.72 20.81
O3 NAG H . -5.83 49.11 18.93
O4 NAG H . -6.92 50.95 21.24
O5 NAG H . -8.74 47.81 21.00
O6 NAG H . -10.24 50.21 20.58
O7 NAG H . -4.93 45.27 19.10
C1 NAG I . -5.37 29.85 27.45
C2 NAG I . -6.17 29.90 28.76
C3 NAG I . -5.38 29.09 29.78
C4 NAG I . -5.30 27.64 29.30
C5 NAG I . -4.65 27.58 27.89
C6 NAG I . -4.84 26.21 27.24
C7 NAG I . -7.68 31.79 29.19
C8 NAG I . -7.82 33.23 29.61
N2 NAG I . -6.45 31.27 29.17
O3 NAG I . -6.06 29.11 31.01
O4 NAG I . -4.61 26.85 30.27
O5 NAG I . -5.29 28.51 27.02
O6 NAG I . -6.21 25.84 27.29
O7 NAG I . -8.70 31.15 28.91
C1 NAG I . -5.35 25.67 30.63
C2 NAG I . -4.32 24.67 31.14
C3 NAG I . -4.91 23.48 31.93
C4 NAG I . -6.08 23.80 32.84
C5 NAG I . -7.05 24.78 32.14
C6 NAG I . -8.08 25.32 33.12
C7 NAG I . -2.26 24.33 29.82
C8 NAG I . -1.70 23.74 28.55
N2 NAG I . -3.58 24.19 29.99
O3 NAG I . -3.91 22.97 32.76
O4 NAG I . -6.70 22.59 33.28
O5 NAG I . -6.36 25.90 31.59
O6 NAG I . -9.18 25.87 32.43
O7 NAG I . -1.50 24.86 30.63
C1 NAG J . 34.83 -23.34 25.59
C2 NAG J . 35.01 -24.85 25.82
C3 NAG J . 34.13 -25.36 26.95
C4 NAG J . 34.24 -24.51 28.21
C5 NAG J . 33.98 -23.05 27.78
C6 NAG J . 33.98 -21.96 28.84
C7 NAG J . 35.47 -25.82 23.66
C8 NAG J . 34.94 -26.69 22.53
N2 NAG J . 34.65 -25.63 24.68
O3 NAG J . 34.47 -26.70 27.17
O4 NAG J . 33.26 -25.03 29.11
O5 NAG J . 34.95 -22.67 26.82
O6 NAG J . 34.40 -22.44 30.09
O7 NAG J . 36.59 -25.32 23.61
C1 NAG J . 33.78 -25.43 30.40
C2 NAG J . 32.62 -25.46 31.39
C3 NAG J . 33.18 -25.57 32.82
C4 NAG J . 33.92 -26.90 32.97
C5 NAG J . 34.84 -27.17 31.75
C6 NAG J . 35.15 -28.66 31.63
C7 NAG J . 30.57 -24.51 30.46
C8 NAG J . 29.63 -23.33 30.48
N2 NAG J . 31.63 -24.39 31.27
O3 NAG J . 32.14 -25.49 33.75
O4 NAG J . 34.61 -26.92 34.22
O5 NAG J . 34.32 -26.74 30.47
O6 NAG J . 35.75 -28.90 30.38
O7 NAG J . 30.36 -25.50 29.73
C1 NAG K . 31.62 -8.52 24.42
C2 NAG K . 33.11 -8.08 24.54
C3 NAG K . 33.25 -6.60 24.97
C4 NAG K . 32.31 -5.66 24.21
C5 NAG K . 30.88 -6.27 24.02
C6 NAG K . 30.11 -5.46 22.99
C7 NAG K . 34.74 -9.90 25.05
C8 NAG K . 35.34 -10.73 26.16
N2 NAG K . 33.84 -8.99 25.44
O3 NAG K . 34.58 -6.20 24.73
O4 NAG K . 32.32 -4.35 24.78
O5 NAG K . 30.91 -7.63 23.57
O6 NAG K . 30.76 -5.52 21.73
O7 NAG K . 35.11 -10.10 23.88
C1 NAG K . 32.56 -3.32 23.78
C2 NAG K . 32.00 -1.95 24.22
C3 NAG K . 32.48 -0.79 23.32
C4 NAG K . 34.00 -0.88 23.08
C5 NAG K . 34.18 -2.22 22.38
C6 NAG K . 35.54 -2.32 21.67
C7 NAG K . 29.78 -1.86 25.34
C8 NAG K . 28.29 -1.78 25.19
N2 NAG K . 30.54 -1.89 24.23
O3 NAG K . 32.12 0.46 23.85
O4 NAG K . 34.52 0.20 22.31
O5 NAG K . 33.92 -3.26 23.33
O6 NAG K . 36.50 -2.89 22.52
O7 NAG K . 30.24 -1.93 26.49
C1 NAG L . 24.93 -15.80 -39.43
C2 NAG L . 26.24 -15.25 -39.97
C3 NAG L . 25.96 -13.93 -40.69
C4 NAG L . 24.86 -14.03 -41.75
C5 NAG L . 23.60 -14.70 -41.16
C6 NAG L . 22.45 -14.99 -42.14
C7 NAG L . 28.02 -15.94 -38.45
C8 NAG L . 28.91 -15.53 -37.29
N2 NAG L . 27.17 -15.01 -38.89
O3 NAG L . 27.13 -13.51 -41.32
O4 NAG L . 24.61 -12.73 -42.28
O5 NAG L . 23.96 -15.90 -40.48
O6 NAG L . 22.69 -14.67 -43.52
O7 NAG L . 28.09 -17.08 -38.92
C1 NAG L . 25.25 -12.56 -43.56
C2 NAG L . 24.95 -11.18 -44.12
C3 NAG L . 25.35 -11.19 -45.59
C4 NAG L . 26.85 -11.46 -45.71
C5 NAG L . 27.26 -12.69 -44.89
C6 NAG L . 28.76 -12.66 -44.72
C7 NAG L . 23.07 -10.15 -42.98
C8 NAG L . 21.61 -9.85 -43.06
N2 NAG L . 23.56 -10.84 -44.02
O3 NAG L . 25.03 -9.97 -46.21
O4 NAG L . 27.19 -11.61 -47.07
O5 NAG L . 26.67 -12.68 -43.60
O6 NAG L . 29.15 -13.81 -44.01
O7 NAG L . 23.78 -9.79 -42.03
C1 NAG M . 11.03 -19.23 -34.53
C2 NAG M . 11.19 -20.71 -34.83
C3 NAG M . 9.84 -21.43 -34.83
C4 NAG M . 9.02 -21.15 -33.58
C5 NAG M . 9.19 -19.76 -32.93
C6 NAG M . 9.83 -19.95 -31.57
C7 NAG M . 13.19 -21.33 -36.19
C8 NAG M . 13.74 -21.41 -37.59
N2 NAG M . 11.91 -20.86 -36.10
O3 NAG M . 10.11 -22.81 -34.77
O4 NAG M . 7.66 -21.49 -33.85
O5 NAG M . 10.07 -18.83 -33.55
O6 NAG M . 8.86 -20.49 -30.73
O7 NAG M . 13.90 -21.70 -35.23
C1 NAG M . 7.29 -22.46 -32.93
C2 NAG M . 5.79 -22.55 -32.74
C3 NAG M . 5.60 -23.61 -31.63
C4 NAG M . 6.12 -24.97 -32.09
C5 NAG M . 7.61 -24.83 -32.49
C6 NAG M . 8.05 -26.05 -33.29
C7 NAG M . 4.84 -20.25 -33.06
C8 NAG M . 4.41 -19.02 -32.30
N2 NAG M . 5.29 -21.26 -32.30
O3 NAG M . 4.26 -23.80 -31.31
O4 NAG M . 5.85 -25.99 -31.13
O5 NAG M . 7.87 -23.69 -33.31
O6 NAG M . 9.23 -26.55 -32.70
O7 NAG M . 4.75 -20.24 -34.29
C1 NAG N . 46.30 2.01 -27.69
C2 NAG N . 45.96 1.08 -26.50
C3 NAG N . 46.86 -0.17 -26.47
C4 NAG N . 46.94 -0.86 -27.82
C5 NAG N . 47.16 0.18 -28.95
C6 NAG N . 47.08 -0.43 -30.36
C7 NAG N . 45.00 2.21 -24.55
C8 NAG N . 45.35 2.81 -23.20
N2 NAG N . 46.06 1.72 -25.21
O3 NAG N . 46.35 -1.13 -25.57
O4 NAG N . 47.94 -1.86 -27.70
O5 NAG N . 46.24 1.26 -28.89
O6 NAG N . 46.04 -1.38 -30.47
O7 NAG N . 43.83 2.20 -24.98
C1 NAG N . 47.45 -3.19 -28.04
C2 NAG N . 48.60 -4.15 -28.44
C3 NAG N . 48.21 -5.64 -28.43
C4 NAG N . 47.05 -6.03 -27.50
C5 NAG N . 45.96 -4.96 -27.43
C6 NAG N . 44.93 -5.28 -26.37
C7 NAG N . 49.99 -3.07 -30.25
C8 NAG N . 50.15 -3.06 -31.75
N2 NAG N . 49.03 -3.89 -29.81
O3 NAG N . 49.32 -6.42 -28.08
O4 NAG N . 46.59 -7.31 -27.93
O5 NAG N . 46.55 -3.72 -27.07
O6 NAG N . 45.61 -5.23 -25.13
O7 NAG N . 50.70 -2.36 -29.51
FE HDD O . -20.88 -3.71 7.86
CHA HDD O . -18.72 -5.54 6.19
CHB HDD O . -23.46 -6.07 7.20
CHC HDD O . -23.16 -2.02 9.97
CHD HDD O . -18.63 -1.30 8.35
NA HDD O . -21.11 -5.50 6.86
C1A HDD O . -20.08 -6.10 6.22
C2A HDD O . -20.43 -7.39 5.61
C3A HDD O . -21.85 -7.57 5.91
C4A HDD O . -22.14 -6.35 6.69
CMA HDD O . -22.81 -8.64 5.52
CAA HDD O . -19.51 -8.27 4.83
CBA HDD O . -19.88 -8.16 3.36
CGA HDD O . -19.03 -9.22 2.72
O1A HDD O . -19.39 -10.43 2.78
O2A HDD O . -17.98 -8.82 2.16
NB HDD O . -22.88 -4.02 8.46
C1B HDD O . -23.77 -4.96 8.09
C2B HDD O . -25.14 -4.86 8.63
C3B HDD O . -25.01 -3.67 9.45
C4B HDD O . -23.62 -3.22 9.28
CMB HDD O . -26.35 -5.73 8.45
CAB HDD O . -26.09 -3.07 10.26
CBB HDD O . -26.96 -2.33 9.61
NC HDD O . -20.93 -1.96 8.99
C1C HDD O . -21.86 -1.40 9.77
C2C HDD O . -21.49 -0.10 10.40
C3C HDD O . -20.15 0.08 9.88
C4C HDD O . -19.90 -1.10 9.05
CMC HDD O . -22.28 0.80 11.32
CAC HDD O . -19.22 1.18 10.14
CBC HDD O . -19.70 2.38 10.39
ND HDD O . -19.06 -3.48 7.39
C1D HDD O . -18.29 -2.38 7.65
C2D HDD O . -16.93 -2.40 6.96
C3D HDD O . -16.99 -3.74 6.22
C4D HDD O . -18.33 -4.33 6.63
CMD HDD O . -15.74 -2.19 7.88
CAD HDD O . -15.82 -4.70 6.43
CBD HDD O . -15.27 -5.11 5.06
CGD HDD O . -16.22 -4.45 4.11
O1D HDD O . -17.03 -3.51 4.81
O2D HDD O . -16.35 -4.67 2.91
OND HDD O . -16.87 -1.28 6.06
FE HDD P . -6.35 21.71 -1.67
CHA HDD P . -3.47 20.29 -1.17
CHB HDD P . -5.03 24.85 -0.59
CHC HDD P . -9.24 23.47 -2.71
CHD HDD P . -7.81 18.80 -2.23
NA HDD P . -4.52 22.47 -1.00
C1A HDD P . -3.43 21.72 -0.84
C2A HDD P . -2.23 22.42 -0.34
C3A HDD P . -2.71 23.80 -0.19
C4A HDD P . -4.13 23.71 -0.63
CMA HDD P . -1.96 25.01 0.30
CAA HDD P . -0.85 21.90 -0.08
CBA HDD P . -0.55 21.89 1.41
CGA HDD P . 0.87 21.41 1.57
O1A HDD P . 1.85 22.18 1.33
O2A HDD P . 1.02 20.20 1.92
NB HDD P . -6.99 23.75 -1.69
C1B HDD P . -6.38 24.85 -1.18
C2B HDD P . -7.11 26.15 -1.27
C3B HDD P . -8.34 25.71 -1.92
C4B HDD P . -8.18 24.27 -2.10
CMB HDD P . -6.68 27.54 -0.83
CAB HDD P . -9.50 26.58 -2.29
CBB HDD P . -10.23 27.18 -1.36
NC HDD P . -8.24 21.21 -2.36
C1C HDD P . -9.29 21.98 -2.73
C2C HDD P . -10.49 21.25 -3.18
C3C HDD P . -10.07 19.87 -3.01
C4C HDD P . -8.66 19.96 -2.52
CMC HDD P . -11.80 21.80 -3.64
CAC HDD P . -10.86 18.66 -3.30
CBC HDD P . -12.17 18.69 -3.22
ND HDD P . -5.76 19.90 -1.70
C1D HDD P . -6.51 18.80 -1.93
C2D HDD P . -5.77 17.49 -1.70
C3D HDD P . -4.40 17.98 -1.22
C4D HDD P . -4.53 19.48 -1.34
CMD HDD P . -5.69 16.59 -2.93
CAD HDD P . -3.21 17.45 -2.06
CBD HDD P . -2.10 16.93 -1.16
CGD HDD P . -2.78 16.94 0.17
O1D HDD P . -4.10 17.53 0.12
O2D HDD P . -2.27 16.49 1.18
OND HDD P . -6.44 16.69 -0.71
C1 NAG Q . -20.05 49.89 -6.27
C2 NAG Q . -21.22 48.93 -5.93
C3 NAG Q . -22.41 49.70 -5.36
C4 NAG Q . -21.96 50.42 -4.11
C5 NAG Q . -20.82 51.38 -4.48
C6 NAG Q . -20.22 52.00 -3.22
C7 NAG Q . -21.03 47.04 -7.48
C8 NAG Q . -21.63 46.30 -8.66
N2 NAG Q . -21.67 48.13 -7.05
O3 NAG Q . -23.47 48.84 -5.02
O4 NAG Q . -23.06 51.11 -3.55
O5 NAG Q . -19.76 50.72 -5.15
O6 NAG Q . -19.37 51.07 -2.57
O7 NAG Q . -19.98 46.62 -6.97
CA CA R . -0.04 0.03 0.22
FE HDD S . 9.37 -19.51 7.13
CHA HDD S . 7.37 -17.29 8.61
CHB HDD S . 10.25 -20.86 10.28
CHC HDD S . 11.02 -22.24 5.64
CHD HDD S . 9.10 -18.02 4.24
NA HDD S . 8.91 -19.15 9.16
C1A HDD S . 8.05 -18.19 9.58
C2A HDD S . 7.85 -18.13 11.05
C3A HDD S . 8.69 -19.23 11.52
C4A HDD S . 9.28 -19.77 10.28
CMA HDD S . 8.94 -19.66 12.93
CAA HDD S . 7.00 -17.24 11.89
CBA HDD S . 7.78 -16.24 12.67
CGA HDD S . 6.73 -15.39 13.33
O1A HDD S . 6.09 -15.92 14.26
O2A HDD S . 6.54 -14.20 12.94
NB HDD S . 10.39 -21.24 7.80
C1B HDD S . 10.69 -21.60 9.09
C2B HDD S . 11.51 -22.83 9.30
C3B HDD S . 11.71 -23.23 7.91
C4B HDD S . 11.02 -22.20 7.09
CMB HDD S . 11.97 -23.47 10.60
CAB HDD S . 12.46 -24.41 7.44
CBB HDD S . 13.69 -24.58 7.87
NC HDD S . 10.00 -20.05 5.25
C1C HDD S . 10.62 -21.13 4.78
C2C HDD S . 10.90 -21.15 3.33
C3C HDD S . 10.33 -19.88 2.93
C4C HDD S . 9.80 -19.29 4.18
CMC HDD S . 11.60 -22.22 2.59
CAC HDD S . 10.23 -19.24 1.61
CBC HDD S . 11.05 -19.54 0.64
ND HDD S . 8.41 -17.98 6.54
C1D HDD S . 8.45 -17.48 5.29
C2D HDD S . 7.78 -16.12 5.17
C3D HDD S . 7.31 -15.83 6.59
C4D HDD S . 7.71 -17.10 7.31
CMD HDD S . 6.67 -16.11 4.11
CAD HDD S . 5.83 -15.45 6.74
CBD HDD S . 5.68 -14.06 7.35
CGD HDD S . 7.09 -13.72 7.68
O1D HDD S . 7.99 -14.67 7.07
O2D HDD S . 7.44 -12.80 8.40
OND HDD S . 8.78 -15.12 4.86
FE HDD T . 18.26 1.36 -13.61
CHA HDD T . 15.21 2.60 -13.87
CHB HDD T . 18.76 1.85 -17.06
CHC HDD T . 21.74 0.79 -13.29
CHD HDD T . 17.74 0.38 -10.52
NA HDD T . 17.17 2.15 -15.24
C1A HDD T . 15.91 2.58 -15.15
C2A HDD T . 15.30 3.10 -16.40
C3A HDD T . 16.38 2.91 -17.37
C4A HDD T . 17.47 2.31 -16.54
CMA HDD T . 16.29 3.23 -18.85
CAA HDD T . 13.94 3.68 -16.67
CBA HDD T . 13.02 2.63 -17.25
CGA HDD T . 11.72 3.32 -17.61
O1A HDD T . 10.69 3.03 -16.94
O2A HDD T . 11.74 4.18 -18.55
NB HDD T . 19.93 1.35 -14.89
C1B HDD T . 19.95 1.51 -16.25
C2B HDD T . 21.27 1.37 -16.93
C3B HDD T . 22.12 1.09 -15.78
C4B HDD T . 21.23 1.07 -14.61
CMB HDD T . 21.62 1.52 -18.39
CAB HDD T . 23.56 0.84 -15.83
CBB HDD T . 23.95 -0.33 -16.32
NC HDD T . 19.56 0.67 -12.14
C1C HDD T . 20.89 0.49 -12.12
C2C HDD T . 21.47 -0.01 -10.87
C3C HDD T . 20.27 -0.13 -10.04
C4C HDD T . 19.17 0.32 -10.92
CMC HDD T . 22.89 -0.31 -10.57
CAC HDD T . 20.17 -0.58 -8.63
CBC HDD T . 20.37 -1.83 -8.29
ND HDD T . 16.76 1.42 -12.46
C1D HDD T . 16.72 0.94 -11.20
C2D HDD T . 15.34 1.05 -10.55
C3D HDD T . 14.50 1.62 -11.69
C4D HDD T . 15.55 1.89 -12.76
CMD HDD T . 15.42 1.88 -9.27
CAD HDD T . 13.60 2.83 -11.32
CBD HDD T . 12.18 2.61 -11.84
CGD HDD T . 12.23 1.18 -12.30
O1D HDD T . 13.57 0.66 -12.20
O2D HDD T . 11.29 0.51 -12.72
OND HDD T . 14.79 -0.25 -10.20
#